data_6B47
#
_entry.id   6B47
#
_cell.length_a   1
_cell.length_b   1
_cell.length_c   1
_cell.angle_alpha   90.00
_cell.angle_beta   90.00
_cell.angle_gamma   90.00
#
_symmetry.space_group_name_H-M   'P 1'
#
loop_
_entity.id
_entity.type
_entity.pdbx_description
1 polymer 'CRISPR-associated protein Csy1'
2 polymer 'CRISPR-associated protein Csy2'
3 polymer 'CRISPR-associated protein Csy3'
4 polymer 'Anti-CRISPR protein AcrF2'
5 polymer 'CRISPR-associated endonuclease Cas6/Csy4'
6 polymer 'Pseudomonas aeruginosa strain SMC4485 CRISPR repeat sequence'
#
loop_
_entity_poly.entity_id
_entity_poly.type
_entity_poly.pdbx_seq_one_letter_code
_entity_poly.pdbx_strand_id
1 'polypeptide(L)'
;GSMTSPLPTPTWQELRQFIESFIQERLQGKLDKLQPDEDDKRQTLLATHRREAWLADAARRVGQLQLVTHTLKPIHPDAR
GSNLHSLPQAPGQPGLAGSHELGDRLVSDVVGNAAALDVFKFLSLQYQGKNLLNWLTEDSAEALQALSDNAEQAREWRQA
FIGITTVKGAPASHSLAKQLYFPLPGSGYHLLAPLFPTSLVHHVHALLREARFGDAAKAAREARSRQESWPHGFSEYPNL
AIQKFGGTKPQNISQLNNERRGENWLLPSLPPNWQRQNVNAPMRHSSVFEHDFGRTPEVSRLTRTLQRFLAKTVHNNLAI
RQRRAQLVAQICDEALQYAARLRELEPGWSATPGCQLHDAEQLWLDPLRAQTDETFLQRRLRGDWPAEVGNRFANWLNRA
VSSDSQILGSPEAAQWSQELSKELTMFKEILEDERD
;
A
2 'polypeptide(L)'
;MAMSVTDPEALLLLPRLSIQNANAISSPLTWGFPSPGAFTGFVHALQRRVGISLDIELDGVGIVCHRFEAQISQPAGKRT
KVFNLTRNPLNRDGSTAAIVEEGRAHLEVSLLLGVHGDGLDDHPAQEIARQVQEQAGAMRLAGGSILPWCNERFPAPNAE
LLMLGGSDEQRRKNQRRLTRRLLPGFALVSREALLQQHLETLRTTLPEATTLDALLDLCRINFEPPATSSEEEASPPDAA
WQVRDKPGWLVPIPAGYNALSPLYLPGEVRNARDRETPLRFVENLFGLGEWLSPHRVAALSDLLWYHHAEPDKGLYRWST
PRFVEHAIA
;
B
3 'polypeptide(L)'
;MAMSKPILSTASVLAFERKLDPSDALMSAGAWAQRDASQEWPAVTVREKSVRGTISNRLKTKDRDPAKLDASIQSPNLQT
VDVANLPSDADTLKVRFTLRVLGGAGTPSACNDAAYRDKLLQTVATYVNDQGFAELARRYAHNLANARFLWRNRVGAEAV
EVRINHIRQGEVARAWRFDALAIGLRDFKADAELDALAELIASGLSGSGHVLLEVVAFARIGDGQEVFPSQELILDKGDK
KGQKSKTLYSVRDAAAIHSQKIGNALRTIDTWYPDEDGLGPIAVEPYGSVTSQGKAYRQPKQKLDFYTLLDNWVLRDEAP
AVEQQHYVIANLIRGGVFGEAEEK
;
C,D,E,F,G,H
4 'polypeptide(L)'
;GSMIAQQHKDTVAACEAAEAIAIAKDQVWDGEGYTKYTFDDNSVLIQSGTTQYAMDADDADSIKGYADWLDDEARSAEAS
EIERLLESVEEE
;
K
5 'polypeptide(L)'
;MAMDHYLDIRLRPDPEFPPAQLMSVLFGKLHQALVAQGGDRIGVSFPDLDESRSRLGERLRIHASADDLRALLARPWLEG
LRDHLQFGEPAVVPHPTPYRQVSRVQAKSNPERLRRRLMRRHDLSEEEARKRIPDTVARALDLPFVTLRSQSTGQHFRLF
IRHGPLQVTAEEGGFTCYGLSKGGFVPWF
;
L
6 'polyribonucleotide' CUAAGAAAUUCACGGCGGGCUUGAUGUCCGCGUCUACCUGGUUCACUGCCGUGUAGGCAG M
#
# COMPACT_ATOMS: atom_id res chain seq x y z
N GLN A 13 31.77 -10.29 74.04
CA GLN A 13 32.42 -11.60 73.99
C GLN A 13 31.37 -12.71 73.99
N GLU A 14 30.21 -12.42 73.42
CA GLU A 14 29.10 -13.36 73.39
C GLU A 14 28.98 -14.15 72.09
N LEU A 15 28.85 -13.48 70.96
CA LEU A 15 28.64 -14.17 69.68
C LEU A 15 29.44 -13.51 68.57
N ARG A 16 30.72 -13.20 68.84
CA ARG A 16 31.59 -12.57 67.87
C ARG A 16 32.45 -13.56 67.10
N GLN A 17 31.93 -14.76 66.85
CA GLN A 17 32.69 -15.76 66.10
C GLN A 17 32.88 -15.36 64.64
N PHE A 18 31.85 -14.75 64.03
CA PHE A 18 32.00 -14.24 62.68
C PHE A 18 32.96 -13.07 62.63
N ILE A 19 33.00 -12.26 63.70
CA ILE A 19 33.94 -11.15 63.76
C ILE A 19 35.37 -11.66 63.89
N GLU A 20 35.59 -12.69 64.70
CA GLU A 20 36.92 -13.30 64.81
C GLU A 20 37.34 -13.97 63.50
N SER A 21 36.39 -14.59 62.80
CA SER A 21 36.69 -15.21 61.51
C SER A 21 37.01 -14.17 60.46
N PHE A 22 36.31 -13.03 60.47
CA PHE A 22 36.62 -11.95 59.54
C PHE A 22 37.96 -11.30 59.86
N ILE A 23 38.32 -11.19 61.14
CA ILE A 23 39.63 -10.66 61.52
C ILE A 23 40.73 -11.61 61.07
N GLN A 24 40.51 -12.92 61.22
CA GLN A 24 41.49 -13.90 60.76
C GLN A 24 41.62 -13.91 59.24
N GLU A 25 40.49 -13.74 58.53
CA GLU A 25 40.53 -13.68 57.08
C GLU A 25 41.18 -12.39 56.58
N ARG A 26 41.04 -11.30 57.33
CA ARG A 26 41.72 -10.06 56.97
C ARG A 26 43.21 -10.15 57.28
N LEU A 27 43.59 -10.92 58.30
CA LEU A 27 45.00 -11.10 58.60
C LEU A 27 45.66 -12.08 57.64
N GLN A 28 44.89 -13.04 57.10
CA GLN A 28 45.45 -14.02 56.18
C GLN A 28 45.24 -13.64 54.72
N GLY A 29 44.51 -12.56 54.45
CA GLY A 29 44.34 -12.08 53.10
C GLY A 29 45.52 -11.26 52.65
N LYS A 30 45.81 -10.19 53.40
CA LYS A 30 47.01 -9.39 53.11
C LYS A 30 48.27 -10.14 53.50
N LEU A 31 48.19 -11.00 54.52
CA LEU A 31 49.32 -11.78 55.00
C LEU A 31 49.42 -13.15 54.34
N ASP A 32 48.69 -13.38 53.25
CA ASP A 32 48.80 -14.65 52.54
C ASP A 32 50.12 -14.75 51.79
N LYS A 33 50.48 -13.70 51.04
CA LYS A 33 51.77 -13.62 50.35
C LYS A 33 52.37 -12.27 50.70
N LEU A 34 53.09 -12.21 51.82
CA LEU A 34 53.69 -10.99 52.32
C LEU A 34 55.21 -11.09 52.29
N GLN A 35 55.84 -9.94 52.48
CA GLN A 35 57.30 -9.86 52.54
C GLN A 35 57.75 -10.17 53.96
N PRO A 36 59.06 -10.21 54.22
CA PRO A 36 59.52 -10.35 55.60
C PRO A 36 59.23 -9.13 56.46
N ASP A 37 59.78 -7.98 56.05
CA ASP A 37 59.79 -6.79 56.89
C ASP A 37 58.51 -5.95 56.72
N GLU A 38 58.25 -5.49 55.50
CA GLU A 38 57.01 -4.77 55.23
C GLU A 38 55.80 -5.68 55.38
N ASP A 39 55.94 -6.94 54.99
CA ASP A 39 54.85 -7.89 55.15
C ASP A 39 54.62 -8.22 56.63
N ASP A 40 55.69 -8.33 57.43
CA ASP A 40 55.53 -8.60 58.85
C ASP A 40 54.93 -7.40 59.57
N LYS A 41 55.35 -6.19 59.20
CA LYS A 41 54.81 -4.98 59.82
C LYS A 41 53.34 -4.78 59.45
N ARG A 42 52.98 -5.03 58.19
CA ARG A 42 51.60 -4.90 57.77
C ARG A 42 50.73 -5.99 58.38
N GLN A 43 51.25 -7.22 58.52
CA GLN A 43 50.49 -8.29 59.16
C GLN A 43 50.30 -8.02 60.64
N THR A 44 51.31 -7.43 61.30
CA THR A 44 51.17 -7.10 62.72
C THR A 44 50.20 -5.95 62.93
N LEU A 45 50.28 -4.92 62.08
CA LEU A 45 49.35 -3.80 62.16
C LEU A 45 47.93 -4.17 61.77
N LEU A 46 47.76 -5.22 60.97
CA LEU A 46 46.43 -5.73 60.67
C LEU A 46 45.90 -6.62 61.78
N ALA A 47 46.74 -7.51 62.34
CA ALA A 47 46.26 -8.47 63.33
C ALA A 47 46.03 -7.83 64.70
N THR A 48 46.83 -6.81 65.06
CA THR A 48 46.66 -6.13 66.33
C THR A 48 45.32 -5.39 66.38
N HIS A 49 44.83 -4.93 65.23
CA HIS A 49 43.45 -4.50 65.16
C HIS A 49 42.50 -5.69 65.07
N ARG A 50 42.89 -6.73 64.32
CA ARG A 50 42.01 -7.86 64.01
C ARG A 50 41.62 -8.68 65.24
N ARG A 51 42.34 -8.54 66.34
CA ARG A 51 41.81 -8.99 67.62
C ARG A 51 40.57 -8.19 68.00
N GLU A 52 40.74 -6.90 68.27
CA GLU A 52 39.62 -6.09 68.71
C GLU A 52 39.47 -4.78 67.96
N ALA A 53 40.57 -4.12 67.59
CA ALA A 53 40.54 -2.79 67.01
C ALA A 53 40.37 -2.81 65.49
N TRP A 54 39.91 -3.92 64.93
CA TRP A 54 39.61 -3.96 63.51
C TRP A 54 38.41 -3.09 63.19
N LEU A 55 37.47 -2.99 64.14
CA LEU A 55 36.45 -1.96 64.08
C LEU A 55 37.05 -0.57 64.13
N ALA A 56 38.17 -0.38 64.82
CA ALA A 56 38.84 0.92 64.86
C ALA A 56 39.51 1.24 63.53
N ASP A 57 40.15 0.25 62.91
CA ASP A 57 40.75 0.44 61.60
C ASP A 57 39.70 0.62 60.51
N ALA A 58 38.50 0.08 60.73
CA ALA A 58 37.40 0.34 59.82
C ALA A 58 36.81 1.73 60.04
N ALA A 59 36.54 2.09 61.29
CA ALA A 59 35.91 3.35 61.65
C ALA A 59 36.85 4.55 61.56
N ARG A 60 38.14 4.32 61.28
CA ARG A 60 38.98 5.43 60.84
C ARG A 60 38.51 5.94 59.48
N ARG A 61 38.44 5.06 58.49
CA ARG A 61 37.95 5.39 57.15
C ARG A 61 36.51 4.93 56.94
N VAL A 62 35.69 5.03 57.99
CA VAL A 62 34.31 4.59 57.90
C VAL A 62 33.45 5.54 57.08
N GLY A 63 33.90 6.76 56.85
CA GLY A 63 33.12 7.75 56.15
C GLY A 63 33.52 7.94 54.70
N GLN A 64 34.06 6.89 54.08
CA GLN A 64 34.38 6.93 52.67
C GLN A 64 33.32 6.26 51.80
N LEU A 65 32.15 5.95 52.37
CA LEU A 65 31.07 5.31 51.64
C LEU A 65 29.75 5.79 52.21
N GLN A 66 28.66 5.31 51.62
CA GLN A 66 27.33 5.65 52.11
C GLN A 66 26.35 4.69 51.49
N LEU A 67 25.50 4.09 52.32
CA LEU A 67 24.46 3.16 51.84
C LEU A 67 23.34 3.98 51.23
N VAL A 68 23.54 4.41 49.98
CA VAL A 68 22.59 5.28 49.30
C VAL A 68 21.42 4.45 48.80
N THR A 69 20.21 4.90 49.12
CA THR A 69 18.99 4.34 48.58
C THR A 69 18.43 5.16 47.43
N HIS A 70 18.86 6.42 47.28
CA HIS A 70 18.46 7.28 46.17
C HIS A 70 19.62 8.23 45.91
N THR A 71 20.46 7.90 44.95
CA THR A 71 21.66 8.67 44.65
C THR A 71 21.32 9.85 43.75
N LEU A 72 22.25 10.80 43.68
CA LEU A 72 22.08 12.01 42.89
C LEU A 72 23.15 12.22 41.82
N LYS A 73 24.22 11.41 41.81
CA LYS A 73 25.28 11.46 40.83
C LYS A 73 24.79 11.01 39.45
N PRO A 74 23.72 10.21 39.40
CA PRO A 74 23.18 9.82 38.08
C PRO A 74 22.45 10.94 37.37
N ILE A 75 22.07 12.02 38.06
CA ILE A 75 21.35 13.12 37.41
C ILE A 75 22.30 13.94 36.54
N HIS A 76 23.31 14.53 37.16
CA HIS A 76 24.41 15.14 36.44
C HIS A 76 25.68 14.49 36.97
N PRO A 77 26.63 14.12 36.11
CA PRO A 77 27.83 13.45 36.60
C PRO A 77 28.73 14.33 37.45
N ASP A 78 28.67 15.65 37.28
CA ASP A 78 29.48 16.59 38.05
C ASP A 78 28.64 17.37 39.06
N ALA A 79 27.61 16.75 39.64
CA ALA A 79 26.88 17.35 40.74
C ALA A 79 27.43 16.82 42.06
N ARG A 80 27.50 17.72 43.05
CA ARG A 80 28.03 17.38 44.37
C ARG A 80 26.98 17.80 45.39
N GLY A 81 26.01 16.91 45.62
CA GLY A 81 24.91 17.21 46.53
C GLY A 81 24.78 16.23 47.67
N SER A 82 23.56 15.80 47.96
CA SER A 82 23.28 14.90 49.05
C SER A 82 22.70 13.60 48.51
N ASN A 83 23.29 12.47 48.92
CA ASN A 83 22.79 11.16 48.54
C ASN A 83 21.90 10.60 49.65
N LEU A 84 20.69 11.16 49.72
CA LEU A 84 19.71 10.76 50.73
C LEU A 84 19.27 9.32 50.50
N HIS A 85 19.30 8.52 51.56
CA HIS A 85 19.16 7.07 51.47
C HIS A 85 18.16 6.52 52.50
N SER A 86 16.96 7.11 52.52
CA SER A 86 15.91 6.71 53.43
C SER A 86 14.95 5.75 52.73
N LEU A 87 14.06 5.16 53.51
CA LEU A 87 13.04 4.26 52.98
C LEU A 87 12.07 5.06 52.11
N PRO A 88 11.44 4.44 51.09
CA PRO A 88 10.84 5.20 49.99
C PRO A 88 9.71 6.14 50.35
N GLN A 89 8.61 5.64 50.90
CA GLN A 89 7.53 6.54 51.30
C GLN A 89 6.35 5.80 51.87
N ALA A 90 5.39 6.53 52.39
CA ALA A 90 4.10 5.91 52.67
C ALA A 90 3.38 5.71 51.35
N PRO A 91 2.46 4.75 51.25
CA PRO A 91 1.82 4.48 49.96
C PRO A 91 0.91 5.59 49.46
N GLY A 92 -0.05 6.00 50.30
CA GLY A 92 -1.02 6.99 49.88
C GLY A 92 -2.17 6.41 49.08
N GLN A 93 -2.28 6.80 47.82
CA GLN A 93 -3.35 6.31 46.96
C GLN A 93 -3.03 4.89 46.47
N PRO A 94 -3.95 4.25 45.75
CA PRO A 94 -3.72 2.86 45.34
C PRO A 94 -2.62 2.66 44.30
N GLY A 95 -2.69 3.30 43.15
CA GLY A 95 -1.79 3.03 42.05
C GLY A 95 -0.56 3.90 41.93
N LEU A 96 0.43 3.70 42.82
CA LEU A 96 1.67 4.45 42.74
C LEU A 96 2.81 3.49 43.08
N ALA A 97 3.54 3.04 42.07
CA ALA A 97 4.74 2.26 42.32
C ALA A 97 5.86 3.18 42.76
N GLY A 98 6.89 2.59 43.36
CA GLY A 98 8.01 3.37 43.83
C GLY A 98 8.91 2.57 44.75
N SER A 99 9.67 3.29 45.56
CA SER A 99 10.54 2.64 46.53
C SER A 99 9.79 2.13 47.75
N HIS A 100 8.52 2.48 47.91
CA HIS A 100 7.74 1.96 49.03
C HIS A 100 7.41 0.49 48.85
N GLU A 101 7.26 0.04 47.62
CA GLU A 101 6.79 -1.31 47.33
C GLU A 101 7.89 -2.38 47.44
N LEU A 102 9.12 -2.01 47.79
CA LEU A 102 10.18 -3.00 47.91
C LEU A 102 10.19 -3.64 49.29
N GLY A 103 10.36 -2.83 50.33
CA GLY A 103 10.21 -3.28 51.70
C GLY A 103 11.39 -4.05 52.24
N ASP A 104 11.49 -5.33 51.88
CA ASP A 104 12.55 -6.21 52.34
C ASP A 104 13.22 -6.84 51.12
N ARG A 105 14.52 -7.08 51.21
CA ARG A 105 15.28 -7.51 50.05
C ARG A 105 15.38 -6.40 49.00
N LEU A 106 15.94 -5.27 49.39
CA LEU A 106 16.29 -4.19 48.47
C LEU A 106 17.82 -4.08 48.41
N VAL A 107 18.31 -3.50 47.33
CA VAL A 107 19.75 -3.38 47.09
C VAL A 107 20.16 -1.96 47.46
N SER A 108 20.57 -1.76 48.71
CA SER A 108 21.06 -0.46 49.16
C SER A 108 22.52 -0.33 48.69
N ASP A 109 22.69 0.24 47.51
CA ASP A 109 24.00 0.32 46.87
C ASP A 109 24.89 1.36 47.55
N VAL A 110 26.14 0.98 47.80
CA VAL A 110 27.09 1.78 48.55
C VAL A 110 27.77 2.74 47.59
N VAL A 111 27.92 4.00 48.02
CA VAL A 111 28.43 5.07 47.16
C VAL A 111 29.49 5.85 47.93
N GLY A 112 30.64 6.04 47.30
CA GLY A 112 31.71 6.81 47.91
C GLY A 112 33.05 6.44 47.29
N ASN A 113 34.10 6.68 48.06
CA ASN A 113 35.44 6.22 47.69
C ASN A 113 35.47 4.70 47.77
N ALA A 114 35.70 4.04 46.64
CA ALA A 114 35.54 2.60 46.52
C ALA A 114 36.80 1.83 46.85
N ALA A 115 37.67 2.39 47.69
CA ALA A 115 38.85 1.70 48.17
C ALA A 115 38.65 1.14 49.57
N ALA A 116 37.63 1.61 50.28
CA ALA A 116 37.26 1.12 51.60
C ALA A 116 36.09 0.15 51.53
N LEU A 117 36.06 -0.70 50.49
CA LEU A 117 34.99 -1.68 50.35
C LEU A 117 35.07 -2.78 51.42
N ASP A 118 36.24 -2.97 52.04
CA ASP A 118 36.36 -3.96 53.11
C ASP A 118 35.57 -3.56 54.36
N VAL A 119 35.41 -2.26 54.60
CA VAL A 119 34.62 -1.80 55.74
C VAL A 119 33.15 -2.11 55.53
N PHE A 120 32.64 -1.89 54.32
CA PHE A 120 31.26 -2.24 54.01
C PHE A 120 31.08 -3.75 53.94
N LYS A 121 32.12 -4.50 53.57
CA LYS A 121 32.03 -5.95 53.61
C LYS A 121 31.96 -6.47 55.03
N PHE A 122 32.72 -5.85 55.94
CA PHE A 122 32.68 -6.25 57.35
C PHE A 122 31.35 -5.88 57.99
N LEU A 123 30.83 -4.68 57.68
CA LEU A 123 29.52 -4.28 58.18
C LEU A 123 28.37 -4.97 57.48
N SER A 124 28.62 -5.64 56.35
CA SER A 124 27.59 -6.32 55.59
C SER A 124 27.52 -7.81 55.90
N LEU A 125 28.08 -8.24 57.03
CA LEU A 125 27.95 -9.61 57.49
C LEU A 125 27.10 -9.75 58.73
N GLN A 126 26.65 -8.63 59.31
CA GLN A 126 25.84 -8.64 60.52
C GLN A 126 24.40 -9.09 60.28
N TYR A 127 23.97 -9.20 59.02
CA TYR A 127 22.67 -9.75 58.70
C TYR A 127 22.71 -11.19 58.22
N GLN A 128 23.85 -11.64 57.70
CA GLN A 128 24.02 -13.04 57.28
C GLN A 128 24.45 -13.87 58.50
N GLY A 129 23.50 -14.09 59.40
CA GLY A 129 23.75 -14.86 60.61
C GLY A 129 24.12 -14.01 61.80
N LYS A 130 23.28 -13.02 62.13
CA LYS A 130 23.53 -12.18 63.29
C LYS A 130 22.42 -11.17 63.52
N ASN A 131 22.48 -10.47 64.65
CA ASN A 131 21.51 -9.42 65.01
C ASN A 131 22.23 -8.22 65.61
N LEU A 132 23.35 -7.82 65.00
CA LEU A 132 24.10 -6.66 65.48
C LEU A 132 24.64 -5.74 64.40
N LEU A 133 24.67 -6.16 63.13
CA LEU A 133 25.17 -5.31 62.06
C LEU A 133 24.08 -5.01 61.04
N ASN A 134 23.38 -6.04 60.59
CA ASN A 134 22.16 -5.84 59.82
C ASN A 134 21.00 -5.39 60.68
N TRP A 135 21.02 -5.75 61.97
CA TRP A 135 20.02 -5.31 62.94
C TRP A 135 20.63 -4.45 64.04
N LEU A 136 21.60 -3.59 63.68
CA LEU A 136 22.31 -2.76 64.64
C LEU A 136 21.56 -1.50 65.04
N THR A 137 20.28 -1.36 64.68
CA THR A 137 19.48 -0.24 65.15
C THR A 137 18.97 -0.46 66.58
N GLU A 138 19.07 -1.69 67.08
CA GLU A 138 18.73 -2.03 68.45
C GLU A 138 19.64 -3.19 68.85
N ASP A 139 19.29 -3.88 69.95
CA ASP A 139 20.10 -4.99 70.44
C ASP A 139 21.49 -4.54 70.90
N SER A 140 21.55 -3.77 71.99
CA SER A 140 22.83 -3.38 72.57
C SER A 140 23.65 -4.58 73.05
N ALA A 141 22.98 -5.68 73.43
CA ALA A 141 23.70 -6.91 73.69
C ALA A 141 24.29 -7.48 72.41
N GLU A 142 23.58 -7.35 71.28
CA GLU A 142 24.13 -7.75 69.99
C GLU A 142 25.22 -6.80 69.51
N ALA A 143 25.25 -5.58 70.03
CA ALA A 143 26.34 -4.67 69.71
C ALA A 143 27.58 -4.95 70.55
N LEU A 144 27.39 -5.28 71.82
CA LEU A 144 28.49 -5.58 72.72
C LEU A 144 28.89 -7.05 72.71
N GLN A 145 28.27 -7.87 71.86
CA GLN A 145 28.54 -9.31 71.81
C GLN A 145 29.93 -9.66 71.29
N ALA A 146 30.65 -8.72 70.68
CA ALA A 146 32.00 -9.01 70.20
C ALA A 146 33.02 -7.90 70.45
N LEU A 147 32.64 -6.79 71.09
CA LEU A 147 33.56 -5.65 71.22
C LEU A 147 34.65 -5.94 72.25
N SER A 148 34.27 -6.11 73.52
CA SER A 148 35.14 -6.43 74.64
C SER A 148 36.16 -5.35 74.99
N ASP A 149 36.13 -4.19 74.34
CA ASP A 149 37.06 -3.11 74.60
C ASP A 149 36.46 -2.14 75.62
N ASN A 150 37.03 -0.95 75.75
CA ASN A 150 36.48 0.07 76.63
C ASN A 150 35.15 0.60 76.09
N ALA A 151 34.43 1.31 76.95
CA ALA A 151 33.11 1.83 76.57
C ALA A 151 33.20 3.04 75.66
N GLU A 152 34.26 3.84 75.77
CA GLU A 152 34.40 5.01 74.91
C GLU A 152 34.73 4.60 73.48
N GLN A 153 35.69 3.68 73.32
CA GLN A 153 36.05 3.18 71.99
C GLN A 153 34.91 2.36 71.40
N ALA A 154 34.17 1.63 72.24
CA ALA A 154 33.01 0.89 71.75
C ALA A 154 31.90 1.83 71.26
N ARG A 155 31.69 2.94 71.99
CA ARG A 155 30.67 3.90 71.58
C ARG A 155 31.08 4.63 70.30
N GLU A 156 32.38 4.95 70.16
CA GLU A 156 32.86 5.59 68.95
C GLU A 156 32.79 4.65 67.74
N TRP A 157 33.09 3.37 67.97
CA TRP A 157 32.99 2.40 66.88
C TRP A 157 31.53 2.15 66.48
N ARG A 158 30.62 2.16 67.46
CA ARG A 158 29.20 2.00 67.14
C ARG A 158 28.66 3.22 66.41
N GLN A 159 29.13 4.42 66.76
CA GLN A 159 28.74 5.61 66.03
C GLN A 159 29.28 5.60 64.61
N ALA A 160 30.53 5.15 64.43
CA ALA A 160 31.10 5.07 63.09
C ALA A 160 30.40 4.00 62.24
N PHE A 161 29.96 2.91 62.86
CA PHE A 161 29.23 1.87 62.13
C PHE A 161 27.81 2.31 61.80
N ILE A 162 27.17 3.09 62.66
CA ILE A 162 25.86 3.64 62.35
C ILE A 162 25.95 4.73 61.29
N GLY A 163 27.07 5.44 61.21
CA GLY A 163 27.25 6.46 60.20
C GLY A 163 27.78 5.92 58.89
N ILE A 164 27.02 5.01 58.27
CA ILE A 164 27.36 4.46 56.97
C ILE A 164 26.12 4.51 56.10
N THR A 165 24.97 4.75 56.73
CA THR A 165 23.70 4.90 56.04
C THR A 165 23.02 6.18 56.47
N THR A 166 23.79 7.27 56.58
CA THR A 166 23.31 8.53 57.10
C THR A 166 23.69 9.65 56.14
N VAL A 167 23.49 10.89 56.59
CA VAL A 167 23.69 12.07 55.76
C VAL A 167 25.17 12.34 55.54
N LYS A 168 25.49 13.21 54.60
CA LYS A 168 26.87 13.54 54.27
C LYS A 168 27.44 14.69 55.08
N GLY A 169 26.60 15.38 55.86
CA GLY A 169 27.08 16.46 56.69
C GLY A 169 26.17 17.67 56.75
N ALA A 170 25.46 17.95 55.66
CA ALA A 170 24.51 19.05 55.59
C ALA A 170 23.53 18.76 54.47
N PRO A 171 22.27 19.17 54.59
CA PRO A 171 21.33 18.98 53.48
C PRO A 171 21.68 19.90 52.33
N ALA A 172 22.28 19.36 51.28
CA ALA A 172 22.85 20.16 50.21
C ALA A 172 22.45 19.59 48.87
N SER A 173 21.86 20.42 48.03
CA SER A 173 21.63 20.13 46.63
C SER A 173 22.68 20.85 45.81
N HIS A 174 22.50 20.87 44.49
CA HIS A 174 23.47 21.46 43.60
C HIS A 174 22.72 22.20 42.50
N SER A 175 23.43 23.08 41.79
CA SER A 175 22.83 23.79 40.66
C SER A 175 22.58 22.90 39.46
N LEU A 176 23.13 21.69 39.45
CA LEU A 176 22.92 20.72 38.38
C LEU A 176 22.16 19.50 38.89
N ALA A 177 21.11 19.72 39.69
CA ALA A 177 20.50 18.63 40.44
C ALA A 177 18.99 18.55 40.28
N LYS A 178 18.42 19.21 39.26
CA LYS A 178 17.03 19.03 38.81
C LYS A 178 16.01 19.36 39.91
N GLN A 179 15.95 20.65 40.24
CA GLN A 179 14.97 21.18 41.19
C GLN A 179 13.76 21.73 40.45
N LEU A 180 12.62 21.76 41.12
CA LEU A 180 11.37 22.09 40.46
C LEU A 180 10.41 22.73 41.45
N TYR A 181 9.43 23.46 40.94
CA TYR A 181 8.38 24.05 41.75
C TYR A 181 7.09 23.27 41.58
N PHE A 182 6.47 22.89 42.70
CA PHE A 182 5.15 22.30 42.54
C PHE A 182 4.12 23.24 43.15
N PRO A 183 3.00 23.46 42.48
CA PRO A 183 2.01 24.42 42.97
C PRO A 183 1.02 23.84 43.98
N LEU A 184 0.74 24.57 45.05
CA LEU A 184 -0.12 24.11 46.12
C LEU A 184 -1.57 24.53 45.85
N PRO A 185 -2.57 23.90 46.54
CA PRO A 185 -3.97 24.26 46.27
C PRO A 185 -4.37 25.63 46.78
N GLY A 186 -4.13 26.66 46.00
CA GLY A 186 -4.51 28.02 46.34
C GLY A 186 -3.40 28.84 46.95
N SER A 187 -2.25 28.24 47.20
CA SER A 187 -1.18 28.87 47.97
C SER A 187 0.09 28.83 47.13
N GLY A 188 1.22 29.06 47.79
CA GLY A 188 2.49 29.11 47.10
C GLY A 188 3.05 27.76 46.72
N TYR A 189 4.32 27.53 47.01
CA TYR A 189 5.08 26.48 46.35
C TYR A 189 5.85 25.65 47.36
N HIS A 190 6.01 24.38 47.04
CA HIS A 190 7.10 23.58 47.57
C HIS A 190 8.11 23.35 46.46
N LEU A 191 9.38 23.46 46.80
CA LEU A 191 10.45 23.18 45.85
C LEU A 191 10.74 21.69 45.95
N LEU A 192 10.91 21.03 44.81
CA LEU A 192 11.05 19.58 44.77
C LEU A 192 12.34 19.22 44.05
N ALA A 193 13.20 18.46 44.71
CA ALA A 193 14.44 17.98 44.13
C ALA A 193 14.37 16.47 43.97
N PRO A 194 13.85 15.94 42.86
CA PRO A 194 13.82 14.49 42.67
C PRO A 194 15.21 13.93 42.47
N LEU A 195 15.40 12.73 43.00
CA LEU A 195 16.66 12.00 42.94
C LEU A 195 16.48 10.76 42.07
N PHE A 196 17.58 10.03 41.87
CA PHE A 196 17.54 8.84 41.05
C PHE A 196 17.35 7.61 41.93
N PRO A 197 16.27 6.84 41.75
CA PRO A 197 16.10 5.62 42.54
C PRO A 197 17.03 4.50 42.09
N THR A 198 18.24 4.47 42.66
CA THR A 198 19.20 3.42 42.33
C THR A 198 18.70 2.04 42.74
N SER A 199 18.08 1.95 43.92
CA SER A 199 17.64 0.66 44.45
C SER A 199 16.50 0.08 43.62
N LEU A 200 15.51 0.92 43.30
CA LEU A 200 14.38 0.47 42.49
C LEU A 200 14.81 0.08 41.10
N VAL A 201 15.77 0.80 40.51
CA VAL A 201 16.17 0.44 39.16
C VAL A 201 17.09 -0.78 39.17
N HIS A 202 17.79 -1.05 40.27
CA HIS A 202 18.52 -2.32 40.36
C HIS A 202 17.56 -3.49 40.49
N HIS A 203 16.48 -3.29 41.25
CA HIS A 203 15.43 -4.30 41.33
C HIS A 203 14.79 -4.56 39.97
N VAL A 204 14.53 -3.51 39.20
CA VAL A 204 13.89 -3.72 37.90
C VAL A 204 14.89 -4.27 36.87
N HIS A 205 16.19 -3.99 36.99
CA HIS A 205 17.16 -4.66 36.12
C HIS A 205 17.27 -6.14 36.46
N ALA A 206 17.18 -6.50 37.74
CA ALA A 206 17.15 -7.91 38.09
C ALA A 206 15.91 -8.59 37.55
N LEU A 207 14.76 -7.93 37.62
CA LEU A 207 13.52 -8.51 37.09
C LEU A 207 13.55 -8.62 35.57
N LEU A 208 14.16 -7.65 34.88
CA LEU A 208 14.25 -7.74 33.43
C LEU A 208 15.27 -8.76 32.96
N ARG A 209 16.33 -8.99 33.72
CA ARG A 209 17.22 -10.09 33.35
C ARG A 209 16.63 -11.45 33.68
N GLU A 210 15.76 -11.53 34.69
CA GLU A 210 14.98 -12.75 34.89
C GLU A 210 14.02 -12.98 33.73
N ALA A 211 13.42 -11.92 33.21
CA ALA A 211 12.42 -12.05 32.17
C ALA A 211 12.99 -12.15 30.76
N ARG A 212 14.21 -11.69 30.51
CA ARG A 212 14.79 -11.73 29.17
C ARG A 212 15.91 -12.73 29.01
N PHE A 213 16.56 -13.14 30.08
CA PHE A 213 17.76 -13.97 29.97
C PHE A 213 17.74 -15.06 31.03
N GLY A 214 18.90 -15.66 31.29
CA GLY A 214 19.01 -16.70 32.29
C GLY A 214 18.98 -18.08 31.66
N ASP A 215 18.16 -18.96 32.20
CA ASP A 215 18.02 -20.27 31.59
C ASP A 215 16.58 -20.68 31.34
N ALA A 216 15.65 -20.33 32.25
CA ALA A 216 14.28 -20.81 32.13
C ALA A 216 13.52 -20.10 31.02
N ALA A 217 13.66 -18.77 30.95
CA ALA A 217 13.00 -18.00 29.90
C ALA A 217 13.60 -18.32 28.54
N LYS A 218 14.92 -18.55 28.49
CA LYS A 218 15.54 -18.97 27.23
C LYS A 218 15.12 -20.38 26.84
N ALA A 219 14.91 -21.26 27.82
CA ALA A 219 14.36 -22.57 27.52
C ALA A 219 12.94 -22.47 26.98
N ALA A 220 12.17 -21.51 27.49
CA ALA A 220 10.84 -21.28 26.92
C ALA A 220 10.89 -20.68 25.52
N ARG A 221 11.89 -19.84 25.23
CA ARG A 221 11.99 -19.26 23.90
C ARG A 221 12.43 -20.28 22.87
N GLU A 222 13.43 -21.09 23.19
CA GLU A 222 13.79 -22.16 22.27
C GLU A 222 12.82 -23.33 22.29
N ALA A 223 11.91 -23.40 23.26
CA ALA A 223 10.84 -24.38 23.19
C ALA A 223 9.66 -23.86 22.36
N ARG A 224 9.46 -22.54 22.35
CA ARG A 224 8.66 -21.89 21.31
C ARG A 224 9.22 -22.20 19.93
N SER A 225 10.55 -22.13 19.78
CA SER A 225 11.18 -22.50 18.52
C SER A 225 11.15 -24.01 18.29
N ARG A 226 10.93 -24.81 19.33
CA ARG A 226 10.74 -26.25 19.17
C ARG A 226 9.34 -26.57 18.62
N GLN A 227 8.42 -25.60 18.67
CA GLN A 227 7.04 -25.53 18.15
C GLN A 227 6.06 -26.32 19.02
N GLU A 228 6.53 -27.06 20.02
CA GLU A 228 5.62 -27.77 20.94
C GLU A 228 6.12 -27.64 22.38
N SER A 229 6.35 -26.38 22.80
CA SER A 229 6.80 -25.97 24.13
C SER A 229 6.01 -26.55 25.29
N TRP A 230 6.66 -26.69 26.45
CA TRP A 230 5.98 -27.06 27.67
C TRP A 230 5.18 -25.87 28.21
N PRO A 231 4.18 -26.12 29.10
CA PRO A 231 3.47 -25.01 29.74
C PRO A 231 4.37 -24.10 30.58
N HIS A 232 4.48 -22.85 30.12
CA HIS A 232 5.33 -21.85 30.75
C HIS A 232 4.86 -20.50 30.25
N GLY A 233 5.37 -19.44 30.87
CA GLY A 233 5.12 -18.10 30.37
C GLY A 233 6.38 -17.27 30.32
N PHE A 234 6.76 -16.82 29.12
CA PHE A 234 7.99 -16.06 28.95
C PHE A 234 7.65 -14.69 28.38
N SER A 235 8.57 -13.76 28.54
CA SER A 235 8.38 -12.37 28.18
C SER A 235 9.03 -12.06 26.83
N GLU A 236 8.71 -10.88 26.31
CA GLU A 236 9.45 -10.29 25.22
C GLU A 236 9.30 -8.78 25.33
N TYR A 237 10.42 -8.06 25.20
CA TYR A 237 10.44 -6.62 25.45
C TYR A 237 10.85 -5.84 24.21
N PRO A 238 9.89 -5.36 23.41
CA PRO A 238 10.23 -4.43 22.34
C PRO A 238 10.36 -3.02 22.89
N ASN A 239 11.04 -2.18 22.11
CA ASN A 239 11.10 -0.73 22.30
C ASN A 239 11.76 -0.32 23.61
N LEU A 240 12.66 -1.14 24.17
CA LEU A 240 13.46 -0.65 25.27
C LEU A 240 14.53 0.31 24.78
N ALA A 241 14.77 1.35 25.54
CA ALA A 241 15.89 2.25 25.29
C ALA A 241 16.99 1.97 26.29
N ILE A 242 18.19 2.44 25.96
CA ILE A 242 19.35 2.28 26.84
C ILE A 242 19.90 3.66 27.14
N GLN A 243 20.03 3.98 28.43
CA GLN A 243 20.60 5.24 28.88
C GLN A 243 21.85 4.95 29.67
N LYS A 244 22.98 5.51 29.25
CA LYS A 244 24.26 5.20 29.86
C LYS A 244 24.69 6.30 30.81
N PHE A 245 25.29 5.91 31.92
CA PHE A 245 25.79 6.83 32.92
C PHE A 245 27.30 6.77 32.97
N GLY A 246 27.93 7.92 33.18
CA GLY A 246 29.37 7.99 33.33
C GLY A 246 30.14 8.09 32.04
N GLY A 247 29.54 7.72 30.91
CA GLY A 247 30.25 7.75 29.65
C GLY A 247 31.18 6.58 29.49
N THR A 248 32.48 6.83 29.61
CA THR A 248 33.48 5.78 29.48
C THR A 248 33.95 5.24 30.82
N LYS A 249 33.63 5.91 31.92
CA LYS A 249 34.04 5.48 33.26
C LYS A 249 32.80 5.31 34.13
N PRO A 250 32.06 4.20 33.96
CA PRO A 250 30.82 4.03 34.73
C PRO A 250 31.00 3.46 36.12
N GLN A 251 32.22 3.35 36.62
CA GLN A 251 32.45 2.85 37.96
C GLN A 251 32.76 3.94 38.98
N ASN A 252 32.94 5.18 38.54
CA ASN A 252 32.96 6.29 39.49
C ASN A 252 31.56 6.56 40.02
N ILE A 253 30.55 6.45 39.16
CA ILE A 253 29.18 6.30 39.64
C ILE A 253 29.07 4.89 40.21
N SER A 254 28.55 4.78 41.43
CA SER A 254 28.85 3.62 42.25
C SER A 254 27.91 2.44 42.01
N GLN A 255 28.46 1.25 42.23
CA GLN A 255 27.89 -0.09 42.10
C GLN A 255 27.11 -0.31 40.80
N LEU A 256 27.50 0.39 39.75
CA LEU A 256 27.10 -0.03 38.41
C LEU A 256 27.88 -1.31 38.11
N ASN A 257 27.20 -2.44 38.29
CA ASN A 257 27.80 -3.76 38.34
C ASN A 257 27.79 -4.41 36.96
N ASN A 258 27.96 -5.72 36.92
CA ASN A 258 28.02 -6.48 35.67
C ASN A 258 26.66 -6.81 35.08
N GLU A 259 25.57 -6.22 35.59
CA GLU A 259 24.32 -6.18 34.86
C GLU A 259 23.97 -4.77 34.40
N ARG A 260 24.62 -3.75 34.97
CA ARG A 260 24.41 -2.37 34.62
C ARG A 260 25.78 -1.74 34.46
N ARG A 261 26.33 -1.76 33.25
CA ARG A 261 27.56 -1.02 32.97
C ARG A 261 27.23 0.42 32.56
N GLY A 262 26.48 1.09 33.43
CA GLY A 262 25.77 2.29 33.02
C GLY A 262 24.73 1.86 31.99
N GLU A 263 23.73 1.12 32.43
CA GLU A 263 22.84 0.43 31.49
C GLU A 263 21.39 0.54 31.94
N ASN A 264 20.88 1.75 32.15
CA ASN A 264 19.45 1.90 32.38
C ASN A 264 18.63 1.42 31.19
N TRP A 265 17.57 0.67 31.52
CA TRP A 265 16.67 0.09 30.55
C TRP A 265 15.33 0.76 30.76
N LEU A 266 14.85 1.46 29.73
CA LEU A 266 13.73 2.36 29.87
C LEU A 266 12.55 1.78 29.13
N LEU A 267 11.39 1.74 29.80
CA LEU A 267 10.23 1.12 29.22
C LEU A 267 9.59 2.06 28.21
N PRO A 268 8.94 1.51 27.17
CA PRO A 268 8.28 2.36 26.20
C PRO A 268 7.07 3.05 26.79
N SER A 269 6.91 4.32 26.45
CA SER A 269 5.71 5.07 26.85
C SER A 269 5.20 5.93 25.70
N LEU A 270 5.39 5.50 24.46
CA LEU A 270 5.23 6.36 23.31
C LEU A 270 3.75 6.60 23.01
N PRO A 271 3.45 7.56 22.14
CA PRO A 271 2.05 7.86 21.83
C PRO A 271 1.44 6.76 20.98
N PRO A 272 0.13 6.83 20.70
CA PRO A 272 -0.48 5.77 19.88
C PRO A 272 -0.04 5.82 18.43
N ASN A 273 0.42 6.96 17.93
CA ASN A 273 0.83 7.11 16.55
C ASN A 273 2.32 7.40 16.45
N TRP A 274 3.14 6.68 17.22
CA TRP A 274 4.56 6.93 17.30
C TRP A 274 5.36 6.26 16.19
N GLN A 275 4.72 5.89 15.08
CA GLN A 275 5.40 5.37 13.88
C GLN A 275 4.52 5.79 12.71
N ARG A 276 4.83 6.94 12.12
CA ARG A 276 3.93 7.56 11.17
C ARG A 276 4.01 6.88 9.80
N GLN A 277 2.91 6.95 9.06
CA GLN A 277 2.82 6.38 7.72
C GLN A 277 2.41 7.48 6.78
N ASN A 278 3.26 7.77 5.79
CA ASN A 278 2.99 8.81 4.79
C ASN A 278 1.81 8.36 3.94
N VAL A 279 0.65 8.96 4.17
CA VAL A 279 -0.60 8.44 3.64
C VAL A 279 -0.76 8.87 2.20
N ASN A 280 -0.22 8.07 1.28
CA ASN A 280 -0.46 8.26 -0.14
C ASN A 280 -1.88 7.80 -0.41
N ALA A 281 -2.83 8.73 -0.37
CA ALA A 281 -4.23 8.40 -0.57
C ALA A 281 -4.60 8.63 -2.02
N PRO A 282 -4.48 7.62 -2.86
CA PRO A 282 -4.86 7.78 -4.27
C PRO A 282 -6.26 7.29 -4.56
N MET A 283 -6.75 7.57 -5.76
CA MET A 283 -7.96 6.96 -6.29
C MET A 283 -7.64 5.80 -7.24
N ARG A 284 -6.45 5.22 -7.10
CA ARG A 284 -5.96 4.17 -7.99
C ARG A 284 -6.55 2.81 -7.65
N HIS A 285 -5.96 1.74 -8.21
CA HIS A 285 -6.43 0.39 -7.94
C HIS A 285 -6.04 -0.07 -6.54
N SER A 286 -4.88 0.38 -6.05
CA SER A 286 -4.52 0.11 -4.66
C SER A 286 -5.41 0.88 -3.69
N SER A 287 -5.91 2.03 -4.12
CA SER A 287 -6.99 2.72 -3.44
C SER A 287 -8.36 2.31 -3.96
N VAL A 288 -8.45 1.17 -4.63
CA VAL A 288 -9.72 0.63 -5.11
C VAL A 288 -10.06 -0.70 -4.45
N PHE A 289 -9.07 -1.58 -4.30
CA PHE A 289 -9.22 -2.80 -3.52
C PHE A 289 -9.11 -2.54 -2.02
N GLU A 290 -8.69 -1.33 -1.61
CA GLU A 290 -8.65 -0.94 -0.21
C GLU A 290 -9.19 0.47 -0.01
N HIS A 291 -10.08 0.92 -0.89
CA HIS A 291 -10.62 2.27 -0.77
C HIS A 291 -11.92 2.29 0.02
N ASP A 292 -12.71 1.23 -0.06
CA ASP A 292 -13.90 1.10 0.76
C ASP A 292 -13.63 0.44 2.10
N PHE A 293 -12.47 -0.18 2.27
CA PHE A 293 -12.11 -0.84 3.52
C PHE A 293 -11.01 -0.10 4.27
N GLY A 294 -9.97 0.35 3.57
CA GLY A 294 -8.85 0.98 4.24
C GLY A 294 -7.96 -0.02 4.95
N ARG A 295 -7.32 -0.91 4.20
CA ARG A 295 -6.45 -1.92 4.78
C ARG A 295 -5.17 -1.27 5.28
N THR A 296 -4.69 -1.72 6.43
CA THR A 296 -3.50 -1.16 7.06
C THR A 296 -3.07 -2.10 8.18
N PRO A 297 -1.98 -1.78 8.89
CA PRO A 297 -1.61 -2.62 10.05
C PRO A 297 -2.63 -2.56 11.18
N GLU A 298 -3.25 -1.40 11.42
CA GLU A 298 -4.32 -1.32 12.40
C GLU A 298 -5.58 -2.01 11.89
N VAL A 299 -5.84 -1.94 10.58
CA VAL A 299 -6.98 -2.65 10.01
C VAL A 299 -6.75 -4.16 10.08
N SER A 300 -5.51 -4.61 9.87
CA SER A 300 -5.19 -6.02 10.01
C SER A 300 -5.26 -6.49 11.46
N ARG A 301 -4.89 -5.61 12.40
CA ARG A 301 -5.03 -5.95 13.82
C ARG A 301 -6.50 -6.07 14.20
N LEU A 302 -7.35 -5.18 13.68
CA LEU A 302 -8.78 -5.25 13.95
C LEU A 302 -9.40 -6.48 13.30
N THR A 303 -8.94 -6.85 12.10
CA THR A 303 -9.47 -8.03 11.44
C THR A 303 -9.03 -9.31 12.14
N ARG A 304 -7.79 -9.34 12.65
CA ARG A 304 -7.33 -10.50 13.41
C ARG A 304 -8.06 -10.61 14.75
N THR A 305 -8.35 -9.47 15.38
CA THR A 305 -9.12 -9.48 16.62
C THR A 305 -10.57 -9.88 16.37
N LEU A 306 -11.11 -9.56 15.20
CA LEU A 306 -12.46 -9.98 14.86
C LEU A 306 -12.50 -11.48 14.55
N GLN A 307 -11.46 -12.00 13.87
CA GLN A 307 -11.40 -13.43 13.60
C GLN A 307 -11.15 -14.24 14.86
N ARG A 308 -10.43 -13.67 15.84
CA ARG A 308 -10.30 -14.31 17.14
C ARG A 308 -11.58 -14.19 17.96
N PHE A 309 -12.32 -13.10 17.78
CA PHE A 309 -13.62 -12.91 18.43
C PHE A 309 -14.75 -13.58 17.69
N LEU A 310 -14.47 -14.28 16.59
CA LEU A 310 -15.49 -15.06 15.90
C LEU A 310 -15.75 -16.40 16.60
N ALA A 311 -14.73 -16.99 17.20
CA ALA A 311 -14.85 -18.24 17.94
C ALA A 311 -15.20 -18.03 19.41
N LYS A 312 -15.76 -16.87 19.76
CA LYS A 312 -16.19 -16.62 21.12
C LYS A 312 -17.56 -17.25 21.38
N THR A 313 -17.92 -17.33 22.66
CA THR A 313 -19.18 -17.91 23.11
C THR A 313 -20.02 -16.84 23.80
N VAL A 314 -21.13 -17.28 24.40
CA VAL A 314 -22.06 -16.38 25.08
C VAL A 314 -22.24 -16.75 26.55
N HIS A 315 -21.26 -17.44 27.13
CA HIS A 315 -21.28 -17.81 28.54
C HIS A 315 -20.38 -16.93 29.40
N ASN A 316 -19.72 -15.94 28.80
CA ASN A 316 -18.89 -15.00 29.53
C ASN A 316 -19.40 -13.58 29.30
N ASN A 317 -20.72 -13.38 29.48
CA ASN A 317 -21.40 -12.17 29.02
C ASN A 317 -20.97 -10.89 29.75
N LEU A 318 -20.21 -11.00 30.84
CA LEU A 318 -19.66 -9.82 31.48
C LEU A 318 -18.28 -9.43 30.95
N ALA A 319 -17.58 -10.33 30.26
CA ALA A 319 -16.25 -10.06 29.72
C ALA A 319 -16.25 -10.02 28.19
N ILE A 320 -16.73 -11.09 27.54
CA ILE A 320 -16.85 -11.08 26.09
C ILE A 320 -17.98 -10.14 25.65
N ARG A 321 -18.98 -9.95 26.52
CA ARG A 321 -19.99 -8.93 26.26
C ARG A 321 -19.43 -7.52 26.38
N GLN A 322 -18.35 -7.34 27.15
CA GLN A 322 -17.67 -6.06 27.25
C GLN A 322 -16.52 -5.93 26.26
N ARG A 323 -16.07 -7.04 25.67
CA ARG A 323 -14.98 -6.96 24.70
C ARG A 323 -15.45 -6.40 23.37
N ARG A 324 -16.71 -6.70 22.99
CA ARG A 324 -17.23 -6.27 21.70
C ARG A 324 -17.52 -4.78 21.64
N ALA A 325 -17.71 -4.12 22.78
CA ALA A 325 -17.92 -2.67 22.78
C ALA A 325 -16.63 -1.93 22.42
N GLN A 326 -15.48 -2.47 22.85
CA GLN A 326 -14.21 -1.87 22.50
C GLN A 326 -13.73 -2.35 21.13
N LEU A 327 -13.99 -3.61 20.80
CA LEU A 327 -13.60 -4.13 19.49
C LEU A 327 -14.48 -3.60 18.37
N VAL A 328 -15.68 -3.12 18.70
CA VAL A 328 -16.60 -2.60 17.69
C VAL A 328 -16.51 -1.08 17.65
N ALA A 329 -16.33 -0.47 18.81
CA ALA A 329 -16.12 0.98 18.84
C ALA A 329 -14.74 1.36 18.35
N GLN A 330 -13.76 0.47 18.54
CA GLN A 330 -12.41 0.72 18.06
C GLN A 330 -12.33 0.71 16.55
N ILE A 331 -13.21 -0.04 15.89
CA ILE A 331 -13.22 -0.08 14.42
C ILE A 331 -13.72 1.24 13.84
N CYS A 332 -14.80 1.77 14.41
CA CYS A 332 -15.31 3.07 13.96
C CYS A 332 -14.38 4.20 14.35
N ASP A 333 -13.73 4.09 15.51
CA ASP A 333 -12.77 5.09 15.95
C ASP A 333 -11.55 5.11 15.04
N GLU A 334 -11.02 3.93 14.70
CA GLU A 334 -9.88 3.84 13.80
C GLU A 334 -10.24 4.25 12.38
N ALA A 335 -11.48 4.01 11.96
CA ALA A 335 -11.91 4.45 10.63
C ALA A 335 -12.04 5.96 10.56
N LEU A 336 -12.60 6.58 11.60
CA LEU A 336 -12.67 8.04 11.63
C LEU A 336 -11.29 8.68 11.75
N GLN A 337 -10.38 8.05 12.50
CA GLN A 337 -9.02 8.54 12.60
C GLN A 337 -8.28 8.39 11.28
N TYR A 338 -8.56 7.31 10.53
CA TYR A 338 -7.93 7.14 9.22
C TYR A 338 -8.47 8.15 8.21
N ALA A 339 -9.77 8.46 8.29
CA ALA A 339 -10.34 9.48 7.43
C ALA A 339 -9.78 10.86 7.74
N ALA A 340 -9.56 11.15 9.04
CA ALA A 340 -8.96 12.41 9.42
C ALA A 340 -7.50 12.49 8.99
N ARG A 341 -6.74 11.41 9.15
CA ARG A 341 -5.33 11.39 8.77
C ARG A 341 -5.12 11.43 7.27
N LEU A 342 -6.08 10.93 6.50
CA LEU A 342 -6.00 11.07 5.05
C LEU A 342 -6.57 12.39 4.55
N ARG A 343 -7.43 13.05 5.34
CA ARG A 343 -8.17 14.20 4.86
C ARG A 343 -7.44 15.51 5.09
N GLU A 344 -6.11 15.48 5.13
CA GLU A 344 -5.33 16.72 5.19
C GLU A 344 -4.18 16.78 4.21
N LEU A 345 -3.58 15.65 3.81
CA LEU A 345 -2.39 15.70 2.96
C LEU A 345 -2.75 16.01 1.52
N GLU A 346 -3.78 15.35 0.99
CA GLU A 346 -4.22 15.65 -0.36
C GLU A 346 -4.95 16.98 -0.38
N PRO A 347 -4.55 17.93 -1.23
CA PRO A 347 -5.25 19.22 -1.28
C PRO A 347 -6.66 19.12 -1.85
N GLY A 348 -6.80 18.46 -2.99
CA GLY A 348 -8.10 18.26 -3.59
C GLY A 348 -8.42 16.79 -3.79
N TRP A 349 -9.45 16.30 -3.09
CA TRP A 349 -9.85 14.90 -3.17
C TRP A 349 -10.62 14.69 -4.48
N SER A 350 -9.88 14.61 -5.58
CA SER A 350 -10.49 14.46 -6.89
C SER A 350 -10.97 13.04 -7.10
N ALA A 351 -11.82 12.86 -8.11
CA ALA A 351 -12.31 11.54 -8.50
C ALA A 351 -11.15 10.77 -9.12
N THR A 352 -10.82 9.62 -8.52
CA THR A 352 -9.64 8.94 -9.01
C THR A 352 -10.03 7.74 -9.87
N PRO A 353 -9.27 7.49 -10.94
CA PRO A 353 -9.57 6.35 -11.82
C PRO A 353 -9.28 5.03 -11.14
N GLY A 354 -10.34 4.32 -10.77
CA GLY A 354 -10.26 3.17 -9.92
C GLY A 354 -10.84 3.37 -8.55
N CYS A 355 -11.56 4.46 -8.31
CA CYS A 355 -12.21 4.72 -7.03
C CYS A 355 -13.55 3.99 -6.99
N GLN A 356 -13.46 2.67 -6.81
CA GLN A 356 -14.66 1.83 -6.73
C GLN A 356 -15.42 2.11 -5.43
N LEU A 357 -14.71 2.12 -4.30
CA LEU A 357 -15.24 2.64 -3.05
C LEU A 357 -15.15 4.15 -2.97
N HIS A 358 -14.62 4.80 -4.02
CA HIS A 358 -14.58 6.25 -4.14
C HIS A 358 -15.63 6.77 -5.12
N ASP A 359 -16.69 6.00 -5.37
CA ASP A 359 -17.83 6.54 -6.09
C ASP A 359 -18.59 7.54 -5.21
N ALA A 360 -19.00 7.09 -4.02
CA ALA A 360 -19.49 8.00 -2.98
C ALA A 360 -18.40 8.36 -1.99
N GLU A 361 -17.29 7.62 -1.98
CA GLU A 361 -16.12 7.93 -1.16
C GLU A 361 -15.28 9.08 -1.72
N GLN A 362 -15.69 9.65 -2.86
CA GLN A 362 -15.15 10.93 -3.31
C GLN A 362 -15.65 12.09 -2.47
N LEU A 363 -16.73 11.88 -1.72
CA LEU A 363 -17.13 12.78 -0.64
C LEU A 363 -17.01 12.13 0.73
N TRP A 364 -17.04 10.79 0.81
CA TRP A 364 -16.77 10.11 2.06
C TRP A 364 -15.32 10.27 2.48
N LEU A 365 -14.41 10.41 1.52
CA LEU A 365 -13.03 10.80 1.75
C LEU A 365 -12.95 12.32 1.91
N ASP A 366 -11.75 12.89 1.81
CA ASP A 366 -11.54 14.31 2.06
C ASP A 366 -12.23 15.17 1.00
N PRO A 367 -13.37 15.78 1.35
CA PRO A 367 -14.02 16.69 0.40
C PRO A 367 -13.51 18.11 0.54
N LEU A 368 -12.81 18.59 -0.49
CA LEU A 368 -12.23 19.93 -0.48
C LEU A 368 -13.11 20.86 -1.29
N ARG A 369 -13.70 21.84 -0.63
CA ARG A 369 -14.53 22.85 -1.28
C ARG A 369 -13.70 24.04 -1.77
N ALA A 370 -12.65 23.73 -2.53
CA ALA A 370 -11.73 24.72 -3.06
C ALA A 370 -12.27 25.27 -4.38
N GLN A 371 -11.42 25.93 -5.16
CA GLN A 371 -11.81 26.33 -6.51
C GLN A 371 -11.99 25.12 -7.41
N THR A 372 -11.24 24.04 -7.16
CA THR A 372 -11.40 22.81 -7.93
C THR A 372 -12.71 22.12 -7.58
N ASP A 373 -12.87 21.73 -6.32
CA ASP A 373 -14.15 21.23 -5.83
C ASP A 373 -15.11 22.40 -5.65
N GLU A 374 -15.75 22.82 -6.75
CA GLU A 374 -16.53 24.04 -6.78
C GLU A 374 -17.91 23.87 -6.14
N THR A 375 -18.80 24.82 -6.38
CA THR A 375 -20.16 24.75 -5.84
C THR A 375 -20.96 23.56 -6.37
N PHE A 376 -20.60 23.03 -7.55
CA PHE A 376 -21.20 21.79 -8.02
C PHE A 376 -20.65 20.59 -7.24
N LEU A 377 -19.40 20.67 -6.79
CA LEU A 377 -18.90 19.66 -5.85
C LEU A 377 -19.35 19.97 -4.43
N GLN A 378 -19.43 21.25 -4.08
CA GLN A 378 -19.96 21.68 -2.79
C GLN A 378 -21.48 21.50 -2.68
N ARG A 379 -22.17 21.27 -3.79
CA ARG A 379 -23.59 20.96 -3.78
C ARG A 379 -23.89 19.49 -3.97
N ARG A 380 -23.00 18.74 -4.63
CA ARG A 380 -23.16 17.29 -4.70
C ARG A 380 -22.89 16.66 -3.33
N LEU A 381 -21.81 17.08 -2.68
CA LEU A 381 -21.51 16.63 -1.33
C LEU A 381 -22.22 17.44 -0.26
N ARG A 382 -22.79 18.58 -0.61
CA ARG A 382 -23.55 19.37 0.36
C ARG A 382 -24.92 18.75 0.60
N GLY A 383 -25.73 18.62 -0.44
CA GLY A 383 -27.03 18.00 -0.30
C GLY A 383 -27.01 16.49 -0.19
N ASP A 384 -26.15 15.83 -0.96
CA ASP A 384 -25.97 14.38 -0.88
C ASP A 384 -25.07 14.10 0.32
N TRP A 385 -25.54 13.23 1.22
CA TRP A 385 -24.79 12.93 2.42
C TRP A 385 -24.03 11.63 2.27
N PRO A 386 -23.10 11.34 3.18
CA PRO A 386 -22.33 10.09 3.10
C PRO A 386 -23.02 8.92 3.80
N ALA A 387 -24.30 8.73 3.50
CA ALA A 387 -25.00 7.55 4.03
C ALA A 387 -24.60 6.30 3.27
N GLU A 388 -24.33 6.42 1.97
CA GLU A 388 -23.85 5.27 1.19
C GLU A 388 -22.43 4.89 1.59
N VAL A 389 -21.62 5.87 1.99
CA VAL A 389 -20.34 5.56 2.62
C VAL A 389 -20.57 4.93 3.99
N GLY A 390 -21.60 5.41 4.70
CA GLY A 390 -21.96 4.79 5.97
C GLY A 390 -22.57 3.42 5.79
N ASN A 391 -23.42 3.26 4.77
CA ASN A 391 -24.04 1.96 4.51
C ASN A 391 -23.01 0.97 3.96
N ARG A 392 -22.09 1.46 3.12
CA ARG A 392 -21.01 0.61 2.62
C ARG A 392 -20.06 0.22 3.76
N PHE A 393 -19.83 1.13 4.70
CA PHE A 393 -18.99 0.81 5.86
C PHE A 393 -19.69 -0.18 6.78
N ALA A 394 -21.01 -0.06 6.93
CA ALA A 394 -21.75 -1.02 7.75
C ALA A 394 -21.76 -2.40 7.10
N ASN A 395 -21.84 -2.44 5.77
CA ASN A 395 -21.74 -3.71 5.07
C ASN A 395 -20.36 -4.31 5.20
N TRP A 396 -19.32 -3.47 5.16
CA TRP A 396 -17.95 -3.97 5.36
C TRP A 396 -17.72 -4.43 6.79
N LEU A 397 -18.40 -3.82 7.76
CA LEU A 397 -18.30 -4.27 9.14
C LEU A 397 -19.04 -5.60 9.33
N ASN A 398 -20.15 -5.80 8.61
CA ASN A 398 -20.84 -7.08 8.66
C ASN A 398 -20.03 -8.17 7.95
N ARG A 399 -19.32 -7.82 6.88
CA ARG A 399 -18.55 -8.77 6.11
C ARG A 399 -17.10 -8.89 6.57
N ALA A 400 -16.70 -8.15 7.60
CA ALA A 400 -15.36 -8.32 8.16
C ALA A 400 -15.20 -9.69 8.79
N VAL A 401 -16.07 -10.03 9.74
CA VAL A 401 -16.21 -11.41 10.20
C VAL A 401 -17.13 -12.11 9.22
N SER A 402 -17.17 -13.45 9.28
CA SER A 402 -17.99 -14.22 8.37
C SER A 402 -19.44 -14.25 8.83
N SER A 403 -20.28 -15.00 8.12
CA SER A 403 -21.70 -15.14 8.40
C SER A 403 -22.04 -16.62 8.44
N ASP A 404 -22.59 -17.08 9.55
CA ASP A 404 -22.89 -18.49 9.78
C ASP A 404 -24.08 -18.63 10.73
N SER A 405 -24.21 -19.82 11.31
CA SER A 405 -25.28 -20.11 12.27
C SER A 405 -24.99 -19.58 13.67
N GLN A 406 -23.86 -18.92 13.89
CA GLN A 406 -23.56 -18.30 15.18
C GLN A 406 -23.98 -16.83 15.23
N ILE A 407 -24.04 -16.16 14.07
CA ILE A 407 -24.48 -14.77 14.03
C ILE A 407 -26.00 -14.63 14.07
N LEU A 408 -26.73 -15.69 13.74
CA LEU A 408 -28.20 -15.65 13.76
C LEU A 408 -28.84 -16.70 14.65
N GLY A 409 -28.11 -17.71 15.10
CA GLY A 409 -28.66 -18.74 15.96
C GLY A 409 -28.24 -18.65 17.42
N SER A 410 -28.20 -17.44 17.97
CA SER A 410 -27.88 -17.26 19.38
C SER A 410 -28.13 -15.80 19.73
N PRO A 411 -28.12 -15.47 21.03
CA PRO A 411 -28.19 -14.06 21.43
C PRO A 411 -26.85 -13.36 21.39
N GLU A 412 -25.74 -14.10 21.34
CA GLU A 412 -24.43 -13.50 21.13
C GLU A 412 -24.32 -12.95 19.71
N ALA A 413 -24.87 -13.65 18.72
CA ALA A 413 -25.00 -13.08 17.39
C ALA A 413 -26.02 -11.96 17.37
N ALA A 414 -27.05 -12.05 18.22
CA ALA A 414 -27.99 -10.95 18.39
C ALA A 414 -27.31 -9.75 19.05
N GLN A 415 -26.39 -10.00 20.00
CA GLN A 415 -25.61 -8.92 20.58
C GLN A 415 -24.67 -8.30 19.55
N TRP A 416 -24.12 -9.12 18.65
CA TRP A 416 -23.27 -8.60 17.59
C TRP A 416 -24.07 -7.77 16.58
N SER A 417 -25.30 -8.19 16.29
CA SER A 417 -26.14 -7.44 15.35
C SER A 417 -26.61 -6.12 15.97
N GLN A 418 -26.94 -6.14 17.27
CA GLN A 418 -27.31 -4.91 17.96
C GLN A 418 -26.13 -3.96 18.07
N GLU A 419 -24.92 -4.50 18.28
CA GLU A 419 -23.72 -3.67 18.33
C GLU A 419 -23.39 -3.10 16.95
N LEU A 420 -23.64 -3.88 15.89
CA LEU A 420 -23.42 -3.39 14.53
C LEU A 420 -24.39 -2.27 14.18
N SER A 421 -25.65 -2.42 14.57
CA SER A 421 -26.63 -1.35 14.36
C SER A 421 -26.30 -0.11 15.18
N LYS A 422 -25.81 -0.30 16.42
CA LYS A 422 -25.46 0.84 17.26
C LYS A 422 -24.22 1.56 16.74
N GLU A 423 -23.23 0.81 16.26
CA GLU A 423 -22.03 1.42 15.70
C GLU A 423 -22.31 2.12 14.39
N LEU A 424 -23.21 1.54 13.58
CA LEU A 424 -23.60 2.21 12.33
C LEU A 424 -24.40 3.48 12.60
N THR A 425 -25.27 3.45 13.61
CA THR A 425 -26.00 4.66 13.99
C THR A 425 -25.08 5.72 14.57
N MET A 426 -24.06 5.30 15.31
CA MET A 426 -23.10 6.26 15.88
C MET A 426 -22.24 6.89 14.79
N PHE A 427 -21.75 6.07 13.85
CA PHE A 427 -20.96 6.59 12.74
C PHE A 427 -21.79 7.46 11.82
N LYS A 428 -23.08 7.14 11.65
CA LYS A 428 -23.95 7.98 10.83
C LYS A 428 -24.27 9.29 11.52
N GLU A 429 -24.45 9.26 12.85
CA GLU A 429 -24.67 10.50 13.59
C GLU A 429 -23.42 11.36 13.64
N ILE A 430 -22.25 10.74 13.57
CA ILE A 430 -21.01 11.50 13.43
C ILE A 430 -20.92 12.12 12.05
N LEU A 431 -21.18 11.34 11.00
CA LEU A 431 -21.04 11.83 9.63
C LEU A 431 -22.12 12.83 9.25
N GLU A 432 -23.24 12.86 9.98
CA GLU A 432 -24.28 13.85 9.71
C GLU A 432 -23.81 15.25 10.07
N ASP A 433 -22.98 15.38 11.11
CA ASP A 433 -22.40 16.67 11.46
C ASP A 433 -21.12 16.96 10.68
N GLU A 434 -20.68 16.06 9.80
CA GLU A 434 -19.47 16.29 9.03
C GLU A 434 -19.72 17.26 7.89
N ARG A 435 -20.60 16.87 6.96
CA ARG A 435 -20.99 17.80 5.89
C ARG A 435 -21.94 18.87 6.42
N ASP A 436 -22.73 18.54 7.43
CA ASP A 436 -23.60 19.52 8.06
C ASP A 436 -22.88 20.22 9.20
N VAL B 5 -9.25 21.39 41.03
CA VAL B 5 -10.21 20.34 40.74
C VAL B 5 -11.62 20.93 40.62
N THR B 6 -11.67 22.23 40.36
CA THR B 6 -12.92 22.90 40.06
C THR B 6 -13.39 22.47 38.68
N ASP B 7 -14.71 22.44 38.47
CA ASP B 7 -15.24 22.12 37.16
C ASP B 7 -15.05 23.30 36.21
N PRO B 8 -14.68 23.05 34.95
CA PRO B 8 -14.34 24.15 34.04
C PRO B 8 -15.58 24.85 33.49
N GLU B 9 -15.48 26.18 33.42
CA GLU B 9 -16.51 27.00 32.80
C GLU B 9 -16.29 27.20 31.31
N ALA B 10 -15.14 26.79 30.80
CA ALA B 10 -14.79 27.00 29.40
C ALA B 10 -13.70 26.01 29.01
N LEU B 11 -13.39 25.99 27.71
CA LEU B 11 -12.26 25.24 27.18
C LEU B 11 -11.57 26.07 26.12
N LEU B 12 -10.25 25.99 26.08
CA LEU B 12 -9.42 26.78 25.18
C LEU B 12 -8.51 25.83 24.41
N LEU B 13 -8.67 25.79 23.09
CA LEU B 13 -7.94 24.85 22.24
C LEU B 13 -6.79 25.58 21.57
N LEU B 14 -5.61 25.51 22.19
CA LEU B 14 -4.38 25.86 21.50
C LEU B 14 -4.19 24.85 20.39
N PRO B 15 -4.42 25.22 19.14
CA PRO B 15 -4.88 24.25 18.14
C PRO B 15 -3.84 23.29 17.63
N ARG B 16 -2.62 23.76 17.40
CA ARG B 16 -1.61 22.92 16.76
C ARG B 16 -0.24 23.50 17.07
N LEU B 17 0.58 22.76 17.81
CA LEU B 17 1.84 23.27 18.33
C LEU B 17 2.96 22.30 18.02
N SER B 18 3.85 22.68 17.10
CA SER B 18 5.07 21.91 16.91
C SER B 18 6.05 22.23 18.03
N ILE B 19 6.59 21.19 18.66
CA ILE B 19 7.55 21.35 19.75
C ILE B 19 8.91 20.87 19.29
N GLN B 20 9.91 21.71 19.49
CA GLN B 20 11.25 21.51 19.00
C GLN B 20 12.11 20.99 20.14
N ASN B 21 12.52 19.72 20.05
CA ASN B 21 13.52 19.10 20.93
C ASN B 21 13.08 19.04 22.38
N ALA B 22 11.93 18.40 22.61
CA ALA B 22 11.41 18.22 23.96
C ALA B 22 12.19 17.14 24.70
N ASN B 23 11.78 16.83 25.91
CA ASN B 23 12.50 15.90 26.78
C ASN B 23 11.80 14.55 26.73
N ALA B 24 12.40 13.60 26.01
CA ALA B 24 11.85 12.24 25.92
C ALA B 24 12.56 11.29 26.87
N ILE B 25 12.51 11.57 28.17
CA ILE B 25 13.02 10.64 29.16
C ILE B 25 11.95 10.37 30.22
N SER B 26 11.36 11.44 30.75
CA SER B 26 10.11 11.49 31.51
C SER B 26 10.17 10.92 32.93
N SER B 27 11.17 10.10 33.26
CA SER B 27 11.26 9.37 34.52
C SER B 27 12.56 8.59 34.47
N PRO B 28 13.00 7.95 35.56
CA PRO B 28 14.08 6.97 35.43
C PRO B 28 13.66 5.64 34.82
N LEU B 29 12.38 5.42 34.49
CA LEU B 29 11.91 4.12 34.04
C LEU B 29 11.03 4.18 32.79
N THR B 30 10.97 5.31 32.10
CA THR B 30 10.19 5.45 30.87
C THR B 30 11.10 6.11 29.84
N TRP B 31 10.72 6.13 28.57
CA TRP B 31 11.42 6.98 27.63
C TRP B 31 10.56 7.68 26.57
N GLY B 32 9.26 7.48 26.54
CA GLY B 32 8.53 7.94 25.37
C GLY B 32 8.10 9.40 25.41
N PHE B 33 6.80 9.62 25.31
CA PHE B 33 6.20 10.95 25.38
C PHE B 33 6.53 11.59 26.74
N PRO B 34 6.75 12.91 26.79
CA PRO B 34 7.15 13.54 28.06
C PRO B 34 6.07 13.46 29.13
N SER B 35 6.52 13.71 30.36
CA SER B 35 5.65 13.55 31.53
C SER B 35 4.53 14.58 31.49
N PRO B 36 3.31 14.21 31.87
CA PRO B 36 2.22 15.20 31.90
C PRO B 36 2.38 16.26 32.98
N GLY B 37 3.26 16.02 33.96
CA GLY B 37 3.66 17.06 34.90
C GLY B 37 4.29 18.27 34.24
N ALA B 38 4.94 18.07 33.09
CA ALA B 38 5.44 19.19 32.31
C ALA B 38 4.30 20.02 31.74
N PHE B 39 3.22 19.36 31.33
CA PHE B 39 2.07 20.08 30.80
C PHE B 39 1.34 20.84 31.90
N THR B 40 1.24 20.23 33.09
CA THR B 40 0.62 20.93 34.21
C THR B 40 1.44 22.15 34.64
N GLY B 41 2.77 22.00 34.67
CA GLY B 41 3.62 23.15 34.96
C GLY B 41 3.61 24.21 33.88
N PHE B 42 3.40 23.82 32.63
CA PHE B 42 3.26 24.79 31.54
C PHE B 42 1.99 25.62 31.68
N VAL B 43 0.87 24.96 31.97
CA VAL B 43 -0.38 25.70 32.09
C VAL B 43 -0.35 26.55 33.36
N HIS B 44 0.38 26.10 34.38
CA HIS B 44 0.53 26.96 35.55
C HIS B 44 1.44 28.16 35.26
N ALA B 45 2.42 27.99 34.37
CA ALA B 45 3.25 29.12 33.98
C ALA B 45 2.47 30.14 33.17
N LEU B 46 1.58 29.68 32.28
CA LEU B 46 0.66 30.57 31.60
C LEU B 46 -0.32 31.23 32.55
N GLN B 47 -0.71 30.52 33.61
CA GLN B 47 -1.53 31.14 34.66
C GLN B 47 -0.79 32.27 35.34
N ARG B 48 0.52 32.09 35.55
CA ARG B 48 1.31 33.16 36.15
C ARG B 48 1.44 34.36 35.23
N ARG B 49 1.98 34.16 34.02
CA ARG B 49 2.51 35.31 33.30
C ARG B 49 1.48 36.07 32.47
N VAL B 50 0.38 35.45 32.03
CA VAL B 50 -0.74 36.22 31.50
C VAL B 50 -2.08 35.86 32.12
N GLY B 51 -2.21 34.76 32.85
CA GLY B 51 -3.51 34.35 33.36
C GLY B 51 -4.08 35.20 34.48
N ILE B 52 -3.34 36.18 34.99
CA ILE B 52 -3.90 37.08 36.00
C ILE B 52 -4.20 38.47 35.43
N SER B 53 -3.58 38.85 34.31
CA SER B 53 -3.89 40.11 33.67
C SER B 53 -5.17 40.06 32.85
N LEU B 54 -5.79 38.90 32.75
CA LEU B 54 -7.08 38.76 32.09
C LEU B 54 -8.17 38.32 33.06
N ASP B 55 -7.83 38.22 34.35
CA ASP B 55 -8.73 37.89 35.45
C ASP B 55 -9.40 36.53 35.22
N ILE B 56 -8.59 35.54 34.84
CA ILE B 56 -9.06 34.21 34.55
C ILE B 56 -8.29 33.21 35.41
N GLU B 57 -8.59 31.93 35.23
CA GLU B 57 -8.01 30.87 36.06
C GLU B 57 -7.87 29.63 35.18
N LEU B 58 -6.64 29.36 34.75
CA LEU B 58 -6.34 28.24 33.86
C LEU B 58 -5.86 27.06 34.69
N ASP B 59 -6.64 25.97 34.71
CA ASP B 59 -6.25 24.80 35.49
C ASP B 59 -6.03 23.55 34.65
N GLY B 60 -7.01 23.10 33.91
CA GLY B 60 -6.89 21.80 33.26
C GLY B 60 -6.10 21.85 31.98
N VAL B 61 -5.57 20.69 31.58
CA VAL B 61 -4.86 20.58 30.31
C VAL B 61 -5.19 19.25 29.66
N GLY B 62 -5.54 19.28 28.38
CA GLY B 62 -5.85 18.09 27.62
C GLY B 62 -4.82 17.82 26.55
N ILE B 63 -4.07 16.75 26.73
CA ILE B 63 -2.97 16.41 25.85
C ILE B 63 -3.53 15.68 24.64
N VAL B 64 -3.00 15.95 23.44
CA VAL B 64 -3.58 15.39 22.22
C VAL B 64 -2.57 14.58 21.42
N CYS B 65 -1.41 15.16 21.12
CA CYS B 65 -0.27 14.47 20.49
C CYS B 65 -0.66 13.89 19.12
N HIS B 66 -0.86 14.79 18.17
CA HIS B 66 -1.14 14.39 16.79
C HIS B 66 0.00 13.58 16.20
N ARG B 67 1.17 14.17 16.06
CA ARG B 67 2.31 13.53 15.42
C ARG B 67 3.49 13.50 16.37
N PHE B 68 4.20 12.38 16.39
CA PHE B 68 5.31 12.14 17.30
C PHE B 68 6.53 11.66 16.51
N GLU B 69 7.71 12.04 16.98
CA GLU B 69 8.97 11.59 16.39
C GLU B 69 10.08 11.81 17.41
N ALA B 70 10.80 10.75 17.73
CA ALA B 70 11.89 10.83 18.69
C ALA B 70 13.21 10.60 17.98
N GLN B 71 14.29 11.14 18.57
CA GLN B 71 15.61 11.09 17.98
C GLN B 71 16.35 9.90 18.58
N ILE B 72 15.99 8.71 18.11
CA ILE B 72 16.54 7.46 18.61
C ILE B 72 17.15 6.67 17.47
N SER B 73 17.80 5.56 17.80
CA SER B 73 18.33 4.62 16.81
C SER B 73 18.51 3.28 17.47
N GLN B 74 18.33 2.21 16.69
CA GLN B 74 18.64 0.89 17.21
C GLN B 74 19.96 0.41 16.63
N PRO B 75 20.90 0.00 17.47
CA PRO B 75 22.30 -0.12 17.04
C PRO B 75 22.65 -1.49 16.46
N ALA B 76 22.02 -1.84 15.33
CA ALA B 76 22.56 -2.74 14.31
C ALA B 76 22.85 -4.15 14.83
N GLY B 77 21.79 -4.85 15.22
CA GLY B 77 21.94 -6.19 15.72
C GLY B 77 21.39 -6.28 17.13
N LYS B 78 21.59 -5.21 17.89
CA LYS B 78 20.92 -5.07 19.16
C LYS B 78 19.42 -4.92 18.95
N ARG B 79 18.65 -5.37 19.92
CA ARG B 79 17.21 -5.31 19.85
C ARG B 79 16.65 -4.05 20.50
N THR B 80 17.35 -3.52 21.49
CA THR B 80 16.95 -2.29 22.17
C THR B 80 17.33 -1.07 21.32
N LYS B 81 17.19 0.12 21.91
CA LYS B 81 17.39 1.37 21.20
C LYS B 81 18.30 2.27 22.02
N VAL B 82 18.95 3.20 21.33
CA VAL B 82 19.76 4.22 22.00
C VAL B 82 19.32 5.57 21.50
N PHE B 83 19.82 6.61 22.15
CA PHE B 83 19.45 7.98 21.85
C PHE B 83 20.54 8.67 21.03
N ASN B 84 20.11 9.59 20.19
CA ASN B 84 21.01 10.46 19.45
C ASN B 84 21.33 11.67 20.32
N LEU B 85 22.61 12.01 20.41
CA LEU B 85 23.10 13.03 21.31
C LEU B 85 23.50 14.27 20.54
N THR B 86 24.12 15.22 21.25
CA THR B 86 24.65 16.45 20.69
C THR B 86 26.10 16.62 21.15
N ARG B 87 26.90 17.33 20.35
CA ARG B 87 28.20 17.76 20.87
C ARG B 87 28.01 19.01 21.70
N ASN B 88 28.44 18.95 22.90
CA ASN B 88 28.54 20.07 23.80
C ASN B 88 29.84 20.80 23.48
N PRO B 89 30.02 22.06 23.90
CA PRO B 89 31.31 22.71 23.70
C PRO B 89 32.39 22.09 24.58
N LEU B 90 33.63 22.44 24.26
CA LEU B 90 34.78 21.75 24.82
C LEU B 90 34.99 22.15 26.28
N ASN B 91 36.03 21.63 26.88
CA ASN B 91 36.27 21.84 28.30
C ASN B 91 37.05 23.16 28.46
N ARG B 92 37.49 23.44 29.68
CA ARG B 92 38.23 24.68 29.94
C ARG B 92 39.59 24.67 29.25
N ASP B 93 40.27 23.52 29.25
CA ASP B 93 41.48 23.35 28.47
C ASP B 93 41.21 22.96 27.02
N GLY B 94 39.94 22.86 26.63
CA GLY B 94 39.59 22.43 25.30
C GLY B 94 39.90 20.97 25.05
N SER B 95 39.57 20.10 26.00
CA SER B 95 39.85 18.69 25.78
C SER B 95 38.64 17.98 25.18
N THR B 96 37.59 17.84 25.98
CA THR B 96 36.30 17.23 25.66
C THR B 96 35.45 17.34 26.90
N ALA B 97 34.14 17.15 26.73
CA ALA B 97 33.20 17.26 27.84
C ALA B 97 32.73 15.88 28.27
N ALA B 98 32.41 15.76 29.55
CA ALA B 98 31.78 14.54 30.04
C ALA B 98 30.36 14.47 29.51
N ILE B 99 29.99 13.34 28.95
CA ILE B 99 28.70 13.20 28.28
C ILE B 99 27.65 12.70 29.28
N VAL B 100 26.65 13.53 29.53
CA VAL B 100 25.38 13.08 30.07
C VAL B 100 24.44 12.94 28.89
N GLU B 101 23.41 12.14 29.06
CA GLU B 101 22.50 11.85 27.95
C GLU B 101 21.14 12.47 28.19
N GLU B 102 20.53 12.95 27.11
CA GLU B 102 19.19 13.50 27.12
C GLU B 102 18.49 13.05 25.86
N GLY B 103 17.33 12.44 26.00
CA GLY B 103 16.51 12.14 24.85
C GLY B 103 15.82 13.39 24.37
N ARG B 104 15.72 13.53 23.05
CA ARG B 104 15.06 14.67 22.43
C ARG B 104 14.04 14.17 21.43
N ALA B 105 12.91 14.86 21.35
CA ALA B 105 11.79 14.42 20.54
C ALA B 105 11.10 15.61 19.90
N HIS B 106 10.28 15.33 18.90
CA HIS B 106 9.47 16.35 18.24
C HIS B 106 8.00 16.01 18.40
N LEU B 107 7.28 16.88 19.09
CA LEU B 107 5.87 16.68 19.35
C LEU B 107 5.06 17.55 18.42
N GLU B 108 3.82 17.17 18.19
CA GLU B 108 2.82 18.06 17.59
C GLU B 108 1.59 17.89 18.46
N VAL B 109 1.50 18.67 19.51
CA VAL B 109 0.48 18.48 20.53
C VAL B 109 -0.56 19.57 20.37
N SER B 110 -1.73 19.35 20.95
CA SER B 110 -2.79 20.34 21.02
C SER B 110 -3.30 20.39 22.45
N LEU B 111 -3.49 21.59 22.97
CA LEU B 111 -3.76 21.77 24.39
C LEU B 111 -5.19 22.26 24.59
N LEU B 112 -5.90 21.64 25.51
CA LEU B 112 -7.25 22.01 25.89
C LEU B 112 -7.22 22.58 27.31
N LEU B 113 -7.41 23.88 27.44
CA LEU B 113 -7.21 24.56 28.71
C LEU B 113 -8.54 24.88 29.37
N GLY B 114 -8.74 24.39 30.59
CA GLY B 114 -9.94 24.72 31.35
C GLY B 114 -9.80 26.08 31.99
N VAL B 115 -10.87 26.87 31.91
CA VAL B 115 -10.86 28.24 32.41
C VAL B 115 -11.94 28.38 33.48
N HIS B 116 -11.61 29.05 34.59
CA HIS B 116 -12.51 29.18 35.72
C HIS B 116 -12.83 30.61 36.11
N GLY B 117 -12.17 31.60 35.55
CA GLY B 117 -12.21 32.93 36.11
C GLY B 117 -13.47 33.70 35.78
N ASP B 118 -13.69 34.76 36.56
CA ASP B 118 -14.79 35.70 36.39
C ASP B 118 -14.60 36.64 35.20
N GLY B 119 -13.43 36.67 34.59
CA GLY B 119 -13.18 37.53 33.45
C GLY B 119 -13.65 36.99 32.13
N LEU B 120 -14.40 35.89 32.13
CA LEU B 120 -14.95 35.34 30.90
C LEU B 120 -16.08 36.18 30.35
N ASP B 121 -16.64 37.08 31.15
CA ASP B 121 -17.72 37.96 30.73
C ASP B 121 -17.25 39.37 30.41
N ASP B 122 -16.04 39.72 30.84
CA ASP B 122 -15.50 41.06 30.63
C ASP B 122 -14.76 41.19 29.31
N HIS B 123 -14.38 40.09 28.68
CA HIS B 123 -13.51 40.12 27.53
C HIS B 123 -14.12 39.31 26.39
N PRO B 124 -13.92 39.73 25.14
CA PRO B 124 -14.35 38.90 24.01
C PRO B 124 -13.47 37.66 23.91
N ALA B 125 -14.07 36.59 23.37
CA ALA B 125 -13.40 35.30 23.36
C ALA B 125 -12.16 35.30 22.45
N GLN B 126 -12.22 36.02 21.35
CA GLN B 126 -11.10 36.05 20.42
C GLN B 126 -9.92 36.82 20.99
N GLU B 127 -10.17 37.82 21.84
CA GLU B 127 -9.05 38.54 22.44
C GLU B 127 -8.34 37.69 23.48
N ILE B 128 -9.12 36.96 24.29
CA ILE B 128 -8.57 35.97 25.22
C ILE B 128 -7.72 34.94 24.49
N ALA B 129 -8.28 34.37 23.42
CA ALA B 129 -7.60 33.32 22.67
C ALA B 129 -6.34 33.83 21.99
N ARG B 130 -6.41 35.04 21.41
CA ARG B 130 -5.26 35.62 20.72
C ARG B 130 -4.14 35.94 21.69
N GLN B 131 -4.46 36.51 22.85
CA GLN B 131 -3.40 36.84 23.80
C GLN B 131 -2.80 35.60 24.43
N VAL B 132 -3.60 34.54 24.63
CA VAL B 132 -3.04 33.31 25.19
C VAL B 132 -2.08 32.65 24.21
N GLN B 133 -2.48 32.49 22.94
CA GLN B 133 -1.56 31.84 22.01
C GLN B 133 -0.38 32.75 21.65
N GLU B 134 -0.57 34.06 21.69
CA GLU B 134 0.54 34.96 21.42
C GLU B 134 1.53 34.99 22.58
N GLN B 135 1.08 34.68 23.80
CA GLN B 135 2.04 34.51 24.88
C GLN B 135 2.70 33.13 24.82
N ALA B 136 1.92 32.09 24.54
CA ALA B 136 2.44 30.73 24.53
C ALA B 136 3.39 30.47 23.38
N GLY B 137 3.36 31.28 22.33
CA GLY B 137 4.33 31.16 21.26
C GLY B 137 5.73 31.63 21.60
N ALA B 138 5.92 32.16 22.81
CA ALA B 138 7.24 32.57 23.27
C ALA B 138 7.70 31.76 24.49
N MET B 139 7.08 30.63 24.73
CA MET B 139 7.40 29.78 25.87
C MET B 139 7.89 28.42 25.38
N ARG B 140 8.06 27.50 26.32
CA ARG B 140 8.54 26.16 26.04
C ARG B 140 7.75 25.17 26.89
N LEU B 141 7.66 23.93 26.41
CA LEU B 141 6.62 23.04 26.91
C LEU B 141 7.11 21.74 27.51
N ALA B 142 8.24 21.21 27.09
CA ALA B 142 8.82 20.12 27.86
C ALA B 142 10.31 20.28 27.93
N GLY B 143 10.77 21.51 28.11
CA GLY B 143 12.14 21.82 27.77
C GLY B 143 12.35 21.98 26.29
N GLY B 144 11.29 22.12 25.53
CA GLY B 144 11.40 22.19 24.08
C GLY B 144 10.70 23.40 23.52
N SER B 145 11.33 24.01 22.50
CA SER B 145 10.82 25.23 21.92
C SER B 145 9.52 24.98 21.19
N ILE B 146 8.58 25.89 21.34
CA ILE B 146 7.28 25.80 20.68
C ILE B 146 7.40 26.51 19.34
N LEU B 147 7.23 25.76 18.27
CA LEU B 147 7.67 26.26 16.98
C LEU B 147 6.65 27.22 16.37
N PRO B 148 7.15 28.25 15.72
CA PRO B 148 6.32 29.12 14.89
C PRO B 148 5.92 28.51 13.56
N TRP B 149 5.50 29.39 12.65
CA TRP B 149 5.00 29.06 11.33
C TRP B 149 5.86 28.08 10.55
N CYS B 150 5.19 27.20 9.83
CA CYS B 150 5.82 26.15 9.03
C CYS B 150 5.10 26.16 7.69
N ASN B 151 5.29 25.07 6.92
CA ASN B 151 4.68 24.94 5.61
C ASN B 151 3.16 24.97 5.65
N GLU B 152 2.55 24.42 6.71
CA GLU B 152 1.10 24.28 6.78
C GLU B 152 0.56 24.66 8.16
N ARG B 153 0.96 25.83 8.68
CA ARG B 153 0.27 26.40 9.84
C ARG B 153 -0.86 27.30 9.32
N PHE B 154 -1.86 26.64 8.75
CA PHE B 154 -3.11 27.28 8.37
C PHE B 154 -4.12 27.39 9.50
N PRO B 155 -4.34 26.31 10.45
CA PRO B 155 -5.15 26.53 11.65
C PRO B 155 -4.45 27.32 12.75
N ALA B 156 -3.90 28.47 12.38
CA ALA B 156 -3.32 29.38 13.37
C ALA B 156 -4.28 29.97 14.41
N PRO B 157 -5.56 30.31 14.13
CA PRO B 157 -6.39 30.88 15.21
C PRO B 157 -6.74 29.89 16.31
N ASN B 158 -6.43 30.30 17.54
CA ASN B 158 -6.96 29.72 18.76
C ASN B 158 -8.48 29.91 18.82
N ALA B 159 -9.14 29.02 19.57
CA ALA B 159 -10.58 29.09 19.77
C ALA B 159 -10.92 28.89 21.23
N GLU B 160 -11.91 29.62 21.72
CA GLU B 160 -12.41 29.50 23.08
C GLU B 160 -13.87 29.05 23.04
N LEU B 161 -14.24 28.20 24.01
CA LEU B 161 -15.57 27.63 24.00
C LEU B 161 -16.02 27.39 25.44
N LEU B 162 -17.15 27.99 25.81
CA LEU B 162 -17.73 27.75 27.13
C LEU B 162 -18.59 26.50 27.08
N MET B 163 -18.24 25.52 27.92
CA MET B 163 -18.95 24.24 27.91
C MET B 163 -20.35 24.35 28.47
N LEU B 164 -20.61 25.34 29.34
CA LEU B 164 -21.92 25.49 29.94
C LEU B 164 -22.93 26.12 29.00
N GLY B 165 -22.49 26.69 27.88
CA GLY B 165 -23.35 27.51 27.06
C GLY B 165 -24.32 26.68 26.23
N GLY B 166 -25.61 26.97 26.34
CA GLY B 166 -26.61 26.40 25.47
C GLY B 166 -27.37 25.24 26.09
N SER B 167 -28.09 24.54 25.22
CA SER B 167 -28.85 23.36 25.59
C SER B 167 -27.95 22.13 25.55
N ASP B 168 -28.50 20.98 25.96
CA ASP B 168 -27.74 19.73 25.98
C ASP B 168 -27.38 19.30 24.57
N GLU B 169 -28.32 19.45 23.63
CA GLU B 169 -28.03 19.26 22.21
C GLU B 169 -26.97 20.25 21.73
N GLN B 170 -27.05 21.50 22.20
CA GLN B 170 -26.08 22.51 21.80
C GLN B 170 -24.69 22.21 22.36
N ARG B 171 -24.62 21.79 23.64
CA ARG B 171 -23.34 21.45 24.26
C ARG B 171 -22.69 20.26 23.58
N ARG B 172 -23.44 19.17 23.38
CA ARG B 172 -22.88 17.98 22.75
C ARG B 172 -22.58 18.20 21.27
N LYS B 173 -23.37 19.05 20.59
CA LYS B 173 -23.10 19.41 19.20
C LYS B 173 -21.80 20.19 19.07
N ASN B 174 -21.60 21.17 19.94
CA ASN B 174 -20.40 21.99 19.86
C ASN B 174 -19.18 21.20 20.33
N GLN B 175 -19.38 20.22 21.22
CA GLN B 175 -18.34 19.25 21.55
C GLN B 175 -17.90 18.45 20.33
N ARG B 176 -18.86 17.85 19.63
CA ARG B 176 -18.48 17.05 18.46
C ARG B 176 -18.04 17.92 17.28
N ARG B 177 -18.26 19.23 17.34
CA ARG B 177 -17.62 20.12 16.40
C ARG B 177 -16.19 20.46 16.82
N LEU B 178 -15.91 20.45 18.13
CA LEU B 178 -14.52 20.57 18.58
C LEU B 178 -13.69 19.35 18.20
N THR B 179 -14.28 18.16 18.26
CA THR B 179 -13.53 16.93 17.98
C THR B 179 -13.10 16.83 16.52
N ARG B 180 -13.64 17.67 15.63
CA ARG B 180 -13.12 17.81 14.27
C ARG B 180 -11.86 18.66 14.20
N ARG B 181 -11.28 19.06 15.33
CA ARG B 181 -9.98 19.73 15.35
C ARG B 181 -8.97 18.93 16.15
N LEU B 182 -9.28 17.67 16.42
CA LEU B 182 -8.41 16.70 17.08
C LEU B 182 -8.30 15.46 16.21
N LEU B 183 -8.02 15.64 14.93
CA LEU B 183 -8.40 14.64 13.94
C LEU B 183 -7.51 13.39 13.95
N PRO B 184 -6.15 13.46 13.96
CA PRO B 184 -5.41 12.21 14.19
C PRO B 184 -5.04 12.02 15.65
N GLY B 185 -5.65 12.81 16.54
CA GLY B 185 -5.20 12.91 17.91
C GLY B 185 -5.42 11.66 18.74
N PHE B 186 -4.78 11.64 19.91
CA PHE B 186 -4.89 10.54 20.86
C PHE B 186 -4.72 11.12 22.27
N ALA B 187 -5.82 11.29 22.99
CA ALA B 187 -5.74 11.93 24.29
C ALA B 187 -5.15 11.00 25.35
N LEU B 188 -4.41 11.58 26.28
CA LEU B 188 -3.73 10.84 27.34
C LEU B 188 -4.44 11.07 28.66
N VAL B 189 -4.91 9.98 29.29
CA VAL B 189 -5.61 10.05 30.56
C VAL B 189 -4.93 9.14 31.56
N SER B 190 -5.33 9.27 32.82
CA SER B 190 -4.81 8.46 33.91
C SER B 190 -5.78 7.33 34.21
N ARG B 191 -5.23 6.13 34.46
CA ARG B 191 -6.03 4.92 34.66
C ARG B 191 -5.51 4.18 35.89
N GLU B 192 -5.45 4.91 37.01
CA GLU B 192 -4.97 4.38 38.29
C GLU B 192 -5.81 3.22 38.79
N ALA B 193 -7.14 3.33 38.66
CA ALA B 193 -8.04 2.31 39.18
C ALA B 193 -7.87 0.99 38.44
N LEU B 194 -7.50 1.03 37.17
CA LEU B 194 -7.22 -0.19 36.43
C LEU B 194 -5.93 -0.83 36.89
N LEU B 195 -4.95 -0.04 37.35
CA LEU B 195 -3.74 -0.60 37.94
C LEU B 195 -4.08 -1.33 39.23
N GLN B 196 -4.92 -0.72 40.08
CA GLN B 196 -5.32 -1.42 41.31
C GLN B 196 -6.19 -2.62 40.99
N GLN B 197 -6.99 -2.56 39.92
CA GLN B 197 -7.84 -3.67 39.53
C GLN B 197 -7.03 -4.88 39.07
N HIS B 198 -6.05 -4.67 38.18
CA HIS B 198 -5.18 -5.77 37.79
C HIS B 198 -4.27 -6.24 38.91
N LEU B 199 -3.92 -5.37 39.87
CA LEU B 199 -3.15 -5.84 41.01
C LEU B 199 -4.00 -6.74 41.90
N GLU B 200 -5.25 -6.36 42.13
CA GLU B 200 -6.16 -7.20 42.91
C GLU B 200 -6.47 -8.50 42.17
N THR B 201 -6.44 -8.48 40.84
CA THR B 201 -6.55 -9.71 40.07
C THR B 201 -5.35 -10.63 40.29
N LEU B 202 -4.13 -10.18 39.94
CA LEU B 202 -2.98 -11.08 39.98
C LEU B 202 -2.18 -10.94 41.27
N ARG B 203 -2.80 -10.53 42.38
CA ARG B 203 -2.12 -10.40 43.66
C ARG B 203 -1.98 -11.71 44.43
N THR B 204 -2.03 -12.85 43.75
CA THR B 204 -1.80 -14.13 44.40
C THR B 204 -0.36 -14.23 44.88
N THR B 205 0.60 -14.04 43.97
CA THR B 205 2.01 -14.19 44.34
C THR B 205 2.56 -12.93 45.01
N LEU B 206 2.63 -11.83 44.26
CA LEU B 206 3.29 -10.61 44.73
C LEU B 206 2.39 -9.40 44.50
N PRO B 207 1.95 -8.72 45.56
CA PRO B 207 1.08 -7.55 45.37
C PRO B 207 1.85 -6.25 45.21
N GLU B 208 3.14 -6.35 44.90
CA GLU B 208 3.94 -5.17 44.59
C GLU B 208 3.44 -4.54 43.29
N ALA B 209 3.16 -3.24 43.34
CA ALA B 209 2.60 -2.56 42.18
C ALA B 209 3.60 -2.33 41.07
N THR B 210 4.90 -2.47 41.35
CA THR B 210 5.90 -2.35 40.28
C THR B 210 5.84 -3.53 39.34
N THR B 211 5.63 -4.74 39.88
CA THR B 211 5.52 -5.93 39.05
C THR B 211 4.28 -5.89 38.17
N LEU B 212 3.23 -5.22 38.63
CA LEU B 212 1.97 -5.18 37.90
C LEU B 212 2.10 -4.41 36.60
N ASP B 213 2.49 -3.13 36.68
CA ASP B 213 2.66 -2.39 35.43
C ASP B 213 3.94 -2.76 34.71
N ALA B 214 4.90 -3.38 35.40
CA ALA B 214 6.02 -3.99 34.70
C ALA B 214 5.63 -5.25 33.94
N LEU B 215 4.42 -5.75 34.14
CA LEU B 215 3.85 -6.80 33.30
C LEU B 215 2.51 -6.36 32.68
N LEU B 216 2.45 -5.13 32.17
CA LEU B 216 1.28 -4.66 31.42
C LEU B 216 1.57 -4.01 30.07
N ASP B 217 2.73 -3.41 29.85
CA ASP B 217 3.03 -2.81 28.55
C ASP B 217 3.67 -3.83 27.61
N LEU B 218 3.07 -5.02 27.50
CA LEU B 218 3.80 -6.20 27.09
C LEU B 218 2.93 -7.14 26.29
N CYS B 219 3.57 -8.20 25.79
CA CYS B 219 2.91 -9.35 25.20
C CYS B 219 3.21 -10.55 26.07
N ARG B 220 2.16 -11.24 26.53
CA ARG B 220 2.30 -12.27 27.54
C ARG B 220 1.99 -13.63 26.92
N ILE B 221 3.04 -14.30 26.46
CA ILE B 221 2.92 -15.52 25.66
C ILE B 221 2.71 -16.68 26.64
N ASN B 222 1.47 -17.15 26.73
CA ASN B 222 1.14 -18.37 27.46
C ASN B 222 1.21 -19.56 26.51
N PHE B 223 1.43 -20.74 27.07
CA PHE B 223 1.91 -21.86 26.29
C PHE B 223 0.81 -22.89 26.02
N GLU B 224 1.23 -24.01 25.43
CA GLU B 224 0.34 -25.09 25.04
C GLU B 224 -0.11 -25.86 26.28
N PRO B 225 -1.25 -26.58 26.20
CA PRO B 225 -1.60 -27.45 27.33
C PRO B 225 -0.73 -28.69 27.42
N TRP B 241 0.16 -20.90 20.81
CA TRP B 241 0.38 -20.14 22.04
C TRP B 241 -0.69 -19.07 22.23
N GLN B 242 -1.22 -19.00 23.45
CA GLN B 242 -2.32 -18.08 23.76
C GLN B 242 -1.76 -16.83 24.45
N VAL B 243 -1.23 -15.93 23.62
CA VAL B 243 -0.76 -14.64 24.09
C VAL B 243 -1.97 -13.80 24.50
N ARG B 244 -1.78 -12.89 25.46
CA ARG B 244 -2.90 -12.15 26.01
C ARG B 244 -3.47 -11.17 24.98
N ASP B 245 -4.63 -10.61 25.31
CA ASP B 245 -5.27 -9.58 24.52
C ASP B 245 -5.15 -8.24 25.22
N LYS B 246 -4.84 -7.21 24.43
CA LYS B 246 -4.60 -5.89 24.97
C LYS B 246 -5.93 -5.18 25.19
N PRO B 247 -6.29 -4.81 26.41
CA PRO B 247 -7.53 -4.03 26.61
C PRO B 247 -7.44 -2.64 26.01
N GLY B 248 -6.26 -2.04 26.01
CA GLY B 248 -6.04 -0.75 25.39
C GLY B 248 -4.57 -0.53 25.17
N TRP B 249 -4.20 0.72 24.90
CA TRP B 249 -2.80 1.09 24.74
C TRP B 249 -2.22 1.52 26.09
N LEU B 250 -2.16 0.56 27.01
CA LEU B 250 -1.65 0.84 28.34
C LEU B 250 -0.15 1.06 28.30
N VAL B 251 0.28 2.21 28.81
CA VAL B 251 1.70 2.56 28.84
C VAL B 251 2.05 3.05 30.25
N PRO B 252 3.27 2.82 30.72
CA PRO B 252 3.65 3.32 32.04
C PRO B 252 3.90 4.82 31.98
N ILE B 253 3.39 5.54 32.98
CA ILE B 253 3.66 6.97 33.08
C ILE B 253 4.31 7.24 34.43
N PRO B 254 5.02 8.36 34.59
CA PRO B 254 5.25 8.88 35.93
C PRO B 254 4.03 9.65 36.40
N ALA B 255 3.73 9.55 37.69
CA ALA B 255 2.46 10.07 38.18
C ALA B 255 2.60 10.92 39.42
N GLY B 256 3.75 11.57 39.59
CA GLY B 256 3.90 12.49 40.69
C GLY B 256 5.13 12.19 41.49
N TYR B 257 5.21 12.79 42.68
CA TYR B 257 6.37 12.67 43.54
C TYR B 257 5.95 12.24 44.94
N ASN B 258 6.81 11.45 45.57
CA ASN B 258 6.65 11.04 46.96
C ASN B 258 7.92 11.40 47.71
N ALA B 259 7.78 11.89 48.94
CA ALA B 259 8.92 12.45 49.65
C ALA B 259 9.87 11.38 50.13
N LEU B 260 11.12 11.77 50.31
CA LEU B 260 12.07 10.89 51.00
C LEU B 260 12.86 11.67 52.04
N SER B 261 12.41 12.84 52.45
CA SER B 261 13.11 13.65 53.43
C SER B 261 12.09 14.49 54.18
N PRO B 262 12.36 14.84 55.44
CA PRO B 262 11.56 15.86 56.10
C PRO B 262 11.78 17.19 55.43
N LEU B 263 10.70 17.97 55.36
CA LEU B 263 10.74 19.25 54.66
C LEU B 263 11.61 20.25 55.40
N TYR B 264 12.28 21.10 54.64
CA TYR B 264 13.22 22.06 55.19
C TYR B 264 12.69 23.48 55.04
N LEU B 265 13.27 24.37 55.85
CA LEU B 265 12.98 25.79 55.78
C LEU B 265 13.57 26.36 54.49
N PRO B 266 13.12 27.54 54.05
CA PRO B 266 13.67 28.11 52.80
C PRO B 266 15.14 28.51 52.85
N GLY B 267 15.78 28.55 54.01
CA GLY B 267 17.18 28.89 54.05
C GLY B 267 18.08 27.70 54.31
N GLU B 268 17.50 26.55 54.60
CA GLU B 268 18.28 25.43 55.10
C GLU B 268 19.01 24.69 53.97
N VAL B 269 18.33 24.40 52.87
CA VAL B 269 18.94 23.56 51.84
C VAL B 269 19.94 24.40 51.05
N ARG B 270 21.18 23.92 51.01
CA ARG B 270 22.22 24.57 50.24
C ARG B 270 21.96 24.38 48.75
N ASN B 271 22.15 25.46 47.98
CA ASN B 271 22.07 25.51 46.50
C ASN B 271 20.66 25.23 45.99
N ALA B 272 19.67 25.88 46.58
CA ALA B 272 18.30 25.76 46.10
C ALA B 272 18.06 26.76 44.97
N ARG B 273 16.91 26.63 44.29
CA ARG B 273 16.59 27.57 43.22
C ARG B 273 16.27 28.97 43.74
N ASP B 274 15.86 29.09 45.00
CA ASP B 274 15.66 30.38 45.62
C ASP B 274 15.86 30.22 47.12
N ARG B 275 15.54 31.28 47.87
CA ARG B 275 15.60 31.22 49.32
C ARG B 275 14.28 31.62 49.96
N GLU B 276 13.18 31.50 49.22
CA GLU B 276 11.87 31.83 49.75
C GLU B 276 10.90 30.66 49.75
N THR B 277 11.25 29.53 49.15
CA THR B 277 10.36 28.39 49.12
C THR B 277 10.99 27.20 49.84
N PRO B 278 10.19 26.42 50.55
CA PRO B 278 10.71 25.20 51.18
C PRO B 278 11.02 24.11 50.16
N LEU B 279 12.08 23.37 50.41
CA LEU B 279 12.56 22.30 49.54
C LEU B 279 12.63 20.98 50.28
N ARG B 280 12.08 19.93 49.67
CA ARG B 280 12.26 18.56 50.13
C ARG B 280 12.78 17.70 48.98
N PHE B 281 13.69 16.79 49.30
CA PHE B 281 14.20 15.83 48.33
C PHE B 281 13.17 14.73 48.15
N VAL B 282 12.71 14.52 46.91
CA VAL B 282 11.66 13.52 46.70
C VAL B 282 12.10 12.42 45.74
N GLU B 283 11.20 11.47 45.51
CA GLU B 283 11.34 10.39 44.56
C GLU B 283 10.06 10.33 43.74
N ASN B 284 10.19 10.17 42.43
CA ASN B 284 8.96 10.19 41.66
C ASN B 284 8.28 8.83 41.67
N LEU B 285 7.03 8.83 41.21
CA LEU B 285 6.02 7.88 41.68
C LEU B 285 5.29 7.36 40.44
N PHE B 286 5.61 6.14 40.04
CA PHE B 286 5.22 5.65 38.74
C PHE B 286 3.76 5.22 38.71
N GLY B 287 3.16 5.29 37.54
CA GLY B 287 1.74 5.08 37.44
C GLY B 287 1.34 4.39 36.16
N LEU B 288 0.15 4.69 35.66
CA LEU B 288 -0.36 4.02 34.48
C LEU B 288 -1.41 4.91 33.85
N GLY B 289 -1.47 4.89 32.53
CA GLY B 289 -2.49 5.59 31.79
C GLY B 289 -2.41 5.14 30.35
N GLU B 290 -3.43 5.47 29.58
CA GLU B 290 -3.50 4.91 28.24
C GLU B 290 -4.12 5.89 27.27
N TRP B 291 -3.66 5.81 26.03
CA TRP B 291 -3.96 6.80 25.01
C TRP B 291 -5.31 6.50 24.39
N LEU B 292 -6.16 7.52 24.25
CA LEU B 292 -7.53 7.36 23.80
C LEU B 292 -7.84 8.34 22.69
N SER B 293 -8.62 7.88 21.71
CA SER B 293 -9.10 8.74 20.67
C SER B 293 -10.10 9.74 21.23
N PRO B 294 -10.20 10.93 20.67
CA PRO B 294 -11.17 11.91 21.16
C PRO B 294 -12.63 11.61 20.82
N HIS B 295 -12.93 10.51 20.13
CA HIS B 295 -14.30 10.05 20.00
C HIS B 295 -14.75 9.21 21.18
N ARG B 296 -13.84 8.40 21.74
CA ARG B 296 -14.20 7.47 22.81
C ARG B 296 -14.53 8.19 24.12
N VAL B 297 -14.06 9.40 24.31
CA VAL B 297 -14.37 10.11 25.55
C VAL B 297 -15.78 10.67 25.45
N ALA B 298 -16.45 10.76 26.59
CA ALA B 298 -17.84 11.19 26.65
C ALA B 298 -17.97 12.69 26.38
N ALA B 299 -17.41 13.49 27.27
CA ALA B 299 -17.33 14.93 27.17
C ALA B 299 -15.86 15.31 27.02
N LEU B 300 -15.54 16.58 27.18
CA LEU B 300 -14.13 16.99 27.18
C LEU B 300 -13.66 17.55 28.51
N SER B 301 -14.58 17.88 29.42
CA SER B 301 -14.20 18.36 30.74
C SER B 301 -13.65 17.27 31.64
N ASP B 302 -13.91 16.01 31.31
CA ASP B 302 -13.38 14.86 32.03
C ASP B 302 -11.98 14.47 31.60
N LEU B 303 -11.45 15.16 30.59
CA LEU B 303 -10.23 14.76 29.93
C LEU B 303 -9.00 15.49 30.46
N LEU B 304 -9.20 16.49 31.33
CA LEU B 304 -8.17 17.45 31.65
C LEU B 304 -7.34 17.01 32.85
N TRP B 305 -6.06 17.38 32.82
CA TRP B 305 -5.11 17.04 33.86
C TRP B 305 -5.05 18.14 34.90
N TYR B 306 -4.93 17.75 36.17
CA TYR B 306 -4.91 18.68 37.28
C TYR B 306 -3.82 18.24 38.24
N HIS B 307 -3.24 19.21 38.94
CA HIS B 307 -2.24 18.94 39.96
C HIS B 307 -2.88 19.06 41.33
N HIS B 308 -2.72 18.02 42.14
CA HIS B 308 -3.26 18.04 43.50
C HIS B 308 -2.23 17.44 44.45
N ALA B 309 -1.89 18.20 45.49
CA ALA B 309 -0.81 17.85 46.40
C ALA B 309 -1.31 17.81 47.83
N GLU B 310 -0.83 16.84 48.60
CA GLU B 310 -1.08 16.80 50.03
C GLU B 310 0.21 17.18 50.74
N PRO B 311 0.38 18.45 51.13
CA PRO B 311 1.72 18.94 51.46
C PRO B 311 2.25 18.53 52.82
N ASP B 312 1.39 18.18 53.79
CA ASP B 312 1.89 17.75 55.09
C ASP B 312 2.55 16.38 54.98
N LYS B 313 1.96 15.48 54.20
CA LYS B 313 2.61 14.26 53.76
C LYS B 313 3.47 14.62 52.53
N GLY B 314 4.06 13.62 51.89
CA GLY B 314 4.87 13.91 50.75
C GLY B 314 4.23 13.60 49.42
N LEU B 315 2.91 13.49 49.39
CA LEU B 315 2.21 13.06 48.18
C LEU B 315 1.94 14.29 47.33
N TYR B 316 2.76 14.45 46.29
CA TYR B 316 2.57 15.45 45.25
C TYR B 316 2.29 14.69 43.98
N ARG B 317 1.14 14.91 43.37
CA ARG B 317 0.84 14.14 42.16
C ARG B 317 -0.03 14.95 41.22
N TRP B 318 -0.22 14.39 40.03
CA TRP B 318 -1.13 14.91 39.03
C TRP B 318 -1.90 13.75 38.41
N SER B 319 -3.13 14.03 38.00
CA SER B 319 -3.96 13.02 37.36
C SER B 319 -5.04 13.74 36.56
N THR B 320 -5.97 12.95 36.01
CA THR B 320 -7.21 13.46 35.44
C THR B 320 -8.37 13.09 36.36
N PRO B 321 -8.69 13.92 37.35
CA PRO B 321 -9.81 13.59 38.23
C PRO B 321 -11.13 13.74 37.51
N ARG B 322 -12.08 12.90 37.92
CA ARG B 322 -13.40 12.77 37.31
C ARG B 322 -13.28 12.44 35.82
N PHE B 323 -12.61 11.33 35.52
CA PHE B 323 -12.65 10.73 34.18
C PHE B 323 -13.59 9.52 34.20
N VAL B 324 -13.29 8.53 35.03
CA VAL B 324 -14.22 7.43 35.30
C VAL B 324 -14.28 7.24 36.81
N LEU C 8 -51.61 -11.67 12.93
CA LEU C 8 -50.70 -11.70 11.78
C LEU C 8 -50.00 -10.35 11.63
N SER C 9 -48.74 -10.39 11.24
CA SER C 9 -47.99 -9.19 10.90
C SER C 9 -48.01 -9.00 9.38
N THR C 10 -47.26 -8.03 8.88
CA THR C 10 -47.17 -7.84 7.45
C THR C 10 -46.04 -8.69 6.87
N ALA C 11 -46.03 -8.81 5.55
CA ALA C 11 -44.96 -9.54 4.88
C ALA C 11 -43.69 -8.69 4.86
N SER C 12 -42.56 -9.34 5.10
CA SER C 12 -41.29 -8.63 5.02
C SER C 12 -40.96 -8.26 3.59
N VAL C 13 -41.31 -9.11 2.64
CA VAL C 13 -41.13 -8.83 1.21
C VAL C 13 -42.50 -8.84 0.57
N LEU C 14 -43.01 -7.66 0.24
CA LEU C 14 -44.11 -7.54 -0.69
C LEU C 14 -43.62 -6.86 -1.95
N ALA C 15 -44.17 -7.29 -3.08
CA ALA C 15 -43.93 -6.63 -4.34
C ALA C 15 -45.18 -6.74 -5.17
N PHE C 16 -45.50 -5.67 -5.87
CA PHE C 16 -46.64 -5.61 -6.76
C PHE C 16 -46.16 -5.19 -8.12
N GLU C 17 -46.61 -5.85 -9.17
CA GLU C 17 -46.24 -5.45 -10.51
C GLU C 17 -47.37 -4.63 -11.11
N ARG C 18 -47.00 -3.66 -11.93
CA ARG C 18 -47.90 -2.56 -12.23
C ARG C 18 -48.97 -2.96 -13.23
N LYS C 19 -50.09 -2.27 -13.13
CA LYS C 19 -51.14 -2.31 -14.12
C LYS C 19 -51.19 -0.92 -14.73
N LEU C 20 -51.86 -0.83 -15.89
CA LEU C 20 -51.83 0.36 -16.76
C LEU C 20 -50.39 0.73 -17.11
N ASP C 21 -49.76 -0.15 -17.87
CA ASP C 21 -48.39 0.09 -18.29
C ASP C 21 -48.36 0.66 -19.70
N PRO C 22 -47.90 1.90 -19.87
CA PRO C 22 -47.88 2.51 -21.20
C PRO C 22 -46.58 2.25 -21.95
N SER C 23 -46.47 2.76 -23.16
CA SER C 23 -45.25 2.69 -23.93
C SER C 23 -44.67 4.10 -24.12
N ASP C 24 -43.43 4.15 -24.58
CA ASP C 24 -42.77 5.41 -24.90
C ASP C 24 -43.49 6.08 -26.07
N ALA C 25 -44.17 7.18 -25.81
CA ALA C 25 -44.93 7.84 -26.85
C ALA C 25 -44.02 8.54 -27.83
N LEU C 26 -44.31 8.40 -29.11
CA LEU C 26 -43.47 8.95 -30.16
C LEU C 26 -44.16 10.18 -30.72
N MET C 27 -43.40 11.25 -30.88
CA MET C 27 -43.95 12.49 -31.41
C MET C 27 -43.62 12.60 -32.89
N SER C 28 -44.63 12.93 -33.68
CA SER C 28 -44.45 13.20 -35.09
C SER C 28 -45.27 14.44 -35.44
N ALA C 29 -44.70 15.32 -36.25
CA ALA C 29 -45.37 16.56 -36.57
C ALA C 29 -46.13 16.43 -37.89
N GLY C 30 -46.85 17.48 -38.22
CA GLY C 30 -47.67 17.47 -39.41
C GLY C 30 -48.67 18.60 -39.35
N ALA C 31 -49.34 18.82 -40.48
CA ALA C 31 -50.30 19.91 -40.59
C ALA C 31 -51.68 19.45 -40.16
N TRP C 32 -52.44 20.37 -39.58
CA TRP C 32 -53.83 20.12 -39.24
C TRP C 32 -54.64 19.96 -40.52
N ALA C 33 -55.78 19.27 -40.40
CA ALA C 33 -56.64 18.78 -41.49
C ALA C 33 -55.94 17.79 -42.42
N GLN C 34 -54.75 17.32 -42.05
CA GLN C 34 -54.24 16.01 -42.44
C GLN C 34 -54.58 14.99 -41.37
N ARG C 35 -55.73 15.18 -40.74
CA ARG C 35 -56.01 14.64 -39.42
C ARG C 35 -56.61 13.25 -39.51
N ASP C 36 -57.03 12.85 -40.72
CA ASP C 36 -57.52 11.50 -40.96
C ASP C 36 -56.43 10.63 -41.56
N ALA C 37 -55.49 11.23 -42.30
CA ALA C 37 -54.40 10.53 -42.96
C ALA C 37 -53.10 10.62 -42.16
N SER C 38 -53.21 10.57 -40.83
CA SER C 38 -52.08 10.88 -39.94
C SER C 38 -51.08 9.75 -39.81
N GLN C 39 -51.24 8.65 -40.53
CA GLN C 39 -50.35 7.51 -40.34
C GLN C 39 -49.01 7.69 -41.02
N GLU C 40 -48.90 8.60 -41.98
CA GLU C 40 -47.67 8.84 -42.72
C GLU C 40 -47.05 10.20 -42.40
N TRP C 41 -47.29 10.73 -41.21
CA TRP C 41 -46.69 12.00 -40.84
C TRP C 41 -45.21 11.79 -40.54
N PRO C 42 -44.34 12.74 -40.90
CA PRO C 42 -42.93 12.61 -40.57
C PRO C 42 -42.67 12.87 -39.10
N ALA C 43 -41.62 12.25 -38.59
CA ALA C 43 -41.34 12.29 -37.16
C ALA C 43 -40.65 13.60 -36.78
N VAL C 44 -40.41 13.76 -35.48
CA VAL C 44 -39.78 14.94 -34.91
C VAL C 44 -38.38 14.55 -34.46
N THR C 45 -37.38 15.29 -34.93
CA THR C 45 -35.99 14.94 -34.71
C THR C 45 -35.37 15.85 -33.64
N VAL C 46 -34.52 15.28 -32.81
CA VAL C 46 -33.75 16.03 -31.83
C VAL C 46 -32.46 16.50 -32.48
N ARG C 47 -32.19 17.79 -32.40
CA ARG C 47 -31.06 18.40 -33.09
C ARG C 47 -30.30 19.31 -32.13
N GLU C 48 -29.29 19.97 -32.68
CA GLU C 48 -28.38 20.84 -31.95
C GLU C 48 -28.66 22.30 -32.29
N LYS C 49 -28.58 23.18 -31.28
CA LYS C 49 -28.51 24.61 -31.51
C LYS C 49 -27.47 25.21 -30.57
N SER C 50 -27.10 26.46 -30.85
CA SER C 50 -26.24 27.23 -29.96
C SER C 50 -26.58 28.71 -30.06
N GLN C 79 -23.18 27.96 -26.43
CA GLN C 79 -23.58 26.84 -25.59
C GLN C 79 -23.70 25.57 -26.42
N THR C 80 -24.09 24.47 -25.78
CA THR C 80 -24.30 23.21 -26.48
C THR C 80 -25.49 22.51 -25.82
N VAL C 81 -26.67 22.69 -26.41
CA VAL C 81 -27.90 22.09 -25.91
C VAL C 81 -28.53 21.28 -27.04
N ASP C 82 -29.55 20.51 -26.69
CA ASP C 82 -30.35 19.79 -27.67
C ASP C 82 -31.81 20.20 -27.53
N VAL C 83 -32.42 20.58 -28.65
CA VAL C 83 -33.82 20.98 -28.69
C VAL C 83 -34.51 20.22 -29.81
N ALA C 84 -35.84 20.27 -29.79
CA ALA C 84 -36.63 19.65 -30.84
C ALA C 84 -37.77 20.59 -31.19
N ASN C 85 -37.99 20.76 -32.49
CA ASN C 85 -39.00 21.67 -33.00
C ASN C 85 -39.77 20.98 -34.10
N LEU C 86 -40.94 21.54 -34.43
CA LEU C 86 -41.65 21.03 -35.58
C LEU C 86 -40.98 21.54 -36.85
N PRO C 87 -41.23 20.90 -37.99
CA PRO C 87 -40.90 21.54 -39.28
C PRO C 87 -41.73 22.79 -39.48
N SER C 88 -41.20 23.69 -40.31
CA SER C 88 -41.76 25.02 -40.46
C SER C 88 -43.10 25.06 -41.20
N ASP C 89 -43.49 24.00 -41.87
CA ASP C 89 -44.81 23.90 -42.48
C ASP C 89 -45.76 23.01 -41.70
N ALA C 90 -45.38 22.61 -40.48
CA ALA C 90 -46.16 21.69 -39.67
C ALA C 90 -46.55 22.39 -38.38
N ASP C 91 -47.84 22.40 -38.07
CA ASP C 91 -48.33 23.05 -36.85
C ASP C 91 -48.82 22.09 -35.79
N THR C 92 -49.27 20.90 -36.17
CA THR C 92 -49.95 19.98 -35.26
C THR C 92 -49.00 18.88 -34.83
N LEU C 93 -48.69 18.83 -33.55
CA LEU C 93 -47.99 17.69 -32.99
C LEU C 93 -48.93 16.48 -32.92
N LYS C 94 -48.34 15.29 -33.01
CA LYS C 94 -49.08 14.04 -32.89
C LYS C 94 -48.32 13.11 -31.95
N VAL C 95 -48.96 12.73 -30.86
CA VAL C 95 -48.37 11.86 -29.85
C VAL C 95 -49.15 10.55 -29.83
N ARG C 96 -48.44 9.44 -29.98
CA ARG C 96 -49.06 8.12 -30.09
C ARG C 96 -48.38 7.14 -29.15
N PHE C 97 -49.18 6.44 -28.34
CA PHE C 97 -48.67 5.36 -27.51
C PHE C 97 -49.82 4.40 -27.26
N THR C 98 -49.49 3.19 -26.85
CA THR C 98 -50.48 2.20 -26.48
C THR C 98 -50.42 1.91 -24.99
N LEU C 99 -51.40 1.15 -24.52
CA LEU C 99 -51.61 0.98 -23.09
C LEU C 99 -52.33 -0.34 -22.83
N ARG C 100 -51.74 -1.21 -22.03
CA ARG C 100 -52.39 -2.44 -21.59
C ARG C 100 -52.99 -2.25 -20.20
N VAL C 101 -54.26 -2.56 -20.07
CA VAL C 101 -54.96 -2.51 -18.80
C VAL C 101 -55.09 -3.95 -18.32
N LEU C 102 -54.22 -4.36 -17.40
CA LEU C 102 -54.01 -5.80 -17.15
C LEU C 102 -55.09 -6.42 -16.28
N GLY C 103 -55.17 -6.02 -15.03
CA GLY C 103 -56.13 -6.68 -14.18
C GLY C 103 -55.50 -7.75 -13.31
N GLY C 104 -56.09 -7.96 -12.14
CA GLY C 104 -55.49 -8.75 -11.10
C GLY C 104 -54.71 -7.84 -10.17
N ALA C 105 -55.37 -6.76 -9.74
CA ALA C 105 -54.67 -5.65 -9.11
C ALA C 105 -54.19 -5.98 -7.72
N GLY C 106 -54.99 -6.72 -6.96
CA GLY C 106 -54.62 -6.96 -5.57
C GLY C 106 -53.55 -8.01 -5.38
N THR C 107 -53.33 -8.87 -6.36
CA THR C 107 -52.50 -10.05 -6.17
C THR C 107 -51.03 -9.68 -6.24
N PRO C 108 -50.26 -9.90 -5.18
CA PRO C 108 -48.84 -9.55 -5.22
C PRO C 108 -48.04 -10.53 -6.06
N SER C 109 -46.76 -10.19 -6.26
CA SER C 109 -45.88 -11.05 -7.03
C SER C 109 -44.63 -11.45 -6.25
N ALA C 110 -44.58 -11.15 -4.95
CA ALA C 110 -43.57 -11.67 -4.04
C ALA C 110 -44.13 -11.53 -2.63
N CYS C 111 -44.04 -12.60 -1.84
CA CYS C 111 -44.81 -12.65 -0.60
C CYS C 111 -44.28 -13.68 0.38
N ASN C 112 -43.83 -13.25 1.56
CA ASN C 112 -43.36 -14.18 2.57
C ASN C 112 -44.51 -14.97 3.21
N ASP C 113 -45.43 -14.26 3.87
CA ASP C 113 -46.48 -14.89 4.66
C ASP C 113 -47.68 -15.20 3.78
N ALA C 114 -48.04 -16.47 3.68
CA ALA C 114 -49.22 -16.86 2.92
C ALA C 114 -50.52 -16.47 3.59
N ALA C 115 -50.51 -16.34 4.92
CA ALA C 115 -51.71 -15.87 5.62
C ALA C 115 -51.97 -14.40 5.34
N TYR C 116 -50.89 -13.60 5.27
CA TYR C 116 -51.04 -12.19 4.94
C TYR C 116 -51.55 -12.02 3.51
N ARG C 117 -51.11 -12.89 2.60
CA ARG C 117 -51.62 -12.87 1.23
C ARG C 117 -53.09 -13.23 1.18
N ASP C 118 -53.51 -14.22 1.97
CA ASP C 118 -54.91 -14.61 1.98
C ASP C 118 -55.80 -13.49 2.52
N LYS C 119 -55.33 -12.80 3.56
CA LYS C 119 -56.10 -11.70 4.10
C LYS C 119 -56.14 -10.51 3.13
N LEU C 120 -55.03 -10.26 2.42
CA LEU C 120 -55.00 -9.18 1.45
C LEU C 120 -55.89 -9.47 0.25
N LEU C 121 -55.92 -10.72 -0.20
CA LEU C 121 -56.80 -11.05 -1.32
C LEU C 121 -58.26 -11.03 -0.92
N GLN C 122 -58.57 -11.42 0.32
CA GLN C 122 -59.95 -11.27 0.80
C GLN C 122 -60.33 -9.80 0.96
N THR C 123 -59.37 -8.96 1.35
CA THR C 123 -59.63 -7.53 1.47
C THR C 123 -59.89 -6.88 0.12
N VAL C 124 -59.08 -7.22 -0.88
CA VAL C 124 -59.27 -6.64 -2.21
C VAL C 124 -60.53 -7.20 -2.87
N ALA C 125 -60.85 -8.47 -2.62
CA ALA C 125 -62.11 -9.02 -3.11
C ALA C 125 -63.30 -8.38 -2.42
N THR C 126 -63.15 -8.01 -1.14
CA THR C 126 -64.19 -7.25 -0.44
C THR C 126 -64.37 -5.88 -1.07
N TYR C 127 -63.27 -5.23 -1.45
CA TYR C 127 -63.35 -3.97 -2.18
C TYR C 127 -64.09 -4.12 -3.50
N VAL C 128 -63.76 -5.17 -4.26
CA VAL C 128 -64.33 -5.34 -5.60
C VAL C 128 -65.82 -5.70 -5.51
N ASN C 129 -66.19 -6.55 -4.55
CA ASN C 129 -67.59 -6.89 -4.41
C ASN C 129 -68.42 -5.81 -3.74
N ASP C 130 -67.79 -4.89 -2.99
CA ASP C 130 -68.52 -3.70 -2.55
C ASP C 130 -68.79 -2.77 -3.72
N GLN C 131 -67.78 -2.51 -4.54
CA GLN C 131 -67.92 -1.62 -5.67
C GLN C 131 -66.87 -1.98 -6.72
N GLY C 132 -67.25 -1.83 -7.98
CA GLY C 132 -66.34 -2.13 -9.07
C GLY C 132 -65.24 -1.09 -9.19
N PHE C 133 -64.41 -1.28 -10.20
CA PHE C 133 -63.31 -0.35 -10.42
C PHE C 133 -63.75 0.92 -11.15
N ALA C 134 -65.05 1.14 -11.28
CA ALA C 134 -65.61 2.14 -12.17
C ALA C 134 -65.30 3.57 -11.75
N GLU C 135 -65.05 3.83 -10.47
CA GLU C 135 -64.61 5.17 -10.08
C GLU C 135 -63.16 5.40 -10.47
N LEU C 136 -62.29 4.44 -10.14
CA LEU C 136 -60.91 4.48 -10.61
C LEU C 136 -60.85 4.42 -12.13
N ALA C 137 -61.75 3.67 -12.76
CA ALA C 137 -61.78 3.63 -14.21
C ALA C 137 -62.20 4.96 -14.81
N ARG C 138 -63.14 5.68 -14.17
CA ARG C 138 -63.51 6.99 -14.70
C ARG C 138 -62.40 8.01 -14.49
N ARG C 139 -61.66 7.92 -13.40
CA ARG C 139 -60.60 8.89 -13.21
C ARG C 139 -59.37 8.61 -14.08
N TYR C 140 -59.07 7.33 -14.32
CA TYR C 140 -58.06 6.96 -15.32
C TYR C 140 -58.50 7.35 -16.72
N ALA C 141 -59.78 7.18 -17.05
CA ALA C 141 -60.29 7.60 -18.35
C ALA C 141 -60.38 9.11 -18.46
N HIS C 142 -60.47 9.82 -17.34
CA HIS C 142 -60.39 11.29 -17.41
C HIS C 142 -58.95 11.73 -17.65
N ASN C 143 -57.97 11.07 -17.04
CA ASN C 143 -56.59 11.39 -17.34
C ASN C 143 -56.19 11.00 -18.76
N LEU C 144 -56.87 10.03 -19.37
CA LEU C 144 -56.68 9.77 -20.80
C LEU C 144 -57.49 10.71 -21.68
N ALA C 145 -58.62 11.21 -21.20
CA ALA C 145 -59.52 11.97 -22.06
C ALA C 145 -59.04 13.40 -22.24
N ASN C 146 -58.44 13.98 -21.21
CA ASN C 146 -57.64 15.18 -21.37
C ASN C 146 -56.25 14.78 -21.85
N ALA C 147 -55.29 15.68 -21.80
CA ALA C 147 -53.96 15.37 -22.31
C ALA C 147 -52.92 15.65 -21.23
N ARG C 148 -53.12 15.03 -20.05
CA ARG C 148 -52.12 15.12 -18.98
C ARG C 148 -50.75 14.63 -19.41
N PHE C 149 -50.71 13.66 -20.32
CA PHE C 149 -49.45 13.19 -20.89
C PHE C 149 -48.82 14.18 -21.85
N LEU C 150 -49.53 15.23 -22.25
CA LEU C 150 -48.93 16.37 -22.94
C LEU C 150 -48.60 17.40 -21.86
N TRP C 151 -47.40 17.30 -21.32
CA TRP C 151 -47.07 18.03 -20.11
C TRP C 151 -46.90 19.52 -20.33
N ARG C 152 -45.87 19.90 -21.06
CA ARG C 152 -45.70 21.30 -21.42
C ARG C 152 -46.29 21.59 -22.79
N ASN C 153 -46.51 20.54 -23.58
CA ASN C 153 -47.00 20.66 -24.94
C ASN C 153 -48.47 21.06 -25.01
N ARG C 154 -49.21 20.89 -23.91
CA ARG C 154 -50.60 21.30 -23.87
C ARG C 154 -50.74 22.76 -23.47
N VAL C 155 -49.92 23.21 -22.52
CA VAL C 155 -49.89 24.59 -22.06
C VAL C 155 -49.50 25.50 -23.22
N GLY C 156 -50.45 26.30 -23.67
CA GLY C 156 -50.28 27.04 -24.91
C GLY C 156 -50.57 26.19 -26.12
N ALA C 157 -51.80 25.73 -26.23
CA ALA C 157 -52.27 25.03 -27.42
C ALA C 157 -53.73 25.43 -27.64
N GLU C 158 -54.08 25.71 -28.89
CA GLU C 158 -55.39 26.27 -29.17
C GLU C 158 -56.42 25.25 -29.61
N ALA C 159 -56.04 23.99 -29.77
CA ALA C 159 -56.96 22.89 -30.00
C ALA C 159 -56.23 21.59 -29.71
N VAL C 160 -56.82 20.74 -28.87
CA VAL C 160 -56.28 19.42 -28.61
C VAL C 160 -57.39 18.41 -28.84
N GLU C 161 -57.12 17.39 -29.65
CA GLU C 161 -58.04 16.30 -29.93
C GLU C 161 -57.40 14.98 -29.58
N VAL C 162 -58.06 14.18 -28.76
CA VAL C 162 -57.54 12.89 -28.33
C VAL C 162 -58.42 11.81 -28.93
N ARG C 163 -57.85 11.05 -29.87
CA ARG C 163 -58.52 9.91 -30.48
C ARG C 163 -58.03 8.64 -29.80
N ILE C 164 -58.96 7.80 -29.35
CA ILE C 164 -58.63 6.60 -28.59
C ILE C 164 -59.32 5.41 -29.24
N ASN C 165 -58.54 4.39 -29.58
CA ASN C 165 -59.03 3.19 -30.23
C ASN C 165 -58.84 1.98 -29.32
N HIS C 166 -59.83 1.09 -29.30
CA HIS C 166 -59.66 -0.21 -28.67
C HIS C 166 -59.25 -1.24 -29.71
N ILE C 167 -58.21 -1.99 -29.40
CA ILE C 167 -57.53 -2.86 -30.36
C ILE C 167 -57.55 -4.28 -29.83
N ARG C 168 -58.24 -5.17 -30.53
CA ARG C 168 -58.12 -6.61 -30.23
C ARG C 168 -57.10 -7.24 -31.18
N GLN C 169 -57.46 -7.36 -32.45
CA GLN C 169 -56.52 -7.67 -33.51
C GLN C 169 -56.13 -6.33 -34.14
N GLY C 170 -55.44 -6.35 -35.27
CA GLY C 170 -55.06 -5.10 -35.90
C GLY C 170 -56.22 -4.35 -36.53
N GLU C 171 -57.15 -3.93 -35.68
CA GLU C 171 -58.48 -3.47 -36.05
C GLU C 171 -58.91 -2.42 -35.06
N VAL C 172 -59.93 -1.66 -35.42
CA VAL C 172 -60.58 -0.73 -34.52
C VAL C 172 -61.89 -1.38 -34.11
N ALA C 173 -61.93 -1.91 -32.89
CA ALA C 173 -63.19 -2.43 -32.37
C ALA C 173 -64.17 -1.30 -32.09
N ARG C 174 -63.79 -0.37 -31.22
CA ARG C 174 -64.55 0.85 -31.02
C ARG C 174 -63.60 2.02 -30.86
N ALA C 175 -63.94 3.14 -31.51
CA ALA C 175 -63.14 4.36 -31.47
C ALA C 175 -63.81 5.41 -30.61
N TRP C 176 -62.99 6.29 -30.02
CA TRP C 176 -63.48 7.41 -29.24
C TRP C 176 -62.59 8.61 -29.53
N ARG C 177 -63.11 9.61 -30.24
CA ARG C 177 -62.41 10.87 -30.40
C ARG C 177 -63.06 11.93 -29.51
N PHE C 178 -62.23 12.85 -29.04
CA PHE C 178 -62.61 13.73 -27.92
C PHE C 178 -62.28 15.18 -28.23
N ASP C 179 -62.37 16.01 -27.19
CA ASP C 179 -61.97 17.42 -27.24
C ASP C 179 -61.37 17.71 -25.86
N ALA C 180 -60.05 17.63 -25.78
CA ALA C 180 -59.37 17.61 -24.49
C ALA C 180 -59.26 18.97 -23.83
N LEU C 181 -59.72 20.04 -24.48
CA LEU C 181 -59.79 21.32 -23.81
C LEU C 181 -61.15 21.57 -23.17
N ALA C 182 -62.22 21.02 -23.74
CA ALA C 182 -63.51 21.07 -23.08
C ALA C 182 -63.54 20.16 -21.86
N ILE C 183 -63.08 18.92 -22.02
CA ILE C 183 -62.88 18.03 -20.89
C ILE C 183 -61.73 18.58 -20.08
N GLY C 184 -62.02 19.16 -18.93
CA GLY C 184 -61.04 19.95 -18.23
C GLY C 184 -59.95 19.11 -17.60
N LEU C 185 -58.84 19.77 -17.31
CA LEU C 185 -57.74 19.18 -16.57
C LEU C 185 -58.01 19.16 -15.07
N ARG C 186 -59.06 19.82 -14.61
CA ARG C 186 -59.26 20.16 -13.21
C ARG C 186 -60.53 19.56 -12.62
N ASP C 187 -61.66 19.67 -13.32
CA ASP C 187 -62.97 19.31 -12.79
C ASP C 187 -63.50 18.14 -13.61
N PHE C 188 -63.59 16.97 -12.99
CA PHE C 188 -64.05 15.76 -13.64
C PHE C 188 -65.56 15.78 -13.85
N LYS C 189 -66.01 16.20 -15.04
CA LYS C 189 -67.43 16.31 -15.34
C LYS C 189 -68.06 14.97 -15.72
N ALA C 190 -69.28 15.01 -16.26
CA ALA C 190 -70.03 13.82 -16.62
C ALA C 190 -70.19 13.74 -18.13
N ASP C 191 -69.97 12.55 -18.68
CA ASP C 191 -70.06 12.30 -20.11
C ASP C 191 -70.29 10.83 -20.34
N ALA C 192 -71.07 10.49 -21.37
CA ALA C 192 -71.44 9.10 -21.63
C ALA C 192 -70.35 8.34 -22.37
N GLU C 193 -69.58 9.02 -23.22
CA GLU C 193 -68.49 8.35 -23.91
C GLU C 193 -67.37 7.98 -22.93
N LEU C 194 -67.11 8.85 -21.96
CA LEU C 194 -66.26 8.50 -20.84
C LEU C 194 -66.83 7.35 -20.02
N ASP C 195 -68.15 7.23 -19.94
CA ASP C 195 -68.74 6.12 -19.20
C ASP C 195 -68.52 4.79 -19.94
N ALA C 196 -68.63 4.80 -21.27
CA ALA C 196 -68.33 3.60 -22.04
C ALA C 196 -66.85 3.24 -21.95
N LEU C 197 -65.99 4.24 -22.05
CA LEU C 197 -64.55 3.99 -22.02
C LEU C 197 -64.10 3.53 -20.64
N ALA C 198 -64.77 4.00 -19.59
CA ALA C 198 -64.50 3.52 -18.25
C ALA C 198 -65.11 2.15 -17.99
N GLU C 199 -66.21 1.79 -18.66
CA GLU C 199 -66.67 0.40 -18.62
C GLU C 199 -65.62 -0.54 -19.21
N LEU C 200 -64.99 -0.11 -20.31
CA LEU C 200 -63.93 -0.91 -20.92
C LEU C 200 -62.72 -1.05 -19.99
N ILE C 201 -62.29 0.07 -19.40
CA ILE C 201 -61.14 0.02 -18.50
C ILE C 201 -61.46 -0.74 -17.22
N ALA C 202 -62.72 -0.69 -16.76
CA ALA C 202 -63.10 -1.44 -15.59
C ALA C 202 -63.16 -2.93 -15.87
N SER C 203 -63.59 -3.32 -17.08
CA SER C 203 -63.52 -4.71 -17.47
C SER C 203 -62.08 -5.19 -17.59
N GLY C 204 -61.18 -4.30 -17.98
CA GLY C 204 -59.77 -4.67 -18.01
C GLY C 204 -59.13 -4.77 -16.65
N LEU C 205 -59.52 -3.91 -15.71
CA LEU C 205 -58.93 -3.92 -14.38
C LEU C 205 -59.47 -5.06 -13.53
N SER C 206 -60.67 -5.53 -13.83
CA SER C 206 -61.24 -6.65 -13.09
C SER C 206 -60.55 -7.95 -13.46
N GLY C 207 -60.42 -8.21 -14.75
CA GLY C 207 -59.88 -9.46 -15.24
C GLY C 207 -60.89 -10.11 -16.16
N SER C 208 -61.74 -9.30 -16.76
CA SER C 208 -62.87 -9.77 -17.54
C SER C 208 -62.74 -9.46 -19.03
N GLY C 209 -61.54 -9.14 -19.50
CA GLY C 209 -61.38 -8.84 -20.91
C GLY C 209 -59.99 -8.33 -21.20
N HIS C 210 -59.69 -8.27 -22.49
CA HIS C 210 -58.41 -7.78 -22.98
C HIS C 210 -58.57 -6.36 -23.47
N VAL C 211 -57.90 -5.43 -22.81
CA VAL C 211 -58.00 -4.01 -23.14
C VAL C 211 -56.64 -3.53 -23.61
N LEU C 212 -56.57 -3.09 -24.86
CA LEU C 212 -55.38 -2.50 -25.45
C LEU C 212 -55.82 -1.20 -26.10
N LEU C 213 -55.58 -0.09 -25.42
CA LEU C 213 -55.98 1.21 -25.91
C LEU C 213 -54.83 1.84 -26.66
N GLU C 214 -55.12 2.37 -27.85
CA GLU C 214 -54.18 3.20 -28.59
C GLU C 214 -54.62 4.66 -28.46
N VAL C 215 -53.70 5.51 -28.05
CA VAL C 215 -54.01 6.90 -27.73
C VAL C 215 -53.29 7.79 -28.74
N VAL C 216 -54.04 8.62 -29.45
CA VAL C 216 -53.50 9.58 -30.41
C VAL C 216 -53.96 10.97 -30.00
N ALA C 217 -53.00 11.86 -29.74
CA ALA C 217 -53.31 13.22 -29.29
C ALA C 217 -52.76 14.23 -30.28
N PHE C 218 -53.65 14.82 -31.06
CA PHE C 218 -53.33 15.96 -31.91
C PHE C 218 -53.37 17.24 -31.09
N ALA C 219 -52.47 18.17 -31.37
CA ALA C 219 -52.39 19.41 -30.60
C ALA C 219 -51.80 20.51 -31.46
N ARG C 220 -52.58 21.56 -31.74
CA ARG C 220 -52.07 22.71 -32.48
C ARG C 220 -51.12 23.51 -31.60
N ILE C 221 -49.88 23.64 -32.02
CA ILE C 221 -48.93 24.52 -31.37
C ILE C 221 -48.56 25.70 -32.25
N GLY C 222 -48.69 25.57 -33.56
CA GLY C 222 -48.24 26.55 -34.52
C GLY C 222 -47.08 26.03 -35.34
N ASP C 223 -46.85 26.67 -36.48
CA ASP C 223 -45.81 26.21 -37.39
C ASP C 223 -44.43 26.47 -36.82
N GLY C 224 -43.56 25.47 -36.93
CA GLY C 224 -42.18 25.58 -36.50
C GLY C 224 -41.95 25.78 -35.01
N GLN C 225 -42.97 25.56 -34.20
CA GLN C 225 -42.86 25.83 -32.78
C GLN C 225 -42.04 24.74 -32.08
N GLU C 226 -41.91 24.88 -30.76
CA GLU C 226 -41.08 23.99 -29.98
C GLU C 226 -41.94 22.95 -29.29
N VAL C 227 -41.50 21.70 -29.37
CA VAL C 227 -42.08 20.62 -28.59
C VAL C 227 -41.21 20.39 -27.37
N PHE C 228 -41.73 19.63 -26.42
CA PHE C 228 -41.01 19.35 -25.17
C PHE C 228 -41.04 17.86 -24.90
N PRO C 229 -40.14 17.11 -25.52
CA PRO C 229 -39.95 15.71 -25.10
C PRO C 229 -39.19 15.66 -23.79
N SER C 230 -39.10 14.45 -23.26
CA SER C 230 -38.47 14.28 -21.97
C SER C 230 -36.96 14.24 -22.13
N GLN C 231 -36.27 14.37 -21.00
CA GLN C 231 -34.89 14.80 -20.97
C GLN C 231 -34.04 13.76 -20.28
N GLU C 232 -33.04 13.24 -20.98
CA GLU C 232 -32.15 12.24 -20.41
C GLU C 232 -31.09 12.90 -19.52
N LEU C 233 -30.31 12.07 -18.85
CA LEU C 233 -29.21 12.52 -18.01
C LEU C 233 -27.98 12.80 -18.85
N LYS C 246 -27.51 18.06 -20.66
CA LYS C 246 -28.90 18.03 -21.11
C LYS C 246 -29.04 17.53 -22.54
N THR C 247 -29.60 16.34 -22.68
CA THR C 247 -30.01 15.81 -23.97
C THR C 247 -31.47 15.42 -23.89
N LEU C 248 -32.09 15.25 -25.04
CA LEU C 248 -33.48 14.84 -25.10
C LEU C 248 -33.57 13.35 -25.36
N TYR C 249 -34.58 12.72 -24.75
CA TYR C 249 -34.80 11.30 -24.93
C TYR C 249 -35.26 11.00 -26.34
N SER C 250 -34.67 9.98 -26.95
CA SER C 250 -35.02 9.60 -28.30
C SER C 250 -35.10 8.09 -28.44
N VAL C 251 -35.69 7.69 -29.56
CA VAL C 251 -35.84 6.31 -30.01
C VAL C 251 -35.08 6.28 -31.33
N ARG C 252 -35.35 5.28 -32.18
CA ARG C 252 -34.65 5.16 -33.46
C ARG C 252 -34.95 6.37 -34.35
N ASP C 253 -34.25 7.47 -34.06
CA ASP C 253 -34.30 8.74 -34.80
C ASP C 253 -35.70 9.36 -34.77
N ALA C 254 -36.23 9.54 -33.56
CA ALA C 254 -37.45 10.30 -33.31
C ALA C 254 -37.46 10.68 -31.83
N ALA C 255 -38.15 11.77 -31.52
CA ALA C 255 -38.23 12.27 -30.15
C ALA C 255 -39.37 11.61 -29.41
N ALA C 256 -39.18 11.41 -28.11
CA ALA C 256 -40.12 10.58 -27.36
C ALA C 256 -40.17 10.99 -25.90
N ILE C 257 -41.28 10.63 -25.26
CA ILE C 257 -41.51 10.82 -23.84
C ILE C 257 -41.28 9.48 -23.15
N HIS C 258 -40.68 9.50 -21.95
CA HIS C 258 -40.50 8.27 -21.19
C HIS C 258 -41.86 7.66 -20.85
N SER C 259 -41.84 6.35 -20.60
CA SER C 259 -43.10 5.67 -20.32
C SER C 259 -43.60 5.97 -18.92
N GLN C 260 -42.68 6.09 -17.95
CA GLN C 260 -43.09 6.35 -16.58
C GLN C 260 -43.66 7.75 -16.41
N LYS C 261 -43.33 8.69 -17.28
CA LYS C 261 -43.90 10.02 -17.18
C LYS C 261 -45.36 10.01 -17.61
N ILE C 262 -45.71 9.22 -18.63
CA ILE C 262 -47.11 9.09 -19.00
C ILE C 262 -47.86 8.24 -17.98
N GLY C 263 -47.19 7.25 -17.39
CA GLY C 263 -47.80 6.52 -16.29
C GLY C 263 -48.04 7.38 -15.08
N ASN C 264 -47.22 8.41 -14.88
CA ASN C 264 -47.48 9.40 -13.85
C ASN C 264 -48.65 10.29 -14.23
N ALA C 265 -48.76 10.64 -15.50
CA ALA C 265 -49.88 11.46 -15.95
C ALA C 265 -51.21 10.74 -15.89
N LEU C 266 -51.21 9.41 -15.89
CA LEU C 266 -52.49 8.72 -15.86
C LEU C 266 -53.02 8.56 -14.45
N ARG C 267 -52.15 8.38 -13.46
CA ARG C 267 -52.62 8.16 -12.10
C ARG C 267 -52.71 9.43 -11.28
N THR C 268 -52.91 10.59 -11.91
CA THR C 268 -53.25 11.79 -11.16
C THR C 268 -54.74 11.74 -10.85
N ILE C 269 -55.06 11.22 -9.67
CA ILE C 269 -56.43 10.95 -9.25
C ILE C 269 -56.71 11.60 -7.91
N ASP C 270 -55.66 11.74 -7.10
CA ASP C 270 -55.79 11.82 -5.64
C ASP C 270 -56.37 13.16 -5.21
N THR C 271 -57.69 13.28 -5.41
CA THR C 271 -58.43 14.45 -4.92
C THR C 271 -58.83 14.33 -3.48
N TRP C 272 -58.39 13.31 -2.75
CA TRP C 272 -58.83 13.11 -1.38
C TRP C 272 -57.62 13.20 -0.47
N TYR C 273 -57.25 14.42 -0.14
CA TYR C 273 -56.07 14.74 0.64
C TYR C 273 -56.41 14.73 2.11
N PRO C 274 -55.41 14.96 2.98
CA PRO C 274 -55.72 15.58 4.26
C PRO C 274 -55.62 17.10 4.18
N ASP C 275 -54.95 17.61 3.16
CA ASP C 275 -54.60 19.03 3.11
C ASP C 275 -55.75 19.89 2.59
N GLU C 276 -56.11 19.74 1.32
CA GLU C 276 -56.92 20.76 0.67
C GLU C 276 -57.70 20.19 -0.51
N ASP C 277 -59.01 20.39 -0.46
CA ASP C 277 -59.92 19.96 -1.52
C ASP C 277 -60.28 21.11 -2.46
N GLY C 278 -59.30 21.99 -2.72
CA GLY C 278 -59.56 23.13 -3.58
C GLY C 278 -58.47 23.45 -4.57
N LEU C 279 -57.36 22.71 -4.54
CA LEU C 279 -56.24 23.01 -5.43
C LEU C 279 -56.30 22.21 -6.73
N GLY C 280 -56.28 20.88 -6.62
CA GLY C 280 -56.31 20.03 -7.78
C GLY C 280 -55.95 18.60 -7.44
N PRO C 281 -56.04 17.69 -8.42
CA PRO C 281 -55.61 16.31 -8.19
C PRO C 281 -54.12 16.16 -8.37
N ILE C 282 -53.52 15.29 -7.55
CA ILE C 282 -52.13 14.91 -7.75
C ILE C 282 -52.06 13.43 -8.02
N ALA C 283 -50.86 12.93 -8.27
CA ALA C 283 -50.64 11.53 -8.54
C ALA C 283 -50.80 10.70 -7.27
N VAL C 284 -50.89 9.40 -7.46
CA VAL C 284 -51.12 8.45 -6.38
C VAL C 284 -49.78 7.87 -5.97
N GLU C 285 -49.24 8.32 -4.86
CA GLU C 285 -48.01 7.79 -4.27
C GLU C 285 -48.25 7.39 -2.83
N PRO C 286 -47.48 6.44 -2.33
CA PRO C 286 -47.29 6.33 -0.88
C PRO C 286 -46.52 7.55 -0.42
N TYR C 287 -46.90 8.07 0.76
CA TYR C 287 -46.46 9.36 1.30
C TYR C 287 -46.71 10.45 0.26
N GLY C 288 -47.98 10.58 -0.14
CA GLY C 288 -48.38 11.16 -1.41
C GLY C 288 -47.88 12.56 -1.71
N SER C 289 -46.88 12.63 -2.58
CA SER C 289 -45.98 13.76 -2.63
C SER C 289 -45.92 14.39 -4.01
N VAL C 290 -45.64 15.69 -4.03
CA VAL C 290 -45.32 16.43 -5.24
C VAL C 290 -43.89 16.89 -5.12
N THR C 291 -43.10 16.72 -6.17
CA THR C 291 -41.71 17.11 -6.12
C THR C 291 -41.52 18.59 -6.38
N SER C 292 -42.34 19.18 -7.27
CA SER C 292 -42.26 20.61 -7.52
C SER C 292 -42.68 21.42 -6.31
N GLN C 293 -43.81 21.05 -5.69
CA GLN C 293 -44.26 21.72 -4.49
C GLN C 293 -43.37 21.43 -3.29
N GLY C 294 -42.64 20.32 -3.31
CA GLY C 294 -41.71 20.00 -2.25
C GLY C 294 -42.35 19.52 -0.96
N LYS C 295 -43.67 19.45 -0.88
CA LYS C 295 -44.37 19.11 0.33
C LYS C 295 -44.79 17.65 0.30
N ALA C 296 -44.47 16.92 1.35
CA ALA C 296 -45.09 15.62 1.57
C ALA C 296 -46.53 15.88 2.02
N TYR C 297 -47.46 15.88 1.08
CA TYR C 297 -48.84 15.75 1.49
C TYR C 297 -49.05 14.34 1.99
N ARG C 298 -50.13 14.15 2.75
CA ARG C 298 -50.52 12.85 3.32
C ARG C 298 -49.39 12.29 4.20
N GLN C 299 -48.98 13.13 5.14
CA GLN C 299 -47.85 12.84 6.00
C GLN C 299 -48.24 11.75 7.00
N PRO C 300 -47.29 10.92 7.45
CA PRO C 300 -47.62 9.94 8.49
C PRO C 300 -47.84 10.51 9.88
N LYS C 301 -47.74 11.82 10.10
CA LYS C 301 -48.23 12.37 11.36
C LYS C 301 -49.72 12.67 11.31
N GLN C 302 -50.31 12.69 10.12
CA GLN C 302 -51.72 12.38 10.03
C GLN C 302 -51.88 10.87 9.92
N LYS C 303 -53.09 10.43 9.61
CA LYS C 303 -53.34 9.00 9.47
C LYS C 303 -53.94 8.64 8.13
N LEU C 304 -53.84 9.51 7.12
CA LEU C 304 -54.34 9.19 5.80
C LEU C 304 -53.30 8.55 4.90
N ASP C 305 -52.13 8.19 5.44
CA ASP C 305 -51.01 7.57 4.75
C ASP C 305 -51.39 6.29 4.02
N PHE C 306 -50.63 5.88 2.99
CA PHE C 306 -50.90 4.62 2.32
C PHE C 306 -50.61 3.42 3.21
N TYR C 307 -49.45 3.43 3.86
CA TYR C 307 -49.05 2.28 4.66
C TYR C 307 -49.92 2.15 5.90
N THR C 308 -50.33 3.28 6.48
CA THR C 308 -51.17 3.23 7.67
C THR C 308 -52.56 2.73 7.32
N LEU C 309 -53.14 3.22 6.21
CA LEU C 309 -54.42 2.72 5.73
C LEU C 309 -54.38 1.24 5.39
N LEU C 310 -53.32 0.81 4.69
CA LEU C 310 -53.22 -0.58 4.28
C LEU C 310 -53.04 -1.50 5.47
N ASP C 311 -52.24 -1.09 6.45
CA ASP C 311 -52.05 -1.93 7.63
C ASP C 311 -53.29 -1.95 8.51
N ASN C 312 -54.03 -0.84 8.57
CA ASN C 312 -55.26 -0.84 9.36
C ASN C 312 -56.36 -1.66 8.70
N TRP C 313 -56.41 -1.68 7.37
CA TRP C 313 -57.51 -2.35 6.68
C TRP C 313 -57.20 -3.80 6.37
N VAL C 314 -55.94 -4.19 6.31
CA VAL C 314 -55.61 -5.60 6.11
C VAL C 314 -55.46 -6.32 7.43
N LEU C 315 -54.60 -5.83 8.32
CA LEU C 315 -54.28 -6.56 9.54
C LEU C 315 -55.42 -6.52 10.55
N ARG C 316 -55.77 -5.33 11.01
CA ARG C 316 -56.67 -5.15 12.13
C ARG C 316 -58.07 -4.74 11.70
N ASP C 317 -58.38 -4.85 10.40
CA ASP C 317 -59.71 -4.75 9.80
C ASP C 317 -60.33 -3.36 9.96
N GLU C 318 -59.55 -2.35 10.34
CA GLU C 318 -60.07 -0.99 10.49
C GLU C 318 -60.23 -0.41 9.10
N ALA C 319 -61.39 -0.64 8.49
CA ALA C 319 -61.62 -0.22 7.12
C ALA C 319 -61.82 1.29 7.05
N PRO C 320 -61.00 2.02 6.30
CA PRO C 320 -61.16 3.47 6.23
C PRO C 320 -62.33 3.92 5.38
N ALA C 321 -62.41 5.22 5.13
CA ALA C 321 -63.45 5.79 4.27
C ALA C 321 -63.30 5.29 2.84
N VAL C 322 -64.39 5.46 2.08
CA VAL C 322 -64.50 4.85 0.75
C VAL C 322 -63.51 5.47 -0.23
N GLU C 323 -63.34 6.79 -0.17
CA GLU C 323 -62.34 7.45 -1.00
C GLU C 323 -60.92 7.05 -0.60
N GLN C 324 -60.71 6.75 0.68
CA GLN C 324 -59.40 6.24 1.09
C GLN C 324 -59.18 4.82 0.59
N GLN C 325 -60.26 4.06 0.44
CA GLN C 325 -60.15 2.74 -0.18
C GLN C 325 -59.81 2.86 -1.66
N HIS C 326 -60.40 3.86 -2.34
CA HIS C 326 -60.01 4.15 -3.73
C HIS C 326 -58.53 4.50 -3.82
N TYR C 327 -58.03 5.26 -2.85
CA TYR C 327 -56.60 5.59 -2.82
C TYR C 327 -55.73 4.36 -2.64
N VAL C 328 -56.12 3.44 -1.75
CA VAL C 328 -55.31 2.26 -1.49
C VAL C 328 -55.29 1.32 -2.70
N ILE C 329 -56.45 1.12 -3.33
CA ILE C 329 -56.51 0.30 -4.54
C ILE C 329 -55.81 0.98 -5.71
N ALA C 330 -55.77 2.32 -5.73
CA ALA C 330 -54.98 2.99 -6.75
C ALA C 330 -53.48 2.82 -6.53
N ASN C 331 -53.03 2.80 -5.28
CA ASN C 331 -51.64 2.46 -5.04
C ASN C 331 -51.32 1.00 -5.29
N LEU C 332 -52.31 0.12 -5.31
CA LEU C 332 -52.00 -1.24 -5.74
C LEU C 332 -52.05 -1.42 -7.25
N ILE C 333 -52.89 -0.65 -7.95
CA ILE C 333 -52.83 -0.59 -9.40
C ILE C 333 -51.52 0.04 -9.85
N ARG C 334 -50.97 0.97 -9.06
CA ARG C 334 -49.64 1.50 -9.32
C ARG C 334 -48.57 0.43 -9.19
N GLY C 335 -48.61 -0.34 -8.11
CA GLY C 335 -47.58 -1.32 -7.87
C GLY C 335 -46.35 -0.71 -7.24
N GLY C 336 -45.45 -1.58 -6.82
CA GLY C 336 -44.22 -1.13 -6.21
C GLY C 336 -43.68 -2.21 -5.30
N VAL C 337 -42.64 -1.84 -4.56
CA VAL C 337 -42.05 -2.72 -3.55
C VAL C 337 -42.42 -2.18 -2.18
N PHE C 338 -43.32 -2.88 -1.51
CA PHE C 338 -43.86 -2.50 -0.22
C PHE C 338 -43.22 -3.40 0.83
N GLY C 339 -43.72 -3.33 2.05
CA GLY C 339 -43.19 -4.18 3.11
C GLY C 339 -41.82 -3.72 3.60
N GLU C 340 -41.29 -4.49 4.55
CA GLU C 340 -40.04 -4.15 5.25
C GLU C 340 -38.80 -4.18 4.36
N LEU D 8 -24.32 -50.11 3.56
CA LEU D 8 -23.88 -49.10 2.60
C LEU D 8 -23.98 -47.71 3.17
N SER D 9 -23.36 -46.76 2.47
CA SER D 9 -23.41 -45.36 2.82
C SER D 9 -23.60 -44.56 1.54
N THR D 10 -24.00 -43.31 1.69
CA THR D 10 -24.02 -42.42 0.54
C THR D 10 -22.61 -42.09 0.11
N ALA D 11 -22.45 -41.78 -1.17
CA ALA D 11 -21.18 -41.25 -1.65
C ALA D 11 -21.00 -39.85 -1.09
N SER D 12 -19.81 -39.58 -0.56
CA SER D 12 -19.55 -38.24 -0.02
C SER D 12 -19.38 -37.20 -1.11
N VAL D 13 -19.08 -37.63 -2.34
CA VAL D 13 -19.04 -36.75 -3.50
C VAL D 13 -19.90 -37.42 -4.56
N LEU D 14 -21.17 -37.04 -4.64
CA LEU D 14 -21.97 -37.29 -5.83
C LEU D 14 -22.02 -36.04 -6.67
N ALA D 15 -22.29 -36.23 -7.95
CA ALA D 15 -22.51 -35.12 -8.87
C ALA D 15 -23.23 -35.69 -10.07
N PHE D 16 -24.30 -35.02 -10.49
CA PHE D 16 -25.02 -35.39 -11.69
C PHE D 16 -24.92 -34.24 -12.69
N GLU D 17 -25.11 -34.57 -13.95
CA GLU D 17 -25.09 -33.58 -15.00
C GLU D 17 -26.51 -33.29 -15.47
N ARG D 18 -26.69 -32.07 -15.92
CA ARG D 18 -27.99 -31.59 -16.36
C ARG D 18 -28.42 -32.29 -17.64
N LYS D 19 -29.56 -32.96 -17.59
CA LYS D 19 -30.31 -33.32 -18.77
C LYS D 19 -31.40 -32.29 -18.95
N LEU D 20 -31.94 -32.21 -20.17
CA LEU D 20 -32.76 -31.09 -20.65
C LEU D 20 -32.02 -29.77 -20.47
N ASP D 21 -30.94 -29.54 -21.22
CA ASP D 21 -30.23 -28.28 -21.15
C ASP D 21 -30.64 -27.35 -22.28
N PRO D 22 -31.22 -26.20 -21.97
CA PRO D 22 -31.62 -25.27 -23.03
C PRO D 22 -30.55 -24.23 -23.35
N SER D 23 -30.79 -23.41 -24.36
CA SER D 23 -29.89 -22.33 -24.69
C SER D 23 -30.36 -21.06 -24.01
N ASP D 24 -29.68 -19.96 -24.29
CA ASP D 24 -30.22 -18.65 -23.93
C ASP D 24 -31.23 -18.25 -24.98
N ALA D 25 -32.42 -17.86 -24.56
CA ALA D 25 -33.44 -17.49 -25.53
C ALA D 25 -33.22 -16.07 -26.00
N LEU D 26 -33.35 -15.84 -27.30
CA LEU D 26 -33.16 -14.51 -27.87
C LEU D 26 -34.50 -13.93 -28.26
N MET D 27 -34.69 -12.65 -28.00
CA MET D 27 -35.95 -12.00 -28.31
C MET D 27 -35.82 -11.17 -29.58
N SER D 28 -36.82 -11.29 -30.45
CA SER D 28 -36.96 -10.44 -31.62
C SER D 28 -38.41 -10.00 -31.67
N ALA D 29 -38.78 -9.24 -32.69
CA ALA D 29 -40.08 -8.60 -32.67
C ALA D 29 -40.60 -8.39 -34.08
N GLY D 30 -41.90 -8.58 -34.25
CA GLY D 30 -42.49 -8.41 -35.56
C GLY D 30 -43.99 -8.26 -35.44
N ALA D 31 -44.65 -8.28 -36.59
CA ALA D 31 -46.10 -8.16 -36.64
C ALA D 31 -46.73 -9.54 -36.71
N TRP D 32 -47.83 -9.72 -36.01
CA TRP D 32 -48.64 -10.92 -36.13
C TRP D 32 -49.23 -10.97 -37.54
N ALA D 33 -49.54 -12.19 -37.99
CA ALA D 33 -49.80 -12.58 -39.38
C ALA D 33 -48.59 -12.33 -40.29
N GLN D 34 -47.40 -12.21 -39.70
CA GLN D 34 -46.13 -12.37 -40.39
C GLN D 34 -45.30 -13.41 -39.69
N ARG D 35 -45.94 -14.27 -38.90
CA ARG D 35 -45.26 -15.36 -38.20
C ARG D 35 -44.71 -16.41 -39.15
N ASP D 36 -45.19 -16.45 -40.40
CA ASP D 36 -44.59 -17.32 -41.39
C ASP D 36 -43.20 -16.85 -41.78
N ALA D 37 -43.03 -15.55 -41.98
CA ALA D 37 -41.76 -14.95 -42.33
C ALA D 37 -41.01 -14.45 -41.12
N SER D 38 -41.13 -15.15 -40.00
CA SER D 38 -40.60 -14.69 -38.72
C SER D 38 -39.16 -15.12 -38.53
N GLN D 39 -38.31 -14.84 -39.50
CA GLN D 39 -36.90 -15.17 -39.39
C GLN D 39 -35.99 -14.03 -39.83
N GLU D 40 -36.49 -13.09 -40.62
CA GLU D 40 -35.81 -11.84 -40.91
C GLU D 40 -36.11 -10.77 -39.88
N TRP D 41 -36.82 -11.11 -38.80
CA TRP D 41 -37.31 -10.10 -37.88
C TRP D 41 -36.18 -9.47 -37.09
N PRO D 42 -36.18 -8.15 -36.90
CA PRO D 42 -35.09 -7.51 -36.18
C PRO D 42 -35.15 -7.83 -34.71
N ALA D 43 -33.98 -7.78 -34.08
CA ALA D 43 -33.92 -8.14 -32.68
C ALA D 43 -34.50 -7.03 -31.81
N VAL D 44 -34.84 -7.39 -30.58
CA VAL D 44 -35.20 -6.42 -29.55
C VAL D 44 -33.90 -5.99 -28.89
N THR D 45 -33.65 -4.68 -28.87
CA THR D 45 -32.37 -4.12 -28.45
C THR D 45 -32.52 -3.50 -27.08
N VAL D 46 -31.65 -3.90 -26.15
CA VAL D 46 -31.64 -3.37 -24.79
C VAL D 46 -31.11 -1.94 -24.84
N ARG D 47 -32.01 -0.98 -24.67
CA ARG D 47 -31.67 0.44 -24.72
C ARG D 47 -31.37 0.95 -23.33
N GLU D 48 -31.35 2.27 -23.18
CA GLU D 48 -31.04 2.91 -21.90
C GLU D 48 -31.88 4.17 -21.78
N LYS D 49 -32.41 4.43 -20.59
CA LYS D 49 -33.14 5.66 -20.35
C LYS D 49 -32.89 6.10 -18.92
N SER D 50 -33.23 7.37 -18.66
CA SER D 50 -33.03 7.97 -17.36
C SER D 50 -34.37 8.11 -16.66
N VAL D 51 -34.49 7.55 -15.46
CA VAL D 51 -35.68 7.69 -14.65
C VAL D 51 -35.38 8.64 -13.50
N ARG D 52 -36.45 9.14 -12.90
CA ARG D 52 -36.35 9.92 -11.67
C ARG D 52 -37.64 9.71 -10.90
N GLY D 53 -37.53 9.24 -9.66
CA GLY D 53 -38.70 8.99 -8.86
C GLY D 53 -38.48 9.42 -7.43
N THR D 54 -39.58 9.54 -6.70
CA THR D 54 -39.55 9.99 -5.32
C THR D 54 -39.11 8.84 -4.41
N ILE D 55 -39.05 9.12 -3.12
CA ILE D 55 -38.93 8.08 -2.11
C ILE D 55 -40.35 7.65 -1.75
N SER D 56 -40.66 6.39 -2.01
CA SER D 56 -42.02 5.88 -1.85
C SER D 56 -42.07 4.59 -1.07
N ASN D 57 -40.94 4.05 -0.65
CA ASN D 57 -40.91 2.79 0.07
C ASN D 57 -41.37 2.97 1.51
N ARG D 58 -41.56 1.85 2.20
CA ARG D 58 -42.01 1.86 3.60
C ARG D 58 -40.85 2.36 4.45
N LEU D 59 -40.76 3.68 4.55
CA LEU D 59 -39.85 4.30 5.48
C LEU D 59 -40.29 3.99 6.91
N LYS D 60 -39.30 3.82 7.79
CA LYS D 60 -39.52 3.52 9.20
C LYS D 60 -40.37 4.61 9.84
N THR D 61 -41.57 4.22 10.27
CA THR D 61 -42.58 5.18 10.70
C THR D 61 -42.15 5.87 11.99
N LYS D 62 -42.05 7.20 11.90
CA LYS D 62 -41.48 8.08 12.92
C LYS D 62 -40.08 7.62 13.31
N ASP D 63 -39.27 7.37 12.27
CA ASP D 63 -37.83 7.35 12.47
C ASP D 63 -37.30 8.78 12.58
N ARG D 64 -37.76 9.65 11.69
CA ARG D 64 -37.30 11.02 11.60
C ARG D 64 -38.49 11.95 11.50
N ASP D 65 -38.19 13.25 11.59
CA ASP D 65 -39.18 14.32 11.61
C ASP D 65 -39.75 14.52 10.20
N PRO D 66 -41.00 15.01 10.10
CA PRO D 66 -41.60 15.21 8.76
C PRO D 66 -40.97 16.34 7.96
N ALA D 67 -40.24 17.24 8.59
CA ALA D 67 -39.48 18.22 7.81
C ALA D 67 -38.36 17.55 7.03
N LYS D 68 -37.80 16.46 7.57
CA LYS D 68 -36.84 15.67 6.80
C LYS D 68 -37.51 14.94 5.65
N LEU D 69 -38.78 14.55 5.80
CA LEU D 69 -39.55 14.01 4.69
C LEU D 69 -39.76 15.06 3.61
N ASP D 70 -40.07 16.29 4.01
CA ASP D 70 -40.22 17.37 3.03
C ASP D 70 -38.89 17.72 2.38
N ALA D 71 -37.78 17.53 3.10
CA ALA D 71 -36.46 17.79 2.53
C ALA D 71 -36.01 16.68 1.60
N SER D 72 -36.50 15.45 1.80
CA SER D 72 -36.16 14.34 0.90
C SER D 72 -36.75 14.57 -0.48
N ILE D 73 -37.96 15.11 -0.55
CA ILE D 73 -38.63 15.36 -1.82
C ILE D 73 -37.99 16.54 -2.54
N GLN D 74 -37.30 17.41 -1.81
CA GLN D 74 -36.48 18.44 -2.45
C GLN D 74 -35.30 17.84 -3.18
N SER D 75 -34.76 16.73 -2.69
CA SER D 75 -33.56 16.09 -3.23
C SER D 75 -33.88 14.66 -3.65
N PRO D 76 -34.49 14.45 -4.81
CA PRO D 76 -34.74 13.09 -5.29
C PRO D 76 -33.49 12.48 -5.88
N ASN D 77 -33.48 11.15 -5.93
CA ASN D 77 -32.44 10.44 -6.65
C ASN D 77 -32.75 10.39 -8.14
N LEU D 78 -31.70 10.26 -8.94
CA LEU D 78 -31.87 10.11 -10.38
C LEU D 78 -30.88 9.06 -10.85
N GLN D 79 -31.39 8.06 -11.59
CA GLN D 79 -30.62 6.91 -12.01
C GLN D 79 -30.99 6.57 -13.45
N THR D 80 -30.16 5.74 -14.08
CA THR D 80 -30.39 5.31 -15.44
C THR D 80 -30.49 3.79 -15.49
N VAL D 81 -31.44 3.30 -16.29
CA VAL D 81 -31.83 1.90 -16.33
C VAL D 81 -31.81 1.42 -17.77
N ASP D 82 -31.63 0.11 -17.93
CA ASP D 82 -31.82 -0.55 -19.21
C ASP D 82 -33.28 -0.96 -19.35
N VAL D 83 -33.89 -0.65 -20.49
CA VAL D 83 -35.21 -1.15 -20.81
C VAL D 83 -35.16 -1.86 -22.15
N ALA D 84 -36.24 -2.57 -22.47
CA ALA D 84 -36.39 -3.20 -23.76
C ALA D 84 -37.85 -3.14 -24.13
N ASN D 85 -38.12 -2.51 -25.27
CA ASN D 85 -39.47 -2.35 -25.78
C ASN D 85 -39.54 -2.98 -27.16
N LEU D 86 -40.75 -3.29 -27.60
CA LEU D 86 -40.91 -3.62 -28.99
C LEU D 86 -40.75 -2.37 -29.83
N PRO D 87 -40.34 -2.51 -31.08
CA PRO D 87 -40.53 -1.41 -32.04
C PRO D 87 -42.00 -1.11 -32.20
N SER D 88 -42.31 0.17 -32.37
CA SER D 88 -43.68 0.66 -32.36
C SER D 88 -44.52 0.22 -33.54
N ASP D 89 -43.93 -0.41 -34.54
CA ASP D 89 -44.67 -1.04 -35.63
C ASP D 89 -45.09 -2.45 -35.29
N ALA D 90 -44.40 -3.09 -34.35
CA ALA D 90 -44.54 -4.51 -34.08
C ALA D 90 -45.37 -4.72 -32.82
N ASP D 91 -46.21 -5.74 -32.84
CA ASP D 91 -47.03 -6.08 -31.68
C ASP D 91 -46.70 -7.45 -31.10
N THR D 92 -45.81 -8.21 -31.71
CA THR D 92 -45.62 -9.62 -31.38
C THR D 92 -44.16 -9.83 -31.04
N LEU D 93 -43.91 -10.28 -29.82
CA LEU D 93 -42.59 -10.76 -29.44
C LEU D 93 -42.33 -12.11 -30.10
N LYS D 94 -41.05 -12.45 -30.24
CA LYS D 94 -40.64 -13.79 -30.63
C LYS D 94 -39.50 -14.22 -29.73
N VAL D 95 -39.67 -15.35 -29.06
CA VAL D 95 -38.67 -15.91 -28.16
C VAL D 95 -38.28 -17.28 -28.67
N ARG D 96 -37.00 -17.48 -28.95
CA ARG D 96 -36.53 -18.70 -29.59
C ARG D 96 -35.32 -19.26 -28.85
N PHE D 97 -35.36 -20.56 -28.56
CA PHE D 97 -34.23 -21.25 -27.97
C PHE D 97 -34.23 -22.68 -28.49
N THR D 98 -33.19 -23.43 -28.14
CA THR D 98 -33.07 -24.82 -28.50
C THR D 98 -32.89 -25.66 -27.25
N LEU D 99 -33.31 -26.91 -27.34
CA LEU D 99 -33.28 -27.80 -26.20
C LEU D 99 -32.72 -29.15 -26.61
N ARG D 100 -31.80 -29.67 -25.81
CA ARG D 100 -31.29 -31.02 -25.97
C ARG D 100 -31.81 -31.87 -24.83
N VAL D 101 -32.61 -32.87 -25.16
CA VAL D 101 -33.02 -33.88 -24.18
C VAL D 101 -31.98 -34.99 -24.26
N LEU D 102 -31.08 -35.05 -23.29
CA LEU D 102 -29.92 -35.91 -23.40
C LEU D 102 -30.22 -37.37 -23.07
N GLY D 103 -30.49 -37.67 -21.81
CA GLY D 103 -30.77 -39.04 -21.44
C GLY D 103 -29.55 -39.79 -20.99
N GLY D 104 -29.79 -40.80 -20.15
CA GLY D 104 -28.75 -41.42 -19.36
C GLY D 104 -28.81 -40.86 -17.96
N ALA D 105 -30.02 -40.82 -17.40
CA ALA D 105 -30.37 -39.90 -16.32
C ALA D 105 -29.81 -40.27 -14.96
N GLY D 106 -29.73 -41.55 -14.64
CA GLY D 106 -29.33 -41.88 -13.28
C GLY D 106 -27.85 -42.07 -13.07
N THR D 107 -27.01 -41.71 -14.03
CA THR D 107 -25.59 -42.00 -13.95
C THR D 107 -24.84 -40.81 -13.41
N PRO D 108 -24.12 -40.93 -12.29
CA PRO D 108 -23.36 -39.80 -11.77
C PRO D 108 -22.11 -39.54 -12.60
N SER D 109 -21.63 -38.30 -12.51
CA SER D 109 -20.38 -37.93 -13.15
C SER D 109 -19.24 -37.78 -12.16
N ALA D 110 -19.48 -37.98 -10.88
CA ALA D 110 -18.43 -38.07 -9.87
C ALA D 110 -18.98 -38.88 -8.71
N CYS D 111 -18.27 -39.93 -8.30
CA CYS D 111 -18.85 -40.88 -7.36
C CYS D 111 -17.75 -41.63 -6.64
N ASN D 112 -17.61 -41.41 -5.32
CA ASN D 112 -16.59 -42.11 -4.55
C ASN D 112 -16.87 -43.61 -4.45
N ASP D 113 -18.05 -43.95 -3.96
CA ASP D 113 -18.33 -45.31 -3.53
C ASP D 113 -18.71 -46.17 -4.73
N ALA D 114 -18.16 -47.38 -4.77
CA ALA D 114 -18.36 -48.28 -5.89
C ALA D 114 -19.60 -49.14 -5.76
N ALA D 115 -20.06 -49.36 -4.54
CA ALA D 115 -21.30 -50.11 -4.34
C ALA D 115 -22.52 -49.22 -4.36
N TYR D 116 -22.35 -47.97 -3.89
CA TYR D 116 -23.46 -47.02 -3.93
C TYR D 116 -23.84 -46.65 -5.34
N ARG D 117 -22.85 -46.57 -6.25
CA ARG D 117 -23.14 -46.32 -7.65
C ARG D 117 -23.93 -47.45 -8.27
N ASP D 118 -23.55 -48.69 -7.95
CA ASP D 118 -24.27 -49.85 -8.48
C ASP D 118 -25.69 -49.90 -7.92
N LYS D 119 -25.86 -49.59 -6.64
CA LYS D 119 -27.17 -49.62 -6.03
C LYS D 119 -28.08 -48.52 -6.58
N LEU D 120 -27.51 -47.32 -6.79
CA LEU D 120 -28.27 -46.24 -7.40
C LEU D 120 -28.67 -46.55 -8.83
N LEU D 121 -27.77 -47.14 -9.62
CA LEU D 121 -28.11 -47.46 -11.00
C LEU D 121 -29.13 -48.59 -11.08
N GLN D 122 -29.06 -49.57 -10.16
CA GLN D 122 -30.09 -50.60 -10.12
C GLN D 122 -31.44 -50.01 -9.73
N THR D 123 -31.45 -49.07 -8.77
CA THR D 123 -32.68 -48.39 -8.37
C THR D 123 -33.30 -47.62 -9.53
N VAL D 124 -32.49 -46.86 -10.26
CA VAL D 124 -33.02 -46.06 -11.36
C VAL D 124 -33.42 -46.95 -12.54
N ALA D 125 -32.72 -48.07 -12.75
CA ALA D 125 -33.12 -48.99 -13.80
C ALA D 125 -34.42 -49.69 -13.45
N THR D 126 -34.63 -49.98 -12.17
CA THR D 126 -35.89 -50.52 -11.69
C THR D 126 -37.03 -49.54 -11.92
N TYR D 127 -36.76 -48.24 -11.70
CA TYR D 127 -37.72 -47.21 -12.05
C TYR D 127 -38.04 -47.22 -13.53
N VAL D 128 -37.00 -47.30 -14.38
CA VAL D 128 -37.19 -47.12 -15.82
C VAL D 128 -37.97 -48.29 -16.42
N ASN D 129 -37.55 -49.53 -16.16
CA ASN D 129 -38.29 -50.65 -16.72
C ASN D 129 -39.61 -50.89 -15.99
N ASP D 130 -39.74 -50.39 -14.76
CA ASP D 130 -41.03 -50.40 -14.09
C ASP D 130 -42.01 -49.46 -14.79
N GLN D 131 -41.58 -48.23 -15.06
CA GLN D 131 -42.42 -47.24 -15.70
C GLN D 131 -41.54 -46.23 -16.43
N GLY D 132 -41.91 -45.91 -17.66
CA GLY D 132 -41.05 -45.08 -18.47
C GLY D 132 -41.02 -43.64 -17.99
N PHE D 133 -40.36 -42.81 -18.79
CA PHE D 133 -40.33 -41.39 -18.48
C PHE D 133 -41.52 -40.65 -19.02
N ALA D 134 -42.62 -41.36 -19.30
CA ALA D 134 -43.76 -40.76 -19.98
C ALA D 134 -44.51 -39.77 -19.11
N GLU D 135 -44.50 -39.95 -17.79
CA GLU D 135 -45.11 -38.96 -16.90
C GLU D 135 -44.28 -37.67 -16.88
N LEU D 136 -42.98 -37.81 -16.63
CA LEU D 136 -42.08 -36.65 -16.60
C LEU D 136 -42.02 -35.97 -17.96
N ALA D 137 -41.94 -36.74 -19.03
CA ALA D 137 -41.92 -36.14 -20.36
C ALA D 137 -43.26 -35.55 -20.75
N ARG D 138 -44.36 -36.06 -20.18
CA ARG D 138 -45.65 -35.45 -20.45
C ARG D 138 -45.75 -34.10 -19.77
N ARG D 139 -45.20 -33.99 -18.57
CA ARG D 139 -45.19 -32.70 -17.89
C ARG D 139 -44.19 -31.71 -18.51
N TYR D 140 -43.06 -32.20 -19.00
CA TYR D 140 -42.12 -31.36 -19.75
C TYR D 140 -42.73 -30.89 -21.06
N ALA D 141 -43.51 -31.74 -21.71
CA ALA D 141 -44.17 -31.31 -22.94
C ALA D 141 -45.28 -30.31 -22.65
N HIS D 142 -45.89 -30.38 -21.46
CA HIS D 142 -46.76 -29.29 -21.03
C HIS D 142 -46.00 -27.98 -20.89
N ASN D 143 -44.90 -28.00 -20.13
CA ASN D 143 -44.14 -26.77 -19.90
C ASN D 143 -43.46 -26.22 -21.14
N LEU D 144 -43.32 -27.01 -22.20
CA LEU D 144 -42.95 -26.46 -23.49
C LEU D 144 -44.14 -25.94 -24.26
N ALA D 145 -45.27 -26.66 -24.22
CA ALA D 145 -46.44 -26.27 -25.00
C ALA D 145 -47.09 -25.01 -24.46
N ASN D 146 -47.29 -24.93 -23.14
CA ASN D 146 -47.62 -23.63 -22.57
C ASN D 146 -46.33 -22.88 -22.32
N ALA D 147 -46.36 -21.57 -22.48
CA ALA D 147 -45.12 -20.81 -22.49
C ALA D 147 -44.80 -20.33 -21.08
N ARG D 148 -44.34 -21.27 -20.25
CA ARG D 148 -43.79 -20.90 -18.95
C ARG D 148 -42.59 -20.00 -19.10
N PHE D 149 -41.72 -20.31 -20.07
CA PHE D 149 -40.48 -19.59 -20.28
C PHE D 149 -40.68 -18.16 -20.71
N LEU D 150 -41.83 -17.83 -21.29
CA LEU D 150 -42.30 -16.46 -21.27
C LEU D 150 -42.75 -16.19 -19.85
N TRP D 151 -41.86 -15.65 -19.02
CA TRP D 151 -42.19 -15.55 -17.60
C TRP D 151 -43.20 -14.45 -17.33
N ARG D 152 -42.80 -13.20 -17.52
CA ARG D 152 -43.73 -12.10 -17.40
C ARG D 152 -44.26 -11.69 -18.76
N ASN D 153 -43.57 -12.11 -19.82
CA ASN D 153 -43.99 -11.80 -21.18
C ASN D 153 -45.27 -12.51 -21.57
N ARG D 154 -45.63 -13.58 -20.88
CA ARG D 154 -46.91 -14.24 -21.07
C ARG D 154 -48.02 -13.56 -20.28
N VAL D 155 -47.67 -13.00 -19.12
CA VAL D 155 -48.64 -12.42 -18.18
C VAL D 155 -49.33 -11.22 -18.82
N GLY D 156 -50.62 -11.37 -19.10
CA GLY D 156 -51.40 -10.36 -19.76
C GLY D 156 -51.28 -10.32 -21.27
N ALA D 157 -50.67 -11.32 -21.89
CA ALA D 157 -50.54 -11.34 -23.34
C ALA D 157 -51.85 -11.81 -23.96
N GLU D 158 -52.17 -11.25 -25.12
CA GLU D 158 -53.46 -11.52 -25.74
C GLU D 158 -53.51 -12.92 -26.33
N ALA D 159 -52.52 -13.26 -27.14
CA ALA D 159 -52.45 -14.55 -27.79
C ALA D 159 -51.02 -15.04 -27.73
N VAL D 160 -50.83 -16.29 -27.33
CA VAL D 160 -49.51 -16.89 -27.27
C VAL D 160 -49.56 -18.18 -28.07
N GLU D 161 -48.61 -18.33 -28.98
CA GLU D 161 -48.48 -19.54 -29.79
C GLU D 161 -47.06 -20.06 -29.69
N VAL D 162 -46.92 -21.35 -29.38
CA VAL D 162 -45.63 -22.01 -29.30
C VAL D 162 -45.51 -22.95 -30.49
N ARG D 163 -44.39 -22.89 -31.20
CA ARG D 163 -44.08 -23.78 -32.31
C ARG D 163 -42.80 -24.54 -32.00
N ILE D 164 -42.87 -25.86 -31.96
CA ILE D 164 -41.75 -26.72 -31.60
C ILE D 164 -41.41 -27.59 -32.80
N ASN D 165 -40.14 -27.60 -33.19
CA ASN D 165 -39.67 -28.35 -34.33
C ASN D 165 -38.62 -29.36 -33.89
N HIS D 166 -38.70 -30.59 -34.41
CA HIS D 166 -37.64 -31.56 -34.18
C HIS D 166 -36.63 -31.50 -35.32
N ILE D 167 -35.36 -31.58 -34.96
CA ILE D 167 -34.25 -31.27 -35.85
C ILE D 167 -33.33 -32.49 -35.90
N ARG D 168 -33.40 -33.25 -36.98
CA ARG D 168 -32.57 -34.45 -37.10
C ARG D 168 -31.18 -34.12 -37.64
N GLN D 169 -31.13 -33.36 -38.71
CA GLN D 169 -29.93 -32.87 -39.36
C GLN D 169 -30.27 -31.43 -39.64
N GLY D 170 -29.62 -30.75 -40.57
CA GLY D 170 -30.06 -29.41 -40.88
C GLY D 170 -31.39 -29.38 -41.62
N GLU D 171 -32.45 -29.76 -40.91
CA GLU D 171 -33.71 -30.21 -41.49
C GLU D 171 -34.72 -30.36 -40.37
N VAL D 172 -35.94 -29.89 -40.60
CA VAL D 172 -37.02 -30.05 -39.64
C VAL D 172 -37.70 -31.39 -39.87
N ALA D 173 -37.70 -32.24 -38.84
CA ALA D 173 -38.32 -33.56 -38.99
C ALA D 173 -39.83 -33.49 -38.75
N ARG D 174 -40.24 -33.13 -37.55
CA ARG D 174 -41.65 -33.01 -37.21
C ARG D 174 -41.93 -31.69 -36.52
N ALA D 175 -42.99 -31.00 -36.94
CA ALA D 175 -43.37 -29.70 -36.41
C ALA D 175 -44.63 -29.82 -35.56
N TRP D 176 -44.60 -29.21 -34.37
CA TRP D 176 -45.76 -29.07 -33.51
C TRP D 176 -46.15 -27.61 -33.39
N ARG D 177 -47.44 -27.36 -33.29
CA ARG D 177 -47.97 -26.03 -33.02
C ARG D 177 -48.99 -26.13 -31.89
N PHE D 178 -49.07 -25.08 -31.09
CA PHE D 178 -49.94 -25.09 -29.92
C PHE D 178 -50.58 -23.73 -29.73
N ASP D 179 -51.59 -23.70 -28.86
CA ASP D 179 -52.19 -22.48 -28.34
C ASP D 179 -51.86 -22.48 -26.85
N ALA D 180 -50.88 -21.69 -26.45
CA ALA D 180 -50.35 -21.80 -25.11
C ALA D 180 -51.25 -21.18 -24.04
N LEU D 181 -52.31 -20.49 -24.43
CA LEU D 181 -53.28 -20.02 -23.45
C LEU D 181 -54.44 -20.99 -23.29
N ALA D 182 -54.82 -21.68 -24.36
CA ALA D 182 -55.85 -22.71 -24.25
C ALA D 182 -55.32 -23.93 -23.50
N ILE D 183 -54.07 -24.32 -23.75
CA ILE D 183 -53.40 -25.24 -22.85
C ILE D 183 -53.15 -24.51 -21.54
N GLY D 184 -53.52 -25.14 -20.43
CA GLY D 184 -53.57 -24.45 -19.16
C GLY D 184 -52.20 -24.13 -18.59
N LEU D 185 -52.24 -23.48 -17.45
CA LEU D 185 -51.05 -23.18 -16.66
C LEU D 185 -50.99 -24.01 -15.39
N ARG D 186 -52.11 -24.61 -14.99
CA ARG D 186 -52.23 -25.33 -13.72
C ARG D 186 -52.53 -26.81 -13.91
N ASP D 187 -53.49 -27.16 -14.75
CA ASP D 187 -53.82 -28.55 -14.98
C ASP D 187 -53.08 -29.12 -16.19
N PHE D 188 -52.79 -30.41 -16.13
CA PHE D 188 -52.10 -31.10 -17.21
C PHE D 188 -53.09 -32.11 -17.82
N LYS D 189 -53.73 -31.72 -18.91
CA LYS D 189 -54.75 -32.53 -19.56
C LYS D 189 -54.16 -33.35 -20.71
N ALA D 190 -55.03 -33.96 -21.50
CA ALA D 190 -54.64 -34.90 -22.54
C ALA D 190 -54.81 -34.28 -23.92
N ASP D 191 -53.88 -34.62 -24.82
CA ASP D 191 -53.90 -34.12 -26.18
C ASP D 191 -53.09 -35.08 -27.04
N ALA D 192 -53.41 -35.11 -28.33
CA ALA D 192 -52.71 -36.03 -29.22
C ALA D 192 -51.31 -35.54 -29.56
N GLU D 193 -51.21 -34.26 -29.93
CA GLU D 193 -49.93 -33.69 -30.33
C GLU D 193 -48.97 -33.60 -29.16
N LEU D 194 -49.50 -33.30 -27.97
CA LEU D 194 -48.63 -33.25 -26.80
C LEU D 194 -48.23 -34.64 -26.34
N ASP D 195 -49.02 -35.68 -26.62
CA ASP D 195 -48.54 -37.02 -26.35
C ASP D 195 -47.48 -37.47 -27.35
N ALA D 196 -47.56 -36.98 -28.59
CA ALA D 196 -46.47 -37.23 -29.54
C ALA D 196 -45.17 -36.56 -29.09
N LEU D 197 -45.27 -35.30 -28.66
CA LEU D 197 -44.08 -34.59 -28.16
C LEU D 197 -43.58 -35.21 -26.87
N ALA D 198 -44.49 -35.73 -26.04
CA ALA D 198 -44.10 -36.38 -24.80
C ALA D 198 -43.37 -37.68 -25.08
N GLU D 199 -43.82 -38.45 -26.07
CA GLU D 199 -43.07 -39.68 -26.33
C GLU D 199 -41.76 -39.42 -27.05
N LEU D 200 -41.63 -38.31 -27.78
CA LEU D 200 -40.32 -37.92 -28.31
C LEU D 200 -39.35 -37.56 -27.18
N ILE D 201 -39.80 -36.71 -26.25
CA ILE D 201 -38.97 -36.34 -25.10
C ILE D 201 -38.68 -37.54 -24.21
N ALA D 202 -39.61 -38.49 -24.15
CA ALA D 202 -39.40 -39.69 -23.35
C ALA D 202 -38.40 -40.64 -24.01
N SER D 203 -38.40 -40.71 -25.34
CA SER D 203 -37.37 -41.46 -26.03
C SER D 203 -36.01 -40.80 -25.90
N GLY D 204 -35.98 -39.47 -25.79
CA GLY D 204 -34.73 -38.79 -25.54
C GLY D 204 -34.17 -39.05 -24.16
N LEU D 205 -35.03 -39.00 -23.14
CA LEU D 205 -34.57 -39.22 -21.77
C LEU D 205 -34.18 -40.67 -21.53
N SER D 206 -34.79 -41.61 -22.25
CA SER D 206 -34.50 -43.02 -22.03
C SER D 206 -33.20 -43.47 -22.67
N GLY D 207 -32.57 -42.63 -23.48
CA GLY D 207 -31.35 -42.99 -24.14
C GLY D 207 -31.52 -43.80 -25.40
N SER D 208 -32.67 -43.69 -26.07
CA SER D 208 -32.96 -44.53 -27.23
C SER D 208 -33.18 -43.69 -28.48
N GLY D 209 -32.55 -42.54 -28.55
CA GLY D 209 -32.71 -41.69 -29.71
C GLY D 209 -32.11 -40.33 -29.47
N HIS D 210 -32.08 -39.54 -30.54
CA HIS D 210 -31.60 -38.18 -30.50
C HIS D 210 -32.77 -37.22 -30.53
N VAL D 211 -32.75 -36.24 -29.61
CA VAL D 211 -33.75 -35.19 -29.56
C VAL D 211 -33.06 -33.84 -29.54
N LEU D 212 -33.35 -33.01 -30.53
CA LEU D 212 -33.01 -31.60 -30.52
C LEU D 212 -34.26 -30.85 -30.94
N LEU D 213 -34.71 -29.94 -30.10
CA LEU D 213 -35.92 -29.19 -30.36
C LEU D 213 -35.58 -27.75 -30.65
N GLU D 214 -36.40 -27.11 -31.49
CA GLU D 214 -36.36 -25.68 -31.70
C GLU D 214 -37.69 -25.12 -31.22
N VAL D 215 -37.65 -24.32 -30.16
CA VAL D 215 -38.85 -23.85 -29.50
C VAL D 215 -38.98 -22.37 -29.76
N VAL D 216 -40.07 -21.97 -30.42
CA VAL D 216 -40.33 -20.59 -30.79
C VAL D 216 -41.69 -20.20 -30.23
N ALA D 217 -41.75 -19.08 -29.51
CA ALA D 217 -42.98 -18.62 -28.88
C ALA D 217 -43.35 -17.24 -29.38
N PHE D 218 -44.61 -17.06 -29.74
CA PHE D 218 -45.14 -15.86 -30.40
C PHE D 218 -46.22 -15.24 -29.53
N ALA D 219 -45.89 -14.20 -28.77
CA ALA D 219 -46.82 -13.61 -27.80
C ALA D 219 -47.18 -12.20 -28.22
N ARG D 220 -48.44 -11.98 -28.62
CA ARG D 220 -48.88 -10.61 -28.86
C ARG D 220 -48.98 -9.83 -27.57
N ILE D 221 -48.43 -8.63 -27.59
CA ILE D 221 -48.52 -7.71 -26.47
C ILE D 221 -49.17 -6.39 -26.90
N GLY D 222 -48.75 -5.85 -28.01
CA GLY D 222 -49.26 -4.58 -28.50
C GLY D 222 -48.15 -3.75 -29.09
N ASP D 223 -48.53 -2.68 -29.79
CA ASP D 223 -47.62 -1.90 -30.62
C ASP D 223 -46.69 -1.05 -29.76
N GLY D 224 -45.65 -1.70 -29.23
CA GLY D 224 -44.56 -0.94 -28.67
C GLY D 224 -44.31 -1.16 -27.19
N GLN D 225 -44.91 -2.21 -26.63
CA GLN D 225 -44.93 -2.38 -25.19
C GLN D 225 -43.60 -2.91 -24.68
N GLU D 226 -43.51 -3.12 -23.38
CA GLU D 226 -42.26 -3.53 -22.78
C GLU D 226 -42.14 -5.05 -22.75
N VAL D 227 -40.95 -5.55 -23.10
CA VAL D 227 -40.64 -6.95 -22.90
C VAL D 227 -39.64 -7.07 -21.77
N PHE D 228 -39.48 -8.28 -21.27
CA PHE D 228 -38.85 -8.51 -19.99
C PHE D 228 -37.74 -9.54 -20.14
N PRO D 229 -36.54 -9.11 -20.53
CA PRO D 229 -35.39 -10.02 -20.47
C PRO D 229 -34.93 -10.25 -19.05
N SER D 230 -33.96 -11.12 -18.86
CA SER D 230 -33.46 -11.35 -17.53
C SER D 230 -32.40 -10.33 -17.19
N GLN D 231 -32.08 -10.22 -15.91
CA GLN D 231 -31.41 -9.05 -15.37
C GLN D 231 -30.08 -9.42 -14.74
N GLU D 232 -29.05 -8.66 -15.05
CA GLU D 232 -27.70 -8.89 -14.56
C GLU D 232 -27.47 -8.12 -13.27
N LEU D 233 -26.39 -8.43 -12.58
CA LEU D 233 -26.00 -7.64 -11.43
C LEU D 233 -24.77 -6.81 -11.78
N ILE D 234 -24.58 -5.73 -11.05
CA ILE D 234 -23.75 -4.62 -11.49
C ILE D 234 -22.48 -4.56 -10.68
N LEU D 235 -21.34 -4.71 -11.36
CA LEU D 235 -20.05 -4.36 -10.80
C LEU D 235 -19.85 -2.86 -10.95
N ASP D 236 -19.19 -2.26 -9.96
CA ASP D 236 -19.22 -0.80 -9.79
C ASP D 236 -17.97 -0.12 -10.33
N LYS D 237 -17.47 -0.57 -11.49
CA LYS D 237 -16.40 0.16 -12.17
C LYS D 237 -16.92 1.45 -12.78
N GLY D 238 -18.10 1.39 -13.40
CA GLY D 238 -18.78 2.58 -13.89
C GLY D 238 -19.73 3.12 -12.84
N ASP D 239 -19.89 4.45 -12.84
CA ASP D 239 -20.59 5.14 -11.77
C ASP D 239 -22.11 4.95 -11.86
N LYS D 240 -22.83 5.62 -10.95
CA LYS D 240 -24.30 5.59 -11.00
C LYS D 240 -24.81 6.34 -12.22
N LYS D 241 -24.10 7.39 -12.64
CA LYS D 241 -24.20 7.87 -14.00
C LYS D 241 -23.51 6.85 -14.88
N GLY D 242 -24.27 5.90 -15.43
CA GLY D 242 -23.66 4.71 -15.99
C GLY D 242 -24.12 3.41 -15.35
N GLN D 243 -25.40 3.37 -14.94
CA GLN D 243 -26.14 2.16 -14.59
C GLN D 243 -25.54 1.43 -13.40
N LYS D 244 -25.63 2.07 -12.23
CA LYS D 244 -25.58 1.33 -10.98
C LYS D 244 -26.97 0.96 -10.49
N SER D 245 -27.95 0.91 -11.39
CA SER D 245 -29.32 0.60 -11.04
C SER D 245 -29.83 -0.67 -11.69
N LYS D 246 -29.71 -0.80 -13.01
CA LYS D 246 -30.36 -1.89 -13.72
C LYS D 246 -29.62 -2.16 -15.01
N THR D 247 -29.03 -3.35 -15.11
CA THR D 247 -28.49 -3.86 -16.36
C THR D 247 -29.31 -5.06 -16.79
N LEU D 248 -29.59 -5.15 -18.07
CA LEU D 248 -30.30 -6.29 -18.62
C LEU D 248 -29.33 -7.19 -19.37
N TYR D 249 -29.77 -8.41 -19.63
CA TYR D 249 -28.94 -9.40 -20.27
C TYR D 249 -29.07 -9.29 -21.78
N SER D 250 -27.94 -9.47 -22.47
CA SER D 250 -27.95 -9.45 -23.92
C SER D 250 -26.81 -10.31 -24.43
N VAL D 251 -26.77 -10.40 -25.75
CA VAL D 251 -25.88 -11.19 -26.59
C VAL D 251 -25.35 -10.19 -27.60
N ARG D 252 -24.98 -10.63 -28.80
CA ARG D 252 -24.58 -9.72 -29.85
C ARG D 252 -25.71 -8.76 -30.24
N ASP D 253 -25.98 -7.78 -29.36
CA ASP D 253 -27.01 -6.75 -29.50
C ASP D 253 -28.40 -7.34 -29.75
N ALA D 254 -28.87 -8.13 -28.79
CA ALA D 254 -30.23 -8.65 -28.79
C ALA D 254 -30.62 -8.99 -27.37
N ALA D 255 -31.84 -8.67 -27.01
CA ALA D 255 -32.31 -8.89 -25.64
C ALA D 255 -32.55 -10.38 -25.41
N ALA D 256 -32.05 -10.90 -24.30
CA ALA D 256 -32.03 -12.33 -24.11
C ALA D 256 -32.44 -12.71 -22.70
N ILE D 257 -32.87 -13.97 -22.56
CA ILE D 257 -33.23 -14.58 -21.28
C ILE D 257 -32.17 -15.63 -20.98
N HIS D 258 -31.80 -15.80 -19.71
CA HIS D 258 -30.78 -16.78 -19.36
C HIS D 258 -31.26 -18.20 -19.65
N SER D 259 -30.33 -19.14 -19.65
CA SER D 259 -30.70 -20.52 -19.89
C SER D 259 -31.28 -21.17 -18.64
N GLN D 260 -30.77 -20.81 -17.45
CA GLN D 260 -31.32 -21.36 -16.23
C GLN D 260 -32.71 -20.83 -15.91
N LYS D 261 -33.06 -19.66 -16.43
CA LYS D 261 -34.42 -19.15 -16.30
C LYS D 261 -35.40 -20.02 -17.07
N ILE D 262 -35.04 -20.37 -18.30
CA ILE D 262 -35.87 -21.24 -19.12
C ILE D 262 -35.92 -22.64 -18.54
N GLY D 263 -34.78 -23.12 -18.04
CA GLY D 263 -34.75 -24.45 -17.48
C GLY D 263 -35.54 -24.57 -16.20
N ASN D 264 -35.63 -23.48 -15.44
CA ASN D 264 -36.52 -23.48 -14.29
C ASN D 264 -37.97 -23.42 -14.73
N ALA D 265 -38.24 -22.76 -15.85
CA ALA D 265 -39.59 -22.79 -16.39
C ALA D 265 -39.96 -24.17 -16.94
N LEU D 266 -38.98 -24.98 -17.33
CA LEU D 266 -39.30 -26.30 -17.87
C LEU D 266 -39.57 -27.33 -16.78
N ARG D 267 -38.85 -27.27 -15.66
CA ARG D 267 -39.04 -28.25 -14.61
C ARG D 267 -39.98 -27.77 -13.51
N THR D 268 -41.01 -27.00 -13.87
CA THR D 268 -42.16 -26.84 -12.98
C THR D 268 -43.05 -28.06 -13.18
N ILE D 269 -42.63 -29.15 -12.56
CA ILE D 269 -43.36 -30.41 -12.58
C ILE D 269 -44.23 -30.56 -11.36
N ASP D 270 -43.67 -30.17 -10.21
CA ASP D 270 -43.98 -30.78 -8.93
C ASP D 270 -45.36 -30.40 -8.42
N THR D 271 -46.38 -31.17 -8.77
CA THR D 271 -47.66 -31.07 -8.10
C THR D 271 -47.71 -31.86 -6.80
N TRP D 272 -46.70 -32.69 -6.55
CA TRP D 272 -46.79 -33.68 -5.48
C TRP D 272 -46.07 -33.20 -4.23
N TYR D 273 -46.51 -32.06 -3.70
CA TYR D 273 -45.92 -31.55 -2.48
C TYR D 273 -47.02 -31.39 -1.44
N PRO D 274 -46.73 -31.57 -0.15
CA PRO D 274 -47.80 -31.85 0.82
C PRO D 274 -48.75 -30.70 1.11
N ASP D 275 -48.58 -29.52 0.50
CA ASP D 275 -49.56 -28.45 0.72
C ASP D 275 -50.81 -28.69 -0.11
N GLU D 276 -50.67 -28.61 -1.43
CA GLU D 276 -51.79 -28.79 -2.34
C GLU D 276 -51.27 -28.90 -3.77
N ASP D 277 -52.19 -29.23 -4.69
CA ASP D 277 -51.99 -28.96 -6.10
C ASP D 277 -52.91 -27.85 -6.58
N GLY D 278 -53.85 -27.42 -5.74
CA GLY D 278 -54.68 -26.27 -6.07
C GLY D 278 -53.90 -24.97 -6.07
N LEU D 279 -52.78 -24.92 -5.36
CA LEU D 279 -51.83 -23.84 -5.57
C LEU D 279 -51.23 -23.91 -6.97
N GLY D 280 -50.80 -25.09 -7.38
CA GLY D 280 -50.25 -25.32 -8.69
C GLY D 280 -48.97 -26.11 -8.61
N PRO D 281 -48.42 -26.48 -9.76
CA PRO D 281 -47.11 -27.12 -9.77
C PRO D 281 -46.02 -26.12 -9.45
N ILE D 282 -44.98 -26.59 -8.79
CA ILE D 282 -43.83 -25.74 -8.52
C ILE D 282 -42.61 -26.36 -9.17
N ALA D 283 -41.45 -25.71 -9.04
CA ALA D 283 -40.22 -26.22 -9.58
C ALA D 283 -39.71 -27.40 -8.77
N VAL D 284 -38.75 -28.12 -9.33
CA VAL D 284 -38.27 -29.36 -8.75
C VAL D 284 -36.91 -29.05 -8.13
N GLU D 285 -36.88 -28.90 -6.81
CA GLU D 285 -35.66 -28.59 -6.07
C GLU D 285 -35.53 -29.58 -4.92
N PRO D 286 -34.32 -29.82 -4.46
CA PRO D 286 -34.17 -30.43 -3.13
C PRO D 286 -34.59 -29.43 -2.09
N TYR D 287 -35.30 -29.92 -1.07
CA TYR D 287 -36.05 -29.12 -0.10
C TYR D 287 -36.96 -28.15 -0.84
N GLY D 288 -37.88 -28.70 -1.63
CA GLY D 288 -38.38 -28.04 -2.82
C GLY D 288 -38.99 -26.68 -2.66
N SER D 289 -38.22 -25.66 -2.99
CA SER D 289 -38.42 -24.30 -2.55
C SER D 289 -38.91 -23.41 -3.68
N VAL D 290 -39.42 -22.24 -3.31
CA VAL D 290 -39.76 -21.18 -4.24
C VAL D 290 -39.06 -19.92 -3.77
N THR D 291 -38.41 -19.21 -4.71
CA THR D 291 -37.71 -17.99 -4.35
C THR D 291 -38.68 -16.84 -4.13
N SER D 292 -39.73 -16.75 -4.93
CA SER D 292 -40.68 -15.65 -4.80
C SER D 292 -41.56 -15.81 -3.58
N GLN D 293 -41.95 -17.05 -3.23
CA GLN D 293 -42.68 -17.27 -2.00
C GLN D 293 -41.80 -17.13 -0.78
N GLY D 294 -40.48 -17.20 -0.94
CA GLY D 294 -39.57 -17.03 0.17
C GLY D 294 -39.58 -18.17 1.17
N LYS D 295 -40.17 -19.31 0.81
CA LYS D 295 -40.24 -20.42 1.74
C LYS D 295 -39.90 -21.71 1.02
N ALA D 296 -39.50 -22.70 1.80
CA ALA D 296 -39.33 -24.06 1.32
C ALA D 296 -40.62 -24.81 1.55
N TYR D 297 -41.31 -25.16 0.46
CA TYR D 297 -42.17 -26.32 0.54
C TYR D 297 -41.31 -27.55 0.72
N ARG D 298 -41.95 -28.65 1.12
CA ARG D 298 -41.30 -29.96 1.24
C ARG D 298 -40.14 -29.89 2.23
N GLN D 299 -40.49 -29.61 3.48
CA GLN D 299 -39.53 -29.38 4.54
C GLN D 299 -38.77 -30.66 4.88
N PRO D 300 -37.55 -30.55 5.38
CA PRO D 300 -36.80 -31.75 5.76
C PRO D 300 -37.22 -32.37 7.09
N LYS D 301 -38.03 -31.69 7.90
CA LYS D 301 -38.58 -32.35 9.08
C LYS D 301 -39.77 -33.22 8.74
N GLN D 302 -40.55 -32.84 7.74
CA GLN D 302 -41.34 -33.81 7.01
C GLN D 302 -40.40 -34.74 6.25
N LYS D 303 -40.84 -35.95 5.98
CA LYS D 303 -39.98 -36.91 5.29
C LYS D 303 -40.30 -36.95 3.80
N LEU D 304 -40.10 -35.81 3.13
CA LEU D 304 -40.45 -35.72 1.72
C LEU D 304 -39.43 -35.04 0.82
N ASP D 305 -38.32 -34.50 1.35
CA ASP D 305 -37.33 -33.90 0.48
C ASP D 305 -36.55 -34.96 -0.29
N PHE D 306 -35.68 -34.49 -1.20
CA PHE D 306 -34.97 -35.37 -2.12
C PHE D 306 -33.97 -36.26 -1.40
N TYR D 307 -33.31 -35.74 -0.39
CA TYR D 307 -32.23 -36.47 0.27
C TYR D 307 -32.78 -37.62 1.11
N THR D 308 -33.87 -37.39 1.84
CA THR D 308 -34.47 -38.44 2.67
C THR D 308 -35.07 -39.53 1.80
N LEU D 309 -35.84 -39.14 0.78
CA LEU D 309 -36.45 -40.12 -0.13
C LEU D 309 -35.39 -40.92 -0.87
N LEU D 310 -34.31 -40.25 -1.29
CA LEU D 310 -33.25 -40.94 -2.03
C LEU D 310 -32.50 -41.92 -1.12
N ASP D 311 -32.15 -41.50 0.10
CA ASP D 311 -31.41 -42.38 0.97
C ASP D 311 -32.25 -43.54 1.48
N ASN D 312 -33.56 -43.35 1.61
CA ASN D 312 -34.40 -44.47 1.99
C ASN D 312 -34.64 -45.42 0.82
N TRP D 313 -34.70 -44.90 -0.39
CA TRP D 313 -35.00 -45.75 -1.52
C TRP D 313 -33.76 -46.45 -2.06
N VAL D 314 -32.58 -45.92 -1.81
CA VAL D 314 -31.35 -46.52 -2.29
C VAL D 314 -30.68 -47.36 -1.22
N LEU D 315 -30.42 -46.78 -0.05
CA LEU D 315 -29.62 -47.50 0.95
C LEU D 315 -30.40 -48.61 1.63
N ARG D 316 -31.72 -48.48 1.74
CA ARG D 316 -32.46 -49.45 2.53
C ARG D 316 -33.77 -49.89 1.87
N ASP D 317 -33.91 -49.67 0.55
CA ASP D 317 -34.96 -50.25 -0.28
C ASP D 317 -36.37 -49.88 0.18
N GLU D 318 -36.52 -48.66 0.67
CA GLU D 318 -37.84 -48.15 1.06
C GLU D 318 -38.37 -47.32 -0.10
N ALA D 319 -38.96 -48.02 -1.06
CA ALA D 319 -39.54 -47.40 -2.23
C ALA D 319 -40.74 -46.56 -1.82
N PRO D 320 -40.72 -45.25 -2.06
CA PRO D 320 -41.87 -44.42 -1.69
C PRO D 320 -43.05 -44.61 -2.62
N ALA D 321 -44.07 -43.77 -2.46
CA ALA D 321 -45.17 -43.74 -3.41
C ALA D 321 -44.65 -43.32 -4.78
N VAL D 322 -45.41 -43.70 -5.81
CA VAL D 322 -44.99 -43.58 -7.20
C VAL D 322 -44.69 -42.12 -7.56
N GLU D 323 -45.51 -41.20 -7.07
CA GLU D 323 -45.33 -39.79 -7.36
C GLU D 323 -44.09 -39.22 -6.69
N GLN D 324 -43.72 -39.74 -5.53
CA GLN D 324 -42.48 -39.29 -4.92
C GLN D 324 -41.27 -39.87 -5.64
N GLN D 325 -41.44 -41.02 -6.29
CA GLN D 325 -40.40 -41.52 -7.17
C GLN D 325 -40.25 -40.65 -8.40
N HIS D 326 -41.36 -40.13 -8.92
CA HIS D 326 -41.29 -39.16 -10.01
C HIS D 326 -40.53 -37.92 -9.58
N TYR D 327 -40.73 -37.48 -8.34
CA TYR D 327 -39.97 -36.35 -7.80
C TYR D 327 -38.47 -36.63 -7.73
N VAL D 328 -38.10 -37.83 -7.24
CA VAL D 328 -36.67 -38.15 -7.08
C VAL D 328 -36.00 -38.26 -8.45
N ILE D 329 -36.66 -38.90 -9.41
CA ILE D 329 -36.09 -39.02 -10.74
C ILE D 329 -36.05 -37.65 -11.44
N ALA D 330 -37.00 -36.77 -11.13
CA ALA D 330 -36.95 -35.44 -11.70
C ALA D 330 -35.80 -34.61 -11.13
N ASN D 331 -35.45 -34.85 -9.87
CA ASN D 331 -34.23 -34.24 -9.33
C ASN D 331 -32.98 -34.85 -9.92
N LEU D 332 -33.03 -36.09 -10.37
CA LEU D 332 -31.87 -36.63 -11.06
C LEU D 332 -31.74 -36.11 -12.49
N ILE D 333 -32.86 -35.80 -13.14
CA ILE D 333 -32.83 -35.16 -14.45
C ILE D 333 -32.42 -33.70 -14.34
N ARG D 334 -32.75 -33.02 -13.25
CA ARG D 334 -32.27 -31.66 -13.01
C ARG D 334 -30.75 -31.61 -12.91
N GLY D 335 -30.14 -32.58 -12.24
CA GLY D 335 -28.72 -32.53 -11.99
C GLY D 335 -28.39 -31.68 -10.79
N GLY D 336 -27.22 -31.95 -10.20
CA GLY D 336 -26.84 -31.19 -9.03
C GLY D 336 -25.55 -31.69 -8.44
N VAL D 337 -25.14 -31.01 -7.37
CA VAL D 337 -23.98 -31.41 -6.58
C VAL D 337 -24.58 -32.04 -5.33
N PHE D 338 -24.76 -33.35 -5.36
CA PHE D 338 -25.39 -34.05 -4.26
C PHE D 338 -24.28 -34.57 -3.37
N GLY D 339 -24.60 -35.39 -2.38
CA GLY D 339 -23.60 -35.91 -1.49
C GLY D 339 -23.10 -34.88 -0.51
N GLU D 340 -22.25 -35.35 0.41
CA GLU D 340 -21.85 -34.58 1.58
C GLU D 340 -21.04 -33.32 1.27
N ILE E 7 24.18 -56.05 -7.74
CA ILE E 7 23.08 -55.51 -6.95
C ILE E 7 22.87 -54.05 -7.32
N LEU E 8 21.82 -53.78 -8.09
CA LEU E 8 21.50 -52.43 -8.48
C LEU E 8 20.52 -51.79 -7.50
N SER E 9 20.34 -50.49 -7.66
CA SER E 9 19.27 -49.75 -6.99
C SER E 9 18.75 -48.71 -7.96
N THR E 10 17.62 -48.12 -7.63
CA THR E 10 17.10 -47.07 -8.48
C THR E 10 17.92 -45.81 -8.30
N ALA E 11 17.93 -44.98 -9.34
CA ALA E 11 18.48 -43.64 -9.21
C ALA E 11 17.62 -42.84 -8.24
N SER E 12 18.28 -42.06 -7.38
CA SER E 12 17.51 -41.25 -6.45
C SER E 12 16.78 -40.12 -7.14
N VAL E 13 17.24 -39.70 -8.32
CA VAL E 13 16.56 -38.71 -9.14
C VAL E 13 16.44 -39.31 -10.53
N LEU E 14 15.26 -39.82 -10.86
CA LEU E 14 14.89 -40.09 -12.24
C LEU E 14 13.91 -39.05 -12.70
N ALA E 15 14.00 -38.69 -13.98
CA ALA E 15 13.05 -37.76 -14.56
C ALA E 15 12.97 -38.06 -16.04
N PHE E 16 11.77 -38.28 -16.54
CA PHE E 16 11.52 -38.48 -17.95
C PHE E 16 10.74 -37.28 -18.48
N GLU E 17 11.08 -36.85 -19.68
CA GLU E 17 10.31 -35.80 -20.33
C GLU E 17 9.16 -36.43 -21.10
N ARG E 18 8.13 -35.64 -21.35
CA ARG E 18 6.95 -36.21 -21.98
C ARG E 18 7.12 -36.29 -23.48
N LYS E 19 6.51 -37.31 -24.05
CA LYS E 19 6.23 -37.40 -25.47
C LYS E 19 4.74 -37.20 -25.62
N LEU E 20 4.27 -37.14 -26.86
CA LEU E 20 2.88 -36.81 -27.19
C LEU E 20 2.53 -35.44 -26.60
N ASP E 21 3.08 -34.40 -27.21
CA ASP E 21 2.88 -33.04 -26.75
C ASP E 21 1.71 -32.42 -27.50
N PRO E 22 0.55 -32.23 -26.87
CA PRO E 22 -0.51 -31.49 -27.53
C PRO E 22 -0.43 -30.01 -27.18
N SER E 23 -1.10 -29.17 -27.95
CA SER E 23 -1.20 -27.77 -27.62
C SER E 23 -2.55 -27.52 -26.98
N ASP E 24 -2.86 -26.26 -26.72
CA ASP E 24 -4.21 -25.89 -26.34
C ASP E 24 -5.14 -26.07 -27.54
N ALA E 25 -6.36 -26.51 -27.28
CA ALA E 25 -7.33 -26.72 -28.34
C ALA E 25 -8.28 -25.54 -28.36
N LEU E 26 -8.19 -24.70 -29.37
CA LEU E 26 -8.97 -23.49 -29.39
C LEU E 26 -10.27 -23.74 -30.12
N MET E 27 -11.37 -23.27 -29.55
CA MET E 27 -12.68 -23.61 -30.07
C MET E 27 -13.22 -22.50 -30.95
N SER E 28 -13.70 -22.87 -32.13
CA SER E 28 -14.41 -21.99 -33.04
C SER E 28 -15.71 -22.67 -33.44
N ALA E 29 -16.62 -21.92 -34.04
CA ALA E 29 -17.95 -22.46 -34.30
C ALA E 29 -18.50 -21.97 -35.62
N GLY E 30 -19.32 -22.81 -36.23
CA GLY E 30 -19.92 -22.50 -37.51
C GLY E 30 -21.06 -23.44 -37.81
N ALA E 31 -21.46 -23.45 -39.07
CA ALA E 31 -22.51 -24.35 -39.53
C ALA E 31 -21.90 -25.58 -40.18
N TRP E 32 -22.42 -26.76 -39.82
CA TRP E 32 -22.04 -28.02 -40.44
C TRP E 32 -22.36 -27.99 -41.93
N ALA E 33 -21.69 -28.88 -42.67
CA ALA E 33 -21.65 -28.90 -44.13
C ALA E 33 -21.14 -27.58 -44.70
N GLN E 34 -20.31 -26.89 -43.94
CA GLN E 34 -19.42 -25.84 -44.38
C GLN E 34 -18.05 -26.10 -43.78
N ARG E 35 -17.77 -27.37 -43.52
CA ARG E 35 -16.62 -27.79 -42.74
C ARG E 35 -15.33 -27.84 -43.55
N ASP E 36 -15.43 -27.89 -44.86
CA ASP E 36 -14.23 -27.81 -45.68
C ASP E 36 -13.80 -26.37 -45.91
N ALA E 37 -14.65 -25.40 -45.57
CA ALA E 37 -14.32 -23.98 -45.58
C ALA E 37 -14.20 -23.44 -44.17
N SER E 38 -13.67 -24.24 -43.26
CA SER E 38 -13.74 -23.96 -41.83
C SER E 38 -12.46 -23.35 -41.28
N GLN E 39 -11.65 -22.74 -42.12
CA GLN E 39 -10.44 -22.08 -41.62
C GLN E 39 -10.69 -20.64 -41.21
N GLU E 40 -11.88 -20.11 -41.51
CA GLU E 40 -12.22 -18.73 -41.19
C GLU E 40 -13.48 -18.69 -40.33
N TRP E 41 -13.66 -19.68 -39.48
CA TRP E 41 -14.76 -19.61 -38.55
C TRP E 41 -14.38 -18.73 -37.36
N PRO E 42 -15.31 -17.93 -36.86
CA PRO E 42 -15.00 -17.10 -35.70
C PRO E 42 -14.89 -17.94 -34.44
N ALA E 43 -14.15 -17.42 -33.47
CA ALA E 43 -13.94 -18.16 -32.24
C ALA E 43 -15.19 -18.17 -31.37
N VAL E 44 -15.24 -19.16 -30.48
CA VAL E 44 -16.21 -19.17 -29.39
C VAL E 44 -15.63 -18.33 -28.26
N THR E 45 -16.39 -17.33 -27.84
CA THR E 45 -15.93 -16.37 -26.85
C THR E 45 -16.52 -16.69 -25.49
N VAL E 46 -15.70 -16.54 -24.46
CA VAL E 46 -16.10 -16.78 -23.08
C VAL E 46 -16.81 -15.52 -22.60
N ARG E 47 -18.13 -15.54 -22.62
CA ARG E 47 -18.92 -14.41 -22.15
C ARG E 47 -19.14 -14.57 -20.65
N GLU E 48 -20.09 -13.81 -20.10
CA GLU E 48 -20.25 -13.74 -18.67
C GLU E 48 -21.67 -13.34 -18.36
N LYS E 49 -22.31 -14.06 -17.43
CA LYS E 49 -23.69 -13.80 -17.10
C LYS E 49 -23.87 -13.93 -15.60
N SER E 50 -24.93 -13.31 -15.10
CA SER E 50 -25.29 -13.40 -13.69
C SER E 50 -26.18 -14.60 -13.47
N VAL E 51 -25.92 -15.32 -12.39
CA VAL E 51 -26.76 -16.46 -12.02
C VAL E 51 -27.24 -16.23 -10.61
N ARG E 52 -28.42 -16.73 -10.30
CA ARG E 52 -29.02 -16.63 -8.97
C ARG E 52 -29.56 -18.00 -8.60
N GLY E 53 -28.96 -18.62 -7.60
CA GLY E 53 -29.33 -19.95 -7.18
C GLY E 53 -30.01 -19.97 -5.83
N THR E 54 -30.26 -21.19 -5.36
CA THR E 54 -30.90 -21.38 -4.08
C THR E 54 -30.11 -22.38 -3.25
N ILE E 55 -30.65 -22.78 -2.11
CA ILE E 55 -30.00 -23.78 -1.25
C ILE E 55 -30.49 -25.15 -1.68
N SER E 56 -29.58 -25.93 -2.27
CA SER E 56 -29.89 -27.29 -2.66
C SER E 56 -28.87 -28.30 -2.15
N ASN E 57 -27.86 -27.87 -1.40
CA ASN E 57 -26.86 -28.77 -0.88
C ASN E 57 -27.40 -29.60 0.27
N ARG E 58 -26.70 -30.68 0.58
CA ARG E 58 -27.13 -31.58 1.65
C ARG E 58 -26.87 -30.89 2.99
N LEU E 59 -27.94 -30.41 3.61
CA LEU E 59 -27.85 -29.72 4.89
C LEU E 59 -27.40 -30.66 6.00
N LYS E 60 -26.49 -30.18 6.83
CA LYS E 60 -26.03 -30.94 7.99
C LYS E 60 -27.15 -31.10 8.98
N THR E 61 -27.50 -32.34 9.33
CA THR E 61 -28.73 -32.62 10.05
C THR E 61 -28.62 -32.35 11.54
N LYS E 62 -28.13 -31.18 11.91
CA LYS E 62 -28.11 -30.70 13.28
C LYS E 62 -28.74 -29.33 13.30
N ASP E 63 -28.61 -28.61 12.19
CA ASP E 63 -29.34 -27.36 11.97
C ASP E 63 -30.09 -27.51 10.65
N ARG E 64 -31.23 -28.20 10.71
CA ARG E 64 -32.21 -28.21 9.62
C ARG E 64 -33.58 -27.96 10.25
N ASP E 65 -33.86 -26.70 10.50
CA ASP E 65 -35.10 -26.19 11.07
C ASP E 65 -35.87 -25.46 9.99
N PRO E 66 -37.21 -25.44 10.06
CA PRO E 66 -37.98 -24.72 9.04
C PRO E 66 -37.73 -23.22 9.02
N ALA E 67 -37.54 -22.62 10.20
CA ALA E 67 -37.22 -21.19 10.26
C ALA E 67 -35.83 -20.92 9.72
N LYS E 68 -34.86 -21.78 10.05
CA LYS E 68 -33.48 -21.60 9.58
C LYS E 68 -33.39 -21.76 8.07
N LEU E 69 -34.07 -22.77 7.53
CA LEU E 69 -34.04 -23.00 6.09
C LEU E 69 -34.78 -21.90 5.34
N ASP E 70 -35.93 -21.45 5.87
CA ASP E 70 -36.66 -20.37 5.22
C ASP E 70 -35.87 -19.08 5.23
N ALA E 71 -35.21 -18.76 6.34
CA ALA E 71 -34.36 -17.57 6.39
C ALA E 71 -33.11 -17.71 5.54
N SER E 72 -32.66 -18.93 5.30
CA SER E 72 -31.56 -19.14 4.36
C SER E 72 -32.02 -18.88 2.93
N ILE E 73 -33.25 -19.26 2.61
CA ILE E 73 -33.81 -18.94 1.30
C ILE E 73 -34.10 -17.45 1.15
N GLN E 74 -34.32 -16.74 2.26
CA GLN E 74 -34.55 -15.29 2.19
C GLN E 74 -33.34 -14.51 1.69
N SER E 75 -32.14 -15.07 1.78
CA SER E 75 -30.92 -14.43 1.29
C SER E 75 -30.35 -15.28 0.16
N PRO E 76 -30.81 -15.10 -1.07
CA PRO E 76 -30.34 -15.95 -2.17
C PRO E 76 -28.94 -15.56 -2.60
N ASN E 77 -28.09 -16.57 -2.78
CA ASN E 77 -26.72 -16.34 -3.21
C ASN E 77 -26.68 -15.89 -4.66
N LEU E 78 -26.29 -14.64 -4.87
CA LEU E 78 -26.01 -14.13 -6.20
C LEU E 78 -24.58 -14.46 -6.58
N GLN E 79 -24.39 -14.86 -7.84
CA GLN E 79 -23.08 -15.21 -8.36
C GLN E 79 -22.98 -14.73 -9.80
N THR E 80 -21.74 -14.67 -10.28
CA THR E 80 -21.45 -14.37 -11.67
C THR E 80 -20.58 -15.50 -12.20
N VAL E 81 -20.83 -15.91 -13.44
CA VAL E 81 -20.15 -17.06 -14.02
C VAL E 81 -19.63 -16.69 -15.40
N ASP E 82 -18.62 -17.42 -15.84
CA ASP E 82 -18.22 -17.41 -17.25
C ASP E 82 -18.92 -18.54 -17.98
N VAL E 83 -19.49 -18.23 -19.14
CA VAL E 83 -20.13 -19.23 -19.97
C VAL E 83 -19.56 -19.15 -21.38
N ALA E 84 -19.80 -20.20 -22.14
CA ALA E 84 -19.40 -20.22 -23.54
C ALA E 84 -20.46 -21.00 -24.30
N ASN E 85 -21.15 -20.31 -25.21
CA ASN E 85 -22.16 -20.92 -26.05
C ASN E 85 -21.71 -20.89 -27.50
N LEU E 86 -22.52 -21.49 -28.36
CA LEU E 86 -22.41 -21.26 -29.77
C LEU E 86 -23.24 -20.04 -30.13
N PRO E 87 -23.05 -19.47 -31.32
CA PRO E 87 -24.00 -18.46 -31.78
C PRO E 87 -25.35 -19.09 -32.12
N SER E 88 -26.35 -18.23 -32.26
CA SER E 88 -27.71 -18.67 -32.53
C SER E 88 -27.92 -19.18 -33.95
N ASP E 89 -26.91 -19.13 -34.80
CA ASP E 89 -26.98 -19.70 -36.13
C ASP E 89 -25.95 -20.77 -36.40
N ALA E 90 -24.98 -20.98 -35.50
CA ALA E 90 -24.00 -22.04 -35.64
C ALA E 90 -24.44 -23.25 -34.83
N ASP E 91 -24.27 -24.45 -35.40
CA ASP E 91 -24.63 -25.68 -34.72
C ASP E 91 -23.47 -26.66 -34.64
N THR E 92 -22.25 -26.19 -34.78
CA THR E 92 -21.09 -27.07 -34.84
C THR E 92 -19.95 -26.42 -34.08
N LEU E 93 -19.31 -27.19 -33.20
CA LEU E 93 -18.10 -26.79 -32.52
C LEU E 93 -16.90 -27.33 -33.26
N LYS E 94 -15.96 -26.47 -33.62
CA LYS E 94 -14.68 -26.89 -34.17
C LYS E 94 -13.62 -26.80 -33.10
N VAL E 95 -12.86 -27.87 -32.90
CA VAL E 95 -11.83 -27.93 -31.89
C VAL E 95 -10.54 -28.38 -32.56
N ARG E 96 -9.48 -27.58 -32.44
CA ARG E 96 -8.27 -27.76 -33.25
C ARG E 96 -7.03 -27.65 -32.38
N PHE E 97 -6.14 -28.63 -32.49
CA PHE E 97 -4.87 -28.60 -31.79
C PHE E 97 -3.86 -29.40 -32.60
N THR E 98 -2.59 -29.23 -32.26
CA THR E 98 -1.51 -29.93 -32.94
C THR E 98 -0.79 -30.86 -31.98
N LEU E 99 -0.40 -32.02 -32.46
CA LEU E 99 0.26 -33.03 -31.65
C LEU E 99 1.61 -33.38 -32.25
N ARG E 100 2.65 -33.32 -31.42
CA ARG E 100 3.96 -33.84 -31.78
C ARG E 100 4.24 -35.13 -31.04
N VAL E 101 4.80 -36.10 -31.74
CA VAL E 101 5.22 -37.36 -31.16
C VAL E 101 6.72 -37.44 -31.32
N LEU E 102 7.44 -37.58 -30.20
CA LEU E 102 8.87 -37.30 -30.20
C LEU E 102 9.74 -38.54 -30.27
N GLY E 103 9.57 -39.47 -29.38
CA GLY E 103 10.43 -40.62 -29.54
C GLY E 103 11.72 -40.51 -28.77
N GLY E 104 12.26 -41.67 -28.39
CA GLY E 104 13.32 -41.72 -27.41
C GLY E 104 12.72 -41.90 -26.04
N ALA E 105 11.86 -42.91 -25.90
CA ALA E 105 10.94 -42.97 -24.77
C ALA E 105 11.64 -43.36 -23.47
N GLY E 106 12.56 -44.31 -23.53
CA GLY E 106 13.14 -44.79 -22.30
C GLY E 106 14.34 -44.04 -21.79
N THR E 107 14.74 -42.94 -22.41
CA THR E 107 15.94 -42.27 -21.91
C THR E 107 15.56 -41.20 -20.91
N PRO E 108 16.10 -41.24 -19.70
CA PRO E 108 15.75 -40.22 -18.71
C PRO E 108 16.42 -38.90 -19.02
N SER E 109 15.83 -37.83 -18.50
CA SER E 109 16.46 -36.53 -18.61
C SER E 109 17.34 -36.21 -17.41
N ALA E 110 17.21 -36.95 -16.33
CA ALA E 110 18.09 -36.79 -15.18
C ALA E 110 18.22 -38.13 -14.48
N CYS E 111 19.44 -38.52 -14.14
CA CYS E 111 19.66 -39.84 -13.57
C CYS E 111 20.94 -39.84 -12.77
N ASN E 112 20.85 -40.20 -11.49
CA ASN E 112 22.06 -40.23 -10.64
C ASN E 112 23.00 -41.34 -11.05
N ASP E 113 22.53 -42.59 -11.00
CA ASP E 113 23.36 -43.73 -11.37
C ASP E 113 23.63 -43.75 -12.86
N ALA E 114 24.74 -44.39 -13.23
CA ALA E 114 25.01 -44.69 -14.63
C ALA E 114 24.83 -46.16 -14.96
N ALA E 115 24.91 -47.04 -13.97
CA ALA E 115 24.63 -48.45 -14.21
C ALA E 115 23.14 -48.69 -14.34
N TYR E 116 22.34 -47.98 -13.52
CA TYR E 116 20.90 -48.09 -13.61
C TYR E 116 20.39 -47.56 -14.94
N ARG E 117 21.00 -46.48 -15.44
CA ARG E 117 20.61 -45.92 -16.73
C ARG E 117 20.87 -46.92 -17.85
N ASP E 118 22.03 -47.59 -17.81
CA ASP E 118 22.36 -48.55 -18.85
C ASP E 118 21.48 -49.79 -18.77
N LYS E 119 21.14 -50.23 -17.56
CA LYS E 119 20.24 -51.37 -17.40
C LYS E 119 18.82 -51.03 -17.85
N LEU E 120 18.36 -49.81 -17.56
CA LEU E 120 17.05 -49.37 -18.02
C LEU E 120 16.99 -49.23 -19.53
N LEU E 121 18.06 -48.76 -20.16
CA LEU E 121 18.05 -48.68 -21.61
C LEU E 121 18.15 -50.04 -22.26
N GLN E 122 18.82 -51.01 -21.63
CA GLN E 122 18.80 -52.38 -22.13
C GLN E 122 17.40 -52.97 -22.06
N THR E 123 16.69 -52.78 -20.95
CA THR E 123 15.35 -53.37 -20.85
C THR E 123 14.35 -52.68 -21.77
N VAL E 124 14.45 -51.35 -21.91
CA VAL E 124 13.55 -50.65 -22.84
C VAL E 124 13.87 -51.04 -24.27
N ALA E 125 15.14 -51.22 -24.62
CA ALA E 125 15.49 -51.59 -25.99
C ALA E 125 15.08 -53.02 -26.30
N THR E 126 15.16 -53.91 -25.31
CA THR E 126 14.67 -55.27 -25.48
C THR E 126 13.17 -55.29 -25.68
N TYR E 127 12.45 -54.46 -24.94
CA TYR E 127 11.02 -54.23 -25.19
C TYR E 127 10.78 -53.78 -26.62
N VAL E 128 11.45 -52.72 -27.05
CA VAL E 128 11.17 -52.07 -28.33
C VAL E 128 11.48 -52.99 -29.50
N ASN E 129 12.53 -53.81 -29.41
CA ASN E 129 12.80 -54.64 -30.57
C ASN E 129 11.99 -55.93 -30.57
N ASP E 130 11.68 -56.53 -29.41
CA ASP E 130 10.89 -57.76 -29.53
C ASP E 130 9.41 -57.48 -29.75
N GLN E 131 8.94 -56.27 -29.41
CA GLN E 131 7.61 -55.83 -29.76
C GLN E 131 7.60 -54.31 -29.89
N GLY E 132 7.24 -53.81 -31.07
CA GLY E 132 7.37 -52.39 -31.32
C GLY E 132 6.40 -51.51 -30.56
N PHE E 133 6.29 -50.25 -30.97
CA PHE E 133 5.30 -49.36 -30.39
C PHE E 133 3.95 -49.48 -31.08
N ALA E 134 3.66 -50.60 -31.74
CA ALA E 134 2.45 -50.72 -32.55
C ALA E 134 1.19 -50.81 -31.70
N GLU E 135 1.26 -51.46 -30.55
CA GLU E 135 0.09 -51.57 -29.67
C GLU E 135 -0.22 -50.23 -29.01
N LEU E 136 0.80 -49.60 -28.44
CA LEU E 136 0.61 -48.30 -27.80
C LEU E 136 0.17 -47.24 -28.79
N ALA E 137 0.76 -47.23 -29.98
CA ALA E 137 0.35 -46.27 -30.99
C ALA E 137 -1.02 -46.58 -31.56
N ARG E 138 -1.42 -47.85 -31.55
CA ARG E 138 -2.77 -48.18 -31.98
C ARG E 138 -3.80 -47.68 -30.99
N ARG E 139 -3.50 -47.76 -29.70
CA ARG E 139 -4.42 -47.24 -28.69
C ARG E 139 -4.44 -45.70 -28.68
N TYR E 140 -3.26 -45.08 -28.86
CA TYR E 140 -3.19 -43.63 -29.01
C TYR E 140 -3.93 -43.13 -30.24
N ALA E 141 -3.83 -43.87 -31.35
CA ALA E 141 -4.53 -43.47 -32.56
C ALA E 141 -6.01 -43.71 -32.44
N HIS E 142 -6.43 -44.70 -31.65
CA HIS E 142 -7.84 -44.80 -31.29
C HIS E 142 -8.31 -43.56 -30.57
N ASN E 143 -7.57 -43.14 -29.52
CA ASN E 143 -8.00 -41.97 -28.76
C ASN E 143 -7.89 -40.66 -29.53
N LEU E 144 -7.15 -40.64 -30.63
CA LEU E 144 -7.30 -39.53 -31.56
C LEU E 144 -8.54 -39.71 -32.42
N ALA E 145 -8.85 -40.94 -32.81
CA ALA E 145 -9.89 -41.21 -33.78
C ALA E 145 -11.28 -41.02 -33.20
N ASN E 146 -11.58 -41.67 -32.07
CA ASN E 146 -12.69 -41.18 -31.29
C ASN E 146 -12.23 -39.93 -30.55
N ALA E 147 -13.15 -39.02 -30.29
CA ALA E 147 -12.75 -37.77 -29.70
C ALA E 147 -12.90 -37.87 -28.18
N ARG E 148 -11.91 -38.49 -27.54
CA ARG E 148 -11.83 -38.42 -26.08
C ARG E 148 -11.63 -36.99 -25.62
N PHE E 149 -10.87 -36.19 -26.38
CA PHE E 149 -10.52 -34.84 -25.98
C PHE E 149 -11.70 -33.89 -25.99
N LEU E 150 -12.76 -34.21 -26.71
CA LEU E 150 -14.04 -33.56 -26.49
C LEU E 150 -14.59 -34.23 -25.24
N TRP E 151 -14.40 -33.62 -24.09
CA TRP E 151 -14.78 -34.29 -22.86
C TRP E 151 -16.27 -34.30 -22.65
N ARG E 152 -16.87 -33.14 -22.42
CA ARG E 152 -18.31 -33.07 -22.33
C ARG E 152 -18.92 -32.53 -23.62
N ASN E 153 -18.08 -31.99 -24.50
CA ASN E 153 -18.54 -31.52 -25.80
C ASN E 153 -19.01 -32.68 -26.67
N ARG E 154 -18.49 -33.88 -26.41
CA ARG E 154 -18.85 -35.05 -27.18
C ARG E 154 -20.21 -35.61 -26.77
N VAL E 155 -20.54 -35.56 -25.47
CA VAL E 155 -21.70 -36.24 -24.91
C VAL E 155 -22.99 -35.67 -25.49
N GLY E 156 -23.76 -36.53 -26.14
CA GLY E 156 -25.01 -36.12 -26.74
C GLY E 156 -24.86 -35.26 -27.96
N ALA E 157 -24.34 -35.83 -29.04
CA ALA E 157 -24.10 -35.12 -30.28
C ALA E 157 -24.59 -35.97 -31.44
N GLU E 158 -25.00 -35.30 -32.53
CA GLU E 158 -25.47 -36.04 -33.69
C GLU E 158 -24.33 -36.70 -34.43
N ALA E 159 -23.23 -35.99 -34.59
CA ALA E 159 -22.15 -36.43 -35.44
C ALA E 159 -20.88 -35.78 -34.95
N VAL E 160 -19.82 -36.59 -34.80
CA VAL E 160 -18.51 -36.11 -34.39
C VAL E 160 -17.53 -36.62 -35.42
N GLU E 161 -17.02 -35.74 -36.27
CA GLU E 161 -16.02 -36.09 -37.26
C GLU E 161 -14.65 -35.54 -36.87
N VAL E 162 -13.64 -36.39 -36.87
CA VAL E 162 -12.27 -36.01 -36.58
C VAL E 162 -11.48 -35.97 -37.88
N ARG E 163 -10.71 -34.91 -38.09
CA ARG E 163 -9.88 -34.75 -39.28
C ARG E 163 -8.44 -34.54 -38.87
N ILE E 164 -7.55 -35.42 -39.31
CA ILE E 164 -6.17 -35.48 -38.87
C ILE E 164 -5.27 -35.33 -40.10
N ASN E 165 -4.29 -34.43 -40.01
CA ASN E 165 -3.37 -34.18 -41.11
C ASN E 165 -1.94 -34.29 -40.63
N HIS E 166 -1.15 -35.14 -41.27
CA HIS E 166 0.28 -35.13 -41.03
C HIS E 166 0.93 -34.07 -41.88
N ILE E 167 1.71 -33.20 -41.26
CA ILE E 167 2.23 -31.99 -41.89
C ILE E 167 3.74 -32.09 -41.96
N ARG E 168 4.28 -32.14 -43.16
CA ARG E 168 5.73 -32.31 -43.30
C ARG E 168 6.48 -30.99 -43.11
N GLN E 169 6.31 -30.05 -44.03
CA GLN E 169 6.87 -28.73 -43.72
C GLN E 169 5.76 -27.78 -43.31
N GLY E 170 4.86 -27.50 -44.23
CA GLY E 170 3.71 -26.67 -43.94
C GLY E 170 2.57 -27.23 -44.76
N GLU E 171 2.86 -28.37 -45.38
CA GLU E 171 1.98 -28.99 -46.34
C GLU E 171 1.43 -30.27 -45.73
N VAL E 172 0.16 -30.55 -46.03
CA VAL E 172 -0.48 -31.78 -45.56
C VAL E 172 0.10 -32.95 -46.35
N ALA E 173 0.79 -33.85 -45.68
CA ALA E 173 1.28 -35.05 -46.32
C ALA E 173 0.16 -36.06 -46.54
N ARG E 174 -0.45 -36.53 -45.46
CA ARG E 174 -1.60 -37.41 -45.54
C ARG E 174 -2.74 -36.83 -44.72
N ALA E 175 -3.97 -36.98 -45.22
CA ALA E 175 -5.18 -36.49 -44.57
C ALA E 175 -6.11 -37.64 -44.23
N TRP E 176 -6.39 -37.81 -42.94
CA TRP E 176 -7.37 -38.78 -42.44
C TRP E 176 -8.71 -38.10 -42.18
N ARG E 177 -9.78 -38.87 -42.26
CA ARG E 177 -11.11 -38.43 -41.88
C ARG E 177 -11.81 -39.58 -41.17
N PHE E 178 -12.26 -39.33 -39.95
CA PHE E 178 -12.83 -40.36 -39.08
C PHE E 178 -14.24 -39.98 -38.67
N ASP E 179 -14.91 -40.94 -38.04
CA ASP E 179 -16.30 -40.77 -37.61
C ASP E 179 -16.34 -41.23 -36.16
N ALA E 180 -16.19 -40.29 -35.24
CA ALA E 180 -15.79 -40.62 -33.87
C ALA E 180 -16.89 -41.24 -33.04
N LEU E 181 -18.11 -41.35 -33.55
CA LEU E 181 -19.15 -42.06 -32.83
C LEU E 181 -19.23 -43.52 -33.24
N ALA E 182 -18.97 -43.82 -34.52
CA ALA E 182 -18.93 -45.21 -34.96
C ALA E 182 -17.73 -45.93 -34.38
N ILE E 183 -16.56 -45.30 -34.42
CA ILE E 183 -15.44 -45.73 -33.60
C ILE E 183 -15.82 -45.59 -32.14
N GLY E 184 -15.76 -46.69 -31.41
CA GLY E 184 -16.28 -46.71 -30.06
C GLY E 184 -15.43 -45.92 -29.09
N LEU E 185 -15.97 -45.78 -27.90
CA LEU E 185 -15.29 -45.14 -26.79
C LEU E 185 -14.71 -46.18 -25.84
N ARG E 186 -15.01 -47.46 -26.07
CA ARG E 186 -14.59 -48.56 -25.21
C ARG E 186 -13.97 -49.74 -25.92
N ASP E 187 -14.13 -49.85 -27.24
CA ASP E 187 -13.49 -50.92 -28.00
C ASP E 187 -12.33 -50.37 -28.83
N PHE E 188 -11.31 -51.20 -28.98
CA PHE E 188 -10.14 -50.92 -29.80
C PHE E 188 -10.09 -52.03 -30.86
N LYS E 189 -10.78 -51.84 -31.99
CA LYS E 189 -10.91 -52.86 -33.01
C LYS E 189 -10.09 -52.51 -34.25
N ALA E 190 -10.26 -53.30 -35.31
CA ALA E 190 -9.39 -53.25 -36.48
C ALA E 190 -9.98 -52.36 -37.57
N ASP E 191 -9.14 -51.49 -38.12
CA ASP E 191 -9.49 -50.67 -39.26
C ASP E 191 -8.20 -50.44 -40.05
N ALA E 192 -8.34 -50.15 -41.34
CA ALA E 192 -7.16 -49.93 -42.16
C ALA E 192 -6.57 -48.54 -41.93
N GLU E 193 -7.43 -47.53 -41.80
CA GLU E 193 -6.95 -46.17 -41.62
C GLU E 193 -6.37 -45.96 -40.23
N LEU E 194 -6.96 -46.58 -39.21
CA LEU E 194 -6.35 -46.58 -37.89
C LEU E 194 -5.02 -47.31 -37.88
N ASP E 195 -4.86 -48.36 -38.67
CA ASP E 195 -3.56 -49.02 -38.72
C ASP E 195 -2.52 -48.17 -39.41
N ALA E 196 -2.91 -47.42 -40.44
CA ALA E 196 -1.97 -46.49 -41.07
C ALA E 196 -1.56 -45.36 -40.11
N LEU E 197 -2.52 -44.82 -39.38
CA LEU E 197 -2.23 -43.79 -38.39
C LEU E 197 -1.38 -44.32 -37.25
N ALA E 198 -1.60 -45.56 -36.86
CA ALA E 198 -0.77 -46.17 -35.83
C ALA E 198 0.63 -46.44 -36.32
N GLU E 199 0.80 -46.75 -37.61
CA GLU E 199 2.15 -46.87 -38.18
C GLU E 199 2.88 -45.53 -38.16
N LEU E 200 2.17 -44.45 -38.47
CA LEU E 200 2.78 -43.12 -38.40
C LEU E 200 3.18 -42.74 -36.98
N ILE E 201 2.28 -42.95 -36.02
CA ILE E 201 2.58 -42.61 -34.63
C ILE E 201 3.66 -43.52 -34.05
N ALA E 202 3.70 -44.78 -34.47
CA ALA E 202 4.74 -45.69 -33.99
C ALA E 202 6.08 -45.42 -34.64
N SER E 203 6.11 -44.86 -35.86
CA SER E 203 7.38 -44.41 -36.38
C SER E 203 7.84 -43.16 -35.69
N GLY E 204 6.90 -42.35 -35.20
CA GLY E 204 7.27 -41.22 -34.35
C GLY E 204 7.88 -41.65 -33.04
N LEU E 205 7.23 -42.56 -32.31
CA LEU E 205 7.67 -42.96 -30.98
C LEU E 205 8.98 -43.73 -30.96
N SER E 206 9.41 -44.29 -32.08
CA SER E 206 10.63 -45.08 -32.10
C SER E 206 11.82 -44.30 -32.63
N GLY E 207 11.64 -43.05 -33.02
CA GLY E 207 12.72 -42.26 -33.56
C GLY E 207 12.91 -42.36 -35.05
N SER E 208 12.12 -43.19 -35.73
CA SER E 208 12.26 -43.39 -37.16
C SER E 208 11.56 -42.34 -38.01
N GLY E 209 11.10 -41.24 -37.43
CA GLY E 209 10.43 -40.25 -38.25
C GLY E 209 10.08 -39.03 -37.45
N HIS E 210 9.48 -38.07 -38.17
CA HIS E 210 9.00 -36.81 -37.63
C HIS E 210 7.49 -36.78 -37.74
N VAL E 211 6.81 -36.68 -36.60
CA VAL E 211 5.35 -36.64 -36.56
C VAL E 211 4.90 -35.29 -36.05
N LEU E 212 4.04 -34.64 -36.82
CA LEU E 212 3.32 -33.45 -36.40
C LEU E 212 1.95 -33.56 -37.02
N LEU E 213 0.94 -33.73 -36.19
CA LEU E 213 -0.43 -33.95 -36.63
C LEU E 213 -1.26 -32.71 -36.32
N GLU E 214 -2.27 -32.46 -37.14
CA GLU E 214 -3.21 -31.37 -36.92
C GLU E 214 -4.58 -31.98 -36.70
N VAL E 215 -4.97 -32.13 -35.44
CA VAL E 215 -6.22 -32.81 -35.11
C VAL E 215 -7.33 -31.79 -35.06
N VAL E 216 -8.40 -32.03 -35.82
CA VAL E 216 -9.54 -31.12 -35.90
C VAL E 216 -10.81 -31.95 -35.75
N ALA E 217 -11.55 -31.72 -34.68
CA ALA E 217 -12.82 -32.38 -34.45
C ALA E 217 -13.98 -31.43 -34.66
N PHE E 218 -15.08 -31.96 -35.15
CA PHE E 218 -16.34 -31.23 -35.28
C PHE E 218 -17.36 -31.96 -34.42
N ALA E 219 -18.45 -31.28 -34.08
CA ALA E 219 -19.50 -31.87 -33.25
C ALA E 219 -20.81 -31.13 -33.49
N ARG E 220 -21.79 -31.80 -34.07
CA ARG E 220 -23.15 -31.29 -34.10
C ARG E 220 -23.71 -31.21 -32.70
N ILE E 221 -23.91 -30.01 -32.20
CA ILE E 221 -24.54 -29.90 -30.90
C ILE E 221 -25.91 -29.25 -31.08
N GLY E 222 -25.96 -28.12 -31.74
CA GLY E 222 -27.22 -27.44 -31.94
C GLY E 222 -27.03 -25.95 -31.96
N ASP E 223 -28.08 -25.26 -32.36
CA ASP E 223 -28.04 -23.81 -32.53
C ASP E 223 -27.94 -23.14 -31.17
N GLY E 224 -26.76 -22.64 -30.84
CA GLY E 224 -26.61 -21.85 -29.64
C GLY E 224 -26.53 -22.63 -28.35
N GLN E 225 -26.19 -23.91 -28.41
CA GLN E 225 -26.05 -24.71 -27.20
C GLN E 225 -24.74 -24.37 -26.51
N GLU E 226 -24.41 -25.08 -25.45
CA GLU E 226 -23.31 -24.69 -24.58
C GLU E 226 -22.12 -25.62 -24.80
N VAL E 227 -20.97 -25.05 -25.08
CA VAL E 227 -19.74 -25.79 -25.13
C VAL E 227 -19.08 -25.70 -23.77
N PHE E 228 -18.18 -26.64 -23.49
CA PHE E 228 -17.58 -26.76 -22.16
C PHE E 228 -16.07 -26.60 -22.29
N PRO E 229 -15.56 -25.37 -22.28
CA PRO E 229 -14.12 -25.19 -22.25
C PRO E 229 -13.53 -25.54 -20.90
N SER E 230 -12.22 -25.52 -20.81
CA SER E 230 -11.62 -25.92 -19.56
C SER E 230 -11.62 -24.76 -18.58
N GLN E 231 -11.54 -25.12 -17.31
CA GLN E 231 -11.92 -24.26 -16.23
C GLN E 231 -10.71 -23.97 -15.35
N GLU E 232 -10.69 -22.79 -14.77
CA GLU E 232 -9.52 -22.22 -14.13
C GLU E 232 -9.74 -22.09 -12.64
N LEU E 233 -8.63 -21.97 -11.90
CA LEU E 233 -8.70 -21.70 -10.48
C LEU E 233 -9.09 -20.25 -10.24
N ILE E 234 -9.62 -19.99 -9.03
CA ILE E 234 -10.02 -18.66 -8.60
C ILE E 234 -9.58 -18.47 -7.16
N LEU E 235 -8.76 -17.46 -6.92
CA LEU E 235 -8.39 -17.08 -5.55
C LEU E 235 -9.27 -15.92 -5.10
N ASP E 236 -9.83 -16.06 -3.90
CA ASP E 236 -10.74 -15.07 -3.34
C ASP E 236 -10.83 -15.28 -1.84
N LYS E 237 -11.03 -14.18 -1.11
CA LYS E 237 -11.34 -14.24 0.31
C LYS E 237 -12.84 -14.21 0.58
N GLY E 238 -13.64 -14.53 -0.43
CA GLY E 238 -15.09 -14.51 -0.29
C GLY E 238 -15.66 -13.11 -0.20
N ASP E 239 -15.39 -12.30 -1.21
CA ASP E 239 -15.85 -10.92 -1.24
C ASP E 239 -17.37 -10.88 -1.48
N LYS E 240 -17.96 -9.73 -1.16
CA LYS E 240 -19.40 -9.62 -1.07
C LYS E 240 -20.07 -9.54 -2.43
N LYS E 241 -21.41 -9.59 -2.39
CA LYS E 241 -22.32 -9.12 -3.44
C LYS E 241 -22.26 -9.92 -4.73
N GLY E 242 -21.61 -11.08 -4.73
CA GLY E 242 -21.66 -11.92 -5.91
C GLY E 242 -20.75 -11.57 -7.05
N GLN E 243 -19.44 -11.70 -6.85
CA GLN E 243 -18.51 -11.61 -7.96
C GLN E 243 -18.33 -13.01 -8.57
N LYS E 244 -17.31 -13.17 -9.41
CA LYS E 244 -17.23 -14.32 -10.28
C LYS E 244 -16.80 -15.57 -9.53
N SER E 245 -17.50 -16.69 -9.78
CA SER E 245 -17.19 -17.97 -9.16
C SER E 245 -16.92 -19.06 -10.19
N LYS E 246 -16.73 -18.70 -11.45
CA LYS E 246 -16.41 -19.69 -12.48
C LYS E 246 -15.71 -18.95 -13.61
N THR E 247 -14.43 -19.24 -13.80
CA THR E 247 -13.66 -18.76 -14.94
C THR E 247 -13.47 -19.88 -15.93
N LEU E 248 -13.25 -19.50 -17.19
CA LEU E 248 -12.99 -20.48 -18.23
C LEU E 248 -11.68 -20.12 -18.90
N TYR E 249 -10.87 -21.14 -19.19
CA TYR E 249 -9.58 -20.91 -19.82
C TYR E 249 -9.79 -20.49 -21.26
N SER E 250 -9.25 -19.35 -21.61
CA SER E 250 -9.26 -18.86 -22.96
C SER E 250 -7.86 -18.37 -23.31
N VAL E 251 -7.69 -18.06 -24.58
CA VAL E 251 -6.48 -17.49 -25.16
C VAL E 251 -6.93 -16.13 -25.68
N ARG E 252 -6.17 -15.54 -26.59
CA ARG E 252 -6.55 -14.23 -27.11
C ARG E 252 -7.89 -14.33 -27.86
N ASP E 253 -8.98 -14.07 -27.10
CA ASP E 253 -10.35 -13.92 -27.61
C ASP E 253 -10.88 -15.23 -28.20
N ALA E 254 -10.62 -16.35 -27.54
CA ALA E 254 -11.02 -17.66 -28.04
C ALA E 254 -11.05 -18.64 -26.90
N ALA E 255 -12.16 -19.34 -26.72
CA ALA E 255 -12.26 -20.35 -25.69
C ALA E 255 -11.36 -21.53 -26.00
N ALA E 256 -10.82 -22.15 -24.96
CA ALA E 256 -9.78 -23.15 -25.15
C ALA E 256 -9.98 -24.30 -24.19
N ILE E 257 -9.21 -25.36 -24.41
CA ILE E 257 -9.08 -26.49 -23.50
C ILE E 257 -7.60 -26.58 -23.15
N HIS E 258 -7.29 -26.89 -21.89
CA HIS E 258 -5.90 -27.03 -21.48
C HIS E 258 -5.22 -28.14 -22.27
N SER E 259 -3.91 -28.01 -22.42
CA SER E 259 -3.19 -29.03 -23.17
C SER E 259 -3.00 -30.29 -22.36
N GLN E 260 -2.93 -30.19 -21.03
CA GLN E 260 -2.79 -31.41 -20.25
C GLN E 260 -4.12 -32.14 -20.10
N LYS E 261 -5.24 -31.50 -20.39
CA LYS E 261 -6.50 -32.23 -20.35
C LYS E 261 -6.69 -33.06 -21.62
N ILE E 262 -6.29 -32.51 -22.76
CA ILE E 262 -6.18 -33.31 -23.98
C ILE E 262 -5.14 -34.39 -23.81
N GLY E 263 -4.04 -34.09 -23.14
CA GLY E 263 -3.02 -35.11 -22.89
C GLY E 263 -3.51 -36.21 -21.98
N ASN E 264 -4.43 -35.90 -21.07
CA ASN E 264 -5.14 -36.94 -20.33
C ASN E 264 -5.99 -37.79 -21.26
N ALA E 265 -6.74 -37.13 -22.14
CA ALA E 265 -7.67 -37.85 -22.98
C ALA E 265 -6.97 -38.73 -24.00
N LEU E 266 -5.73 -38.41 -24.37
CA LEU E 266 -5.05 -39.23 -25.37
C LEU E 266 -4.53 -40.52 -24.78
N ARG E 267 -4.05 -40.50 -23.54
CA ARG E 267 -3.46 -41.68 -22.94
C ARG E 267 -4.43 -42.43 -22.04
N THR E 268 -5.71 -42.43 -22.37
CA THR E 268 -6.62 -43.40 -21.77
C THR E 268 -6.40 -44.71 -22.51
N ILE E 269 -5.43 -45.48 -22.00
CA ILE E 269 -5.04 -46.74 -22.59
C ILE E 269 -5.37 -47.92 -21.69
N ASP E 270 -5.17 -47.76 -20.38
CA ASP E 270 -4.90 -48.88 -19.49
C ASP E 270 -6.14 -49.75 -19.30
N THR E 271 -6.29 -50.74 -20.17
CA THR E 271 -7.32 -51.77 -20.02
C THR E 271 -6.78 -53.00 -19.33
N TRP E 272 -5.78 -52.85 -18.47
CA TRP E 272 -5.14 -54.01 -17.87
C TRP E 272 -5.09 -53.95 -16.35
N TYR E 273 -5.76 -52.99 -15.74
CA TYR E 273 -5.78 -52.91 -14.29
C TYR E 273 -6.56 -54.08 -13.71
N PRO E 274 -6.14 -54.59 -12.53
CA PRO E 274 -6.66 -55.90 -12.10
C PRO E 274 -8.10 -55.88 -11.64
N ASP E 275 -8.70 -54.72 -11.42
CA ASP E 275 -9.98 -54.67 -10.75
C ASP E 275 -11.12 -55.14 -11.66
N GLU E 276 -11.40 -54.39 -12.71
CA GLU E 276 -12.42 -54.83 -13.67
C GLU E 276 -12.13 -54.11 -15.00
N ASP E 277 -11.43 -54.82 -15.88
CA ASP E 277 -11.07 -54.23 -17.18
C ASP E 277 -12.21 -54.29 -18.18
N GLY E 278 -13.37 -54.83 -17.80
CA GLY E 278 -14.52 -54.87 -18.70
C GLY E 278 -15.27 -53.56 -18.80
N LEU E 279 -15.05 -52.64 -17.87
CA LEU E 279 -15.76 -51.36 -17.88
C LEU E 279 -15.21 -50.44 -18.96
N GLY E 280 -13.90 -50.43 -19.17
CA GLY E 280 -13.29 -49.58 -20.16
C GLY E 280 -11.94 -49.07 -19.69
N PRO E 281 -11.24 -48.36 -20.55
CA PRO E 281 -9.89 -47.90 -20.21
C PRO E 281 -9.87 -46.72 -19.25
N ILE E 282 -8.78 -46.61 -18.51
CA ILE E 282 -8.52 -45.46 -17.66
C ILE E 282 -7.23 -44.82 -18.18
N ALA E 283 -6.83 -43.70 -17.58
CA ALA E 283 -5.61 -43.03 -18.00
C ALA E 283 -4.39 -43.79 -17.51
N VAL E 284 -3.25 -43.49 -18.13
CA VAL E 284 -2.00 -44.15 -17.81
C VAL E 284 -1.35 -43.33 -16.71
N GLU E 285 -1.47 -43.79 -15.47
CA GLU E 285 -0.87 -43.14 -14.32
C GLU E 285 -0.26 -44.19 -13.43
N PRO E 286 0.72 -43.85 -12.61
CA PRO E 286 1.10 -44.73 -11.51
C PRO E 286 -0.01 -44.77 -10.48
N TYR E 287 -0.05 -45.88 -9.74
CA TYR E 287 -1.10 -46.17 -8.75
C TYR E 287 -2.47 -46.05 -9.37
N GLY E 288 -2.61 -46.57 -10.60
CA GLY E 288 -3.32 -45.87 -11.66
C GLY E 288 -4.74 -45.42 -11.37
N SER E 289 -4.86 -44.13 -11.12
CA SER E 289 -5.96 -43.56 -10.37
C SER E 289 -6.86 -42.74 -11.27
N VAL E 290 -8.12 -42.65 -10.87
CA VAL E 290 -9.11 -41.84 -11.57
C VAL E 290 -9.59 -40.78 -10.59
N THR E 291 -9.58 -39.52 -11.02
CA THR E 291 -9.99 -38.44 -10.14
C THR E 291 -11.50 -38.40 -10.00
N SER E 292 -12.22 -38.64 -11.10
CA SER E 292 -13.68 -38.57 -11.07
C SER E 292 -14.29 -39.73 -10.31
N GLN E 293 -13.57 -40.82 -10.11
CA GLN E 293 -14.00 -41.87 -9.22
C GLN E 293 -13.56 -41.63 -7.79
N GLY E 294 -12.50 -40.87 -7.58
CA GLY E 294 -11.89 -40.79 -6.27
C GLY E 294 -11.24 -42.09 -5.84
N LYS E 295 -10.82 -42.90 -6.80
CA LYS E 295 -10.44 -44.28 -6.57
C LYS E 295 -9.10 -44.55 -7.23
N ALA E 296 -8.21 -45.24 -6.51
CA ALA E 296 -7.00 -45.78 -7.09
C ALA E 296 -7.28 -47.19 -7.56
N TYR E 297 -7.51 -47.34 -8.86
CA TYR E 297 -7.27 -48.65 -9.45
C TYR E 297 -5.78 -48.91 -9.40
N ARG E 298 -5.42 -50.19 -9.51
CA ARG E 298 -4.03 -50.64 -9.62
C ARG E 298 -3.22 -50.20 -8.39
N GLN E 299 -3.61 -50.77 -7.26
CA GLN E 299 -3.08 -50.41 -5.96
C GLN E 299 -1.61 -50.81 -5.84
N PRO E 300 -0.86 -50.15 -4.96
CA PRO E 300 0.49 -50.62 -4.65
C PRO E 300 0.56 -51.74 -3.63
N LYS E 301 -0.54 -52.10 -2.98
CA LYS E 301 -0.54 -53.32 -2.19
C LYS E 301 -0.74 -54.55 -3.05
N GLN E 302 -1.18 -54.36 -4.29
CA GLN E 302 -1.16 -55.40 -5.30
C GLN E 302 0.24 -55.44 -5.91
N LYS E 303 0.40 -56.15 -7.02
CA LYS E 303 1.71 -56.25 -7.63
C LYS E 303 1.72 -55.65 -9.03
N LEU E 304 0.83 -54.69 -9.28
CA LEU E 304 0.70 -54.14 -10.62
C LEU E 304 0.94 -52.63 -10.66
N ASP E 305 1.39 -52.04 -9.57
CA ASP E 305 1.81 -50.65 -9.52
C ASP E 305 2.98 -50.41 -10.49
N PHE E 306 3.10 -49.18 -10.98
CA PHE E 306 4.16 -48.88 -11.95
C PHE E 306 5.55 -48.94 -11.34
N TYR E 307 5.70 -48.49 -10.11
CA TYR E 307 7.02 -48.53 -9.49
C TYR E 307 7.41 -49.95 -9.14
N THR E 308 6.46 -50.78 -8.72
CA THR E 308 6.77 -52.17 -8.41
C THR E 308 7.11 -52.96 -9.66
N LEU E 309 6.34 -52.77 -10.74
CA LEU E 309 6.64 -53.43 -12.02
C LEU E 309 7.96 -52.98 -12.59
N LEU E 310 8.24 -51.67 -12.54
CA LEU E 310 9.48 -51.14 -13.09
C LEU E 310 10.68 -51.63 -12.31
N ASP E 311 10.58 -51.68 -10.99
CA ASP E 311 11.70 -52.15 -10.19
C ASP E 311 11.90 -53.65 -10.30
N ASN E 312 10.84 -54.42 -10.52
CA ASN E 312 11.04 -55.84 -10.74
C ASN E 312 11.60 -56.12 -12.13
N TRP E 313 11.30 -55.27 -13.10
CA TRP E 313 11.73 -55.56 -14.47
C TRP E 313 13.11 -55.00 -14.78
N VAL E 314 13.57 -54.01 -14.03
CA VAL E 314 14.90 -53.44 -14.26
C VAL E 314 15.90 -53.96 -13.25
N LEU E 315 15.60 -53.86 -11.96
CA LEU E 315 16.59 -54.18 -10.93
C LEU E 315 16.80 -55.68 -10.80
N ARG E 316 15.76 -56.47 -11.02
CA ARG E 316 15.78 -57.89 -10.73
C ARG E 316 15.33 -58.75 -11.90
N ASP E 317 15.20 -58.17 -13.10
CA ASP E 317 14.98 -58.85 -14.39
C ASP E 317 13.65 -59.60 -14.48
N GLU E 318 12.74 -59.40 -13.54
CA GLU E 318 11.46 -60.10 -13.56
C GLU E 318 10.56 -59.38 -14.56
N ALA E 319 10.51 -59.88 -15.77
CA ALA E 319 9.67 -59.25 -16.78
C ALA E 319 8.21 -59.55 -16.48
N PRO E 320 7.34 -58.54 -16.44
CA PRO E 320 5.93 -58.80 -16.19
C PRO E 320 5.22 -59.39 -17.40
N ALA E 321 3.90 -59.53 -17.32
CA ALA E 321 3.13 -59.90 -18.51
C ALA E 321 3.24 -58.81 -19.56
N VAL E 322 3.04 -59.21 -20.82
CA VAL E 322 3.26 -58.37 -21.99
C VAL E 322 2.45 -57.09 -21.93
N GLU E 323 1.19 -57.19 -21.50
CA GLU E 323 0.38 -55.99 -21.36
C GLU E 323 0.81 -55.13 -20.17
N GLN E 324 1.38 -55.73 -19.14
CA GLN E 324 1.95 -54.92 -18.08
C GLN E 324 3.24 -54.24 -18.54
N GLN E 325 3.94 -54.83 -19.52
CA GLN E 325 5.04 -54.13 -20.15
C GLN E 325 4.54 -52.95 -20.95
N HIS E 326 3.38 -53.09 -21.61
CA HIS E 326 2.79 -51.94 -22.29
C HIS E 326 2.41 -50.84 -21.31
N TYR E 327 1.94 -51.20 -20.12
CA TYR E 327 1.66 -50.19 -19.10
C TYR E 327 2.92 -49.47 -18.64
N VAL E 328 4.00 -50.21 -18.41
CA VAL E 328 5.25 -49.61 -17.95
C VAL E 328 5.82 -48.66 -19.01
N ILE E 329 5.82 -49.09 -20.27
CA ILE E 329 6.36 -48.25 -21.33
C ILE E 329 5.44 -47.07 -21.60
N ALA E 330 4.14 -47.20 -21.35
CA ALA E 330 3.27 -46.05 -21.54
C ALA E 330 3.44 -45.01 -20.45
N ASN E 331 3.76 -45.43 -19.23
CA ASN E 331 4.15 -44.43 -18.23
C ASN E 331 5.51 -43.82 -18.55
N LEU E 332 6.41 -44.56 -19.20
CA LEU E 332 7.66 -43.93 -19.59
C LEU E 332 7.48 -42.97 -20.76
N ILE E 333 6.46 -43.16 -21.59
CA ILE E 333 6.12 -42.18 -22.61
C ILE E 333 5.42 -40.99 -22.00
N ARG E 334 4.65 -41.22 -20.93
CA ARG E 334 4.05 -40.11 -20.19
C ARG E 334 5.12 -39.22 -19.56
N GLY E 335 6.09 -39.81 -18.90
CA GLY E 335 7.14 -39.05 -18.24
C GLY E 335 6.69 -38.49 -16.91
N GLY E 336 7.67 -38.21 -16.06
CA GLY E 336 7.37 -37.63 -14.77
C GLY E 336 8.59 -37.67 -13.88
N VAL E 337 8.40 -37.25 -12.63
CA VAL E 337 9.49 -37.16 -11.67
C VAL E 337 9.47 -38.48 -10.90
N PHE E 338 10.18 -39.45 -11.42
CA PHE E 338 10.22 -40.80 -10.86
C PHE E 338 11.38 -40.88 -9.88
N GLY E 339 11.73 -42.09 -9.45
CA GLY E 339 12.84 -42.24 -8.54
C GLY E 339 12.52 -41.82 -7.12
N GLU E 340 13.50 -41.88 -6.24
CA GLU E 340 13.30 -41.62 -4.81
C GLU E 340 12.96 -40.16 -4.53
N ILE F 7 61.14 -20.08 -4.96
CA ILE F 7 59.91 -20.82 -4.69
C ILE F 7 58.72 -19.99 -5.18
N LEU F 8 57.66 -20.69 -5.63
CA LEU F 8 56.48 -20.05 -6.16
C LEU F 8 55.25 -20.75 -5.62
N SER F 9 54.23 -19.97 -5.27
CA SER F 9 53.00 -20.49 -4.70
C SER F 9 51.82 -19.85 -5.39
N THR F 10 50.64 -20.46 -5.23
CA THR F 10 49.46 -19.94 -5.88
C THR F 10 48.99 -18.65 -5.20
N ALA F 11 48.31 -17.82 -5.98
CA ALA F 11 47.70 -16.63 -5.42
C ALA F 11 46.54 -17.02 -4.53
N SER F 12 46.48 -16.44 -3.34
CA SER F 12 45.37 -16.70 -2.45
C SER F 12 44.09 -16.00 -2.87
N VAL F 13 44.16 -15.11 -3.86
CA VAL F 13 43.00 -14.53 -4.52
C VAL F 13 43.25 -14.61 -6.02
N LEU F 14 42.38 -15.30 -6.74
CA LEU F 14 42.39 -15.27 -8.19
C LEU F 14 40.97 -15.04 -8.69
N ALA F 15 40.86 -14.26 -9.77
CA ALA F 15 39.56 -13.94 -10.33
C ALA F 15 39.77 -13.53 -11.78
N PHE F 16 39.00 -14.14 -12.67
CA PHE F 16 39.06 -13.88 -14.10
C PHE F 16 37.69 -13.41 -14.56
N GLU F 17 37.66 -12.37 -15.37
CA GLU F 17 36.41 -11.91 -15.94
C GLU F 17 36.05 -12.77 -17.14
N ARG F 18 34.77 -12.95 -17.38
CA ARG F 18 34.35 -13.88 -18.42
C ARG F 18 34.59 -13.29 -19.80
N LYS F 19 35.10 -14.12 -20.69
CA LYS F 19 35.08 -13.82 -22.11
C LYS F 19 33.94 -14.63 -22.68
N LEU F 20 33.55 -14.29 -23.93
CA LEU F 20 32.39 -14.85 -24.60
C LEU F 20 31.15 -14.64 -23.76
N ASP F 21 30.76 -13.39 -23.52
CA ASP F 21 29.63 -13.13 -22.66
C ASP F 21 28.38 -12.84 -23.47
N PRO F 22 27.38 -13.69 -23.40
CA PRO F 22 26.17 -13.48 -24.19
C PRO F 22 25.18 -12.60 -23.48
N SER F 23 24.04 -12.39 -24.11
CA SER F 23 22.95 -11.65 -23.53
C SER F 23 21.76 -12.58 -23.34
N ASP F 24 20.67 -12.05 -22.81
CA ASP F 24 19.46 -12.86 -22.69
C ASP F 24 18.81 -13.00 -24.05
N ALA F 25 18.33 -14.20 -24.34
CA ALA F 25 17.79 -14.53 -25.65
C ALA F 25 16.27 -14.34 -25.67
N LEU F 26 15.82 -13.26 -26.29
CA LEU F 26 14.40 -13.01 -26.36
C LEU F 26 13.76 -13.88 -27.41
N MET F 27 12.58 -14.41 -27.11
CA MET F 27 11.90 -15.33 -28.00
C MET F 27 10.71 -14.66 -28.66
N SER F 28 10.54 -14.93 -29.94
CA SER F 28 9.48 -14.36 -30.76
C SER F 28 9.00 -15.46 -31.70
N ALA F 29 7.93 -15.20 -32.44
CA ALA F 29 7.32 -16.29 -33.18
C ALA F 29 6.63 -15.77 -34.43
N GLY F 30 6.69 -16.56 -35.49
CA GLY F 30 6.03 -16.24 -36.74
C GLY F 30 5.93 -17.46 -37.63
N ALA F 31 6.08 -17.29 -38.93
CA ALA F 31 5.97 -18.41 -39.85
C ALA F 31 7.30 -18.67 -40.53
N TRP F 32 7.57 -19.95 -40.81
CA TRP F 32 8.70 -20.31 -41.63
C TRP F 32 8.43 -19.85 -43.05
N ALA F 33 9.53 -19.53 -43.76
CA ALA F 33 9.61 -18.88 -45.06
C ALA F 33 9.14 -17.43 -45.03
N GLN F 34 8.74 -16.93 -43.85
CA GLN F 34 8.67 -15.52 -43.57
C GLN F 34 9.84 -15.08 -42.70
N ARG F 35 10.75 -16.00 -42.38
CA ARG F 35 11.88 -15.76 -41.50
C ARG F 35 12.94 -14.85 -42.11
N ASP F 36 12.88 -14.60 -43.42
CA ASP F 36 13.77 -13.65 -44.07
C ASP F 36 13.36 -12.21 -43.85
N ALA F 37 12.21 -11.98 -43.24
CA ALA F 37 11.76 -10.65 -42.83
C ALA F 37 11.23 -10.72 -41.41
N SER F 38 11.98 -11.38 -40.55
CA SER F 38 11.53 -11.71 -39.20
C SER F 38 11.96 -10.64 -38.20
N GLN F 39 11.67 -9.38 -38.49
CA GLN F 39 12.14 -8.31 -37.62
C GLN F 39 11.03 -7.75 -36.75
N GLU F 40 9.78 -7.84 -37.19
CA GLU F 40 8.65 -7.37 -36.41
C GLU F 40 7.73 -8.52 -36.01
N TRP F 41 8.30 -9.68 -35.76
CA TRP F 41 7.53 -10.77 -35.19
C TRP F 41 7.15 -10.44 -33.76
N PRO F 42 5.93 -10.72 -33.34
CA PRO F 42 5.56 -10.51 -31.95
C PRO F 42 6.24 -11.51 -31.05
N ALA F 43 6.52 -11.10 -29.83
CA ALA F 43 7.27 -11.93 -28.92
C ALA F 43 6.37 -12.95 -28.26
N VAL F 44 6.95 -14.10 -27.95
CA VAL F 44 6.25 -15.13 -27.19
C VAL F 44 6.02 -14.59 -25.78
N THR F 45 4.76 -14.51 -25.38
CA THR F 45 4.42 -13.99 -24.06
C THR F 45 4.20 -15.12 -23.06
N VAL F 46 4.64 -14.89 -21.84
CA VAL F 46 4.41 -15.81 -20.74
C VAL F 46 3.07 -15.49 -20.12
N ARG F 47 2.25 -16.52 -19.90
CA ARG F 47 0.91 -16.34 -19.37
C ARG F 47 0.56 -17.54 -18.52
N GLU F 48 -0.41 -17.36 -17.64
CA GLU F 48 -0.71 -18.36 -16.63
C GLU F 48 -1.83 -19.28 -17.09
N LYS F 49 -1.81 -20.50 -16.55
CA LYS F 49 -2.94 -21.38 -16.69
C LYS F 49 -3.05 -22.22 -15.43
N SER F 50 -4.27 -22.69 -15.17
CA SER F 50 -4.48 -23.60 -14.06
C SER F 50 -4.05 -25.00 -14.43
N VAL F 51 -3.75 -25.79 -13.42
CA VAL F 51 -3.35 -27.18 -13.61
C VAL F 51 -3.74 -27.93 -12.35
N ARG F 52 -4.03 -29.21 -12.50
CA ARG F 52 -4.53 -30.03 -11.41
C ARG F 52 -4.04 -31.45 -11.64
N GLY F 53 -3.07 -31.88 -10.84
CA GLY F 53 -2.51 -33.20 -10.97
C GLY F 53 -3.27 -34.21 -10.16
N THR F 54 -2.65 -35.38 -10.01
CA THR F 54 -3.04 -36.36 -9.02
C THR F 54 -1.75 -36.65 -8.26
N ILE F 55 -1.75 -37.68 -7.43
CA ILE F 55 -0.55 -38.06 -6.69
C ILE F 55 0.15 -39.16 -7.46
N SER F 56 1.43 -38.93 -7.80
CA SER F 56 2.21 -39.92 -8.54
C SER F 56 3.59 -40.12 -7.95
N ASN F 57 3.88 -39.56 -6.77
CA ASN F 57 5.19 -39.69 -6.16
C ASN F 57 5.43 -41.11 -5.69
N ARG F 58 6.70 -41.49 -5.66
CA ARG F 58 7.08 -42.81 -5.17
C ARG F 58 6.91 -42.84 -3.67
N LEU F 59 5.83 -43.48 -3.21
CA LEU F 59 5.49 -43.50 -1.81
C LEU F 59 6.43 -44.41 -1.02
N LYS F 60 6.43 -44.24 0.30
CA LYS F 60 7.24 -45.07 1.18
C LYS F 60 6.53 -46.40 1.42
N THR F 61 7.10 -47.25 2.26
CA THR F 61 6.36 -48.41 2.75
C THR F 61 5.69 -48.14 4.08
N LYS F 62 5.02 -46.99 4.18
CA LYS F 62 4.10 -46.71 5.28
C LYS F 62 2.84 -46.00 4.84
N ASP F 63 2.82 -45.41 3.64
CA ASP F 63 1.67 -44.63 3.16
C ASP F 63 0.98 -45.33 1.99
N ARG F 64 1.26 -46.60 1.77
CA ARG F 64 0.68 -47.36 0.66
C ARG F 64 -0.56 -48.13 1.09
N ASP F 65 -1.15 -47.77 2.23
CA ASP F 65 -2.43 -48.31 2.65
C ASP F 65 -3.52 -47.71 1.79
N PRO F 66 -4.52 -48.49 1.38
CA PRO F 66 -5.45 -48.02 0.33
C PRO F 66 -6.36 -46.89 0.78
N ALA F 67 -6.73 -46.85 2.05
CA ALA F 67 -7.51 -45.73 2.58
C ALA F 67 -6.72 -44.43 2.49
N LYS F 68 -5.42 -44.49 2.79
CA LYS F 68 -4.58 -43.30 2.73
C LYS F 68 -4.39 -42.82 1.30
N LEU F 69 -4.19 -43.75 0.36
CA LEU F 69 -3.94 -43.34 -1.02
C LEU F 69 -5.22 -42.82 -1.66
N ASP F 70 -6.35 -43.48 -1.40
CA ASP F 70 -7.62 -42.97 -1.89
C ASP F 70 -7.97 -41.63 -1.28
N ALA F 71 -7.68 -41.42 0.00
CA ALA F 71 -7.92 -40.13 0.63
C ALA F 71 -6.96 -39.06 0.17
N SER F 72 -5.79 -39.45 -0.36
CA SER F 72 -4.92 -38.47 -1.01
C SER F 72 -5.44 -38.09 -2.38
N ILE F 73 -6.07 -39.03 -3.09
CA ILE F 73 -6.74 -38.70 -4.35
C ILE F 73 -7.94 -37.82 -4.11
N GLN F 74 -8.60 -37.95 -2.95
CA GLN F 74 -9.77 -37.14 -2.63
C GLN F 74 -9.43 -35.66 -2.55
N SER F 75 -8.20 -35.33 -2.12
CA SER F 75 -7.74 -33.95 -2.02
C SER F 75 -6.70 -33.69 -3.09
N PRO F 76 -7.09 -33.19 -4.26
CA PRO F 76 -6.12 -33.02 -5.35
C PRO F 76 -5.29 -31.75 -5.15
N ASN F 77 -4.17 -31.72 -5.85
CA ASN F 77 -3.28 -30.57 -5.82
C ASN F 77 -3.67 -29.60 -6.94
N LEU F 78 -4.12 -28.42 -6.55
CA LEU F 78 -4.52 -27.38 -7.48
C LEU F 78 -3.40 -26.35 -7.55
N GLN F 79 -2.90 -26.10 -8.76
CA GLN F 79 -1.72 -25.27 -8.94
C GLN F 79 -1.97 -24.29 -10.06
N THR F 80 -1.28 -23.16 -9.99
CA THR F 80 -1.14 -22.24 -11.10
C THR F 80 0.26 -22.35 -11.64
N VAL F 81 0.40 -22.57 -12.94
CA VAL F 81 1.69 -22.52 -13.59
C VAL F 81 1.60 -21.46 -14.66
N ASP F 82 2.75 -21.05 -15.18
CA ASP F 82 2.76 -20.19 -16.34
C ASP F 82 3.41 -20.91 -17.51
N VAL F 83 2.85 -20.72 -18.69
CA VAL F 83 3.26 -21.44 -19.88
C VAL F 83 3.57 -20.44 -20.98
N ALA F 84 4.52 -20.81 -21.82
CA ALA F 84 4.86 -20.05 -23.01
C ALA F 84 4.63 -20.97 -24.20
N ASN F 85 3.61 -20.66 -24.99
CA ASN F 85 3.33 -21.34 -26.24
C ASN F 85 3.58 -20.39 -27.40
N LEU F 86 3.69 -20.93 -28.60
CA LEU F 86 3.65 -20.08 -29.77
C LEU F 86 2.20 -19.65 -29.98
N PRO F 87 1.96 -18.63 -30.81
CA PRO F 87 0.58 -18.40 -31.28
C PRO F 87 0.10 -19.58 -32.11
N SER F 88 -1.21 -19.70 -32.23
CA SER F 88 -1.79 -20.88 -32.85
C SER F 88 -1.74 -20.86 -34.37
N ASP F 89 -1.12 -19.85 -34.95
CA ASP F 89 -0.90 -19.78 -36.39
C ASP F 89 0.55 -19.41 -36.67
N ALA F 90 1.45 -19.97 -35.86
CA ALA F 90 2.87 -19.65 -35.94
C ALA F 90 3.64 -20.88 -35.53
N ASP F 91 4.52 -21.38 -36.40
CA ASP F 91 5.20 -22.63 -36.14
C ASP F 91 6.71 -22.49 -35.95
N THR F 92 7.26 -21.29 -36.05
CA THR F 92 8.70 -21.07 -35.98
C THR F 92 9.01 -20.25 -34.74
N LEU F 93 9.93 -20.75 -33.93
CA LEU F 93 10.45 -20.04 -32.79
C LEU F 93 11.72 -19.28 -33.19
N LYS F 94 11.73 -17.97 -33.01
CA LYS F 94 12.92 -17.17 -33.22
C LYS F 94 13.57 -16.85 -31.89
N VAL F 95 14.88 -17.06 -31.81
CA VAL F 95 15.65 -16.77 -30.60
C VAL F 95 16.85 -15.93 -31.00
N ARG F 96 16.99 -14.76 -30.38
CA ARG F 96 17.97 -13.77 -30.81
C ARG F 96 18.79 -13.29 -29.63
N PHE F 97 20.11 -13.32 -29.78
CA PHE F 97 20.98 -12.74 -28.77
C PHE F 97 22.26 -12.23 -29.42
N THR F 98 22.96 -11.35 -28.72
CA THR F 98 24.27 -10.89 -29.12
C THR F 98 25.35 -11.53 -28.24
N LEU F 99 26.58 -11.41 -28.69
CA LEU F 99 27.71 -12.06 -28.05
C LEU F 99 28.95 -11.21 -28.29
N ARG F 100 29.78 -11.07 -27.27
CA ARG F 100 31.05 -10.36 -27.39
C ARG F 100 32.17 -11.31 -27.05
N VAL F 101 33.12 -11.46 -27.95
CA VAL F 101 34.32 -12.23 -27.71
C VAL F 101 35.40 -11.23 -27.34
N LEU F 102 35.77 -11.15 -26.07
CA LEU F 102 36.53 -10.00 -25.59
C LEU F 102 38.03 -10.12 -25.86
N GLY F 103 38.69 -11.09 -25.25
CA GLY F 103 40.11 -11.20 -25.47
C GLY F 103 40.97 -10.70 -24.32
N GLY F 104 42.12 -11.32 -24.13
CA GLY F 104 42.92 -11.07 -22.94
C GLY F 104 42.68 -12.12 -21.88
N ALA F 105 42.76 -13.39 -22.28
CA ALA F 105 42.17 -14.48 -21.50
C ALA F 105 42.98 -14.81 -20.25
N GLY F 106 44.30 -14.80 -20.35
CA GLY F 106 45.06 -15.28 -19.20
C GLY F 106 45.24 -14.28 -18.08
N THR F 107 44.88 -13.03 -18.29
CA THR F 107 45.18 -11.98 -17.33
C THR F 107 44.12 -11.95 -16.25
N PRO F 108 44.47 -12.10 -14.98
CA PRO F 108 43.45 -12.11 -13.93
C PRO F 108 42.97 -10.71 -13.61
N SER F 109 41.91 -10.64 -12.83
CA SER F 109 41.36 -9.37 -12.38
C SER F 109 41.57 -9.13 -10.89
N ALA F 110 42.23 -10.07 -10.21
CA ALA F 110 42.59 -9.96 -8.81
C ALA F 110 43.66 -10.98 -8.51
N CYS F 111 44.78 -10.56 -7.94
CA CYS F 111 45.90 -11.47 -7.72
C CYS F 111 46.76 -10.91 -6.60
N ASN F 112 46.96 -11.67 -5.54
CA ASN F 112 47.79 -11.18 -4.44
C ASN F 112 49.26 -11.22 -4.79
N ASP F 113 49.68 -12.23 -5.55
CA ASP F 113 51.10 -12.56 -5.69
C ASP F 113 51.52 -12.23 -7.11
N ALA F 114 52.24 -11.12 -7.28
CA ALA F 114 52.58 -10.62 -8.60
C ALA F 114 53.71 -11.39 -9.28
N ALA F 115 54.31 -12.37 -8.59
CA ALA F 115 55.22 -13.28 -9.26
C ALA F 115 54.45 -14.41 -9.92
N TYR F 116 53.45 -14.93 -9.20
CA TYR F 116 52.53 -15.91 -9.76
C TYR F 116 51.77 -15.34 -10.95
N ARG F 117 51.43 -14.06 -10.89
CA ARG F 117 50.73 -13.40 -12.00
C ARG F 117 51.59 -13.40 -13.25
N ASP F 118 52.90 -13.12 -13.10
CA ASP F 118 53.79 -13.11 -14.24
C ASP F 118 54.06 -14.51 -14.76
N LYS F 119 54.11 -15.50 -13.88
CA LYS F 119 54.28 -16.88 -14.33
C LYS F 119 53.06 -17.35 -15.11
N LEU F 120 51.87 -16.99 -14.64
CA LEU F 120 50.64 -17.36 -15.35
C LEU F 120 50.54 -16.67 -16.70
N LEU F 121 51.00 -15.41 -16.77
CA LEU F 121 50.99 -14.72 -18.06
C LEU F 121 52.01 -15.29 -19.04
N GLN F 122 53.19 -15.68 -18.55
CA GLN F 122 54.17 -16.39 -19.39
C GLN F 122 53.59 -17.70 -19.90
N THR F 123 52.86 -18.41 -19.05
CA THR F 123 52.27 -19.69 -19.43
C THR F 123 51.22 -19.53 -20.52
N VAL F 124 50.31 -18.58 -20.35
CA VAL F 124 49.27 -18.34 -21.34
C VAL F 124 49.86 -17.81 -22.64
N ALA F 125 50.91 -16.99 -22.56
CA ALA F 125 51.54 -16.52 -23.79
C ALA F 125 52.31 -17.62 -24.50
N THR F 126 52.90 -18.56 -23.76
CA THR F 126 53.52 -19.73 -24.36
C THR F 126 52.49 -20.59 -25.08
N TYR F 127 51.31 -20.74 -24.47
CA TYR F 127 50.19 -21.44 -25.12
C TYR F 127 49.81 -20.77 -26.43
N VAL F 128 49.41 -19.50 -26.36
CA VAL F 128 48.90 -18.76 -27.52
C VAL F 128 49.96 -18.64 -28.62
N ASN F 129 51.23 -18.56 -28.25
CA ASN F 129 52.27 -18.52 -29.27
C ASN F 129 52.48 -19.88 -29.91
N ASP F 130 52.48 -20.96 -29.11
CA ASP F 130 52.59 -22.29 -29.68
C ASP F 130 51.31 -22.68 -30.40
N GLN F 131 50.21 -22.75 -29.66
CA GLN F 131 48.94 -23.24 -30.15
C GLN F 131 47.92 -22.13 -29.99
N GLY F 132 47.43 -21.60 -31.10
CA GLY F 132 46.55 -20.45 -31.02
C GLY F 132 45.18 -20.79 -30.47
N PHE F 133 44.26 -19.86 -30.71
CA PHE F 133 42.89 -20.12 -30.31
C PHE F 133 42.12 -20.80 -31.43
N ALA F 134 42.79 -21.60 -32.25
CA ALA F 134 42.14 -22.24 -33.38
C ALA F 134 41.21 -23.35 -32.93
N GLU F 135 41.68 -24.22 -32.03
CA GLU F 135 40.89 -25.36 -31.57
C GLU F 135 39.69 -24.90 -30.76
N LEU F 136 39.91 -23.99 -29.82
CA LEU F 136 38.85 -23.51 -28.95
C LEU F 136 37.78 -22.78 -29.73
N ALA F 137 38.17 -21.83 -30.59
CA ALA F 137 37.19 -21.10 -31.38
C ALA F 137 36.53 -21.98 -32.42
N ARG F 138 37.19 -23.03 -32.87
CA ARG F 138 36.56 -24.02 -33.74
C ARG F 138 35.42 -24.72 -33.01
N ARG F 139 35.64 -25.05 -31.74
CA ARG F 139 34.60 -25.73 -30.97
C ARG F 139 33.48 -24.77 -30.53
N TYR F 140 33.83 -23.55 -30.14
CA TYR F 140 32.80 -22.55 -29.82
C TYR F 140 31.98 -22.18 -31.06
N ALA F 141 32.60 -22.20 -32.24
CA ALA F 141 31.85 -21.96 -33.46
C ALA F 141 30.96 -23.14 -33.81
N HIS F 142 31.36 -24.36 -33.43
CA HIS F 142 30.40 -25.47 -33.50
C HIS F 142 29.20 -25.24 -32.63
N ASN F 143 29.42 -24.81 -31.38
CA ASN F 143 28.29 -24.62 -30.47
C ASN F 143 27.42 -23.42 -30.84
N LEU F 144 27.94 -22.46 -31.60
CA LEU F 144 27.08 -21.44 -32.19
C LEU F 144 26.40 -21.94 -33.45
N ALA F 145 27.08 -22.78 -34.23
CA ALA F 145 26.57 -23.23 -35.52
C ALA F 145 25.45 -24.24 -35.36
N ASN F 146 25.62 -25.24 -34.48
CA ASN F 146 24.44 -25.97 -34.03
C ASN F 146 23.72 -25.10 -33.00
N ALA F 147 22.59 -25.55 -32.50
CA ALA F 147 21.81 -24.61 -31.71
C ALA F 147 21.65 -25.12 -30.30
N ARG F 148 22.77 -25.44 -29.64
CA ARG F 148 22.79 -25.85 -28.24
C ARG F 148 22.01 -24.89 -27.34
N PHE F 149 22.12 -23.60 -27.60
CA PHE F 149 21.44 -22.57 -26.81
C PHE F 149 19.92 -22.62 -26.95
N LEU F 150 19.39 -23.30 -27.96
CA LEU F 150 18.04 -23.84 -27.89
C LEU F 150 18.13 -25.15 -27.15
N TRP F 151 17.76 -25.18 -25.88
CA TRP F 151 18.02 -26.41 -25.12
C TRP F 151 16.97 -27.46 -25.39
N ARG F 152 15.74 -27.22 -24.97
CA ARG F 152 14.64 -28.15 -25.21
C ARG F 152 13.76 -27.62 -26.34
N ASN F 153 14.03 -26.41 -26.81
CA ASN F 153 13.40 -25.89 -28.00
C ASN F 153 13.90 -26.61 -29.24
N ARG F 154 15.09 -27.20 -29.18
CA ARG F 154 15.69 -27.89 -30.30
C ARG F 154 15.22 -29.34 -30.40
N VAL F 155 14.97 -29.98 -29.26
CA VAL F 155 14.56 -31.39 -29.17
C VAL F 155 13.27 -31.63 -29.93
N GLY F 156 13.36 -32.46 -30.98
CA GLY F 156 12.20 -32.81 -31.76
C GLY F 156 11.79 -31.80 -32.80
N ALA F 157 12.53 -30.70 -32.95
CA ALA F 157 12.27 -29.78 -34.04
C ALA F 157 12.72 -30.41 -35.34
N GLU F 158 12.11 -29.99 -36.44
CA GLU F 158 12.47 -30.58 -37.72
C GLU F 158 13.38 -29.70 -38.58
N ALA F 159 13.50 -28.43 -38.27
CA ALA F 159 14.30 -27.53 -39.09
C ALA F 159 14.81 -26.44 -38.17
N VAL F 160 16.10 -26.48 -37.88
CA VAL F 160 16.76 -25.42 -37.13
C VAL F 160 17.71 -24.70 -38.07
N GLU F 161 17.64 -23.37 -38.08
CA GLU F 161 18.48 -22.55 -38.95
C GLU F 161 19.10 -21.44 -38.12
N VAL F 162 20.43 -21.42 -38.06
CA VAL F 162 21.16 -20.41 -37.30
C VAL F 162 21.67 -19.36 -38.29
N ARG F 163 21.54 -18.09 -37.91
CA ARG F 163 22.04 -16.97 -38.71
C ARG F 163 22.91 -16.09 -37.83
N ILE F 164 24.20 -16.03 -38.13
CA ILE F 164 25.14 -15.24 -37.34
C ILE F 164 25.65 -14.09 -38.20
N ASN F 165 25.48 -12.88 -37.69
CA ASN F 165 25.97 -11.67 -38.33
C ASN F 165 27.14 -11.12 -37.53
N HIS F 166 28.04 -10.42 -38.21
CA HIS F 166 29.10 -9.69 -37.53
C HIS F 166 28.90 -8.20 -37.75
N ILE F 167 29.07 -7.44 -36.68
CA ILE F 167 28.55 -6.08 -36.57
C ILE F 167 29.71 -5.14 -36.26
N ARG F 168 30.07 -4.30 -37.23
CA ARG F 168 31.12 -3.31 -37.01
C ARG F 168 30.56 -1.99 -36.51
N GLN F 169 29.69 -1.37 -37.27
CA GLN F 169 28.81 -0.36 -36.73
C GLN F 169 27.44 -0.95 -36.93
N GLY F 170 26.36 -0.19 -36.77
CA GLY F 170 25.03 -0.78 -36.87
C GLY F 170 24.67 -1.18 -38.29
N GLU F 171 25.38 -2.19 -38.78
CA GLU F 171 25.38 -2.70 -40.15
C GLU F 171 26.24 -3.95 -40.16
N VAL F 172 25.90 -4.87 -41.05
CA VAL F 172 26.46 -6.22 -41.01
C VAL F 172 27.78 -6.25 -41.77
N ALA F 173 28.84 -6.65 -41.09
CA ALA F 173 30.11 -6.91 -41.76
C ALA F 173 30.01 -8.17 -42.62
N ARG F 174 29.75 -9.31 -41.99
CA ARG F 174 29.63 -10.59 -42.67
C ARG F 174 28.49 -11.38 -42.06
N ALA F 175 27.72 -12.06 -42.91
CA ALA F 175 26.62 -12.92 -42.49
C ALA F 175 26.95 -14.38 -42.76
N TRP F 176 26.50 -15.25 -41.86
CA TRP F 176 26.57 -16.69 -42.03
C TRP F 176 25.17 -17.28 -41.93
N ARG F 177 24.96 -18.41 -42.59
CA ARG F 177 23.74 -19.20 -42.42
C ARG F 177 24.13 -20.65 -42.24
N PHE F 178 23.35 -21.37 -41.44
CA PHE F 178 23.68 -22.73 -41.11
C PHE F 178 22.43 -23.59 -41.02
N ASP F 179 22.62 -24.88 -41.18
CA ASP F 179 21.62 -25.90 -40.86
C ASP F 179 22.11 -26.54 -39.58
N ALA F 180 21.42 -26.29 -38.47
CA ALA F 180 21.92 -26.75 -37.20
C ALA F 180 21.64 -28.21 -36.93
N LEU F 181 20.85 -28.86 -37.76
CA LEU F 181 20.64 -30.29 -37.62
C LEU F 181 21.54 -31.10 -38.53
N ALA F 182 22.02 -30.49 -39.62
CA ALA F 182 23.07 -31.12 -40.42
C ALA F 182 24.38 -31.15 -39.65
N ILE F 183 24.74 -30.04 -39.01
CA ILE F 183 25.83 -30.03 -38.05
C ILE F 183 25.40 -30.81 -36.83
N GLY F 184 26.27 -31.66 -36.33
CA GLY F 184 25.87 -32.55 -35.25
C GLY F 184 25.76 -31.87 -33.91
N LEU F 185 25.28 -32.64 -32.95
CA LEU F 185 25.33 -32.27 -31.53
C LEU F 185 26.54 -32.88 -30.85
N ARG F 186 27.20 -33.81 -31.50
CA ARG F 186 28.34 -34.53 -30.94
C ARG F 186 29.56 -34.56 -31.86
N ASP F 187 29.37 -34.66 -33.17
CA ASP F 187 30.48 -34.84 -34.09
C ASP F 187 30.99 -33.49 -34.58
N PHE F 188 32.14 -33.07 -34.07
CA PHE F 188 32.81 -31.86 -34.55
C PHE F 188 33.39 -32.09 -35.95
N LYS F 189 32.57 -32.02 -37.00
CA LYS F 189 33.07 -32.15 -38.36
C LYS F 189 33.74 -30.85 -38.83
N ALA F 190 34.09 -30.80 -40.10
CA ALA F 190 34.82 -29.66 -40.67
C ALA F 190 34.02 -29.03 -41.80
N ASP F 191 33.99 -27.71 -41.80
CA ASP F 191 33.25 -26.95 -42.81
C ASP F 191 34.14 -25.78 -43.22
N ALA F 192 33.65 -24.96 -44.15
CA ALA F 192 34.38 -23.78 -44.58
C ALA F 192 33.84 -22.50 -43.97
N GLU F 193 32.53 -22.32 -43.96
CA GLU F 193 31.92 -21.17 -43.31
C GLU F 193 32.09 -21.26 -41.80
N LEU F 194 32.03 -22.47 -41.26
CA LEU F 194 32.28 -22.66 -39.83
C LEU F 194 33.73 -22.35 -39.48
N ASP F 195 34.66 -22.65 -40.38
CA ASP F 195 36.04 -22.28 -40.09
C ASP F 195 36.30 -20.80 -40.29
N ALA F 196 35.52 -20.12 -41.13
CA ALA F 196 35.61 -18.66 -41.16
C ALA F 196 35.11 -18.04 -39.87
N LEU F 197 34.00 -18.56 -39.34
CA LEU F 197 33.51 -18.13 -38.03
C LEU F 197 34.51 -18.46 -36.92
N ALA F 198 35.22 -19.58 -37.05
CA ALA F 198 36.24 -19.93 -36.08
C ALA F 198 37.44 -19.00 -36.15
N GLU F 199 37.81 -18.57 -37.36
CA GLU F 199 38.86 -17.57 -37.48
C GLU F 199 38.44 -16.23 -36.91
N LEU F 200 37.16 -15.88 -37.04
CA LEU F 200 36.68 -14.64 -36.43
C LEU F 200 36.72 -14.70 -34.90
N ILE F 201 36.29 -15.81 -34.32
CA ILE F 201 36.30 -15.92 -32.87
C ILE F 201 37.72 -16.05 -32.34
N ALA F 202 38.62 -16.69 -33.08
CA ALA F 202 40.01 -16.74 -32.66
C ALA F 202 40.71 -15.41 -32.83
N SER F 203 40.26 -14.58 -33.78
CA SER F 203 40.73 -13.21 -33.86
C SER F 203 40.24 -12.41 -32.67
N GLY F 204 39.02 -12.68 -32.21
CA GLY F 204 38.48 -11.96 -31.08
C GLY F 204 39.14 -12.33 -29.77
N LEU F 205 39.40 -13.62 -29.55
CA LEU F 205 39.91 -14.12 -28.28
C LEU F 205 41.33 -13.68 -27.97
N SER F 206 42.08 -13.16 -28.93
CA SER F 206 43.46 -12.78 -28.72
C SER F 206 43.69 -11.28 -28.89
N GLY F 207 42.62 -10.50 -28.85
CA GLY F 207 42.74 -9.06 -28.93
C GLY F 207 43.05 -8.51 -30.30
N SER F 208 43.11 -9.36 -31.32
CA SER F 208 43.43 -8.90 -32.66
C SER F 208 42.30 -8.17 -33.33
N GLY F 209 41.11 -8.15 -32.75
CA GLY F 209 40.02 -7.46 -33.40
C GLY F 209 38.83 -7.31 -32.48
N HIS F 210 37.73 -6.86 -33.08
CA HIS F 210 36.47 -6.62 -32.39
C HIS F 210 35.44 -7.58 -32.92
N VAL F 211 34.83 -8.36 -32.03
CA VAL F 211 33.85 -9.35 -32.40
C VAL F 211 32.57 -9.09 -31.63
N LEU F 212 31.53 -8.68 -32.34
CA LEU F 212 30.16 -8.63 -31.83
C LEU F 212 29.29 -9.43 -32.80
N LEU F 213 28.55 -10.39 -32.26
CA LEU F 213 27.87 -11.39 -33.08
C LEU F 213 26.39 -11.39 -32.76
N GLU F 214 25.57 -10.95 -33.70
CA GLU F 214 24.12 -11.13 -33.61
C GLU F 214 23.78 -12.54 -34.06
N VAL F 215 23.31 -13.38 -33.14
CA VAL F 215 22.95 -14.76 -33.44
C VAL F 215 21.44 -14.86 -33.41
N VAL F 216 20.85 -15.40 -34.47
CA VAL F 216 19.42 -15.67 -34.55
C VAL F 216 19.25 -17.13 -34.94
N ALA F 217 18.42 -17.86 -34.19
CA ALA F 217 18.16 -19.27 -34.45
C ALA F 217 16.67 -19.46 -34.64
N PHE F 218 16.28 -19.91 -35.83
CA PHE F 218 14.91 -20.25 -36.11
C PHE F 218 14.73 -21.75 -35.89
N ALA F 219 13.62 -22.15 -35.29
CA ALA F 219 13.36 -23.55 -35.03
C ALA F 219 11.91 -23.82 -35.37
N ARG F 220 11.66 -24.49 -36.49
CA ARG F 220 10.29 -24.84 -36.86
C ARG F 220 9.80 -25.95 -35.94
N ILE F 221 8.66 -25.72 -35.28
CA ILE F 221 8.17 -26.68 -34.30
C ILE F 221 6.78 -27.17 -34.65
N GLY F 222 5.85 -26.23 -34.77
CA GLY F 222 4.45 -26.54 -35.03
C GLY F 222 3.58 -25.44 -34.50
N ASP F 223 2.43 -25.27 -35.16
CA ASP F 223 1.47 -24.24 -34.79
C ASP F 223 0.95 -24.48 -33.38
N GLY F 224 1.22 -23.53 -32.48
CA GLY F 224 0.64 -23.58 -31.17
C GLY F 224 1.43 -24.32 -30.11
N GLN F 225 2.58 -24.89 -30.46
CA GLN F 225 3.30 -25.78 -29.57
C GLN F 225 3.99 -24.99 -28.47
N GLU F 226 4.70 -25.68 -27.60
CA GLU F 226 5.22 -25.10 -26.38
C GLU F 226 6.69 -24.77 -26.53
N VAL F 227 7.05 -23.56 -26.14
CA VAL F 227 8.45 -23.15 -26.08
C VAL F 227 8.85 -23.14 -24.63
N PHE F 228 10.15 -23.25 -24.39
CA PHE F 228 10.68 -23.44 -23.04
C PHE F 228 11.65 -22.31 -22.70
N PRO F 229 11.17 -21.20 -22.16
CA PRO F 229 12.08 -20.20 -21.61
C PRO F 229 12.63 -20.69 -20.29
N SER F 230 13.63 -19.98 -19.80
CA SER F 230 14.25 -20.43 -18.56
C SER F 230 13.37 -20.04 -17.39
N GLN F 231 13.54 -20.74 -16.28
CA GLN F 231 12.55 -20.84 -15.24
C GLN F 231 13.08 -20.19 -13.96
N GLU F 232 12.29 -19.28 -13.40
CA GLU F 232 12.75 -18.46 -12.30
C GLU F 232 12.44 -19.13 -10.96
N LEU F 233 12.85 -18.46 -9.90
CA LEU F 233 12.74 -18.96 -8.55
C LEU F 233 11.61 -18.24 -7.83
N ILE F 234 11.00 -18.94 -6.88
CA ILE F 234 9.81 -18.45 -6.19
C ILE F 234 10.13 -18.25 -4.72
N LEU F 235 9.63 -17.15 -4.15
CA LEU F 235 9.61 -16.98 -2.70
C LEU F 235 8.24 -17.43 -2.16
N ASP F 236 7.92 -18.68 -2.44
CA ASP F 236 6.66 -19.26 -1.99
C ASP F 236 6.73 -19.49 -0.48
N LYS F 237 5.81 -18.87 0.24
CA LYS F 237 5.86 -18.87 1.69
C LYS F 237 4.67 -19.63 2.26
N GLY F 238 4.37 -20.78 1.66
CA GLY F 238 3.27 -21.61 2.11
C GLY F 238 1.91 -20.98 1.91
N ASP F 239 1.71 -20.33 0.76
CA ASP F 239 0.52 -19.52 0.55
C ASP F 239 -0.70 -20.41 0.25
N LYS F 240 -1.85 -19.77 0.10
CA LYS F 240 -3.14 -20.42 0.27
C LYS F 240 -3.48 -21.33 -0.91
N LYS F 241 -3.39 -22.64 -0.67
CA LYS F 241 -3.99 -23.69 -1.50
C LYS F 241 -3.42 -23.71 -2.92
N GLY F 242 -2.10 -23.76 -3.03
CA GLY F 242 -1.50 -23.87 -4.34
C GLY F 242 -1.55 -22.62 -5.20
N GLN F 243 -0.72 -21.62 -4.88
CA GLN F 243 -0.53 -20.49 -5.77
C GLN F 243 0.45 -20.85 -6.88
N LYS F 244 0.98 -19.83 -7.57
CA LYS F 244 1.91 -20.04 -8.67
C LYS F 244 3.17 -20.76 -8.21
N SER F 245 3.39 -21.96 -8.77
CA SER F 245 4.51 -22.81 -8.42
C SER F 245 5.63 -22.79 -9.45
N LYS F 246 5.30 -22.70 -10.73
CA LYS F 246 6.28 -22.58 -11.80
C LYS F 246 6.29 -21.15 -12.29
N THR F 247 7.47 -20.60 -12.53
CA THR F 247 7.59 -19.21 -12.98
C THR F 247 8.64 -19.14 -14.07
N LEU F 248 8.29 -18.51 -15.18
CA LEU F 248 9.19 -18.38 -16.32
C LEU F 248 9.81 -17.00 -16.35
N TYR F 249 10.86 -16.86 -17.14
CA TYR F 249 11.65 -15.64 -17.20
C TYR F 249 11.26 -14.84 -18.42
N SER F 250 11.15 -13.53 -18.24
CA SER F 250 10.87 -12.63 -19.34
C SER F 250 11.60 -11.33 -19.06
N VAL F 251 11.65 -10.47 -20.06
CA VAL F 251 12.38 -9.21 -19.96
C VAL F 251 11.44 -8.01 -19.94
N ARG F 252 10.68 -7.80 -21.01
CA ARG F 252 9.56 -6.86 -20.94
C ARG F 252 8.34 -7.51 -21.58
N ASP F 253 7.70 -8.37 -20.79
CA ASP F 253 6.59 -9.23 -21.21
C ASP F 253 6.92 -9.93 -22.53
N ALA F 254 8.04 -10.64 -22.51
CA ALA F 254 8.59 -11.27 -23.71
C ALA F 254 9.53 -12.36 -23.22
N ALA F 255 9.18 -13.62 -23.46
CA ALA F 255 9.84 -14.76 -22.85
C ALA F 255 11.29 -14.86 -23.28
N ALA F 256 12.13 -15.33 -22.37
CA ALA F 256 13.56 -15.23 -22.58
C ALA F 256 14.29 -16.34 -21.85
N ILE F 257 15.53 -16.54 -22.26
CA ILE F 257 16.45 -17.47 -21.63
C ILE F 257 17.50 -16.62 -20.93
N HIS F 258 18.02 -17.10 -19.80
CA HIS F 258 19.09 -16.40 -19.14
C HIS F 258 20.34 -16.38 -20.00
N SER F 259 21.21 -15.43 -19.73
CA SER F 259 22.45 -15.37 -20.48
C SER F 259 23.40 -16.50 -20.08
N GLN F 260 23.38 -16.91 -18.81
CA GLN F 260 24.32 -17.92 -18.38
C GLN F 260 23.94 -19.31 -18.86
N LYS F 261 22.66 -19.55 -19.18
CA LYS F 261 22.28 -20.82 -19.77
C LYS F 261 22.75 -20.93 -21.20
N ILE F 262 22.68 -19.83 -21.94
CA ILE F 262 23.23 -19.76 -23.28
C ILE F 262 24.73 -19.94 -23.25
N GLY F 263 25.41 -19.21 -22.36
CA GLY F 263 26.85 -19.34 -22.23
C GLY F 263 27.28 -20.71 -21.77
N ASN F 264 26.44 -21.41 -21.02
CA ASN F 264 26.67 -22.81 -20.75
C ASN F 264 26.64 -23.62 -22.03
N ALA F 265 25.66 -23.34 -22.87
CA ALA F 265 25.57 -24.07 -24.13
C ALA F 265 26.73 -23.76 -25.07
N LEU F 266 27.34 -22.59 -24.94
CA LEU F 266 28.43 -22.23 -25.85
C LEU F 266 29.71 -22.96 -25.49
N ARG F 267 30.02 -23.10 -24.21
CA ARG F 267 31.23 -23.79 -23.80
C ARG F 267 31.01 -25.25 -23.50
N THR F 268 30.06 -25.91 -24.16
CA THR F 268 30.01 -27.36 -24.12
C THR F 268 30.99 -27.86 -25.16
N ILE F 269 32.25 -27.94 -24.73
CA ILE F 269 33.41 -28.19 -25.58
C ILE F 269 34.11 -29.45 -25.14
N ASP F 270 34.04 -29.73 -23.85
CA ASP F 270 34.97 -30.65 -23.19
C ASP F 270 34.66 -32.09 -23.60
N THR F 271 35.44 -32.63 -24.53
CA THR F 271 35.43 -34.05 -24.84
C THR F 271 36.63 -34.76 -24.24
N TRP F 272 37.42 -34.06 -23.43
CA TRP F 272 38.72 -34.57 -23.04
C TRP F 272 38.70 -35.19 -21.65
N TYR F 273 37.54 -35.30 -21.05
CA TYR F 273 37.39 -35.87 -19.73
C TYR F 273 37.64 -37.37 -19.79
N PRO F 274 38.17 -37.97 -18.72
CA PRO F 274 38.66 -39.35 -18.82
C PRO F 274 37.58 -40.42 -18.89
N ASP F 275 36.30 -40.09 -18.91
CA ASP F 275 35.29 -41.13 -19.09
C ASP F 275 35.26 -41.60 -20.54
N GLU F 276 34.84 -40.73 -21.45
CA GLU F 276 34.82 -40.99 -22.88
C GLU F 276 34.54 -39.69 -23.62
N ASP F 277 35.29 -39.46 -24.70
CA ASP F 277 34.85 -38.53 -25.73
C ASP F 277 33.66 -39.07 -26.51
N GLY F 278 33.50 -40.40 -26.55
CA GLY F 278 32.40 -41.05 -27.24
C GLY F 278 31.02 -40.74 -26.69
N LEU F 279 30.91 -40.44 -25.40
CA LEU F 279 29.62 -40.04 -24.82
C LEU F 279 29.25 -38.60 -25.11
N GLY F 280 30.07 -37.86 -25.85
CA GLY F 280 29.74 -36.50 -26.21
C GLY F 280 30.35 -35.49 -25.27
N PRO F 281 30.39 -34.24 -25.70
CA PRO F 281 31.00 -33.19 -24.87
C PRO F 281 30.14 -32.76 -23.70
N ILE F 282 30.83 -32.43 -22.61
CA ILE F 282 30.21 -31.75 -21.49
C ILE F 282 30.75 -30.33 -21.44
N ALA F 283 30.18 -29.53 -20.55
CA ALA F 283 30.52 -28.13 -20.46
C ALA F 283 31.78 -27.93 -19.66
N VAL F 284 32.53 -26.89 -20.01
CA VAL F 284 33.86 -26.69 -19.44
C VAL F 284 33.68 -26.08 -18.07
N GLU F 285 33.62 -26.93 -17.06
CA GLU F 285 33.61 -26.52 -15.67
C GLU F 285 34.91 -26.95 -15.02
N PRO F 286 35.27 -26.40 -13.87
CA PRO F 286 36.20 -27.10 -13.00
C PRO F 286 35.48 -28.25 -12.35
N TYR F 287 36.23 -29.32 -12.09
CA TYR F 287 35.74 -30.61 -11.57
C TYR F 287 34.72 -31.26 -12.47
N GLY F 288 34.67 -30.91 -13.76
CA GLY F 288 33.84 -31.53 -14.79
C GLY F 288 32.39 -31.81 -14.48
N SER F 289 31.81 -31.02 -13.58
CA SER F 289 30.58 -31.39 -12.91
C SER F 289 29.39 -31.18 -13.83
N VAL F 290 28.67 -32.26 -14.11
CA VAL F 290 27.39 -32.20 -14.81
C VAL F 290 26.30 -32.42 -13.78
N THR F 291 25.35 -31.50 -13.72
CA THR F 291 24.37 -31.54 -12.63
C THR F 291 23.25 -32.53 -12.90
N SER F 292 22.78 -32.59 -14.15
CA SER F 292 21.69 -33.51 -14.51
C SER F 292 22.12 -34.96 -14.39
N GLN F 293 23.37 -35.26 -14.74
CA GLN F 293 23.94 -36.57 -14.46
C GLN F 293 24.16 -36.80 -12.98
N GLY F 294 24.20 -35.74 -12.17
CA GLY F 294 24.46 -35.87 -10.76
C GLY F 294 25.87 -36.25 -10.38
N LYS F 295 26.79 -36.34 -11.35
CA LYS F 295 28.11 -36.87 -11.09
C LYS F 295 29.16 -35.88 -11.57
N ALA F 296 30.34 -35.99 -10.98
CA ALA F 296 31.50 -35.22 -11.39
C ALA F 296 32.36 -36.11 -12.27
N TYR F 297 32.35 -35.83 -13.57
CA TYR F 297 33.47 -36.26 -14.38
C TYR F 297 34.69 -35.46 -13.95
N ARG F 298 35.87 -35.97 -14.27
CA ARG F 298 37.14 -35.27 -14.08
C ARG F 298 37.35 -34.92 -12.59
N GLN F 299 37.49 -35.96 -11.78
CA GLN F 299 37.59 -35.84 -10.35
C GLN F 299 38.89 -35.16 -9.94
N PRO F 300 38.96 -34.62 -8.72
CA PRO F 300 40.27 -34.25 -8.16
C PRO F 300 41.00 -35.40 -7.52
N LYS F 301 40.36 -36.55 -7.35
CA LYS F 301 41.09 -37.73 -6.89
C LYS F 301 41.96 -38.28 -7.98
N GLN F 302 41.41 -38.45 -9.19
CA GLN F 302 42.26 -38.55 -10.35
C GLN F 302 42.85 -37.17 -10.66
N LYS F 303 43.84 -37.12 -11.53
CA LYS F 303 44.65 -35.92 -11.64
C LYS F 303 44.40 -35.15 -12.93
N LEU F 304 43.14 -35.05 -13.35
CA LEU F 304 42.80 -34.27 -14.53
C LEU F 304 41.94 -33.05 -14.21
N ASP F 305 41.77 -32.75 -12.92
CA ASP F 305 41.09 -31.57 -12.38
C ASP F 305 41.65 -30.27 -12.94
N PHE F 306 40.90 -29.16 -12.87
CA PHE F 306 41.46 -27.88 -13.32
C PHE F 306 42.56 -27.38 -12.41
N TYR F 307 42.39 -27.56 -11.10
CA TYR F 307 43.35 -26.97 -10.17
C TYR F 307 44.65 -27.76 -10.17
N THR F 308 44.56 -29.09 -10.30
CA THR F 308 45.76 -29.92 -10.38
C THR F 308 46.56 -29.61 -11.65
N LEU F 309 45.89 -29.54 -12.81
CA LEU F 309 46.57 -29.25 -14.05
C LEU F 309 47.13 -27.84 -14.07
N LEU F 310 46.37 -26.88 -13.55
CA LEU F 310 46.83 -25.49 -13.51
C LEU F 310 48.04 -25.34 -12.60
N ASP F 311 48.03 -26.00 -11.45
CA ASP F 311 49.15 -25.88 -10.53
C ASP F 311 50.37 -26.64 -11.04
N ASN F 312 50.19 -27.74 -11.77
CA ASN F 312 51.35 -28.40 -12.31
C ASN F 312 51.93 -27.63 -13.49
N TRP F 313 51.10 -26.91 -14.24
CA TRP F 313 51.59 -26.24 -15.44
C TRP F 313 52.07 -24.83 -15.17
N VAL F 314 51.67 -24.22 -14.06
CA VAL F 314 52.15 -22.89 -13.71
C VAL F 314 53.25 -22.94 -12.66
N LEU F 315 53.01 -23.61 -11.54
CA LEU F 315 53.99 -23.61 -10.46
C LEU F 315 55.18 -24.51 -10.80
N ARG F 316 54.92 -25.78 -11.06
CA ARG F 316 55.95 -26.80 -11.11
C ARG F 316 56.41 -27.12 -12.53
N ASP F 317 56.04 -26.30 -13.51
CA ASP F 317 56.50 -26.31 -14.89
C ASP F 317 56.14 -27.57 -15.65
N GLU F 318 55.24 -28.41 -15.13
CA GLU F 318 54.89 -29.67 -15.77
C GLU F 318 53.70 -29.41 -16.68
N ALA F 319 53.96 -29.26 -17.95
CA ALA F 319 52.85 -28.98 -18.86
C ALA F 319 52.07 -30.26 -19.13
N PRO F 320 50.75 -30.19 -19.14
CA PRO F 320 49.96 -31.40 -19.40
C PRO F 320 49.97 -31.78 -20.87
N ALA F 321 49.18 -32.79 -21.22
CA ALA F 321 48.93 -33.06 -22.62
C ALA F 321 48.19 -31.89 -23.26
N VAL F 322 48.32 -31.78 -24.58
CA VAL F 322 47.81 -30.65 -25.35
C VAL F 322 46.30 -30.48 -25.20
N GLU F 323 45.59 -31.60 -25.08
CA GLU F 323 44.16 -31.57 -24.88
C GLU F 323 43.79 -30.97 -23.54
N GLN F 324 44.54 -31.32 -22.51
CA GLN F 324 44.30 -30.73 -21.19
C GLN F 324 44.73 -29.28 -21.14
N GLN F 325 45.66 -28.88 -22.02
CA GLN F 325 45.96 -27.45 -22.16
C GLN F 325 44.78 -26.70 -22.72
N HIS F 326 44.10 -27.28 -23.72
CA HIS F 326 42.88 -26.66 -24.24
C HIS F 326 41.80 -26.56 -23.17
N TYR F 327 41.72 -27.57 -22.30
CA TYR F 327 40.76 -27.53 -21.21
C TYR F 327 41.06 -26.41 -20.21
N VAL F 328 42.33 -26.27 -19.81
CA VAL F 328 42.70 -25.28 -18.80
C VAL F 328 42.54 -23.87 -19.35
N ILE F 329 42.94 -23.64 -20.58
CA ILE F 329 42.73 -22.34 -21.20
C ILE F 329 41.24 -22.06 -21.40
N ALA F 330 40.43 -23.09 -21.64
CA ALA F 330 39.00 -22.85 -21.76
C ALA F 330 38.37 -22.51 -20.41
N ASN F 331 38.91 -23.05 -19.32
CA ASN F 331 38.47 -22.59 -17.99
C ASN F 331 38.86 -21.16 -17.72
N LEU F 332 40.01 -20.72 -18.20
CA LEU F 332 40.36 -19.31 -18.00
C LEU F 332 39.51 -18.38 -18.86
N ILE F 333 39.05 -18.86 -20.01
CA ILE F 333 38.11 -18.08 -20.81
C ILE F 333 36.74 -18.04 -20.13
N ARG F 334 36.35 -19.13 -19.46
CA ARG F 334 35.12 -19.17 -18.69
C ARG F 334 35.12 -18.11 -17.60
N GLY F 335 36.20 -18.01 -16.85
CA GLY F 335 36.30 -17.08 -15.75
C GLY F 335 35.90 -17.71 -14.45
N GLY F 336 36.00 -16.94 -13.39
CA GLY F 336 35.56 -17.46 -12.12
C GLY F 336 36.42 -17.10 -10.94
N VAL F 337 35.91 -17.37 -9.75
CA VAL F 337 36.63 -17.09 -8.51
C VAL F 337 37.46 -18.31 -8.20
N PHE F 338 38.73 -18.25 -8.51
CA PHE F 338 39.64 -19.34 -8.18
C PHE F 338 40.35 -18.93 -6.88
N GLY F 339 41.35 -19.68 -6.46
CA GLY F 339 42.02 -19.36 -5.23
C GLY F 339 41.20 -19.74 -4.00
N GLU F 340 41.88 -19.76 -2.86
CA GLU F 340 41.30 -20.30 -1.64
C GLU F 340 40.19 -19.43 -1.08
N LEU G 8 58.58 22.08 16.76
CA LEU G 8 57.37 21.89 15.98
C LEU G 8 57.14 20.41 15.71
N SER G 9 55.89 19.96 15.88
CA SER G 9 55.47 18.61 15.60
C SER G 9 54.20 18.64 14.77
N THR G 10 53.73 17.46 14.37
CA THR G 10 52.46 17.40 13.67
C THR G 10 51.30 17.68 14.63
N ALA G 11 50.23 18.23 14.07
CA ALA G 11 48.99 18.34 14.82
C ALA G 11 48.43 16.94 15.07
N SER G 12 47.80 16.77 16.23
CA SER G 12 47.14 15.51 16.52
C SER G 12 45.86 15.34 15.72
N VAL G 13 45.31 16.41 15.18
CA VAL G 13 44.16 16.36 14.29
C VAL G 13 44.48 17.18 13.04
N LEU G 14 44.44 16.53 11.89
CA LEU G 14 44.38 17.19 10.60
C LEU G 14 43.23 16.58 9.82
N ALA G 15 42.57 17.41 9.01
CA ALA G 15 41.47 16.92 8.19
C ALA G 15 41.34 17.84 7.00
N PHE G 16 41.37 17.27 5.82
CA PHE G 16 41.20 18.00 4.58
C PHE G 16 39.89 17.57 3.94
N GLU G 17 39.18 18.52 3.36
CA GLU G 17 37.98 18.19 2.63
C GLU G 17 38.34 17.97 1.17
N ARG G 18 37.60 17.08 0.53
CA ARG G 18 37.96 16.68 -0.81
C ARG G 18 37.62 17.78 -1.80
N LYS G 19 38.55 18.06 -2.70
CA LYS G 19 38.26 18.74 -3.94
C LYS G 19 38.06 17.66 -4.99
N LEU G 20 37.68 18.07 -6.20
CA LEU G 20 37.20 17.18 -7.25
C LEU G 20 36.05 16.35 -6.69
N ASP G 21 34.90 17.00 -6.44
CA ASP G 21 33.78 16.42 -5.73
C ASP G 21 32.71 15.99 -6.74
N PRO G 22 32.66 14.72 -7.13
CA PRO G 22 31.75 14.31 -8.19
C PRO G 22 30.39 13.91 -7.66
N SER G 23 29.47 13.67 -8.58
CA SER G 23 28.16 13.15 -8.24
C SER G 23 28.08 11.68 -8.64
N ASP G 24 27.00 11.03 -8.22
CA ASP G 24 26.71 9.68 -8.68
C ASP G 24 26.44 9.71 -10.18
N ALA G 25 27.10 8.82 -10.92
CA ALA G 25 26.79 8.71 -12.34
C ALA G 25 25.55 7.86 -12.53
N LEU G 26 24.66 8.32 -13.38
CA LEU G 26 23.45 7.59 -13.67
C LEU G 26 23.55 7.01 -15.06
N MET G 27 22.98 5.83 -15.25
CA MET G 27 23.11 5.13 -16.51
C MET G 27 21.80 5.14 -17.29
N SER G 28 21.92 5.34 -18.59
CA SER G 28 20.79 5.35 -19.51
C SER G 28 21.29 4.76 -20.82
N ALA G 29 20.36 4.29 -21.65
CA ALA G 29 20.74 3.52 -22.82
C ALA G 29 19.99 4.00 -24.06
N GLY G 30 20.62 3.84 -25.21
CA GLY G 30 19.98 4.17 -26.46
C GLY G 30 20.79 3.80 -27.68
N ALA G 31 20.58 4.47 -28.80
CA ALA G 31 21.25 4.16 -30.04
C ALA G 31 22.35 5.17 -30.32
N TRP G 32 23.52 4.67 -30.74
CA TRP G 32 24.56 5.51 -31.29
C TRP G 32 24.04 6.22 -32.54
N ALA G 33 24.52 7.45 -32.73
CA ALA G 33 24.09 8.45 -33.70
C ALA G 33 22.67 8.98 -33.46
N GLN G 34 21.97 8.48 -32.45
CA GLN G 34 21.02 9.26 -31.69
C GLN G 34 21.70 9.84 -30.48
N ARG G 35 23.00 9.55 -30.35
CA ARG G 35 23.90 9.99 -29.29
C ARG G 35 23.84 11.49 -29.03
N ASP G 36 23.62 12.29 -30.06
CA ASP G 36 23.51 13.74 -29.89
C ASP G 36 22.22 14.16 -29.21
N ALA G 37 21.16 13.38 -29.34
CA ALA G 37 19.88 13.68 -28.70
C ALA G 37 19.66 12.83 -27.45
N SER G 38 20.73 12.51 -26.72
CA SER G 38 20.63 11.67 -25.54
C SER G 38 20.23 12.52 -24.33
N GLN G 39 18.97 12.93 -24.33
CA GLN G 39 18.48 13.77 -23.26
C GLN G 39 17.20 13.14 -22.74
N GLU G 40 16.56 12.38 -23.63
CA GLU G 40 15.33 11.66 -23.32
C GLU G 40 15.54 10.16 -23.32
N TRP G 41 16.78 9.70 -23.18
CA TRP G 41 17.04 8.27 -23.16
C TRP G 41 16.54 7.65 -21.87
N PRO G 42 15.86 6.51 -21.95
CA PRO G 42 15.36 5.86 -20.74
C PRO G 42 16.51 5.28 -19.93
N ALA G 43 16.24 5.09 -18.64
CA ALA G 43 17.27 4.65 -17.72
C ALA G 43 17.58 3.18 -17.93
N VAL G 44 18.65 2.73 -17.28
CA VAL G 44 18.98 1.33 -17.20
C VAL G 44 18.47 0.84 -15.86
N THR G 45 17.51 -0.06 -15.87
CA THR G 45 16.86 -0.51 -14.65
C THR G 45 17.57 -1.73 -14.10
N VAL G 46 17.90 -1.70 -12.82
CA VAL G 46 18.40 -2.86 -12.12
C VAL G 46 17.27 -3.88 -12.00
N ARG G 47 17.54 -5.12 -12.41
CA ARG G 47 16.50 -6.12 -12.57
C ARG G 47 16.93 -7.32 -11.74
N GLU G 48 16.21 -8.43 -11.80
CA GLU G 48 16.63 -9.64 -11.12
C GLU G 48 16.49 -10.83 -12.05
N LYS G 49 17.33 -11.82 -11.83
CA LYS G 49 17.16 -13.11 -12.45
C LYS G 49 17.64 -14.15 -11.45
N SER G 50 17.36 -15.40 -11.76
CA SER G 50 17.73 -16.51 -10.90
C SER G 50 18.98 -17.17 -11.44
N VAL G 51 19.72 -17.79 -10.53
CA VAL G 51 21.03 -18.35 -10.82
C VAL G 51 21.16 -19.63 -10.02
N ARG G 52 21.55 -20.71 -10.69
CA ARG G 52 22.12 -21.84 -10.00
C ARG G 52 23.51 -22.08 -10.55
N GLY G 53 24.46 -22.28 -9.65
CA GLY G 53 25.82 -22.59 -10.02
C GLY G 53 26.17 -23.99 -9.55
N THR G 54 27.33 -24.42 -9.97
CA THR G 54 27.87 -25.69 -9.53
C THR G 54 29.06 -25.43 -8.62
N ILE G 55 29.65 -26.50 -8.12
CA ILE G 55 30.79 -26.39 -7.23
C ILE G 55 32.03 -26.12 -8.07
N SER G 56 32.60 -24.93 -7.95
CA SER G 56 33.80 -24.62 -8.72
C SER G 56 34.86 -23.90 -7.89
N ASN G 57 34.70 -23.76 -6.59
CA ASN G 57 35.79 -23.26 -5.78
C ASN G 57 36.80 -24.37 -5.50
N ARG G 58 37.92 -24.00 -4.90
CA ARG G 58 38.87 -25.02 -4.49
C ARG G 58 38.33 -25.81 -3.31
N LEU G 59 38.83 -27.03 -3.16
CA LEU G 59 38.43 -27.92 -2.08
C LEU G 59 39.61 -28.11 -1.14
N LYS G 60 39.33 -28.24 0.15
CA LYS G 60 40.37 -28.23 1.17
C LYS G 60 40.90 -29.61 1.51
N THR G 61 40.85 -30.56 0.56
CA THR G 61 41.46 -31.89 0.59
C THR G 61 40.79 -32.82 1.61
N LYS G 62 39.84 -32.29 2.39
CA LYS G 62 39.03 -33.12 3.27
C LYS G 62 37.58 -33.14 2.82
N ASP G 63 37.27 -32.34 1.79
CA ASP G 63 36.02 -32.47 1.04
C ASP G 63 36.29 -32.97 -0.37
N ARG G 64 37.52 -33.40 -0.62
CA ARG G 64 37.94 -33.88 -1.94
C ARG G 64 37.69 -35.36 -2.14
N ASP G 65 37.00 -36.02 -1.21
CA ASP G 65 36.53 -37.37 -1.45
C ASP G 65 35.46 -37.35 -2.55
N PRO G 66 35.39 -38.38 -3.39
CA PRO G 66 34.49 -38.32 -4.57
C PRO G 66 33.02 -38.38 -4.22
N ALA G 67 32.64 -39.16 -3.22
CA ALA G 67 31.23 -39.29 -2.87
C ALA G 67 30.69 -38.03 -2.22
N LYS G 68 31.51 -37.35 -1.42
CA LYS G 68 31.09 -36.08 -0.85
C LYS G 68 30.98 -35.00 -1.91
N LEU G 69 31.87 -35.03 -2.90
CA LEU G 69 31.78 -34.08 -4.02
C LEU G 69 30.53 -34.32 -4.85
N ASP G 70 30.19 -35.58 -5.13
CA ASP G 70 29.00 -35.86 -5.92
C ASP G 70 27.72 -35.54 -5.15
N ALA G 71 27.74 -35.76 -3.83
CA ALA G 71 26.61 -35.32 -3.01
C ALA G 71 26.49 -33.81 -2.98
N SER G 72 27.62 -33.09 -3.05
CA SER G 72 27.56 -31.64 -3.11
C SER G 72 27.06 -31.14 -4.46
N ILE G 73 27.34 -31.89 -5.52
CA ILE G 73 26.89 -31.49 -6.85
C ILE G 73 25.41 -31.77 -7.03
N GLN G 74 24.90 -32.83 -6.41
CA GLN G 74 23.47 -33.09 -6.49
C GLN G 74 22.65 -32.12 -5.62
N SER G 75 23.30 -31.32 -4.79
CA SER G 75 22.60 -30.36 -3.94
C SER G 75 22.16 -29.15 -4.74
N PRO G 76 21.06 -28.50 -4.36
CA PRO G 76 20.69 -27.24 -5.01
C PRO G 76 21.56 -26.10 -4.52
N ASN G 77 21.92 -25.22 -5.45
CA ASN G 77 22.84 -24.13 -5.17
C ASN G 77 22.29 -22.84 -5.75
N LEU G 78 21.02 -22.55 -5.49
CA LEU G 78 20.38 -21.40 -6.09
C LEU G 78 20.51 -20.15 -5.25
N GLN G 79 20.32 -19.02 -5.92
CA GLN G 79 20.39 -17.68 -5.37
C GLN G 79 19.94 -16.70 -6.44
N THR G 80 19.59 -15.49 -6.00
CA THR G 80 19.07 -14.45 -6.86
C THR G 80 20.10 -13.34 -6.97
N VAL G 81 20.31 -12.82 -8.19
CA VAL G 81 21.26 -11.76 -8.42
C VAL G 81 20.56 -10.58 -9.09
N ASP G 82 21.14 -9.40 -8.94
CA ASP G 82 20.74 -8.25 -9.72
C ASP G 82 21.54 -8.16 -11.00
N VAL G 83 20.88 -7.76 -12.08
CA VAL G 83 21.54 -7.52 -13.35
C VAL G 83 21.07 -6.20 -13.92
N ALA G 84 21.95 -5.56 -14.67
CA ALA G 84 21.62 -4.39 -15.47
C ALA G 84 22.08 -4.66 -16.88
N ASN G 85 21.17 -4.63 -17.84
CA ASN G 85 21.51 -4.82 -19.23
C ASN G 85 20.99 -3.64 -20.02
N LEU G 86 21.54 -3.45 -21.20
CA LEU G 86 20.90 -2.56 -22.13
C LEU G 86 19.64 -3.23 -22.66
N PRO G 87 18.71 -2.45 -23.22
CA PRO G 87 17.59 -3.08 -23.92
C PRO G 87 18.02 -3.84 -25.16
N SER G 88 17.08 -4.57 -25.73
CA SER G 88 17.34 -5.39 -26.90
C SER G 88 17.44 -4.58 -28.18
N ASP G 89 17.13 -3.28 -28.14
CA ASP G 89 17.26 -2.43 -29.31
C ASP G 89 18.10 -1.20 -29.00
N ALA G 90 19.00 -1.30 -28.03
CA ALA G 90 19.84 -0.19 -27.62
C ALA G 90 21.25 -0.72 -27.43
N ASP G 91 22.23 -0.10 -28.08
CA ASP G 91 23.60 -0.59 -28.03
C ASP G 91 24.59 0.41 -27.46
N THR G 92 24.13 1.55 -26.97
CA THR G 92 25.02 2.56 -26.40
C THR G 92 24.63 2.80 -24.96
N LEU G 93 25.62 2.77 -24.08
CA LEU G 93 25.44 3.14 -22.69
C LEU G 93 25.82 4.59 -22.51
N LYS G 94 24.94 5.37 -21.88
CA LYS G 94 25.23 6.75 -21.51
C LYS G 94 25.46 6.82 -20.02
N VAL G 95 26.54 7.48 -19.62
CA VAL G 95 26.90 7.62 -18.21
C VAL G 95 27.18 9.09 -17.95
N ARG G 96 26.34 9.73 -17.15
CA ARG G 96 26.39 11.17 -16.93
C ARG G 96 26.54 11.49 -15.45
N PHE G 97 27.60 12.20 -15.10
CA PHE G 97 27.75 12.74 -13.76
C PHE G 97 28.17 14.20 -13.87
N THR G 98 28.34 14.86 -12.73
CA THR G 98 28.86 16.22 -12.67
C THR G 98 30.03 16.25 -11.71
N LEU G 99 30.79 17.35 -11.74
CA LEU G 99 32.02 17.42 -10.99
C LEU G 99 32.32 18.88 -10.64
N ARG G 100 32.62 19.14 -9.36
CA ARG G 100 33.08 20.44 -8.93
C ARG G 100 34.55 20.39 -8.53
N VAL G 101 35.30 21.38 -8.98
CA VAL G 101 36.67 21.60 -8.55
C VAL G 101 36.68 22.85 -7.69
N LEU G 102 37.18 22.73 -6.46
CA LEU G 102 36.94 23.76 -5.46
C LEU G 102 38.14 24.66 -5.22
N GLY G 103 39.29 24.11 -4.88
CA GLY G 103 40.44 24.96 -4.66
C GLY G 103 40.52 25.50 -3.25
N GLY G 104 41.71 25.94 -2.89
CA GLY G 104 42.05 26.13 -1.49
C GLY G 104 42.49 24.79 -0.97
N ALA G 105 43.42 24.17 -1.70
CA ALA G 105 43.68 22.75 -1.60
C ALA G 105 44.81 22.42 -0.64
N GLY G 106 45.11 23.30 0.29
CA GLY G 106 46.10 22.98 1.31
C GLY G 106 45.65 23.45 2.67
N THR G 107 44.54 24.16 2.69
CA THR G 107 43.96 24.61 3.95
C THR G 107 43.20 23.47 4.59
N PRO G 108 43.53 23.07 5.80
CA PRO G 108 42.77 22.01 6.47
C PRO G 108 41.41 22.49 6.93
N SER G 109 40.61 21.58 7.47
CA SER G 109 39.34 21.95 8.04
C SER G 109 39.24 21.67 9.53
N ALA G 110 40.24 20.99 10.11
CA ALA G 110 40.24 20.73 11.55
C ALA G 110 41.70 20.54 11.94
N CYS G 111 42.28 21.56 12.55
CA CYS G 111 43.71 21.56 12.88
C CYS G 111 43.90 22.11 14.27
N ASN G 112 44.38 21.28 15.20
CA ASN G 112 44.82 21.73 16.50
C ASN G 112 45.91 22.77 16.41
N ASP G 113 47.08 22.35 15.94
CA ASP G 113 48.32 23.08 16.11
C ASP G 113 48.36 24.24 15.12
N ALA G 114 48.32 25.47 15.64
CA ALA G 114 48.28 26.64 14.77
C ALA G 114 49.61 26.91 14.10
N ALA G 115 50.73 26.53 14.73
CA ALA G 115 52.03 26.70 14.08
C ALA G 115 52.20 25.73 12.93
N TYR G 116 51.67 24.51 13.11
CA TYR G 116 51.75 23.49 12.06
C TYR G 116 50.98 23.91 10.82
N ARG G 117 49.77 24.46 10.99
CA ARG G 117 49.01 24.84 9.81
C ARG G 117 49.59 26.07 9.15
N ASP G 118 50.31 26.91 9.90
CA ASP G 118 50.99 28.03 9.29
C ASP G 118 52.14 27.56 8.42
N LYS G 119 52.95 26.62 8.91
CA LYS G 119 54.05 26.15 8.09
C LYS G 119 53.56 25.29 6.93
N LEU G 120 52.45 24.59 7.12
CA LEU G 120 51.85 23.84 6.02
C LEU G 120 51.30 24.77 4.94
N LEU G 121 50.68 25.88 5.33
CA LEU G 121 50.22 26.83 4.32
C LEU G 121 51.38 27.51 3.62
N GLN G 122 52.49 27.75 4.33
CA GLN G 122 53.69 28.29 3.68
C GLN G 122 54.23 27.31 2.64
N THR G 123 54.25 26.02 2.98
CA THR G 123 54.78 25.00 2.07
C THR G 123 53.90 24.82 0.84
N VAL G 124 52.59 24.70 1.04
CA VAL G 124 51.66 24.57 -0.07
C VAL G 124 51.65 25.84 -0.92
N ALA G 125 51.80 27.01 -0.31
CA ALA G 125 51.85 28.24 -1.08
C ALA G 125 53.14 28.37 -1.85
N THR G 126 54.24 27.83 -1.31
CA THR G 126 55.50 27.76 -2.05
C THR G 126 55.35 26.90 -3.30
N TYR G 127 54.72 25.73 -3.13
CA TYR G 127 54.43 24.82 -4.24
C TYR G 127 53.59 25.50 -5.32
N VAL G 128 52.46 26.09 -4.92
CA VAL G 128 51.57 26.77 -5.85
C VAL G 128 52.23 28.01 -6.47
N ASN G 129 53.23 28.58 -5.80
CA ASN G 129 53.96 29.69 -6.39
C ASN G 129 54.88 29.22 -7.50
N ASP G 130 55.80 28.30 -7.21
CA ASP G 130 56.81 27.98 -8.21
C ASP G 130 56.35 26.97 -9.26
N GLN G 131 55.25 26.26 -9.00
CA GLN G 131 54.61 25.38 -9.97
C GLN G 131 53.13 25.63 -9.90
N GLY G 132 52.42 25.42 -10.99
CA GLY G 132 50.97 25.62 -10.97
C GLY G 132 50.26 24.46 -10.29
N PHE G 133 48.98 24.33 -10.61
CA PHE G 133 48.34 23.03 -10.56
C PHE G 133 48.30 22.42 -11.93
N ALA G 134 49.31 22.71 -12.75
CA ALA G 134 49.29 22.42 -14.18
C ALA G 134 49.48 20.95 -14.48
N GLU G 135 50.44 20.29 -13.83
CA GLU G 135 50.61 18.86 -14.07
C GLU G 135 49.46 18.06 -13.49
N LEU G 136 48.99 18.44 -12.32
CA LEU G 136 47.88 17.72 -11.71
C LEU G 136 46.60 17.91 -12.48
N ALA G 137 46.34 19.10 -13.01
CA ALA G 137 45.14 19.29 -13.81
C ALA G 137 45.28 18.63 -15.17
N ARG G 138 46.49 18.57 -15.71
CA ARG G 138 46.74 17.85 -16.95
C ARG G 138 46.41 16.36 -16.78
N ARG G 139 46.82 15.79 -15.66
CA ARG G 139 46.58 14.38 -15.41
C ARG G 139 45.11 14.10 -15.08
N TYR G 140 44.48 14.96 -14.26
CA TYR G 140 43.06 14.83 -13.96
C TYR G 140 42.19 15.00 -15.21
N ALA G 141 42.58 15.91 -16.11
CA ALA G 141 41.83 16.08 -17.34
C ALA G 141 42.08 14.96 -18.33
N HIS G 142 43.22 14.28 -18.23
CA HIS G 142 43.35 13.01 -18.93
C HIS G 142 42.35 11.99 -18.42
N ASN G 143 42.30 11.80 -17.10
CA ASN G 143 41.39 10.76 -16.58
C ASN G 143 39.91 11.11 -16.73
N LEU G 144 39.59 12.36 -17.03
CA LEU G 144 38.28 12.67 -17.59
C LEU G 144 38.21 12.53 -19.10
N ALA G 145 39.34 12.69 -19.79
CA ALA G 145 39.33 12.71 -21.24
C ALA G 145 39.16 11.32 -21.80
N ASN G 146 39.87 10.34 -21.25
CA ASN G 146 39.50 8.95 -21.47
C ASN G 146 38.37 8.60 -20.49
N ALA G 147 38.05 7.33 -20.36
CA ALA G 147 36.85 6.94 -19.63
C ALA G 147 37.21 5.97 -18.50
N ARG G 148 38.16 6.38 -17.66
CA ARG G 148 38.47 5.61 -16.45
C ARG G 148 37.25 5.38 -15.57
N PHE G 149 36.34 6.34 -15.52
CA PHE G 149 35.14 6.23 -14.71
C PHE G 149 34.13 5.24 -15.26
N LEU G 150 34.25 4.83 -16.51
CA LEU G 150 33.60 3.63 -17.01
C LEU G 150 34.55 2.50 -16.70
N TRP G 151 34.28 1.74 -15.64
CA TRP G 151 35.29 0.81 -15.14
C TRP G 151 35.36 -0.46 -15.98
N ARG G 152 34.33 -1.28 -15.93
CA ARG G 152 34.25 -2.45 -16.77
C ARG G 152 33.42 -2.18 -18.01
N ASN G 153 32.65 -1.09 -18.01
CA ASN G 153 31.87 -0.69 -19.15
C ASN G 153 32.73 -0.26 -20.32
N ARG G 154 33.96 0.17 -20.07
CA ARG G 154 34.86 0.55 -21.13
C ARG G 154 35.53 -0.68 -21.74
N VAL G 155 35.70 -1.74 -20.96
CA VAL G 155 36.42 -2.94 -21.35
C VAL G 155 35.72 -3.65 -22.49
N GLY G 156 36.30 -3.61 -23.67
CA GLY G 156 35.74 -4.26 -24.82
C GLY G 156 34.73 -3.45 -25.61
N ALA G 157 34.56 -2.18 -25.29
CA ALA G 157 33.70 -1.31 -26.08
C ALA G 157 34.42 -0.94 -27.36
N GLU G 158 33.66 -0.80 -28.43
CA GLU G 158 34.27 -0.48 -29.71
C GLU G 158 34.38 1.00 -29.98
N ALA G 159 33.60 1.82 -29.29
CA ALA G 159 33.68 3.25 -29.48
C ALA G 159 33.23 3.91 -28.20
N VAL G 160 34.11 4.68 -27.58
CA VAL G 160 33.78 5.49 -26.42
C VAL G 160 34.02 6.94 -26.82
N GLU G 161 33.13 7.83 -26.40
CA GLU G 161 33.47 9.24 -26.53
C GLU G 161 32.92 9.98 -25.33
N VAL G 162 33.56 11.10 -25.01
CA VAL G 162 33.30 11.86 -23.79
C VAL G 162 32.91 13.27 -24.20
N ARG G 163 31.88 13.81 -23.55
CA ARG G 163 31.41 15.17 -23.80
C ARG G 163 31.38 15.94 -22.50
N ILE G 164 32.21 16.96 -22.39
CA ILE G 164 32.37 17.72 -21.16
C ILE G 164 31.93 19.15 -21.42
N ASN G 165 30.97 19.61 -20.64
CA ASN G 165 30.40 20.94 -20.78
C ASN G 165 30.68 21.73 -19.51
N HIS G 166 31.37 22.85 -19.63
CA HIS G 166 31.55 23.73 -18.49
C HIS G 166 30.32 24.62 -18.32
N ILE G 167 29.89 24.78 -17.08
CA ILE G 167 28.57 25.31 -16.75
C ILE G 167 28.73 26.50 -15.83
N ARG G 168 28.31 27.69 -16.31
CA ARG G 168 28.41 28.92 -15.53
C ARG G 168 27.11 29.28 -14.83
N GLN G 169 25.98 29.13 -15.51
CA GLN G 169 24.65 29.39 -14.99
C GLN G 169 23.85 28.22 -15.54
N GLY G 170 22.54 28.31 -15.65
CA GLY G 170 21.87 27.26 -16.39
C GLY G 170 22.10 27.35 -17.89
N GLU G 171 23.36 27.14 -18.31
CA GLU G 171 23.87 27.51 -19.61
C GLU G 171 25.30 26.97 -19.72
N VAL G 172 25.70 26.62 -20.93
CA VAL G 172 27.01 26.01 -21.17
C VAL G 172 27.98 27.10 -21.61
N ALA G 173 29.12 27.20 -20.93
CA ALA G 173 30.17 28.12 -21.37
C ALA G 173 30.98 27.53 -22.52
N ARG G 174 31.58 26.36 -22.30
CA ARG G 174 32.37 25.70 -23.32
C ARG G 174 32.08 24.21 -23.31
N ALA G 175 32.13 23.59 -24.49
CA ALA G 175 31.92 22.17 -24.67
C ALA G 175 33.16 21.52 -25.30
N TRP G 176 33.64 20.44 -24.70
CA TRP G 176 34.65 19.58 -25.28
C TRP G 176 34.01 18.27 -25.75
N ARG G 177 34.64 17.64 -26.73
CA ARG G 177 34.24 16.32 -27.20
C ARG G 177 35.49 15.50 -27.51
N PHE G 178 35.72 14.45 -26.74
CA PHE G 178 36.93 13.66 -26.87
C PHE G 178 36.64 12.30 -27.47
N ASP G 179 37.69 11.50 -27.57
CA ASP G 179 37.65 10.15 -28.13
C ASP G 179 38.42 9.30 -27.13
N ALA G 180 37.70 8.63 -26.23
CA ALA G 180 38.31 8.00 -25.07
C ALA G 180 39.15 6.78 -25.42
N LEU G 181 39.00 6.22 -26.61
CA LEU G 181 39.86 5.11 -27.00
C LEU G 181 41.14 5.56 -27.69
N ALA G 182 41.11 6.73 -28.35
CA ALA G 182 42.35 7.28 -28.90
C ALA G 182 43.22 7.85 -27.79
N ILE G 183 42.62 8.53 -26.83
CA ILE G 183 43.30 8.98 -25.62
C ILE G 183 43.58 7.74 -24.79
N GLY G 184 44.84 7.33 -24.76
CA GLY G 184 45.20 6.05 -24.18
C GLY G 184 44.96 5.98 -22.69
N LEU G 185 45.01 4.76 -22.19
CA LEU G 185 44.83 4.50 -20.78
C LEU G 185 46.13 4.65 -20.01
N ARG G 186 47.26 4.77 -20.72
CA ARG G 186 48.58 4.84 -20.11
C ARG G 186 49.26 6.19 -20.33
N ASP G 187 49.41 6.60 -21.59
CA ASP G 187 50.27 7.72 -21.93
C ASP G 187 49.54 9.05 -21.70
N PHE G 188 50.05 9.85 -20.78
CA PHE G 188 49.63 11.23 -20.65
C PHE G 188 50.24 12.05 -21.78
N LYS G 189 49.57 12.08 -22.93
CA LYS G 189 50.10 12.69 -24.14
C LYS G 189 49.80 14.20 -24.15
N ALA G 190 49.97 14.85 -25.30
CA ALA G 190 49.71 16.27 -25.46
C ALA G 190 48.58 16.47 -26.45
N ASP G 191 47.73 17.46 -26.19
CA ASP G 191 46.61 17.78 -27.06
C ASP G 191 46.27 19.24 -26.81
N ALA G 192 45.42 19.80 -27.68
CA ALA G 192 45.07 21.22 -27.56
C ALA G 192 43.82 21.42 -26.71
N GLU G 193 42.73 20.73 -27.05
CA GLU G 193 41.49 20.84 -26.27
C GLU G 193 41.67 20.25 -24.88
N LEU G 194 42.51 19.24 -24.76
CA LEU G 194 42.85 18.71 -23.45
C LEU G 194 43.65 19.70 -22.63
N ASP G 195 44.50 20.51 -23.27
CA ASP G 195 45.18 21.55 -22.52
C ASP G 195 44.26 22.68 -22.14
N ALA G 196 43.22 22.95 -22.93
CA ALA G 196 42.21 23.91 -22.50
C ALA G 196 41.46 23.42 -21.26
N LEU G 197 41.09 22.13 -21.25
CA LEU G 197 40.44 21.57 -20.07
C LEU G 197 41.37 21.54 -18.87
N ALA G 198 42.67 21.33 -19.10
CA ALA G 198 43.63 21.37 -18.00
C ALA G 198 43.79 22.77 -17.44
N GLU G 199 43.75 23.80 -18.29
CA GLU G 199 43.79 25.17 -17.80
C GLU G 199 42.55 25.49 -16.97
N LEU G 200 41.38 24.99 -17.38
CA LEU G 200 40.16 25.24 -16.62
C LEU G 200 40.20 24.55 -15.26
N ILE G 201 40.65 23.28 -15.22
CA ILE G 201 40.74 22.57 -13.95
C ILE G 201 41.83 23.16 -13.06
N ALA G 202 42.91 23.66 -13.65
CA ALA G 202 43.95 24.31 -12.85
C ALA G 202 43.49 25.65 -12.30
N SER G 203 42.61 26.35 -13.02
CA SER G 203 42.03 27.57 -12.47
C SER G 203 41.02 27.26 -11.39
N GLY G 204 40.39 26.09 -11.46
CA GLY G 204 39.52 25.68 -10.36
C GLY G 204 40.28 25.32 -9.11
N LEU G 205 41.37 24.56 -9.26
CA LEU G 205 42.16 24.14 -8.12
C LEU G 205 42.91 25.29 -7.47
N SER G 206 43.23 26.33 -8.23
CA SER G 206 43.98 27.44 -7.66
C SER G 206 43.08 28.42 -6.92
N GLY G 207 41.78 28.39 -7.16
CA GLY G 207 40.87 29.33 -6.54
C GLY G 207 40.51 30.51 -7.42
N SER G 208 40.76 30.43 -8.72
CA SER G 208 40.63 31.58 -9.60
C SER G 208 39.38 31.53 -10.46
N GLY G 209 38.40 30.72 -10.10
CA GLY G 209 37.17 30.66 -10.86
C GLY G 209 36.28 29.56 -10.37
N HIS G 210 35.05 29.56 -10.89
CA HIS G 210 34.05 28.54 -10.61
C HIS G 210 34.09 27.48 -11.68
N VAL G 211 34.37 26.24 -11.29
CA VAL G 211 34.47 25.11 -12.20
C VAL G 211 33.37 24.12 -11.84
N LEU G 212 32.50 23.85 -12.82
CA LEU G 212 31.50 22.80 -12.75
C LEU G 212 31.46 22.15 -14.12
N LEU G 213 31.48 20.83 -14.14
CA LEU G 213 31.55 20.09 -15.38
C LEU G 213 30.33 19.19 -15.53
N GLU G 214 29.91 18.98 -16.75
CA GLU G 214 28.90 18.00 -17.09
C GLU G 214 29.59 16.95 -17.93
N VAL G 215 30.00 15.86 -17.30
CA VAL G 215 30.80 14.84 -17.95
C VAL G 215 29.84 13.75 -18.43
N VAL G 216 29.68 13.63 -19.73
CA VAL G 216 28.84 12.60 -20.33
C VAL G 216 29.74 11.70 -21.16
N ALA G 217 29.58 10.39 -21.01
CA ALA G 217 30.38 9.43 -21.75
C ALA G 217 29.48 8.36 -22.35
N PHE G 218 29.69 8.08 -23.64
CA PHE G 218 28.90 7.11 -24.38
C PHE G 218 29.77 5.94 -24.76
N ALA G 219 29.42 4.75 -24.30
CA ALA G 219 30.15 3.54 -24.64
C ALA G 219 29.27 2.67 -25.53
N ARG G 220 29.77 2.33 -26.71
CA ARG G 220 29.02 1.50 -27.64
C ARG G 220 29.36 0.04 -27.36
N ILE G 221 28.38 -0.71 -26.88
CA ILE G 221 28.60 -2.01 -26.27
C ILE G 221 27.96 -3.13 -27.08
N GLY G 222 26.68 -3.02 -27.36
CA GLY G 222 25.94 -4.05 -28.08
C GLY G 222 24.54 -4.19 -27.54
N ASP G 223 23.67 -4.77 -28.37
CA ASP G 223 22.25 -4.88 -28.01
C ASP G 223 22.06 -5.89 -26.89
N GLY G 224 21.48 -5.45 -25.79
CA GLY G 224 21.17 -6.34 -24.71
C GLY G 224 22.34 -6.77 -23.85
N GLN G 225 23.53 -6.23 -24.10
CA GLN G 225 24.69 -6.62 -23.34
C GLN G 225 24.62 -6.07 -21.93
N GLU G 226 25.46 -6.61 -21.06
CA GLU G 226 25.39 -6.26 -19.65
C GLU G 226 26.24 -5.06 -19.34
N VAL G 227 25.67 -4.13 -18.58
CA VAL G 227 26.43 -3.02 -18.02
C VAL G 227 26.63 -3.28 -16.55
N PHE G 228 27.48 -2.45 -15.94
CA PHE G 228 28.01 -2.74 -14.61
C PHE G 228 27.88 -1.52 -13.72
N PRO G 229 26.75 -1.39 -13.02
CA PRO G 229 26.70 -0.46 -11.89
C PRO G 229 27.58 -0.95 -10.77
N SER G 230 27.84 -0.05 -9.84
CA SER G 230 28.64 -0.45 -8.71
C SER G 230 27.79 -1.24 -7.75
N GLN G 231 28.41 -2.21 -7.09
CA GLN G 231 27.70 -3.23 -6.36
C GLN G 231 27.61 -2.85 -4.88
N GLU G 232 26.47 -3.15 -4.29
CA GLU G 232 26.13 -2.81 -2.92
C GLU G 232 26.69 -3.85 -1.97
N LEU G 233 26.24 -3.82 -0.72
CA LEU G 233 26.81 -4.60 0.38
C LEU G 233 25.65 -5.25 1.12
N ILE G 234 25.59 -6.58 1.09
CA ILE G 234 24.53 -7.29 1.80
C ILE G 234 25.15 -8.25 2.79
N LEU G 235 24.38 -8.56 3.82
CA LEU G 235 24.82 -9.41 4.92
C LEU G 235 24.37 -10.84 4.67
N ASP G 236 25.15 -11.80 5.15
CA ASP G 236 24.95 -13.19 4.79
C ASP G 236 24.13 -13.91 5.85
N LYS G 237 23.14 -14.67 5.39
CA LYS G 237 22.34 -15.53 6.25
C LYS G 237 22.19 -16.89 5.59
N GLY G 238 21.69 -17.85 6.34
CA GLY G 238 21.43 -19.18 5.83
C GLY G 238 20.01 -19.42 5.37
N ASP G 239 19.57 -18.71 4.33
CA ASP G 239 18.23 -18.90 3.80
C ASP G 239 18.21 -20.03 2.79
N LYS G 240 17.20 -20.89 2.92
CA LYS G 240 17.07 -22.04 2.03
C LYS G 240 16.56 -21.61 0.66
N LYS G 241 17.12 -22.22 -0.38
CA LYS G 241 16.76 -22.02 -1.79
C LYS G 241 16.97 -20.57 -2.22
N GLY G 242 17.95 -19.91 -1.63
CA GLY G 242 18.50 -18.72 -2.24
C GLY G 242 18.03 -17.39 -1.71
N GLN G 243 18.82 -16.83 -0.80
CA GLN G 243 18.74 -15.40 -0.57
C GLN G 243 19.51 -14.70 -1.68
N LYS G 244 19.23 -13.41 -1.84
CA LYS G 244 19.93 -12.62 -2.84
C LYS G 244 21.41 -12.52 -2.52
N SER G 245 22.26 -12.78 -3.52
CA SER G 245 23.70 -12.84 -3.33
C SER G 245 24.42 -11.66 -3.94
N LYS G 246 23.69 -10.69 -4.49
CA LYS G 246 24.28 -9.58 -5.21
C LYS G 246 23.30 -8.43 -5.37
N THR G 247 23.64 -7.26 -4.87
CA THR G 247 22.79 -6.09 -4.99
C THR G 247 23.55 -5.01 -5.74
N LEU G 248 22.91 -4.39 -6.71
CA LEU G 248 23.52 -3.30 -7.45
C LEU G 248 22.95 -1.98 -6.96
N TYR G 249 23.75 -0.93 -7.11
CA TYR G 249 23.37 0.39 -6.61
C TYR G 249 22.49 1.10 -7.62
N SER G 250 21.52 1.84 -7.10
CA SER G 250 20.58 2.55 -7.93
C SER G 250 20.02 3.73 -7.16
N VAL G 251 19.36 4.60 -7.90
CA VAL G 251 18.70 5.81 -7.44
C VAL G 251 17.24 5.55 -7.77
N ARG G 252 16.43 6.59 -7.92
CA ARG G 252 15.00 6.38 -8.20
C ARG G 252 14.77 5.62 -9.51
N ASP G 253 14.99 4.30 -9.42
CA ASP G 253 14.82 3.30 -10.48
C ASP G 253 15.70 3.60 -11.69
N ALA G 254 16.99 3.63 -11.44
CA ALA G 254 18.01 3.83 -12.48
C ALA G 254 19.32 3.32 -11.94
N ALA G 255 19.97 2.41 -12.67
CA ALA G 255 21.25 1.85 -12.25
C ALA G 255 22.32 2.94 -12.18
N ALA G 256 23.24 2.81 -11.23
CA ALA G 256 24.13 3.91 -10.96
C ALA G 256 25.47 3.45 -10.42
N ILE G 257 26.47 4.30 -10.62
CA ILE G 257 27.81 4.12 -10.08
C ILE G 257 27.95 5.01 -8.87
N HIS G 258 28.59 4.52 -7.81
CA HIS G 258 28.90 5.34 -6.64
C HIS G 258 29.76 6.53 -7.04
N SER G 259 29.63 7.62 -6.28
CA SER G 259 30.42 8.80 -6.57
C SER G 259 31.89 8.58 -6.23
N GLN G 260 32.18 7.80 -5.19
CA GLN G 260 33.57 7.59 -4.82
C GLN G 260 34.28 6.65 -5.76
N LYS G 261 33.56 5.86 -6.56
CA LYS G 261 34.24 5.01 -7.53
C LYS G 261 34.68 5.82 -8.75
N ILE G 262 33.83 6.76 -9.18
CA ILE G 262 34.21 7.74 -10.19
C ILE G 262 35.37 8.58 -9.68
N GLY G 263 35.31 9.00 -8.42
CA GLY G 263 36.39 9.79 -7.88
C GLY G 263 37.68 9.02 -7.73
N ASN G 264 37.59 7.70 -7.55
CA ASN G 264 38.77 6.86 -7.60
C ASN G 264 39.35 6.79 -9.00
N ALA G 265 38.49 6.81 -10.01
CA ALA G 265 38.98 6.82 -11.36
C ALA G 265 39.66 8.14 -11.71
N LEU G 266 39.17 9.25 -11.16
CA LEU G 266 39.74 10.54 -11.53
C LEU G 266 41.08 10.81 -10.88
N ARG G 267 41.35 10.27 -9.69
CA ARG G 267 42.65 10.46 -9.04
C ARG G 267 43.57 9.28 -9.25
N THR G 268 43.45 8.61 -10.39
CA THR G 268 44.40 7.57 -10.77
C THR G 268 45.46 8.20 -11.67
N ILE G 269 46.25 9.07 -11.05
CA ILE G 269 47.22 9.90 -11.75
C ILE G 269 48.65 9.61 -11.33
N ASP G 270 48.87 8.64 -10.46
CA ASP G 270 50.14 8.43 -9.78
C ASP G 270 50.99 7.47 -10.59
N THR G 271 51.91 8.01 -11.37
CA THR G 271 52.90 7.23 -12.10
C THR G 271 54.28 7.27 -11.45
N TRP G 272 54.38 7.81 -10.24
CA TRP G 272 55.68 8.13 -9.68
C TRP G 272 56.10 7.17 -8.58
N TYR G 273 55.37 6.08 -8.39
CA TYR G 273 55.65 5.14 -7.32
C TYR G 273 56.91 4.35 -7.65
N PRO G 274 57.63 3.85 -6.63
CA PRO G 274 58.97 3.30 -6.90
C PRO G 274 59.00 1.99 -7.65
N ASP G 275 57.86 1.32 -7.81
CA ASP G 275 57.85 0.04 -8.52
C ASP G 275 58.04 0.24 -10.01
N GLU G 276 57.10 0.92 -10.66
CA GLU G 276 57.17 1.07 -12.10
C GLU G 276 56.31 2.24 -12.55
N ASP G 277 56.41 2.55 -13.84
CA ASP G 277 55.51 3.45 -14.53
C ASP G 277 55.09 2.88 -15.89
N GLY G 278 55.69 1.77 -16.32
CA GLY G 278 55.12 0.98 -17.39
C GLY G 278 53.89 0.20 -16.99
N LEU G 279 53.69 0.02 -15.69
CA LEU G 279 52.48 -0.58 -15.15
C LEU G 279 51.33 0.42 -15.05
N GLY G 280 51.52 1.64 -15.54
CA GLY G 280 50.47 2.61 -15.60
C GLY G 280 50.28 3.33 -14.28
N PRO G 281 49.38 4.31 -14.26
CA PRO G 281 49.09 5.01 -13.01
C PRO G 281 48.24 4.21 -12.06
N ILE G 282 48.55 4.33 -10.78
CA ILE G 282 47.70 3.83 -9.71
C ILE G 282 47.03 5.03 -9.06
N ALA G 283 46.08 4.76 -8.19
CA ALA G 283 45.32 5.82 -7.57
C ALA G 283 46.09 6.41 -6.41
N VAL G 284 45.84 7.70 -6.15
CA VAL G 284 46.51 8.43 -5.10
C VAL G 284 45.96 7.94 -3.76
N GLU G 285 46.77 7.24 -3.00
CA GLU G 285 46.43 6.80 -1.65
C GLU G 285 47.65 7.05 -0.79
N PRO G 286 47.47 7.29 0.51
CA PRO G 286 48.61 7.26 1.43
C PRO G 286 49.13 5.84 1.48
N TYR G 287 50.45 5.68 1.29
CA TYR G 287 51.11 4.42 0.95
C TYR G 287 50.34 3.66 -0.12
N GLY G 288 50.36 4.20 -1.34
CA GLY G 288 49.43 3.96 -2.42
C GLY G 288 49.19 2.52 -2.78
N SER G 289 48.02 2.04 -2.42
CA SER G 289 47.70 0.62 -2.48
C SER G 289 46.61 0.37 -3.52
N VAL G 290 46.72 -0.75 -4.19
CA VAL G 290 45.70 -1.22 -5.12
C VAL G 290 44.96 -2.35 -4.42
N THR G 291 43.64 -2.28 -4.39
CA THR G 291 42.87 -3.29 -3.69
C THR G 291 42.67 -4.55 -4.52
N SER G 292 42.61 -4.41 -5.84
CA SER G 292 42.51 -5.58 -6.70
C SER G 292 43.80 -6.40 -6.66
N GLN G 293 44.95 -5.73 -6.74
CA GLN G 293 46.21 -6.44 -6.70
C GLN G 293 46.66 -6.79 -5.28
N GLY G 294 45.91 -6.36 -4.26
CA GLY G 294 46.09 -6.83 -2.91
C GLY G 294 47.36 -6.41 -2.21
N LYS G 295 48.24 -5.66 -2.85
CA LYS G 295 49.46 -5.21 -2.23
C LYS G 295 49.50 -3.70 -2.21
N ALA G 296 50.34 -3.17 -1.33
CA ALA G 296 50.58 -1.73 -1.24
C ALA G 296 51.86 -1.42 -1.97
N TYR G 297 51.76 -0.75 -3.11
CA TYR G 297 52.89 -0.02 -3.63
C TYR G 297 53.21 1.11 -2.66
N ARG G 298 54.43 1.64 -2.78
CA ARG G 298 54.87 2.82 -2.04
C ARG G 298 54.81 2.57 -0.53
N GLN G 299 55.55 1.55 -0.09
CA GLN G 299 55.58 1.14 1.31
C GLN G 299 56.19 2.25 2.16
N PRO G 300 55.89 2.27 3.47
CA PRO G 300 56.56 3.24 4.34
C PRO G 300 58.02 2.95 4.59
N LYS G 301 58.45 1.69 4.54
CA LYS G 301 59.85 1.41 4.84
C LYS G 301 60.77 1.79 3.69
N GLN G 302 60.25 1.84 2.48
CA GLN G 302 60.96 2.44 1.35
C GLN G 302 60.37 3.85 1.16
N LYS G 303 61.06 4.84 1.71
CA LYS G 303 60.45 6.05 2.26
C LYS G 303 59.90 6.96 1.16
N LEU G 304 58.78 6.53 0.58
CA LEU G 304 58.02 7.36 -0.35
C LEU G 304 56.57 7.48 0.05
N ASP G 305 56.21 6.97 1.24
CA ASP G 305 54.91 7.11 1.87
C ASP G 305 54.48 8.57 1.95
N PHE G 306 53.16 8.83 1.96
CA PHE G 306 52.68 10.20 2.09
C PHE G 306 53.03 10.78 3.45
N TYR G 307 53.01 9.96 4.49
CA TYR G 307 53.28 10.46 5.83
C TYR G 307 54.74 10.77 6.02
N THR G 308 55.63 9.95 5.44
CA THR G 308 57.06 10.20 5.53
C THR G 308 57.45 11.45 4.74
N LEU G 309 56.92 11.58 3.53
CA LEU G 309 57.21 12.76 2.70
C LEU G 309 56.66 14.02 3.33
N LEU G 310 55.46 13.95 3.92
CA LEU G 310 54.87 15.13 4.53
C LEU G 310 55.58 15.52 5.83
N ASP G 311 55.99 14.55 6.63
CA ASP G 311 56.75 14.85 7.84
C ASP G 311 58.12 15.44 7.50
N ASN G 312 58.77 14.93 6.47
CA ASN G 312 60.07 15.49 6.11
C ASN G 312 59.93 16.86 5.49
N TRP G 313 58.84 17.12 4.78
CA TRP G 313 58.75 18.35 4.01
C TRP G 313 58.09 19.48 4.77
N VAL G 314 57.25 19.19 5.75
CA VAL G 314 56.68 20.26 6.56
C VAL G 314 57.47 20.48 7.84
N LEU G 315 57.82 19.41 8.56
CA LEU G 315 58.45 19.61 9.87
C LEU G 315 59.93 19.93 9.75
N ARG G 316 60.61 19.42 8.73
CA ARG G 316 62.07 19.45 8.70
C ARG G 316 62.62 20.06 7.42
N ASP G 317 61.77 20.67 6.60
CA ASP G 317 62.10 21.44 5.40
C ASP G 317 62.81 20.63 4.31
N GLU G 318 62.82 19.31 4.41
CA GLU G 318 63.43 18.49 3.36
C GLU G 318 62.45 18.42 2.20
N ALA G 319 62.64 19.27 1.22
CA ALA G 319 61.81 19.20 0.03
C ALA G 319 62.16 17.94 -0.76
N PRO G 320 61.23 17.05 -1.01
CA PRO G 320 61.52 15.84 -1.78
C PRO G 320 61.62 16.17 -3.27
N ALA G 321 61.75 15.11 -4.06
CA ALA G 321 61.76 15.26 -5.50
C ALA G 321 60.44 15.83 -5.99
N VAL G 322 60.50 16.49 -7.15
CA VAL G 322 59.39 17.28 -7.69
C VAL G 322 58.16 16.42 -7.90
N GLU G 323 58.36 15.20 -8.37
CA GLU G 323 57.27 14.29 -8.62
C GLU G 323 56.62 13.80 -7.33
N GLN G 324 57.42 13.61 -6.29
CA GLN G 324 56.82 13.26 -5.01
C GLN G 324 56.10 14.44 -4.38
N GLN G 325 56.49 15.66 -4.74
CA GLN G 325 55.72 16.82 -4.33
C GLN G 325 54.38 16.88 -5.05
N HIS G 326 54.34 16.48 -6.32
CA HIS G 326 53.06 16.32 -7.02
C HIS G 326 52.19 15.26 -6.35
N TYR G 327 52.82 14.18 -5.88
CA TYR G 327 52.08 13.15 -5.14
C TYR G 327 51.49 13.66 -3.83
N VAL G 328 52.27 14.43 -3.06
CA VAL G 328 51.80 14.93 -1.77
C VAL G 328 50.65 15.92 -1.96
N ILE G 329 50.80 16.83 -2.94
CA ILE G 329 49.71 17.76 -3.22
C ILE G 329 48.48 17.04 -3.80
N ALA G 330 48.70 15.92 -4.50
CA ALA G 330 47.56 15.13 -4.96
C ALA G 330 46.83 14.47 -3.80
N ASN G 331 47.56 14.07 -2.75
CA ASN G 331 46.90 13.61 -1.54
C ASN G 331 46.15 14.72 -0.83
N LEU G 332 46.64 15.96 -0.90
CA LEU G 332 45.88 17.05 -0.27
C LEU G 332 44.63 17.42 -1.06
N ILE G 333 44.67 17.26 -2.38
CA ILE G 333 43.48 17.47 -3.20
C ILE G 333 42.50 16.33 -2.99
N ARG G 334 43.02 15.13 -2.71
CA ARG G 334 42.17 13.98 -2.36
C ARG G 334 41.36 14.22 -1.11
N GLY G 335 41.96 14.84 -0.11
CA GLY G 335 41.37 14.93 1.21
C GLY G 335 41.77 13.74 2.03
N GLY G 336 41.26 13.70 3.24
CA GLY G 336 41.52 12.57 4.10
C GLY G 336 41.56 12.96 5.56
N VAL G 337 41.61 11.95 6.41
CA VAL G 337 41.66 12.11 7.85
C VAL G 337 43.10 11.90 8.27
N PHE G 338 43.81 12.99 8.50
CA PHE G 338 45.24 12.89 8.78
C PHE G 338 45.46 13.12 10.27
N GLY G 339 46.72 13.13 10.69
CA GLY G 339 47.04 13.15 12.09
C GLY G 339 46.96 11.76 12.69
N GLU G 340 47.39 11.66 13.94
CA GLU G 340 47.60 10.37 14.60
C GLU G 340 46.32 9.56 14.80
N LEU H 8 29.28 40.96 49.08
CA LEU H 8 28.41 40.26 48.13
C LEU H 8 29.16 39.17 47.40
N SER H 9 28.66 37.94 47.52
CA SER H 9 29.17 36.81 46.77
C SER H 9 28.29 36.56 45.56
N THR H 10 28.78 35.69 44.68
CA THR H 10 28.00 35.31 43.52
C THR H 10 26.83 34.42 43.93
N ALA H 11 25.84 34.35 43.05
CA ALA H 11 24.79 33.37 43.23
C ALA H 11 25.34 31.99 42.95
N SER H 12 25.03 31.04 43.83
CA SER H 12 25.46 29.67 43.62
C SER H 12 24.70 28.99 42.49
N VAL H 13 23.51 29.49 42.15
CA VAL H 13 22.74 29.01 41.02
C VAL H 13 22.53 30.20 40.09
N LEU H 14 23.13 30.14 38.90
CA LEU H 14 22.88 31.10 37.84
C LEU H 14 22.50 30.36 36.57
N ALA H 15 21.42 30.78 35.94
CA ALA H 15 20.94 30.10 34.75
C ALA H 15 20.22 31.09 33.86
N PHE H 16 20.68 31.21 32.62
CA PHE H 16 20.09 32.11 31.66
C PHE H 16 19.46 31.31 30.54
N GLU H 17 18.24 31.68 30.17
CA GLU H 17 17.53 31.06 29.07
C GLU H 17 17.95 31.73 27.78
N ARG H 18 17.96 30.98 26.69
CA ARG H 18 18.50 31.49 25.45
C ARG H 18 17.49 32.39 24.74
N LYS H 19 18.02 33.42 24.11
CA LYS H 19 17.30 34.21 23.12
C LYS H 19 17.96 33.92 21.79
N LEU H 20 17.29 34.32 20.71
CA LEU H 20 17.58 33.87 19.35
C LEU H 20 17.48 32.36 19.28
N ASP H 21 16.27 31.84 19.40
CA ASP H 21 15.95 30.42 19.41
C ASP H 21 15.57 29.94 18.01
N PRO H 22 16.43 29.25 17.28
CA PRO H 22 16.09 28.80 15.93
C PRO H 22 15.52 27.39 15.92
N SER H 23 15.00 27.01 14.77
CA SER H 23 14.48 25.67 14.58
C SER H 23 15.48 24.83 13.79
N ASP H 24 15.07 23.62 13.44
CA ASP H 24 15.79 22.83 12.45
C ASP H 24 15.52 23.41 11.08
N ALA H 25 16.50 23.34 10.20
CA ALA H 25 16.37 23.86 8.85
C ALA H 25 16.23 22.70 7.89
N LEU H 26 15.04 22.56 7.31
CA LEU H 26 14.78 21.53 6.34
C LEU H 26 15.44 21.89 5.02
N MET H 27 15.87 20.88 4.28
CA MET H 27 16.55 21.08 3.00
C MET H 27 15.69 20.52 1.89
N SER H 28 15.51 21.30 0.83
CA SER H 28 14.68 20.92 -0.30
C SER H 28 15.29 21.50 -1.55
N ALA H 29 15.03 20.87 -2.70
CA ALA H 29 15.83 21.14 -3.89
C ALA H 29 14.96 21.44 -5.11
N GLY H 30 15.51 22.25 -6.00
CA GLY H 30 14.84 22.60 -7.24
C GLY H 30 15.79 23.35 -8.15
N ALA H 31 15.23 24.01 -9.14
CA ALA H 31 16.02 24.75 -10.10
C ALA H 31 16.09 26.22 -9.76
N TRP H 32 17.25 26.84 -9.99
CA TRP H 32 17.43 28.27 -9.86
C TRP H 32 16.62 28.99 -10.92
N ALA H 33 16.31 30.25 -10.64
CA ALA H 33 15.41 31.18 -11.35
C ALA H 33 13.95 30.76 -11.26
N GLN H 34 13.63 29.65 -10.60
CA GLN H 34 12.28 29.31 -10.19
C GLN H 34 12.16 29.36 -8.68
N ARG H 35 13.17 29.92 -8.02
CA ARG H 35 13.22 30.00 -6.57
C ARG H 35 12.25 31.02 -6.01
N ASP H 36 11.67 31.87 -6.85
CA ASP H 36 10.63 32.79 -6.40
C ASP H 36 9.35 32.04 -6.07
N ALA H 37 9.12 30.89 -6.72
CA ALA H 37 7.98 30.03 -6.46
C ALA H 37 8.44 28.69 -5.90
N SER H 38 9.38 28.75 -4.95
CA SER H 38 9.99 27.56 -4.39
C SER H 38 9.25 27.07 -3.17
N GLN H 39 7.94 26.91 -3.29
CA GLN H 39 7.10 26.55 -2.15
C GLN H 39 6.70 25.09 -2.16
N GLU H 40 6.61 24.47 -3.33
CA GLU H 40 6.37 23.04 -3.45
C GLU H 40 7.59 22.30 -3.98
N TRP H 41 8.79 22.75 -3.61
CA TRP H 41 9.98 22.01 -4.01
C TRP H 41 10.07 20.70 -3.23
N PRO H 42 10.46 19.61 -3.89
CA PRO H 42 10.60 18.35 -3.18
C PRO H 42 11.77 18.40 -2.23
N ALA H 43 11.67 17.61 -1.17
CA ALA H 43 12.69 17.64 -0.14
C ALA H 43 13.90 16.84 -0.58
N VAL H 44 14.96 16.92 0.21
CA VAL H 44 16.17 16.15 0.00
C VAL H 44 16.13 14.99 0.97
N THR H 45 16.16 13.77 0.45
CA THR H 45 16.03 12.57 1.27
C THR H 45 17.38 11.98 1.59
N VAL H 46 17.52 11.50 2.82
CA VAL H 46 18.70 10.74 3.22
C VAL H 46 18.56 9.32 2.68
N ARG H 47 19.59 8.85 2.01
CA ARG H 47 19.64 7.49 1.51
C ARG H 47 20.80 6.75 2.17
N GLU H 48 21.07 5.55 1.69
CA GLU H 48 22.22 4.78 2.16
C GLU H 48 23.01 4.32 0.94
N LYS H 49 24.31 4.15 1.13
CA LYS H 49 25.14 3.52 0.12
C LYS H 49 26.24 2.76 0.81
N SER H 50 26.93 1.94 0.05
CA SER H 50 28.01 1.12 0.55
C SER H 50 29.33 1.81 0.33
N VAL H 51 30.31 1.47 1.17
CA VAL H 51 31.66 2.01 1.06
C VAL H 51 32.61 0.85 1.30
N ARG H 52 33.33 0.44 0.27
CA ARG H 52 34.51 -0.40 0.46
C ARG H 52 35.72 0.52 0.51
N GLY H 53 36.24 0.75 1.68
CA GLY H 53 37.37 1.63 1.86
C GLY H 53 38.69 0.89 1.78
N THR H 54 39.71 1.49 2.39
CA THR H 54 41.03 0.89 2.47
C THR H 54 41.73 1.47 3.68
N ILE H 55 42.92 0.96 3.97
CA ILE H 55 43.69 1.42 5.11
C ILE H 55 44.54 2.61 4.68
N SER H 56 44.29 3.76 5.30
CA SER H 56 45.06 4.96 5.00
C SER H 56 45.36 5.76 6.25
N ASN H 57 45.52 5.10 7.39
CA ASN H 57 45.80 5.77 8.64
C ASN H 57 47.30 5.89 8.87
N ARG H 58 47.67 6.73 9.82
CA ARG H 58 49.03 6.69 10.32
C ARG H 58 49.22 5.46 11.19
N LEU H 59 50.25 4.69 10.90
CA LEU H 59 50.58 3.51 11.68
C LEU H 59 51.52 3.90 12.82
N LYS H 60 51.59 3.04 13.82
CA LYS H 60 52.26 3.38 15.07
C LYS H 60 53.69 2.87 15.13
N THR H 61 54.42 2.92 14.02
CA THR H 61 55.86 2.65 13.83
C THR H 61 56.35 1.31 14.38
N LYS H 62 55.42 0.41 14.69
CA LYS H 62 55.71 -0.92 15.19
C LYS H 62 54.89 -1.90 14.37
N ASP H 63 53.78 -1.42 13.84
CA ASP H 63 52.93 -2.18 12.91
C ASP H 63 53.17 -1.77 11.47
N ARG H 64 54.41 -1.45 11.12
CA ARG H 64 54.74 -0.88 9.82
C ARG H 64 55.44 -1.88 8.90
N ASP H 65 55.35 -3.17 9.20
CA ASP H 65 55.95 -4.18 8.34
C ASP H 65 55.13 -4.35 7.06
N PRO H 66 55.77 -4.70 5.94
CA PRO H 66 55.01 -4.85 4.68
C PRO H 66 54.01 -5.99 4.69
N ALA H 67 54.27 -7.04 5.47
CA ALA H 67 53.36 -8.18 5.50
C ALA H 67 52.05 -7.82 6.20
N LYS H 68 52.11 -7.01 7.25
CA LYS H 68 50.89 -6.60 7.92
C LYS H 68 50.09 -5.62 7.08
N LEU H 69 50.76 -4.76 6.31
CA LEU H 69 50.04 -3.87 5.40
C LEU H 69 49.35 -4.63 4.29
N ASP H 70 50.06 -5.57 3.67
CA ASP H 70 49.44 -6.38 2.62
C ASP H 70 48.28 -7.20 3.18
N ALA H 71 48.49 -7.85 4.33
CA ALA H 71 47.42 -8.65 4.92
C ALA H 71 46.32 -7.82 5.55
N SER H 72 46.51 -6.51 5.73
CA SER H 72 45.45 -5.65 6.21
C SER H 72 44.66 -5.01 5.09
N ILE H 73 45.25 -4.88 3.90
CA ILE H 73 44.45 -4.49 2.74
C ILE H 73 43.96 -5.68 1.94
N GLN H 74 44.30 -6.91 2.38
CA GLN H 74 43.56 -8.07 1.89
C GLN H 74 42.10 -8.00 2.33
N SER H 75 41.88 -7.78 3.61
CA SER H 75 40.54 -7.63 4.18
C SER H 75 40.22 -6.16 4.32
N PRO H 76 39.43 -5.58 3.41
CA PRO H 76 39.26 -4.12 3.42
C PRO H 76 38.23 -3.67 4.42
N ASN H 77 37.91 -2.38 4.40
CA ASN H 77 36.99 -1.77 5.35
C ASN H 77 35.67 -1.51 4.65
N LEU H 78 34.62 -2.18 5.10
CA LEU H 78 33.33 -2.18 4.45
C LEU H 78 32.29 -1.53 5.36
N GLN H 79 31.64 -0.50 4.84
CA GLN H 79 30.80 0.37 5.64
C GLN H 79 29.54 0.73 4.89
N THR H 80 28.54 1.17 5.64
CA THR H 80 27.33 1.78 5.10
C THR H 80 27.25 3.19 5.66
N VAL H 81 27.15 4.16 4.77
CA VAL H 81 27.07 5.57 5.16
C VAL H 81 25.73 6.10 4.69
N ASP H 82 25.38 7.27 5.19
CA ASP H 82 24.24 8.00 4.67
C ASP H 82 24.73 9.14 3.79
N VAL H 83 24.03 9.36 2.69
CA VAL H 83 24.33 10.46 1.79
C VAL H 83 23.05 11.19 1.45
N ALA H 84 23.12 12.50 1.44
CA ALA H 84 22.10 13.35 0.86
C ALA H 84 22.66 13.95 -0.41
N ASN H 85 21.85 13.95 -1.45
CA ASN H 85 22.24 14.52 -2.72
C ASN H 85 21.09 15.35 -3.26
N LEU H 86 21.42 16.29 -4.11
CA LEU H 86 20.43 16.89 -4.97
C LEU H 86 19.92 15.87 -5.98
N PRO H 87 18.69 16.04 -6.46
CA PRO H 87 18.26 15.25 -7.62
C PRO H 87 19.09 15.62 -8.83
N SER H 88 19.19 14.69 -9.77
CA SER H 88 20.11 14.86 -10.89
C SER H 88 19.61 15.84 -11.93
N ASP H 89 18.48 16.50 -11.71
CA ASP H 89 18.03 17.58 -12.58
C ASP H 89 17.71 18.86 -11.82
N ALA H 90 18.22 18.99 -10.60
CA ALA H 90 18.05 20.19 -9.79
C ALA H 90 19.39 20.63 -9.24
N ASP H 91 19.68 21.93 -9.30
CA ASP H 91 21.00 22.41 -8.88
C ASP H 91 20.98 23.38 -7.71
N THR H 92 19.83 23.67 -7.12
CA THR H 92 19.72 24.68 -6.09
C THR H 92 19.23 24.04 -4.80
N LEU H 93 19.83 24.44 -3.69
CA LEU H 93 19.49 23.94 -2.36
C LEU H 93 18.74 25.01 -1.59
N LYS H 94 17.48 24.75 -1.28
CA LYS H 94 16.68 25.61 -0.44
C LYS H 94 16.79 25.13 1.00
N VAL H 95 17.25 26.00 1.88
CA VAL H 95 17.38 25.69 3.31
C VAL H 95 16.58 26.74 4.06
N ARG H 96 15.51 26.29 4.71
CA ARG H 96 14.51 27.19 5.28
C ARG H 96 14.30 26.87 6.75
N PHE H 97 14.36 27.90 7.59
CA PHE H 97 14.04 27.74 9.01
C PHE H 97 13.49 29.06 9.52
N THR H 98 13.01 29.03 10.76
CA THR H 98 12.41 30.18 11.41
C THR H 98 13.19 30.52 12.66
N LEU H 99 13.57 31.79 12.80
CA LEU H 99 14.23 32.31 13.98
C LEU H 99 13.28 33.23 14.71
N ARG H 100 13.22 33.11 16.03
CA ARG H 100 12.46 34.05 16.85
C ARG H 100 13.39 34.72 17.84
N VAL H 101 13.14 36.00 18.09
CA VAL H 101 13.98 36.85 18.92
C VAL H 101 13.16 37.20 20.14
N LEU H 102 13.52 36.67 21.32
CA LEU H 102 12.60 36.70 22.44
C LEU H 102 12.62 38.02 23.19
N GLY H 103 13.74 38.37 23.78
CA GLY H 103 13.78 39.66 24.47
C GLY H 103 13.55 39.52 25.96
N GLY H 104 14.22 40.40 26.71
CA GLY H 104 14.32 40.27 28.15
C GLY H 104 15.59 39.54 28.52
N ALA H 105 16.72 40.03 28.00
CA ALA H 105 17.95 39.25 27.95
C ALA H 105 18.86 39.43 29.17
N GLY H 106 18.46 40.24 30.14
CA GLY H 106 19.32 40.37 31.31
C GLY H 106 18.81 39.61 32.51
N THR H 107 17.60 39.08 32.39
CA THR H 107 16.93 38.46 33.53
C THR H 107 17.31 36.99 33.62
N PRO H 108 17.95 36.56 34.69
CA PRO H 108 18.28 35.14 34.82
C PRO H 108 17.04 34.30 35.04
N SER H 109 17.16 33.01 34.74
CA SER H 109 16.03 32.10 34.91
C SER H 109 16.10 31.29 36.19
N ALA H 110 17.21 31.38 36.92
CA ALA H 110 17.34 30.75 38.22
C ALA H 110 18.44 31.49 38.97
N CYS H 111 18.10 32.16 40.06
CA CYS H 111 19.09 32.90 40.82
C CYS H 111 18.81 32.75 42.31
N ASN H 112 19.83 32.35 43.06
CA ASN H 112 19.74 32.32 44.52
C ASN H 112 19.53 33.70 45.10
N ASP H 113 20.55 34.55 44.98
CA ASP H 113 20.64 35.76 45.76
C ASP H 113 19.79 36.84 45.11
N ALA H 114 18.85 37.40 45.87
CA ALA H 114 18.02 38.49 45.36
C ALA H 114 18.80 39.79 45.25
N ALA H 115 19.88 39.95 46.02
CA ALA H 115 20.71 41.13 45.86
C ALA H 115 21.54 41.06 44.59
N TYR H 116 22.05 39.86 44.28
CA TYR H 116 22.82 39.67 43.06
C TYR H 116 21.96 39.91 41.82
N ARG H 117 20.70 39.49 41.86
CA ARG H 117 19.82 39.70 40.72
C ARG H 117 19.52 41.17 40.51
N ASP H 118 19.37 41.92 41.60
CA ASP H 118 19.13 43.36 41.50
C ASP H 118 20.34 44.07 40.91
N LYS H 119 21.54 43.72 41.39
CA LYS H 119 22.75 44.33 40.86
C LYS H 119 22.98 43.94 39.42
N LEU H 120 22.65 42.70 39.05
CA LEU H 120 22.76 42.23 37.68
C LEU H 120 21.82 42.99 36.75
N LEU H 121 20.57 43.20 37.17
CA LEU H 121 19.64 43.91 36.30
C LEU H 121 19.97 45.39 36.20
N GLN H 122 20.52 45.99 37.26
CA GLN H 122 21.03 47.35 37.17
C GLN H 122 22.18 47.44 36.18
N THR H 123 23.09 46.46 36.22
CA THR H 123 24.22 46.41 35.29
C THR H 123 23.75 46.27 33.85
N VAL H 124 22.76 45.41 33.62
CA VAL H 124 22.29 45.17 32.25
C VAL H 124 21.53 46.39 31.72
N ALA H 125 20.67 47.01 32.54
CA ALA H 125 19.95 48.19 32.07
C ALA H 125 20.88 49.39 31.91
N THR H 126 21.95 49.45 32.70
CA THR H 126 22.97 50.48 32.51
C THR H 126 23.70 50.29 31.19
N TYR H 127 24.04 49.04 30.86
CA TYR H 127 24.55 48.71 29.54
C TYR H 127 23.62 49.17 28.43
N VAL H 128 22.35 48.77 28.51
CA VAL H 128 21.38 48.99 27.43
C VAL H 128 21.10 50.47 27.24
N ASN H 129 21.07 51.26 28.33
CA ASN H 129 20.90 52.69 28.14
C ASN H 129 22.17 53.37 27.67
N ASP H 130 23.34 52.91 28.12
CA ASP H 130 24.58 53.52 27.66
C ASP H 130 24.89 53.18 26.20
N GLN H 131 24.42 52.04 25.72
CA GLN H 131 24.54 51.65 24.31
C GLN H 131 23.54 50.54 24.06
N GLY H 132 22.82 50.62 22.95
CA GLY H 132 21.74 49.70 22.71
C GLY H 132 22.20 48.31 22.37
N PHE H 133 21.28 47.53 21.83
CA PHE H 133 21.63 46.22 21.31
C PHE H 133 22.03 46.32 19.85
N ALA H 134 22.50 47.49 19.41
CA ALA H 134 22.72 47.73 18.00
C ALA H 134 23.93 46.98 17.46
N GLU H 135 25.01 46.90 18.24
CA GLU H 135 26.20 46.21 17.79
C GLU H 135 25.98 44.71 17.70
N LEU H 136 25.40 44.13 18.75
CA LEU H 136 25.14 42.70 18.75
C LEU H 136 24.10 42.34 17.70
N ALA H 137 23.09 43.18 17.51
CA ALA H 137 22.11 42.86 16.49
C ALA H 137 22.64 43.07 15.08
N ARG H 138 23.60 43.97 14.87
CA ARG H 138 24.14 44.07 13.52
C ARG H 138 25.09 42.92 13.23
N ARG H 139 25.76 42.38 14.25
CA ARG H 139 26.56 41.19 14.03
C ARG H 139 25.68 39.95 13.79
N TYR H 140 24.57 39.84 14.53
CA TYR H 140 23.58 38.79 14.26
C TYR H 140 22.95 38.96 12.88
N ALA H 141 22.72 40.20 12.47
CA ALA H 141 22.17 40.49 11.16
C ALA H 141 23.13 40.12 10.05
N HIS H 142 24.43 40.29 10.30
CA HIS H 142 25.43 39.79 9.36
C HIS H 142 25.37 38.28 9.25
N ASN H 143 25.45 37.56 10.38
CA ASN H 143 25.47 36.10 10.34
C ASN H 143 24.14 35.49 9.85
N LEU H 144 23.07 36.25 9.78
CA LEU H 144 21.92 35.86 8.98
C LEU H 144 22.01 36.31 7.53
N ALA H 145 22.70 37.41 7.25
CA ALA H 145 22.69 37.99 5.90
C ALA H 145 23.67 37.30 4.96
N ASN H 146 24.84 36.91 5.46
CA ASN H 146 25.58 35.86 4.77
C ASN H 146 25.01 34.52 5.22
N ALA H 147 25.69 33.42 4.93
CA ALA H 147 25.07 32.12 5.11
C ALA H 147 25.94 31.20 5.96
N ARG H 148 26.30 31.68 7.16
CA ARG H 148 27.03 30.85 8.12
C ARG H 148 26.32 29.54 8.42
N PHE H 149 24.99 29.57 8.49
CA PHE H 149 24.21 28.38 8.80
C PHE H 149 24.25 27.33 7.71
N LEU H 150 24.64 27.69 6.49
CA LEU H 150 25.01 26.73 5.47
C LEU H 150 26.49 26.46 5.70
N TRP H 151 26.82 25.35 6.33
CA TRP H 151 28.19 25.21 6.82
C TRP H 151 29.16 24.78 5.75
N ARG H 152 29.00 23.57 5.23
CA ARG H 152 29.78 23.13 4.09
C ARG H 152 28.99 23.27 2.80
N ASN H 153 27.69 23.51 2.91
CA ASN H 153 26.82 23.78 1.77
C ASN H 153 27.12 25.12 1.11
N ARG H 154 27.95 25.94 1.73
CA ARG H 154 28.29 27.27 1.24
C ARG H 154 29.57 27.27 0.44
N VAL H 155 30.47 26.32 0.72
CA VAL H 155 31.80 26.27 0.12
C VAL H 155 31.68 25.92 -1.35
N GLY H 156 32.21 26.79 -2.20
CA GLY H 156 32.26 26.50 -3.61
C GLY H 156 30.96 26.62 -4.37
N ALA H 157 29.88 27.05 -3.72
CA ALA H 157 28.70 27.45 -4.44
C ALA H 157 29.00 28.73 -5.20
N GLU H 158 28.30 28.94 -6.30
CA GLU H 158 28.57 30.12 -7.09
C GLU H 158 27.60 31.25 -6.86
N ALA H 159 26.37 30.97 -6.45
CA ALA H 159 25.39 32.01 -6.22
C ALA H 159 24.59 31.62 -5.00
N VAL H 160 24.70 32.41 -3.93
CA VAL H 160 23.93 32.20 -2.72
C VAL H 160 23.05 33.42 -2.52
N GLU H 161 21.75 33.20 -2.32
CA GLU H 161 20.80 34.27 -2.05
C GLU H 161 20.06 33.94 -0.76
N VAL H 162 19.96 34.92 0.13
CA VAL H 162 19.28 34.76 1.41
C VAL H 162 18.03 35.64 1.41
N ARG H 163 16.88 35.05 1.71
CA ARG H 163 15.62 35.77 1.80
C ARG H 163 15.08 35.68 3.21
N ILE H 164 14.85 36.81 3.84
CA ILE H 164 14.38 36.89 5.21
C ILE H 164 13.04 37.60 5.22
N ASN H 165 12.07 37.07 5.97
CA ASN H 165 10.74 37.65 6.06
C ASN H 165 10.39 37.82 7.52
N HIS H 166 10.04 39.03 7.92
CA HIS H 166 9.49 39.27 9.25
C HIS H 166 7.99 39.03 9.23
N ILE H 167 7.49 38.37 10.28
CA ILE H 167 6.14 37.84 10.31
C ILE H 167 5.46 38.27 11.60
N ARG H 168 4.31 38.94 11.47
CA ARG H 168 3.46 39.37 12.59
C ARG H 168 2.34 38.38 12.87
N GLN H 169 1.56 38.08 11.84
CA GLN H 169 0.39 37.23 11.86
C GLN H 169 0.52 36.38 10.61
N GLY H 170 -0.56 35.78 10.11
CA GLY H 170 -0.47 35.09 8.84
C GLY H 170 -0.26 35.98 7.63
N GLU H 171 0.84 36.73 7.61
CA GLU H 171 1.17 37.74 6.61
C GLU H 171 2.62 38.15 6.81
N VAL H 172 3.24 38.59 5.72
CA VAL H 172 4.65 38.96 5.73
C VAL H 172 4.75 40.46 5.98
N ALA H 173 5.40 40.83 7.08
CA ALA H 173 5.48 42.25 7.43
C ALA H 173 6.50 42.97 6.57
N ARG H 174 7.69 42.40 6.40
CA ARG H 174 8.72 43.03 5.59
C ARG H 174 9.64 41.96 5.02
N ALA H 175 10.02 42.12 3.75
CA ALA H 175 10.87 41.18 3.06
C ALA H 175 12.27 41.77 2.84
N TRP H 176 13.26 40.88 2.86
CA TRP H 176 14.64 41.18 2.55
C TRP H 176 15.17 40.16 1.55
N ARG H 177 16.12 40.58 0.72
CA ARG H 177 16.79 39.70 -0.23
C ARG H 177 18.27 40.04 -0.24
N PHE H 178 19.05 39.29 0.52
CA PHE H 178 20.47 39.54 0.60
C PHE H 178 21.24 38.72 -0.43
N ASP H 179 22.55 38.90 -0.44
CA ASP H 179 23.47 38.18 -1.32
C ASP H 179 24.60 37.70 -0.42
N ALA H 180 24.67 36.41 -0.17
CA ALA H 180 25.56 35.92 0.88
C ALA H 180 27.01 35.84 0.45
N LEU H 181 27.34 36.14 -0.79
CA LEU H 181 28.74 36.12 -1.20
C LEU H 181 29.33 37.51 -1.32
N ALA H 182 28.50 38.50 -1.64
CA ALA H 182 28.94 39.89 -1.60
C ALA H 182 29.13 40.34 -0.15
N ILE H 183 28.15 40.07 0.70
CA ILE H 183 28.30 40.22 2.14
C ILE H 183 29.33 39.20 2.58
N GLY H 184 30.49 39.65 3.03
CA GLY H 184 31.61 38.78 3.27
C GLY H 184 31.40 37.90 4.47
N LEU H 185 32.39 37.04 4.71
CA LEU H 185 32.34 36.14 5.84
C LEU H 185 33.09 36.69 7.04
N ARG H 186 33.89 37.73 6.85
CA ARG H 186 34.82 38.18 7.87
C ARG H 186 34.62 39.62 8.29
N ASP H 187 34.55 40.56 7.35
CA ASP H 187 34.49 41.98 7.66
C ASP H 187 33.03 42.40 7.79
N PHE H 188 32.62 42.75 9.01
CA PHE H 188 31.25 43.20 9.26
C PHE H 188 31.08 44.62 8.73
N LYS H 189 30.85 44.70 7.41
CA LYS H 189 30.60 45.96 6.74
C LYS H 189 29.15 46.38 6.96
N ALA H 190 28.92 47.68 7.03
CA ALA H 190 27.58 48.21 7.23
C ALA H 190 26.82 48.30 5.91
N ASP H 191 25.49 48.32 6.02
CA ASP H 191 24.59 48.40 4.88
C ASP H 191 23.28 48.97 5.38
N ALA H 192 22.50 49.53 4.45
CA ALA H 192 21.22 50.10 4.85
C ALA H 192 20.22 49.01 5.21
N GLU H 193 20.18 47.93 4.43
CA GLU H 193 19.29 46.82 4.73
C GLU H 193 19.76 46.04 5.95
N LEU H 194 21.08 45.91 6.13
CA LEU H 194 21.60 45.35 7.37
C LEU H 194 21.27 46.21 8.56
N ASP H 195 21.29 47.54 8.41
CA ASP H 195 20.89 48.38 9.53
C ASP H 195 19.40 48.28 9.82
N ALA H 196 18.57 48.13 8.79
CA ALA H 196 17.13 47.98 9.04
C ALA H 196 16.81 46.66 9.72
N LEU H 197 17.40 45.56 9.24
CA LEU H 197 17.16 44.27 9.86
C LEU H 197 17.81 44.19 11.23
N ALA H 198 18.93 44.89 11.43
CA ALA H 198 19.55 44.94 12.74
C ALA H 198 18.72 45.73 13.73
N GLU H 199 18.05 46.79 13.28
CA GLU H 199 17.13 47.50 14.17
C GLU H 199 15.93 46.65 14.52
N LEU H 200 15.48 45.80 13.60
CA LEU H 200 14.42 44.85 13.94
C LEU H 200 14.87 43.84 14.99
N ILE H 201 16.08 43.31 14.86
CA ILE H 201 16.60 42.34 15.82
C ILE H 201 16.84 43.02 17.17
N ALA H 202 17.35 44.24 17.17
CA ALA H 202 17.58 44.95 18.42
C ALA H 202 16.29 45.42 19.08
N SER H 203 15.22 45.62 18.30
CA SER H 203 13.92 45.84 18.92
C SER H 203 13.42 44.56 19.55
N GLY H 204 13.67 43.42 18.92
CA GLY H 204 13.24 42.16 19.49
C GLY H 204 13.98 41.79 20.76
N LEU H 205 15.30 42.01 20.79
CA LEU H 205 16.12 41.61 21.92
C LEU H 205 15.88 42.44 23.17
N SER H 206 15.33 43.64 23.03
CA SER H 206 15.11 44.50 24.19
C SER H 206 13.71 44.34 24.76
N GLY H 207 12.98 43.32 24.33
CA GLY H 207 11.62 43.13 24.81
C GLY H 207 10.64 44.17 24.31
N SER H 208 10.90 44.77 23.15
CA SER H 208 10.09 45.88 22.66
C SER H 208 9.10 45.47 21.58
N GLY H 209 9.17 44.25 21.06
CA GLY H 209 8.23 43.86 20.03
C GLY H 209 8.17 42.36 19.86
N HIS H 210 7.31 41.93 18.96
CA HIS H 210 7.23 40.54 18.53
C HIS H 210 8.01 40.41 17.23
N VAL H 211 9.20 39.81 17.31
CA VAL H 211 10.04 39.60 16.15
C VAL H 211 10.08 38.11 15.87
N LEU H 212 9.60 37.74 14.68
CA LEU H 212 9.62 36.38 14.20
C LEU H 212 10.13 36.41 12.77
N LEU H 213 11.35 35.96 12.55
CA LEU H 213 11.92 35.96 11.22
C LEU H 213 11.62 34.64 10.53
N GLU H 214 11.87 34.60 9.23
CA GLU H 214 11.79 33.40 8.43
C GLU H 214 12.96 33.42 7.48
N VAL H 215 13.96 32.59 7.74
CA VAL H 215 15.23 32.68 7.03
C VAL H 215 15.26 31.60 5.96
N VAL H 216 15.46 32.02 4.72
CA VAL H 216 15.47 31.14 3.56
C VAL H 216 16.74 31.43 2.78
N ALA H 217 17.51 30.40 2.45
CA ALA H 217 18.73 30.57 1.69
C ALA H 217 18.75 29.60 0.53
N PHE H 218 19.14 30.09 -0.64
CA PHE H 218 19.26 29.27 -1.84
C PHE H 218 20.73 29.20 -2.23
N ALA H 219 21.18 28.02 -2.63
CA ALA H 219 22.58 27.85 -3.00
C ALA H 219 22.66 27.05 -4.29
N ARG H 220 23.13 27.68 -5.36
CA ARG H 220 23.33 27.02 -6.64
C ARG H 220 24.68 26.32 -6.63
N ILE H 221 24.65 24.99 -6.64
CA ILE H 221 25.85 24.18 -6.53
C ILE H 221 26.08 23.26 -7.72
N GLY H 222 25.03 22.68 -8.27
CA GLY H 222 25.15 21.82 -9.44
C GLY H 222 24.20 20.64 -9.37
N ASP H 223 23.80 20.16 -10.55
CA ASP H 223 22.86 19.04 -10.70
C ASP H 223 23.42 17.76 -10.10
N GLY H 224 22.79 17.28 -9.03
CA GLY H 224 23.14 16.00 -8.46
C GLY H 224 24.24 16.03 -7.43
N GLN H 225 24.72 17.20 -7.05
CA GLN H 225 25.86 17.31 -6.14
C GLN H 225 25.43 16.97 -4.72
N GLU H 226 26.41 16.85 -3.85
CA GLU H 226 26.16 16.38 -2.50
C GLU H 226 25.92 17.53 -1.55
N VAL H 227 24.89 17.41 -0.74
CA VAL H 227 24.64 18.36 0.33
C VAL H 227 24.91 17.70 1.65
N PHE H 228 25.07 18.52 2.66
CA PHE H 228 25.64 18.11 3.93
C PHE H 228 24.68 18.47 5.05
N PRO H 229 23.69 17.63 5.32
CA PRO H 229 22.90 17.79 6.53
C PRO H 229 23.74 17.45 7.75
N SER H 230 23.21 17.78 8.92
CA SER H 230 24.02 17.53 10.09
C SER H 230 23.94 16.06 10.47
N GLN H 231 24.88 15.67 11.30
CA GLN H 231 25.18 14.27 11.56
C GLN H 231 24.86 13.94 13.00
N GLU H 232 24.19 12.82 13.21
CA GLU H 232 23.81 12.39 14.54
C GLU H 232 25.05 11.97 15.32
N LEU H 233 24.99 12.15 16.64
CA LEU H 233 26.04 11.66 17.53
C LEU H 233 25.54 10.35 18.12
N ILE H 234 26.07 9.24 17.62
CA ILE H 234 25.70 7.91 18.11
C ILE H 234 26.93 7.27 18.68
N LEU H 235 26.82 6.79 19.92
CA LEU H 235 27.93 6.16 20.62
C LEU H 235 27.93 4.65 20.46
N ASP H 236 26.78 4.03 20.67
CA ASP H 236 26.65 2.58 20.59
C ASP H 236 26.18 2.21 19.18
N LYS H 237 26.96 1.38 18.51
CA LYS H 237 26.57 0.81 17.23
C LYS H 237 26.67 -0.72 17.29
N GLY H 238 26.55 -1.39 16.16
CA GLY H 238 26.52 -2.84 16.14
C GLY H 238 27.86 -3.52 16.34
N ASP H 239 28.01 -4.70 15.75
CA ASP H 239 29.22 -5.49 15.93
C ASP H 239 30.13 -5.42 14.71
N LYS H 240 30.24 -4.25 14.09
CA LYS H 240 31.18 -3.85 13.04
C LYS H 240 30.85 -4.50 11.69
N LYS H 241 29.88 -5.41 11.63
CA LYS H 241 29.49 -6.01 10.37
C LYS H 241 28.33 -5.26 9.73
N GLY H 242 27.20 -5.20 10.42
CA GLY H 242 26.03 -4.51 9.91
C GLY H 242 25.91 -3.08 10.34
N GLN H 243 26.94 -2.51 10.97
CA GLN H 243 26.81 -1.17 11.53
C GLN H 243 26.88 -0.11 10.45
N LYS H 244 26.25 1.02 10.74
CA LYS H 244 26.25 2.20 9.88
C LYS H 244 27.16 3.24 10.50
N SER H 245 28.24 3.58 9.80
CA SER H 245 29.22 4.48 10.38
C SER H 245 28.84 5.94 10.29
N LYS H 246 27.85 6.30 9.47
CA LYS H 246 27.48 7.70 9.29
C LYS H 246 25.98 7.80 9.14
N THR H 247 25.32 8.32 10.15
CA THR H 247 23.91 8.66 10.10
C THR H 247 23.77 10.16 9.93
N LEU H 248 22.77 10.58 9.17
CA LEU H 248 22.50 11.99 8.95
C LEU H 248 21.15 12.35 9.52
N TYR H 249 21.02 13.60 9.94
CA TYR H 249 19.82 14.06 10.61
C TYR H 249 18.69 14.22 9.61
N SER H 250 17.48 13.89 10.04
CA SER H 250 16.31 14.13 9.23
C SER H 250 15.10 14.27 10.14
N VAL H 251 14.46 15.42 10.07
CA VAL H 251 13.04 15.55 10.41
C VAL H 251 12.31 15.08 9.17
N ARG H 252 11.00 14.94 9.26
CA ARG H 252 10.18 14.00 8.48
C ARG H 252 10.49 13.88 6.98
N ASP H 253 11.12 12.74 6.63
CA ASP H 253 11.55 12.40 5.27
C ASP H 253 12.32 13.51 4.55
N ALA H 254 13.12 14.27 5.28
CA ALA H 254 13.82 15.41 4.70
C ALA H 254 15.12 15.64 5.43
N ALA H 255 16.23 15.66 4.71
CA ALA H 255 17.52 15.91 5.32
C ALA H 255 17.56 17.31 5.88
N ALA H 256 18.06 17.45 7.11
CA ALA H 256 17.97 18.73 7.79
C ALA H 256 19.21 18.97 8.62
N ILE H 257 19.30 20.18 9.16
CA ILE H 257 20.41 20.62 9.98
C ILE H 257 19.87 20.81 11.39
N HIS H 258 20.67 20.48 12.40
CA HIS H 258 20.23 20.67 13.77
C HIS H 258 20.04 22.15 14.08
N SER H 259 19.27 22.42 15.13
CA SER H 259 19.07 23.79 15.54
C SER H 259 20.22 24.32 16.37
N GLN H 260 20.94 23.44 17.07
CA GLN H 260 22.05 23.91 17.88
C GLN H 260 23.23 24.34 17.05
N LYS H 261 23.39 23.84 15.82
CA LYS H 261 24.48 24.36 15.02
C LYS H 261 24.09 25.54 14.15
N ILE H 262 22.81 25.72 13.85
CA ILE H 262 22.39 27.00 13.28
C ILE H 262 22.53 28.09 14.33
N GLY H 263 22.18 27.81 15.58
CA GLY H 263 22.46 28.74 16.65
C GLY H 263 23.93 28.97 16.88
N ASN H 264 24.76 27.96 16.62
CA ASN H 264 26.20 28.15 16.63
C ASN H 264 26.64 29.09 15.51
N ALA H 265 25.96 29.03 14.36
CA ALA H 265 26.31 29.93 13.27
C ALA H 265 25.90 31.36 13.57
N LEU H 266 24.77 31.55 14.26
CA LEU H 266 24.35 32.90 14.59
C LEU H 266 25.25 33.53 15.63
N ARG H 267 25.72 32.75 16.59
CA ARG H 267 26.57 33.23 17.68
C ARG H 267 27.96 33.62 17.26
N THR H 268 28.39 33.43 16.01
CA THR H 268 29.78 33.70 15.67
C THR H 268 29.96 35.21 15.54
N ILE H 269 30.41 35.82 16.63
CA ILE H 269 30.52 37.26 16.75
C ILE H 269 31.89 37.67 17.26
N ASP H 270 32.51 36.79 18.03
CA ASP H 270 33.53 37.17 19.01
C ASP H 270 34.82 37.50 18.29
N THR H 271 34.96 38.77 17.90
CA THR H 271 36.20 39.28 17.35
C THR H 271 37.08 39.92 18.41
N TRP H 272 36.92 39.56 19.69
CA TRP H 272 37.62 40.24 20.76
C TRP H 272 38.45 39.31 21.61
N TYR H 273 38.58 38.05 21.23
CA TYR H 273 39.43 37.13 21.96
C TYR H 273 40.89 37.51 21.73
N PRO H 274 41.76 37.34 22.74
CA PRO H 274 43.04 38.02 22.73
C PRO H 274 44.09 37.45 21.79
N ASP H 275 43.77 36.49 20.92
CA ASP H 275 44.77 35.99 19.98
C ASP H 275 44.87 36.91 18.77
N GLU H 276 43.81 36.94 17.95
CA GLU H 276 43.77 37.73 16.73
C GLU H 276 42.37 37.78 16.16
N ASP H 277 41.89 38.96 15.81
CA ASP H 277 40.70 39.05 14.96
C ASP H 277 41.03 38.72 13.50
N GLY H 278 42.31 38.66 13.13
CA GLY H 278 42.72 38.19 11.83
C GLY H 278 42.46 36.71 11.59
N LEU H 279 42.32 35.93 12.65
CA LEU H 279 41.98 34.51 12.54
C LEU H 279 40.47 34.27 12.57
N GLY H 280 39.66 35.31 12.43
CA GLY H 280 38.23 35.16 12.28
C GLY H 280 37.47 35.33 13.57
N PRO H 281 36.19 35.67 13.47
CA PRO H 281 35.33 35.61 14.65
C PRO H 281 35.06 34.17 15.04
N ILE H 282 34.97 33.95 16.35
CA ILE H 282 34.61 32.64 16.87
C ILE H 282 33.23 32.75 17.50
N ALA H 283 32.68 31.60 17.87
CA ALA H 283 31.37 31.55 18.48
C ALA H 283 31.43 32.05 19.90
N VAL H 284 30.39 32.79 20.31
CA VAL H 284 30.31 33.30 21.66
C VAL H 284 30.11 32.13 22.62
N GLU H 285 31.11 31.87 23.44
CA GLU H 285 31.06 30.84 24.47
C GLU H 285 31.75 31.39 25.71
N PRO H 286 31.45 30.84 26.88
CA PRO H 286 32.37 31.03 28.00
C PRO H 286 33.61 30.21 27.76
N TYR H 287 34.75 30.71 28.24
CA TYR H 287 36.08 30.15 28.00
C TYR H 287 36.36 30.01 26.52
N GLY H 288 35.91 30.99 25.73
CA GLY H 288 35.43 30.81 24.37
C GLY H 288 36.24 29.92 23.47
N SER H 289 35.67 28.76 23.16
CA SER H 289 36.42 27.62 22.67
C SER H 289 35.82 27.13 21.37
N VAL H 290 36.69 26.63 20.50
CA VAL H 290 36.32 26.22 19.16
C VAL H 290 36.54 24.72 19.09
N THR H 291 35.49 23.98 18.74
CA THR H 291 35.63 22.53 18.70
C THR H 291 36.44 22.06 17.49
N SER H 292 36.35 22.78 16.38
CA SER H 292 37.12 22.44 15.20
C SER H 292 38.61 22.68 15.43
N GLN H 293 38.95 23.80 16.06
CA GLN H 293 40.33 24.05 16.45
C GLN H 293 40.80 23.15 17.57
N GLY H 294 39.88 22.58 18.35
CA GLY H 294 40.26 21.78 19.50
C GLY H 294 40.92 22.53 20.63
N LYS H 295 40.85 23.85 20.62
CA LYS H 295 41.63 24.71 21.49
C LYS H 295 40.72 25.77 22.07
N ALA H 296 40.93 26.12 23.33
CA ALA H 296 40.12 27.10 24.03
C ALA H 296 40.87 28.43 24.05
N TYR H 297 40.38 29.37 23.25
CA TYR H 297 40.79 30.75 23.39
C TYR H 297 40.15 31.32 24.66
N ARG H 298 40.60 32.51 25.05
CA ARG H 298 40.01 33.28 26.15
C ARG H 298 40.05 32.48 27.48
N GLN H 299 41.28 32.23 27.93
CA GLN H 299 41.54 31.39 29.08
C GLN H 299 41.17 32.09 30.38
N PRO H 300 40.90 31.32 31.45
CA PRO H 300 40.74 31.94 32.77
C PRO H 300 42.04 32.39 33.40
N LYS H 301 43.19 31.99 32.85
CA LYS H 301 44.47 32.47 33.32
C LYS H 301 44.75 33.88 32.79
N GLN H 302 44.10 34.28 31.71
CA GLN H 302 43.96 35.68 31.38
C GLN H 302 42.70 36.19 32.10
N LYS H 303 42.27 37.40 31.79
CA LYS H 303 41.13 37.96 32.51
C LYS H 303 39.94 38.26 31.60
N LEU H 304 39.88 37.64 30.44
CA LEU H 304 38.82 37.93 29.47
C LEU H 304 37.70 36.91 29.49
N ASP H 305 37.78 35.92 30.37
CA ASP H 305 36.74 34.91 30.52
C ASP H 305 35.44 35.53 31.00
N PHE H 306 34.32 34.91 30.60
CA PHE H 306 32.98 35.43 30.93
C PHE H 306 32.74 35.48 32.44
N TYR H 307 33.23 34.49 33.18
CA TYR H 307 33.04 34.48 34.64
C TYR H 307 33.77 35.65 35.27
N THR H 308 35.01 35.88 34.83
CA THR H 308 35.83 36.95 35.35
C THR H 308 35.22 38.31 35.04
N LEU H 309 34.79 38.51 33.79
CA LEU H 309 34.24 39.80 33.40
C LEU H 309 32.90 40.07 34.07
N LEU H 310 32.04 39.05 34.17
CA LEU H 310 30.74 39.23 34.81
C LEU H 310 30.88 39.48 36.30
N ASP H 311 31.77 38.76 36.97
CA ASP H 311 31.93 38.97 38.40
C ASP H 311 32.58 40.30 38.70
N ASN H 312 33.57 40.71 37.91
CA ASN H 312 34.17 42.00 38.17
C ASN H 312 33.32 43.17 37.70
N TRP H 313 32.31 42.94 36.87
CA TRP H 313 31.47 44.04 36.43
C TRP H 313 30.14 44.11 37.19
N VAL H 314 29.72 43.03 37.82
CA VAL H 314 28.53 43.05 38.67
C VAL H 314 28.89 43.25 40.14
N LEU H 315 29.78 42.42 40.68
CA LEU H 315 30.10 42.50 42.10
C LEU H 315 30.99 43.69 42.40
N ARG H 316 32.14 43.76 41.76
CA ARG H 316 33.23 44.64 42.17
C ARG H 316 33.27 45.94 41.40
N ASP H 317 32.34 46.15 40.46
CA ASP H 317 32.17 47.39 39.68
C ASP H 317 33.43 47.78 38.89
N GLU H 318 34.25 46.80 38.55
CA GLU H 318 35.37 47.02 37.63
C GLU H 318 34.80 46.83 36.23
N ALA H 319 34.25 47.92 35.69
CA ALA H 319 33.59 47.85 34.39
C ALA H 319 34.63 47.61 33.30
N PRO H 320 34.43 46.63 32.43
CA PRO H 320 35.46 46.29 31.46
C PRO H 320 35.47 47.26 30.29
N ALA H 321 36.25 46.95 29.27
CA ALA H 321 36.16 47.68 28.02
C ALA H 321 34.78 47.46 27.39
N VAL H 322 34.43 48.36 26.48
CA VAL H 322 33.13 48.32 25.82
C VAL H 322 32.96 47.05 25.01
N GLU H 323 34.05 46.55 24.44
CA GLU H 323 33.99 45.35 23.63
C GLU H 323 33.75 44.11 24.50
N GLN H 324 34.36 44.07 25.68
CA GLN H 324 34.10 42.97 26.59
C GLN H 324 32.69 43.05 27.18
N GLN H 325 32.12 44.25 27.25
CA GLN H 325 30.71 44.37 27.57
C GLN H 325 29.84 43.76 26.48
N HIS H 326 30.21 43.97 25.21
CA HIS H 326 29.50 43.32 24.11
C HIS H 326 29.62 41.80 24.19
N TYR H 327 30.78 41.30 24.59
CA TYR H 327 30.98 39.87 24.78
C TYR H 327 30.10 39.30 25.89
N VAL H 328 30.02 39.97 27.03
CA VAL H 328 29.26 39.45 28.16
C VAL H 328 27.76 39.50 27.88
N ILE H 329 27.28 40.56 27.22
CA ILE H 329 25.87 40.58 26.87
C ILE H 329 25.56 39.58 25.77
N ALA H 330 26.56 39.26 24.93
CA ALA H 330 26.37 38.17 23.97
C ALA H 330 26.24 36.82 24.66
N ASN H 331 26.96 36.62 25.77
CA ASN H 331 26.76 35.40 26.55
C ASN H 331 25.41 35.36 27.23
N LEU H 332 24.92 36.50 27.71
CA LEU H 332 23.58 36.50 28.33
C LEU H 332 22.50 36.25 27.30
N ILE H 333 22.72 36.66 26.05
CA ILE H 333 21.81 36.31 24.96
C ILE H 333 21.95 34.84 24.60
N ARG H 334 23.16 34.29 24.70
CA ARG H 334 23.39 32.88 24.42
C ARG H 334 22.65 31.98 25.39
N GLY H 335 22.71 32.30 26.68
CA GLY H 335 22.16 31.41 27.67
C GLY H 335 23.26 30.86 28.53
N GLY H 336 23.01 29.76 29.22
CA GLY H 336 24.03 29.11 30.01
C GLY H 336 23.57 28.75 31.39
N VAL H 337 24.19 27.72 31.96
CA VAL H 337 23.94 27.26 33.31
C VAL H 337 25.24 27.44 34.07
N PHE H 338 25.35 28.57 34.74
CA PHE H 338 26.58 28.96 35.40
C PHE H 338 26.52 28.58 36.87
N GLY H 339 27.41 29.12 37.67
CA GLY H 339 27.34 28.94 39.10
C GLY H 339 28.70 28.66 39.67
N GLU H 340 28.72 28.21 40.92
CA GLU H 340 29.97 27.85 41.55
C GLU H 340 30.48 26.53 40.98
N MET I 3 55.57 11.19 45.40
CA MET I 3 56.05 10.25 46.40
C MET I 3 55.97 10.79 47.81
N ILE I 4 55.46 12.01 47.99
CA ILE I 4 55.06 12.45 49.33
C ILE I 4 53.78 11.75 49.76
N ALA I 5 52.97 11.30 48.80
CA ALA I 5 51.67 10.73 49.11
C ALA I 5 51.78 9.32 49.67
N GLN I 6 52.79 8.57 49.21
CA GLN I 6 52.98 7.21 49.71
C GLN I 6 53.48 7.18 51.16
N GLN I 7 54.03 8.29 51.65
CA GLN I 7 54.36 8.44 53.06
C GLN I 7 53.08 8.63 53.85
N HIS I 8 52.38 9.73 53.58
CA HIS I 8 51.12 10.06 54.24
C HIS I 8 50.03 9.21 53.61
N LYS I 9 49.92 7.95 54.09
CA LYS I 9 49.15 6.94 53.39
C LYS I 9 47.66 7.05 53.67
N ASP I 10 47.26 6.83 54.92
CA ASP I 10 45.84 6.78 55.26
C ASP I 10 45.21 8.16 55.34
N THR I 11 46.00 9.22 55.41
CA THR I 11 45.46 10.57 55.44
C THR I 11 44.97 10.97 54.05
N VAL I 12 43.67 10.77 53.79
CA VAL I 12 43.10 11.13 52.49
C VAL I 12 42.89 12.62 52.33
N ALA I 13 43.16 13.42 53.36
CA ALA I 13 43.18 14.87 53.18
C ALA I 13 44.40 15.29 52.35
N ALA I 14 45.59 14.82 52.74
CA ALA I 14 46.78 15.11 51.96
C ALA I 14 46.78 14.38 50.63
N CYS I 15 46.22 13.17 50.60
CA CYS I 15 46.06 12.44 49.35
C CYS I 15 45.10 13.15 48.41
N GLU I 16 44.03 13.71 48.95
CA GLU I 16 43.08 14.43 48.11
C GLU I 16 43.61 15.80 47.69
N ALA I 17 44.49 16.39 48.49
CA ALA I 17 45.16 17.62 48.05
C ALA I 17 46.14 17.33 46.92
N ALA I 18 47.00 16.32 47.11
CA ALA I 18 47.97 15.90 46.10
C ALA I 18 47.32 15.24 44.88
N GLU I 19 46.03 14.94 44.94
CA GLU I 19 45.28 14.53 43.78
C GLU I 19 44.45 15.65 43.17
N ALA I 20 44.05 16.63 43.98
CA ALA I 20 43.30 17.79 43.52
C ALA I 20 44.17 18.77 42.77
N ILE I 21 45.48 18.80 43.04
CA ILE I 21 46.38 19.51 42.13
C ILE I 21 46.51 18.77 40.80
N ALA I 22 46.22 17.47 40.79
CA ALA I 22 46.36 16.60 39.64
C ALA I 22 44.99 16.30 39.02
N ILE I 23 44.99 15.33 38.09
CA ILE I 23 43.79 14.81 37.44
C ILE I 23 42.96 13.97 38.39
N ALA I 24 41.77 13.54 37.93
CA ALA I 24 40.71 13.08 38.81
C ALA I 24 40.96 11.65 39.33
N LYS I 25 39.93 11.08 39.95
CA LYS I 25 40.02 9.88 40.76
C LYS I 25 39.31 8.72 40.08
N ASP I 26 40.03 7.61 39.90
CA ASP I 26 39.46 6.38 39.35
C ASP I 26 39.13 5.41 40.49
N GLN I 27 38.14 4.56 40.25
CA GLN I 27 37.66 3.61 41.26
C GLN I 27 37.37 2.27 40.60
N VAL I 28 37.58 1.20 41.36
CA VAL I 28 37.36 -0.17 40.90
C VAL I 28 36.35 -0.83 41.82
N TRP I 29 35.29 -1.40 41.23
CA TRP I 29 34.30 -2.15 41.98
C TRP I 29 34.31 -3.59 41.48
N ASP I 30 34.70 -4.51 42.36
CA ASP I 30 34.64 -5.94 42.13
C ASP I 30 34.42 -6.59 43.49
N GLY I 31 34.79 -7.87 43.61
CA GLY I 31 34.78 -8.52 44.92
C GLY I 31 35.59 -7.77 45.97
N GLU I 32 36.77 -7.27 45.59
CA GLU I 32 37.57 -6.44 46.47
C GLU I 32 37.20 -4.97 46.23
N GLY I 33 38.01 -4.03 46.72
CA GLY I 33 37.74 -2.63 46.48
C GLY I 33 38.97 -1.74 46.37
N TYR I 34 39.11 -1.04 45.25
CA TYR I 34 40.26 -0.21 44.96
C TYR I 34 39.82 1.18 44.49
N THR I 35 40.63 2.18 44.81
CA THR I 35 40.61 3.47 44.14
C THR I 35 41.92 3.65 43.39
N LYS I 36 42.03 4.76 42.66
CA LYS I 36 43.27 5.12 42.01
C LYS I 36 43.46 6.61 42.14
N TYR I 37 44.68 7.02 42.44
CA TYR I 37 45.04 8.42 42.60
C TYR I 37 46.13 8.71 41.58
N THR I 38 45.72 9.04 40.36
CA THR I 38 46.67 9.26 39.27
C THR I 38 47.24 10.67 39.32
N PHE I 39 48.57 10.76 39.41
CA PHE I 39 49.30 11.99 39.67
C PHE I 39 49.74 12.65 38.36
N ASP I 40 50.21 13.89 38.50
CA ASP I 40 50.55 14.72 37.34
C ASP I 40 51.74 14.19 36.56
N ASP I 41 52.73 13.66 37.26
CA ASP I 41 53.98 13.22 36.65
C ASP I 41 53.96 11.73 36.37
N ASN I 42 52.80 11.25 35.92
CA ASN I 42 52.55 9.90 35.39
C ASN I 42 52.65 8.84 36.50
N SER I 43 52.39 9.25 37.73
CA SER I 43 52.28 8.34 38.86
C SER I 43 50.83 8.06 39.19
N VAL I 44 50.58 6.89 39.79
CA VAL I 44 49.28 6.56 40.34
C VAL I 44 49.47 6.13 41.79
N LEU I 45 48.37 5.93 42.49
CA LEU I 45 48.41 5.44 43.86
C LEU I 45 47.08 4.75 44.15
N ILE I 46 47.08 3.42 44.12
CA ILE I 46 45.93 2.66 44.59
C ILE I 46 46.01 2.55 46.10
N GLN I 47 45.00 3.05 46.79
CA GLN I 47 44.84 2.79 48.20
C GLN I 47 43.74 1.76 48.40
N SER I 48 43.90 0.91 49.43
CA SER I 48 42.92 -0.15 49.68
C SER I 48 42.89 -0.42 51.18
N GLY I 49 41.99 0.27 51.89
CA GLY I 49 41.94 0.13 53.32
C GLY I 49 43.19 0.67 53.98
N THR I 50 44.06 -0.24 54.43
CA THR I 50 45.32 0.13 55.05
C THR I 50 46.51 -0.51 54.33
N THR I 51 46.30 -1.02 53.11
CA THR I 51 47.39 -1.37 52.20
C THR I 51 47.31 -0.50 50.96
N GLN I 52 48.44 -0.35 50.29
CA GLN I 52 48.50 0.43 49.05
C GLN I 52 49.58 -0.15 48.15
N TYR I 53 49.71 0.43 46.96
CA TYR I 53 50.85 0.17 46.08
C TYR I 53 51.03 1.40 45.19
N ALA I 54 52.07 2.18 45.46
CA ALA I 54 52.39 3.28 44.56
C ALA I 54 52.97 2.74 43.26
N MET I 55 52.79 3.51 42.19
CA MET I 55 53.27 3.11 40.88
C MET I 55 53.41 4.35 40.01
N ASP I 56 54.57 4.51 39.40
CA ASP I 56 54.78 5.52 38.37
C ASP I 56 54.92 4.81 37.04
N ALA I 57 54.21 5.31 36.02
CA ALA I 57 54.24 4.68 34.70
C ALA I 57 55.50 5.11 33.96
N ASP I 58 55.54 4.80 32.65
CA ASP I 58 56.77 4.72 31.86
C ASP I 58 57.81 3.83 32.55
N ASP I 59 57.33 2.68 33.03
CA ASP I 59 58.15 1.77 33.83
C ASP I 59 57.49 0.40 33.70
N ALA I 60 58.14 -0.52 33.01
CA ALA I 60 57.49 -1.77 32.62
C ALA I 60 57.41 -2.75 33.77
N ASP I 61 58.48 -2.87 34.56
CA ASP I 61 58.48 -3.78 35.70
C ASP I 61 57.48 -3.31 36.76
N SER I 62 57.36 -1.99 36.92
CA SER I 62 56.43 -1.43 37.89
C SER I 62 54.99 -1.67 37.47
N ILE I 63 54.69 -1.61 36.17
CA ILE I 63 53.32 -1.87 35.75
C ILE I 63 53.03 -3.36 35.65
N LYS I 64 54.05 -4.22 35.52
CA LYS I 64 53.76 -5.65 35.57
C LYS I 64 53.54 -6.12 37.00
N GLY I 65 54.38 -5.70 37.94
CA GLY I 65 54.15 -6.03 39.34
C GLY I 65 52.94 -5.30 39.90
N TYR I 66 52.61 -4.14 39.33
CA TYR I 66 51.34 -3.49 39.59
C TYR I 66 50.17 -4.37 39.17
N ALA I 67 50.27 -4.99 37.99
CA ALA I 67 49.27 -5.96 37.57
C ALA I 67 49.35 -7.24 38.40
N ASP I 68 50.54 -7.57 38.90
CA ASP I 68 50.66 -8.71 39.80
C ASP I 68 50.12 -8.38 41.19
N TRP I 69 50.06 -7.09 41.54
CA TRP I 69 49.56 -6.70 42.84
C TRP I 69 48.05 -6.84 42.92
N LEU I 70 47.36 -6.74 41.79
CA LEU I 70 45.92 -6.95 41.72
C LEU I 70 45.59 -8.43 41.63
N ASP I 71 44.39 -8.78 42.05
CA ASP I 71 43.95 -10.16 42.13
C ASP I 71 43.22 -10.59 40.84
N ASP I 72 42.50 -11.72 40.92
CA ASP I 72 42.00 -12.40 39.73
C ASP I 72 40.61 -11.96 39.28
N GLU I 73 39.79 -11.41 40.18
CA GLU I 73 38.55 -10.81 39.71
C GLU I 73 38.75 -9.37 39.26
N ALA I 74 39.94 -8.81 39.49
CA ALA I 74 40.40 -7.61 38.83
C ALA I 74 41.09 -7.91 37.51
N ARG I 75 41.10 -9.18 37.10
CA ARG I 75 41.43 -9.55 35.73
C ARG I 75 40.21 -9.53 34.83
N SER I 76 39.01 -9.56 35.42
CA SER I 76 37.78 -9.48 34.64
C SER I 76 37.56 -8.08 34.13
N ALA I 77 37.65 -7.09 35.02
CA ALA I 77 37.83 -5.71 34.62
C ALA I 77 39.33 -5.45 34.53
N GLU I 78 39.72 -4.21 34.22
CA GLU I 78 41.07 -3.65 34.37
C GLU I 78 42.07 -4.23 33.35
N ALA I 79 41.69 -5.29 32.62
CA ALA I 79 42.60 -5.90 31.65
C ALA I 79 42.74 -5.03 30.42
N SER I 80 41.67 -4.32 30.05
CA SER I 80 41.72 -3.39 28.93
C SER I 80 42.41 -2.09 29.27
N GLU I 81 42.83 -1.89 30.51
CA GLU I 81 43.65 -0.75 30.87
C GLU I 81 45.08 -1.13 31.23
N ILE I 82 45.30 -2.29 31.84
CA ILE I 82 46.68 -2.74 32.09
C ILE I 82 47.37 -3.18 30.82
N GLU I 83 46.62 -3.39 29.74
CA GLU I 83 47.19 -3.50 28.41
C GLU I 83 47.25 -2.15 27.71
N ARG I 84 46.56 -1.14 28.23
CA ARG I 84 46.54 0.16 27.57
C ARG I 84 47.80 0.97 27.90
N LEU I 85 48.23 0.95 29.15
CA LEU I 85 49.52 1.58 29.47
C LEU I 85 50.69 0.62 29.25
N LEU I 86 50.41 -0.67 29.06
CA LEU I 86 51.41 -1.56 28.49
C LEU I 86 51.68 -1.17 27.04
N GLU I 87 50.61 -0.86 26.30
CA GLU I 87 50.73 -0.33 24.94
C GLU I 87 51.43 1.02 24.95
N SER I 88 51.04 1.91 25.86
CA SER I 88 51.59 3.26 25.93
C SER I 88 52.98 3.19 26.57
N VAL I 89 54.00 3.12 25.73
CA VAL I 89 55.38 3.11 26.20
C VAL I 89 56.27 3.76 25.14
N MET J 1 -47.22 54.05 -9.25
CA MET J 1 -47.02 53.45 -10.56
C MET J 1 -47.86 54.18 -11.60
N ALA J 2 -47.31 54.32 -12.81
CA ALA J 2 -47.98 55.02 -13.90
C ALA J 2 -48.96 54.14 -14.66
N MET J 3 -49.17 52.89 -14.24
CA MET J 3 -50.10 52.00 -14.91
C MET J 3 -51.53 52.40 -14.57
N ASP J 4 -52.30 52.76 -15.59
CA ASP J 4 -53.70 53.16 -15.42
C ASP J 4 -54.64 51.97 -15.33
N HIS J 5 -54.13 50.75 -15.48
CA HIS J 5 -54.95 49.54 -15.40
C HIS J 5 -54.31 48.57 -14.42
N TYR J 6 -55.02 47.48 -14.16
CA TYR J 6 -54.55 46.42 -13.26
C TYR J 6 -55.18 45.12 -13.73
N LEU J 7 -54.40 44.32 -14.45
CA LEU J 7 -54.90 43.08 -15.04
C LEU J 7 -55.14 42.05 -13.94
N ASP J 8 -56.30 41.41 -13.99
CA ASP J 8 -56.68 40.42 -13.00
C ASP J 8 -55.88 39.13 -13.21
N ILE J 9 -55.53 38.49 -12.10
CA ILE J 9 -54.75 37.27 -12.14
C ILE J 9 -55.00 36.46 -10.86
N ARG J 10 -54.77 35.16 -10.95
CA ARG J 10 -54.88 34.26 -9.80
C ARG J 10 -53.96 33.07 -10.04
N LEU J 11 -53.30 32.64 -8.97
CA LEU J 11 -52.33 31.56 -9.08
C LEU J 11 -53.03 30.21 -9.21
N ARG J 12 -52.26 29.21 -9.60
CA ARG J 12 -52.76 27.85 -9.75
C ARG J 12 -51.58 26.93 -10.06
N PRO J 13 -51.79 25.61 -10.06
CA PRO J 13 -50.71 24.69 -10.44
C PRO J 13 -50.49 24.70 -11.95
N ASP J 14 -49.35 24.14 -12.35
CA ASP J 14 -48.99 24.04 -13.76
C ASP J 14 -48.19 22.75 -13.92
N PRO J 15 -48.48 21.94 -14.94
CA PRO J 15 -47.74 20.68 -15.11
C PRO J 15 -46.50 20.83 -15.97
N GLU J 16 -46.48 21.85 -16.84
CA GLU J 16 -45.38 22.03 -17.76
C GLU J 16 -44.15 22.66 -17.12
N PHE J 17 -44.22 23.03 -15.85
CA PHE J 17 -43.10 23.65 -15.16
C PHE J 17 -43.43 23.80 -13.67
N PRO J 18 -42.48 24.27 -12.87
CA PRO J 18 -42.78 24.60 -11.47
C PRO J 18 -43.47 25.95 -11.36
N PRO J 19 -43.60 26.48 -10.14
CA PRO J 19 -44.18 27.83 -10.00
C PRO J 19 -43.34 28.94 -10.61
N ALA J 20 -42.03 28.75 -10.77
CA ALA J 20 -41.22 29.72 -11.49
C ALA J 20 -41.54 29.69 -12.98
N GLN J 21 -41.60 28.49 -13.56
CA GLN J 21 -42.09 28.34 -14.93
C GLN J 21 -43.56 28.71 -15.03
N LEU J 22 -44.33 28.57 -13.95
CA LEU J 22 -45.71 29.02 -13.94
C LEU J 22 -45.81 30.53 -14.08
N MET J 23 -44.98 31.26 -13.33
CA MET J 23 -44.99 32.72 -13.41
C MET J 23 -44.42 33.22 -14.74
N SER J 24 -43.37 32.55 -15.23
CA SER J 24 -42.78 32.90 -16.53
C SER J 24 -43.76 32.64 -17.67
N VAL J 25 -44.44 31.49 -17.65
CA VAL J 25 -45.42 31.16 -18.67
C VAL J 25 -46.65 32.04 -18.56
N LEU J 26 -47.01 32.48 -17.36
CA LEU J 26 -48.15 33.38 -17.20
C LEU J 26 -47.85 34.75 -17.77
N PHE J 27 -46.66 35.30 -17.45
CA PHE J 27 -46.26 36.59 -18.00
C PHE J 27 -46.07 36.52 -19.51
N GLY J 28 -45.54 35.40 -20.01
CA GLY J 28 -45.38 35.25 -21.44
C GLY J 28 -46.70 35.09 -22.18
N LYS J 29 -47.65 34.36 -21.58
CA LYS J 29 -48.96 34.21 -22.19
C LYS J 29 -49.73 35.52 -22.18
N LEU J 30 -49.57 36.31 -21.11
CA LEU J 30 -50.22 37.62 -21.06
C LEU J 30 -49.62 38.58 -22.09
N HIS J 31 -48.29 38.60 -22.21
CA HIS J 31 -47.63 39.49 -23.15
C HIS J 31 -47.73 39.00 -24.60
N GLN J 32 -48.08 37.74 -24.83
CA GLN J 32 -48.27 37.23 -26.17
C GLN J 32 -49.73 37.17 -26.59
N ALA J 33 -50.66 37.22 -25.63
CA ALA J 33 -52.07 37.35 -25.96
C ALA J 33 -52.49 38.81 -26.04
N LEU J 34 -52.25 39.59 -24.98
CA LEU J 34 -52.63 41.00 -25.00
C LEU J 34 -51.71 41.84 -25.87
N VAL J 35 -50.44 41.45 -25.99
CA VAL J 35 -49.45 42.23 -26.72
C VAL J 35 -49.25 41.62 -28.11
N ALA J 36 -50.27 40.93 -28.61
CA ALA J 36 -50.26 40.38 -29.96
C ALA J 36 -51.30 41.02 -30.87
N GLN J 37 -52.11 41.94 -30.37
CA GLN J 37 -53.16 42.57 -31.17
C GLN J 37 -52.94 44.04 -31.43
N GLY J 38 -52.75 44.83 -30.40
CA GLY J 38 -52.52 46.26 -30.57
C GLY J 38 -52.22 46.93 -29.25
N GLY J 39 -51.72 48.14 -29.35
CA GLY J 39 -51.41 48.92 -28.16
C GLY J 39 -49.92 48.97 -27.89
N ASP J 40 -49.46 50.11 -27.40
CA ASP J 40 -48.06 50.29 -27.02
C ASP J 40 -47.88 50.39 -25.51
N ARG J 41 -48.67 51.23 -24.84
CA ARG J 41 -48.52 51.46 -23.41
C ARG J 41 -49.09 50.28 -22.61
N ILE J 42 -48.32 49.20 -22.62
CA ILE J 42 -48.56 48.04 -21.77
C ILE J 42 -47.26 47.83 -20.99
N GLY J 43 -47.18 48.44 -19.81
CA GLY J 43 -45.95 48.44 -19.05
C GLY J 43 -45.73 47.20 -18.21
N VAL J 44 -45.24 47.39 -16.99
CA VAL J 44 -44.87 46.30 -16.09
C VAL J 44 -45.55 46.54 -14.75
N SER J 45 -46.12 45.48 -14.19
CA SER J 45 -46.78 45.57 -12.88
C SER J 45 -46.59 44.23 -12.18
N PHE J 46 -45.57 44.14 -11.34
CA PHE J 46 -45.31 42.95 -10.54
C PHE J 46 -44.47 43.31 -9.31
N PRO J 47 -44.95 44.25 -8.49
CA PRO J 47 -44.18 44.67 -7.31
C PRO J 47 -44.53 43.94 -6.02
N ASP J 48 -45.31 42.85 -6.10
CA ASP J 48 -45.66 42.10 -4.90
C ASP J 48 -44.49 41.33 -4.33
N LEU J 49 -43.49 40.99 -5.16
CA LEU J 49 -42.33 40.26 -4.71
C LEU J 49 -41.34 41.20 -4.02
N ASP J 50 -40.41 40.59 -3.27
CA ASP J 50 -39.42 41.36 -2.53
C ASP J 50 -38.38 41.94 -3.47
N GLU J 51 -37.93 43.16 -3.16
CA GLU J 51 -36.95 43.83 -4.00
C GLU J 51 -35.57 43.19 -3.89
N SER J 52 -35.02 43.13 -2.67
CA SER J 52 -33.72 42.50 -2.44
C SER J 52 -33.73 40.99 -2.62
N ARG J 53 -34.90 40.36 -2.61
CA ARG J 53 -34.99 38.91 -2.82
C ARG J 53 -34.64 38.50 -4.25
N SER J 54 -34.81 39.40 -5.22
CA SER J 54 -34.37 39.17 -6.59
C SER J 54 -35.18 38.09 -7.30
N ARG J 55 -36.49 38.11 -7.09
CA ARG J 55 -37.39 37.14 -7.71
C ARG J 55 -38.19 37.81 -8.82
N LEU J 56 -39.08 37.03 -9.45
CA LEU J 56 -39.97 37.55 -10.47
C LEU J 56 -41.39 37.81 -9.97
N GLY J 57 -41.78 37.18 -8.86
CA GLY J 57 -43.08 37.41 -8.27
C GLY J 57 -44.10 36.33 -8.57
N GLU J 58 -45.15 36.25 -7.76
CA GLU J 58 -46.23 35.30 -7.98
C GLU J 58 -47.61 35.90 -7.74
N ARG J 59 -47.71 37.18 -7.41
CA ARG J 59 -49.00 37.82 -7.16
C ARG J 59 -49.73 38.02 -8.48
N LEU J 60 -50.95 37.48 -8.55
CA LEU J 60 -51.74 37.53 -9.78
C LEU J 60 -52.33 38.92 -9.97
N ARG J 61 -51.50 39.79 -10.54
CA ARG J 61 -51.87 41.19 -10.80
C ARG J 61 -51.13 41.63 -12.06
N ILE J 62 -51.83 41.63 -13.19
CA ILE J 62 -51.25 42.13 -14.43
C ILE J 62 -51.16 43.65 -14.37
N HIS J 63 -50.15 44.20 -15.04
CA HIS J 63 -49.88 45.64 -15.04
C HIS J 63 -49.75 46.09 -16.50
N ALA J 64 -50.88 46.44 -17.09
CA ALA J 64 -50.92 46.96 -18.46
C ALA J 64 -52.11 47.89 -18.57
N SER J 65 -52.52 48.21 -19.80
CA SER J 65 -53.72 48.98 -20.03
C SER J 65 -54.92 48.04 -20.11
N ALA J 66 -56.08 48.59 -20.48
CA ALA J 66 -57.26 47.74 -20.68
C ALA J 66 -57.13 46.96 -21.98
N ASP J 67 -57.09 47.66 -23.11
CA ASP J 67 -56.99 47.01 -24.40
C ASP J 67 -55.58 46.54 -24.73
N ASP J 68 -54.56 47.19 -24.16
CA ASP J 68 -53.17 46.83 -24.47
C ASP J 68 -52.75 45.52 -23.83
N LEU J 69 -53.47 45.05 -22.81
CA LEU J 69 -53.10 43.79 -22.17
C LEU J 69 -54.30 42.93 -21.79
N ARG J 70 -55.50 43.27 -22.24
CA ARG J 70 -56.68 42.49 -21.89
C ARG J 70 -56.82 41.20 -22.70
N ALA J 71 -56.17 41.10 -23.85
CA ALA J 71 -56.30 39.94 -24.72
C ALA J 71 -55.42 38.77 -24.31
N LEU J 72 -54.78 38.83 -23.13
CA LEU J 72 -53.95 37.71 -22.68
C LEU J 72 -54.79 36.50 -22.28
N LEU J 73 -55.97 36.73 -21.68
CA LEU J 73 -56.86 35.65 -21.34
C LEU J 73 -57.68 35.16 -22.52
N ALA J 74 -57.66 35.87 -23.64
CA ALA J 74 -58.36 35.45 -24.85
C ALA J 74 -57.36 35.30 -25.99
N ARG J 75 -56.24 34.64 -25.71
CA ARG J 75 -55.20 34.50 -26.71
C ARG J 75 -55.61 33.51 -27.78
N PRO J 76 -55.26 33.76 -29.05
CA PRO J 76 -55.62 32.81 -30.12
C PRO J 76 -54.82 31.52 -30.08
N TRP J 77 -53.75 31.46 -29.31
CA TRP J 77 -53.01 30.22 -29.08
C TRP J 77 -52.65 30.06 -27.60
N LEU J 78 -53.41 30.70 -26.71
CA LEU J 78 -53.09 30.77 -25.30
C LEU J 78 -54.05 29.97 -24.44
N GLU J 79 -54.58 28.87 -24.98
CA GLU J 79 -55.45 27.99 -24.22
C GLU J 79 -54.61 26.99 -23.43
N GLY J 80 -55.25 25.98 -22.84
CA GLY J 80 -54.57 25.00 -22.04
C GLY J 80 -54.45 25.33 -20.57
N LEU J 81 -54.60 26.61 -20.21
CA LEU J 81 -54.56 27.02 -18.80
C LEU J 81 -55.58 28.10 -18.48
N ARG J 82 -56.64 28.23 -19.29
CA ARG J 82 -57.64 29.25 -19.08
C ARG J 82 -58.66 28.89 -18.01
N ASP J 83 -58.64 27.66 -17.52
CA ASP J 83 -59.57 27.22 -16.47
C ASP J 83 -58.86 26.52 -15.32
N HIS J 84 -57.53 26.46 -15.33
CA HIS J 84 -56.78 25.82 -14.26
C HIS J 84 -56.47 26.77 -13.11
N LEU J 85 -56.82 28.04 -13.23
CA LEU J 85 -56.60 29.02 -12.18
C LEU J 85 -57.68 30.08 -12.25
N GLN J 86 -57.72 30.93 -11.22
CA GLN J 86 -58.69 32.01 -11.16
C GLN J 86 -58.33 33.08 -12.20
N PHE J 87 -59.08 33.12 -13.30
CA PHE J 87 -58.87 34.06 -14.37
C PHE J 87 -59.88 35.19 -14.27
N GLY J 88 -59.95 36.03 -15.29
CA GLY J 88 -60.92 37.11 -15.32
C GLY J 88 -60.91 37.95 -16.58
N GLU J 89 -61.04 39.27 -16.41
CA GLU J 89 -61.07 40.24 -17.49
C GLU J 89 -60.21 41.42 -17.08
N PRO J 90 -60.13 42.47 -17.91
CA PRO J 90 -59.36 43.66 -17.53
C PRO J 90 -60.03 44.43 -16.40
N ALA J 91 -59.24 45.28 -15.75
CA ALA J 91 -59.70 46.05 -14.60
C ALA J 91 -58.75 47.22 -14.38
N VAL J 92 -58.87 47.87 -13.22
CA VAL J 92 -58.05 49.03 -12.87
C VAL J 92 -57.38 48.75 -11.53
N VAL J 93 -56.07 48.96 -11.48
CA VAL J 93 -55.27 48.69 -10.29
C VAL J 93 -54.95 50.00 -9.58
N PRO J 94 -54.33 49.96 -8.40
CA PRO J 94 -54.08 51.20 -7.65
C PRO J 94 -52.96 52.01 -8.26
N HIS J 95 -52.98 53.32 -7.98
CA HIS J 95 -51.99 54.26 -8.48
C HIS J 95 -50.65 53.97 -7.83
N PRO J 96 -50.62 53.66 -6.54
CA PRO J 96 -49.39 53.16 -5.91
C PRO J 96 -49.19 51.69 -6.24
N THR J 97 -48.24 51.41 -7.11
CA THR J 97 -47.99 50.04 -7.56
C THR J 97 -46.54 49.95 -8.01
N PRO J 98 -45.89 48.81 -7.78
CA PRO J 98 -44.48 48.67 -8.17
C PRO J 98 -44.36 48.35 -9.66
N TYR J 99 -43.48 49.09 -10.33
CA TYR J 99 -43.17 48.84 -11.74
C TYR J 99 -42.25 47.63 -11.85
N ARG J 100 -42.87 46.45 -11.77
CA ARG J 100 -42.15 45.19 -11.88
C ARG J 100 -41.59 45.02 -13.29
N GLN J 101 -40.26 45.07 -13.40
CA GLN J 101 -39.55 45.12 -14.67
C GLN J 101 -39.41 43.71 -15.24
N VAL J 102 -40.55 43.07 -15.50
CA VAL J 102 -40.60 41.82 -16.25
C VAL J 102 -41.20 42.15 -17.60
N SER J 103 -40.35 42.55 -18.54
CA SER J 103 -40.79 42.91 -19.88
C SER J 103 -39.58 43.25 -20.73
N ARG J 104 -39.83 43.73 -21.95
CA ARG J 104 -38.77 44.33 -22.78
C ARG J 104 -38.51 45.76 -22.29
N VAL J 105 -37.77 45.84 -21.19
CA VAL J 105 -37.24 47.11 -20.70
C VAL J 105 -35.75 47.13 -21.02
N GLN J 106 -35.19 48.33 -21.11
CA GLN J 106 -33.83 48.51 -21.59
C GLN J 106 -32.95 48.99 -20.43
N ALA J 107 -32.01 48.16 -20.02
CA ALA J 107 -31.10 48.48 -18.93
C ALA J 107 -29.90 47.55 -19.02
N LYS J 108 -29.08 47.54 -17.96
CA LYS J 108 -27.89 46.71 -17.91
C LYS J 108 -28.16 45.34 -17.30
N SER J 109 -29.19 44.66 -17.82
CA SER J 109 -29.51 43.32 -17.37
C SER J 109 -28.66 42.24 -18.04
N ASN J 110 -27.84 42.61 -19.01
CA ASN J 110 -26.96 41.67 -19.68
C ASN J 110 -25.74 42.42 -20.22
N PRO J 111 -24.55 42.15 -19.69
CA PRO J 111 -23.35 42.78 -20.25
C PRO J 111 -22.80 41.95 -21.40
N GLU J 112 -23.18 40.67 -21.44
CA GLU J 112 -22.70 39.79 -22.50
C GLU J 112 -23.49 40.00 -23.78
N ARG J 113 -24.82 39.85 -23.72
CA ARG J 113 -25.63 39.93 -24.94
C ARG J 113 -25.79 41.37 -25.41
N LEU J 114 -26.44 42.21 -24.60
CA LEU J 114 -26.69 43.58 -25.01
C LEU J 114 -25.41 44.42 -24.94
N ARG J 115 -24.61 44.24 -23.88
CA ARG J 115 -23.41 45.04 -23.70
C ARG J 115 -22.32 44.64 -24.70
N ARG J 116 -22.09 43.33 -24.85
CA ARG J 116 -21.13 42.88 -25.86
C ARG J 116 -21.64 43.12 -27.27
N ARG J 117 -22.96 43.15 -27.45
CA ARG J 117 -23.51 43.47 -28.77
C ARG J 117 -23.36 44.95 -29.10
N LEU J 118 -23.41 45.83 -28.09
CA LEU J 118 -23.07 47.22 -28.32
C LEU J 118 -21.57 47.46 -28.43
N MET J 119 -20.76 46.55 -27.90
CA MET J 119 -19.32 46.64 -28.12
C MET J 119 -18.94 46.15 -29.51
N ARG J 120 -19.67 45.16 -30.05
CA ARG J 120 -19.29 44.56 -31.32
C ARG J 120 -19.97 45.24 -32.51
N ARG J 121 -21.27 45.49 -32.41
CA ARG J 121 -22.02 46.10 -33.51
C ARG J 121 -22.60 47.43 -33.07
N HIS J 122 -21.80 48.25 -32.40
CA HIS J 122 -22.22 49.57 -31.96
C HIS J 122 -21.16 50.63 -32.25
N ASP J 123 -20.39 50.45 -33.32
CA ASP J 123 -19.32 51.36 -33.71
C ASP J 123 -18.10 51.27 -32.79
N LEU J 124 -17.93 50.16 -32.08
CA LEU J 124 -16.83 49.96 -31.16
C LEU J 124 -16.02 48.73 -31.55
N SER J 125 -14.82 48.64 -30.98
CA SER J 125 -13.93 47.51 -31.20
C SER J 125 -14.17 46.46 -30.11
N GLU J 126 -13.25 45.50 -29.99
CA GLU J 126 -13.34 44.48 -28.94
C GLU J 126 -13.11 45.06 -27.55
N GLU J 127 -12.47 46.22 -27.45
CA GLU J 127 -12.27 46.86 -26.14
C GLU J 127 -13.60 47.34 -25.56
N GLU J 128 -14.52 47.76 -26.43
CA GLU J 128 -15.87 48.11 -25.96
C GLU J 128 -16.64 46.89 -25.51
N ALA J 129 -16.42 45.74 -26.15
CA ALA J 129 -17.04 44.50 -25.70
C ALA J 129 -16.45 44.04 -24.36
N ARG J 130 -15.15 44.30 -24.16
CA ARG J 130 -14.52 43.95 -22.89
C ARG J 130 -14.98 44.89 -21.77
N LYS J 131 -15.20 46.16 -22.07
CA LYS J 131 -15.65 47.11 -21.07
C LYS J 131 -17.16 47.07 -20.88
N ARG J 132 -17.89 46.37 -21.74
CA ARG J 132 -19.34 46.31 -21.64
C ARG J 132 -19.84 45.11 -20.84
N ILE J 133 -19.04 44.07 -20.68
CA ILE J 133 -19.54 42.82 -20.10
C ILE J 133 -18.83 42.53 -18.77
N PRO J 134 -18.82 43.48 -17.84
CA PRO J 134 -18.31 43.18 -16.49
C PRO J 134 -19.40 42.57 -15.62
N ASP J 135 -19.12 42.38 -14.33
CA ASP J 135 -20.13 41.84 -13.44
C ASP J 135 -21.19 42.87 -13.08
N THR J 136 -20.89 44.16 -13.24
CA THR J 136 -21.85 45.24 -13.00
C THR J 136 -22.53 45.70 -14.28
N VAL J 137 -22.35 44.98 -15.38
CA VAL J 137 -23.08 45.25 -16.61
C VAL J 137 -24.15 44.21 -16.91
N ALA J 138 -24.21 43.12 -16.15
CA ALA J 138 -25.18 42.04 -16.35
C ALA J 138 -25.81 41.72 -14.99
N ARG J 139 -26.91 42.40 -14.69
CA ARG J 139 -27.64 42.18 -13.46
C ARG J 139 -28.98 42.91 -13.57
N ALA J 140 -30.04 42.30 -13.05
CA ALA J 140 -31.36 42.88 -13.16
C ALA J 140 -31.50 44.09 -12.24
N LEU J 141 -32.47 44.94 -12.56
CA LEU J 141 -32.75 46.13 -11.78
C LEU J 141 -33.68 45.80 -10.62
N ASP J 142 -34.21 46.82 -9.96
CA ASP J 142 -35.15 46.63 -8.86
C ASP J 142 -36.57 46.54 -9.39
N LEU J 143 -36.85 45.42 -10.05
CA LEU J 143 -38.15 45.18 -10.67
C LEU J 143 -38.36 43.69 -10.77
N PRO J 144 -39.63 43.22 -10.77
CA PRO J 144 -39.93 41.78 -10.83
C PRO J 144 -39.76 41.18 -12.22
N PHE J 145 -38.53 40.79 -12.53
CA PHE J 145 -38.14 40.28 -13.84
C PHE J 145 -38.74 38.90 -14.05
N VAL J 146 -39.78 38.84 -14.88
CA VAL J 146 -40.38 37.56 -15.27
C VAL J 146 -39.43 36.83 -16.20
N THR J 147 -39.30 35.52 -16.00
CA THR J 147 -38.38 34.71 -16.78
C THR J 147 -39.02 34.45 -18.14
N LEU J 148 -38.31 34.83 -19.21
CA LEU J 148 -38.83 34.72 -20.57
C LEU J 148 -38.84 33.25 -20.97
N ARG J 149 -39.97 32.59 -20.77
CA ARG J 149 -40.15 31.20 -21.15
C ARG J 149 -40.74 31.07 -22.55
N SER J 150 -40.01 31.57 -23.54
CA SER J 150 -40.40 31.56 -24.92
C SER J 150 -39.16 31.54 -25.82
N GLN J 151 -39.37 31.82 -27.10
CA GLN J 151 -38.27 31.88 -28.07
C GLN J 151 -37.70 33.29 -28.19
N SER J 152 -37.32 33.87 -27.07
CA SER J 152 -36.82 35.25 -27.02
C SER J 152 -35.38 35.39 -27.48
N THR J 153 -34.45 34.64 -26.89
CA THR J 153 -33.04 34.72 -27.24
C THR J 153 -32.53 33.34 -27.64
N GLY J 154 -31.23 33.24 -27.89
CA GLY J 154 -30.61 31.97 -28.20
C GLY J 154 -30.66 31.02 -27.03
N GLN J 155 -30.27 31.50 -25.85
CA GLN J 155 -30.50 30.79 -24.62
C GLN J 155 -31.83 31.21 -24.02
N HIS J 156 -32.17 30.64 -22.87
CA HIS J 156 -33.41 30.97 -22.17
C HIS J 156 -33.13 31.93 -21.03
N PHE J 157 -32.91 33.20 -21.38
CA PHE J 157 -32.72 34.23 -20.38
C PHE J 157 -34.08 34.76 -19.92
N ARG J 158 -34.06 35.83 -19.13
CA ARG J 158 -35.29 36.41 -18.60
C ARG J 158 -35.73 37.60 -19.45
N LEU J 159 -36.80 38.26 -19.03
CA LEU J 159 -37.23 39.52 -19.66
C LEU J 159 -36.67 40.69 -18.86
N PHE J 160 -35.36 40.89 -19.00
CA PHE J 160 -34.63 41.80 -18.14
C PHE J 160 -34.84 43.25 -18.55
N ILE J 161 -35.23 44.08 -17.59
CA ILE J 161 -35.46 45.50 -17.83
C ILE J 161 -34.92 46.32 -16.66
N ARG J 162 -33.75 46.92 -16.85
CA ARG J 162 -33.09 47.72 -15.81
C ARG J 162 -33.72 49.11 -15.80
N HIS J 163 -34.68 49.29 -14.91
CA HIS J 163 -35.40 50.55 -14.74
C HIS J 163 -35.18 51.07 -13.32
N GLY J 164 -35.96 52.10 -12.95
CA GLY J 164 -35.97 52.61 -11.60
C GLY J 164 -36.32 51.55 -10.58
N PRO J 165 -35.77 51.69 -9.36
CA PRO J 165 -35.81 50.58 -8.40
C PRO J 165 -37.16 50.29 -7.80
N LEU J 166 -37.20 49.33 -6.87
CA LEU J 166 -38.44 48.86 -6.26
C LEU J 166 -39.03 49.97 -5.39
N GLN J 167 -40.10 50.60 -5.90
CA GLN J 167 -40.77 51.68 -5.19
C GLN J 167 -42.27 51.55 -5.42
N VAL J 168 -43.02 52.56 -5.01
CA VAL J 168 -44.46 52.58 -5.13
C VAL J 168 -44.94 53.64 -6.12
N THR J 169 -44.34 54.83 -6.07
CA THR J 169 -44.75 55.94 -6.94
C THR J 169 -43.82 55.97 -8.15
N ALA J 170 -44.05 55.05 -9.09
CA ALA J 170 -43.29 55.00 -10.33
C ALA J 170 -44.01 55.80 -11.41
N GLU J 171 -43.30 56.04 -12.52
CA GLU J 171 -43.82 56.80 -13.65
C GLU J 171 -43.73 55.89 -14.87
N GLU J 172 -44.88 55.40 -15.32
CA GLU J 172 -44.93 54.44 -16.42
C GLU J 172 -45.32 55.15 -17.72
N GLY J 173 -45.52 54.36 -18.77
CA GLY J 173 -45.89 54.92 -20.06
C GLY J 173 -45.86 53.95 -21.21
N GLY J 174 -45.24 54.37 -22.31
CA GLY J 174 -45.27 53.61 -23.55
C GLY J 174 -44.28 52.48 -23.62
N PHE J 175 -44.78 51.25 -23.50
CA PHE J 175 -43.99 50.05 -23.68
C PHE J 175 -43.93 49.71 -25.17
N THR J 176 -43.52 48.49 -25.50
CA THR J 176 -43.44 48.05 -26.89
C THR J 176 -44.42 46.90 -27.12
N CYS J 177 -44.31 46.26 -28.28
CA CYS J 177 -45.15 45.12 -28.60
C CYS J 177 -44.87 43.91 -27.72
N TYR J 178 -43.71 43.86 -27.08
CA TYR J 178 -43.36 42.79 -26.15
C TYR J 178 -43.80 43.07 -24.72
N GLY J 179 -44.43 44.22 -24.47
CA GLY J 179 -44.95 44.55 -23.16
C GLY J 179 -43.88 44.82 -22.11
N LEU J 180 -43.17 45.94 -22.25
CA LEU J 180 -41.99 46.22 -21.43
C LEU J 180 -42.21 47.46 -20.59
N SER J 181 -42.26 47.28 -19.27
CA SER J 181 -42.22 48.38 -18.31
C SER J 181 -41.03 48.11 -17.39
N LYS J 182 -39.85 48.48 -17.88
CA LYS J 182 -38.57 48.23 -17.22
C LYS J 182 -37.74 49.51 -17.24
N GLY J 183 -38.37 50.58 -16.78
CA GLY J 183 -37.94 51.93 -17.06
C GLY J 183 -39.17 52.81 -17.08
N GLY J 184 -40.33 52.16 -16.99
CA GLY J 184 -41.58 52.81 -16.72
C GLY J 184 -42.26 52.19 -15.52
N PHE J 185 -42.37 52.94 -14.44
CA PHE J 185 -42.91 52.42 -13.19
C PHE J 185 -44.43 52.38 -13.29
N VAL J 186 -44.99 51.18 -13.41
CA VAL J 186 -46.43 51.02 -13.63
C VAL J 186 -47.11 50.33 -12.45
N PRO J 187 -48.41 50.55 -12.25
CA PRO J 187 -49.11 49.89 -11.14
C PRO J 187 -49.56 48.49 -11.47
N TRP J 188 -50.32 47.88 -10.57
CA TRP J 188 -50.84 46.52 -10.78
C TRP J 188 -52.00 46.31 -9.81
N PHE J 189 -52.56 45.09 -9.82
CA PHE J 189 -53.67 44.75 -8.95
C PHE J 189 -53.17 44.26 -7.59
#